data_3SEQ
#
_entry.id   3SEQ
#
_cell.length_a   178.166
_cell.length_b   178.166
_cell.length_c   214.907
_cell.angle_alpha   90.00
_cell.angle_beta   90.00
_cell.angle_gamma   90.00
#
_symmetry.space_group_name_H-M   'P 41 21 2'
#
loop_
_entity.id
_entity.type
_entity.pdbx_description
1 polymer 'Glutamine-dependent NAD(+) synthetase'
2 non-polymer 'DIPHOSPHOMETHYLPHOSPHONIC ACID ADENOSYL ESTER'
3 non-polymer 'NICOTINIC ACID ADENINE DINUCLEOTIDE'
4 non-polymer GLYCEROL
5 water water
#
_entity_poly.entity_id   1
_entity_poly.type   'polypeptide(L)'
_entity_poly.pdbx_seq_one_letter_code
;SMNFYSAYQHGFVRVAACTHHTTIGDPAANAASVLDMARACHDDGAALAVFPELTLSGYSIEDVLLQDSLLDAVEDALLD
LVTESADLLPVLVVGAPLRHRHRIYNTAVVIHRGAVLGVVPKSYLPTYREFYERRQMAPGDGERGTIRIGGADVAFGTDL
LFAASDLPGFVLHVEIAEDMFVPMPPSAEAALAGATVLANLSGSPITIGRAEDRRLLARSASARCLAAYVYAAAGEGEST
TDLAWDGQTMIWENGALLAESERFPKGVRRSVADVDTELLRSERLRMGTFDDNRRHHRELTESFRRIDFALDPPAGDIGL
LREVERFPFVPADPQRLQQDCYEAYNIQVSGLEQRLRALDYPKVVIGVSGGLDSTHALIVATHAMDREGRPRSDILAFAL
PGFATGEHTKNNAIKLARALGVTFSEIDIGDTARLMLHTIGHPYSVGEKVYDVTFENVQAGLRTDYLFRIANQRGGIVLG
TGDLSELALGWSTYGVGDQMSHYNVNAGVPKTLIQHLIRWVISAGEFGEKVGEVLQSVLDTEITPELIPTGEEELQSSEA
KVGPFALQDFSLFQVLRYGFRPSKIAFLAWHAWNDAERGNWPPGFPKSERPSYSLAEIRHWLQIFVQRFYSFSQFKRSAL
PNGPKVSHGGALSPRGDWRAPSDMSARIWLDQIDREVPKG
;
_entity_poly.pdbx_strand_id   A,B,C,D
#
# COMPACT_ATOMS: atom_id res chain seq x y z
N SER A 1 20.05 37.01 31.95
CA SER A 1 20.32 36.86 30.51
C SER A 1 19.46 37.79 29.62
N MET A 2 18.19 37.43 29.42
CA MET A 2 17.24 38.30 28.72
C MET A 2 17.08 39.67 29.41
N ASN A 3 16.97 40.73 28.62
CA ASN A 3 16.57 41.99 29.23
C ASN A 3 15.07 41.91 29.50
N PHE A 4 14.73 41.71 30.76
CA PHE A 4 13.35 41.40 31.11
C PHE A 4 12.38 42.52 30.70
N TYR A 5 12.88 43.77 30.67
CA TYR A 5 11.98 44.93 30.49
C TYR A 5 11.87 45.39 29.04
N SER A 6 12.39 44.59 28.12
CA SER A 6 12.40 44.89 26.70
C SER A 6 11.22 44.27 25.96
N ALA A 7 10.32 45.10 25.43
CA ALA A 7 9.14 44.60 24.75
C ALA A 7 9.51 43.63 23.60
N TYR A 8 10.60 43.94 22.90
CA TYR A 8 11.03 43.12 21.77
C TYR A 8 11.41 41.73 22.18
N GLN A 9 12.09 41.62 23.32
CA GLN A 9 12.48 40.30 23.81
C GLN A 9 11.34 39.45 24.30
N HIS A 10 10.17 40.02 24.58
CA HIS A 10 9.01 39.21 24.92
C HIS A 10 8.07 39.00 23.74
N GLY A 11 8.54 39.33 22.52
CA GLY A 11 7.88 38.98 21.27
C GLY A 11 6.85 39.97 20.80
N PHE A 12 6.98 41.21 21.28
CA PHE A 12 6.19 42.30 20.77
C PHE A 12 6.92 42.90 19.59
N VAL A 13 6.15 43.49 18.68
CA VAL A 13 6.69 44.26 17.58
C VAL A 13 5.90 45.60 17.51
N ARG A 14 6.63 46.72 17.54
CA ARG A 14 6.02 48.05 17.61
C ARG A 14 5.71 48.55 16.21
N VAL A 15 4.43 48.84 15.97
CA VAL A 15 3.96 49.28 14.66
C VAL A 15 3.29 50.66 14.71
N ALA A 16 3.41 51.43 13.62
CA ALA A 16 2.82 52.78 13.52
C ALA A 16 1.98 52.97 12.28
N ALA A 17 0.76 53.48 12.44
CA ALA A 17 -0.01 53.95 11.29
C ALA A 17 0.01 55.45 11.31
N CYS A 18 0.54 56.05 10.26
CA CYS A 18 0.74 57.50 10.20
C CYS A 18 -0.16 58.21 9.19
N THR A 19 -0.66 59.39 9.55
CA THR A 19 -1.33 60.25 8.57
C THR A 19 -0.52 61.51 8.44
N HIS A 20 0.05 61.75 7.26
CA HIS A 20 0.96 62.87 7.08
C HIS A 20 0.19 64.04 6.55
N HIS A 21 0.93 65.11 6.32
CA HIS A 21 0.34 66.29 5.73
C HIS A 21 0.45 66.22 4.22
N THR A 22 -0.68 66.01 3.55
CA THR A 22 -0.72 65.98 2.10
C THR A 22 -0.52 67.39 1.54
N THR A 23 0.36 67.51 0.57
CA THR A 23 0.47 68.67 -0.31
C THR A 23 0.23 68.21 -1.75
N ILE A 24 -1.00 68.28 -2.25
CA ILE A 24 -1.27 67.65 -3.52
C ILE A 24 -0.32 68.15 -4.60
N GLY A 25 0.15 67.24 -5.45
CA GLY A 25 1.00 67.63 -6.55
C GLY A 25 2.39 68.08 -6.19
N ASP A 26 2.80 67.85 -4.95
CA ASP A 26 4.14 68.27 -4.54
C ASP A 26 4.91 67.15 -3.81
N PRO A 27 5.52 66.23 -4.57
CA PRO A 27 6.12 65.05 -3.90
C PRO A 27 7.23 65.37 -2.91
N ALA A 28 8.06 66.38 -3.17
CA ALA A 28 9.13 66.73 -2.24
C ALA A 28 8.55 67.10 -0.89
N ALA A 29 7.41 67.77 -0.90
CA ALA A 29 6.75 68.19 0.32
C ALA A 29 6.21 66.95 1.05
N ASN A 30 5.54 66.08 0.32
CA ASN A 30 4.98 64.90 0.95
C ASN A 30 6.11 64.05 1.56
N ALA A 31 7.17 63.86 0.78
CA ALA A 31 8.35 63.17 1.26
C ALA A 31 8.91 63.81 2.53
N ALA A 32 8.96 65.13 2.60
CA ALA A 32 9.41 65.79 3.83
C ALA A 32 8.52 65.46 5.04
N SER A 33 7.22 65.40 4.86
CA SER A 33 6.30 65.14 5.95
C SER A 33 6.49 63.70 6.35
N VAL A 34 6.63 62.81 5.36
CA VAL A 34 6.93 61.40 5.63
C VAL A 34 8.23 61.22 6.40
N LEU A 35 9.29 61.90 6.00
CA LEU A 35 10.60 61.69 6.61
C LEU A 35 10.57 62.10 8.05
N ASP A 36 9.81 63.15 8.34
CA ASP A 36 9.76 63.69 9.70
C ASP A 36 8.99 62.72 10.60
N MET A 37 7.86 62.24 10.09
CA MET A 37 7.08 61.23 10.78
C MET A 37 7.85 59.90 10.96
N ALA A 38 8.63 59.50 9.94
CA ALA A 38 9.38 58.24 10.05
C ALA A 38 10.45 58.38 11.12
N ARG A 39 11.04 59.56 11.22
CA ARG A 39 12.02 59.83 12.29
C ARG A 39 11.42 59.76 13.70
N ALA A 40 10.17 60.17 13.83
CA ALA A 40 9.50 60.03 15.11
C ALA A 40 9.34 58.58 15.42
N CYS A 41 8.87 57.83 14.43
CA CYS A 41 8.68 56.39 14.56
C CYS A 41 9.99 55.74 14.96
N HIS A 42 11.08 56.11 14.29
CA HIS A 42 12.40 55.63 14.69
C HIS A 42 12.70 55.88 16.15
N ASP A 43 12.49 57.12 16.57
CA ASP A 43 12.73 57.51 17.94
C ASP A 43 11.90 56.66 18.91
N ASP A 44 10.70 56.27 18.48
CA ASP A 44 9.82 55.47 19.32
C ASP A 44 10.15 53.97 19.26
N GLY A 45 11.23 53.62 18.56
CA GLY A 45 11.60 52.22 18.37
C GLY A 45 10.61 51.36 17.58
N ALA A 46 9.82 51.98 16.71
CA ALA A 46 8.91 51.21 15.85
C ALA A 46 9.61 50.34 14.80
N ALA A 47 8.95 49.23 14.44
CA ALA A 47 9.49 48.36 13.41
C ALA A 47 8.85 48.61 12.05
N LEU A 48 7.76 49.37 12.05
CA LEU A 48 6.89 49.50 10.90
C LEU A 48 6.18 50.86 10.94
N ALA A 49 6.04 51.46 9.77
CA ALA A 49 5.38 52.76 9.66
C ALA A 49 4.59 52.79 8.35
N VAL A 50 3.27 52.77 8.46
CA VAL A 50 2.38 52.73 7.29
C VAL A 50 1.79 54.12 6.97
N PHE A 51 1.93 54.56 5.73
CA PHE A 51 1.41 55.86 5.34
C PHE A 51 0.12 55.77 4.50
N PRO A 52 -0.48 56.91 4.17
CA PRO A 52 -1.75 56.87 3.44
C PRO A 52 -1.59 56.55 1.95
N GLU A 53 -2.64 56.05 1.31
CA GLU A 53 -2.66 55.75 -0.15
C GLU A 53 -2.00 56.85 -1.00
N LEU A 54 -1.19 56.44 -1.98
CA LEU A 54 -0.60 57.43 -2.87
C LEU A 54 0.06 58.62 -2.13
N THR A 55 0.77 58.27 -1.07
CA THR A 55 1.40 59.26 -0.20
C THR A 55 2.15 60.36 -0.91
N LEU A 56 3.04 59.95 -1.81
CA LEU A 56 4.03 60.85 -2.37
C LEU A 56 3.43 61.85 -3.41
N SER A 57 2.20 61.62 -3.85
CA SER A 57 1.62 62.45 -4.90
C SER A 57 0.37 63.12 -4.39
N GLY A 58 -0.28 62.47 -3.44
CA GLY A 58 -1.57 62.92 -2.97
C GLY A 58 -2.55 62.05 -3.70
N TYR A 59 -3.56 61.53 -3.02
CA TYR A 59 -4.44 60.56 -3.63
C TYR A 59 -5.46 61.22 -4.56
N SER A 60 -5.79 62.46 -4.26
CA SER A 60 -6.95 63.13 -4.88
C SER A 60 -6.66 63.91 -6.15
N ILE A 61 -5.43 63.82 -6.69
CA ILE A 61 -5.06 64.69 -7.80
C ILE A 61 -5.57 64.24 -9.19
N GLU A 62 -6.32 63.15 -9.24
CA GLU A 62 -6.99 62.74 -10.51
C GLU A 62 -6.05 62.69 -11.74
N ASP A 63 -6.39 63.38 -12.82
CA ASP A 63 -5.58 63.30 -14.02
C ASP A 63 -4.19 63.91 -13.86
N VAL A 64 -3.96 64.58 -12.74
CA VAL A 64 -2.62 65.12 -12.55
C VAL A 64 -1.66 63.98 -12.29
N LEU A 65 -2.22 62.83 -11.93
CA LEU A 65 -1.44 61.58 -11.81
C LEU A 65 -0.70 61.18 -13.10
N LEU A 66 -1.26 61.56 -14.26
CA LEU A 66 -0.75 61.22 -15.60
C LEU A 66 0.27 62.20 -16.20
N GLN A 67 0.57 63.27 -15.46
CA GLN A 67 1.53 64.27 -15.91
C GLN A 67 2.98 63.84 -15.66
N ASP A 68 3.77 63.88 -16.72
CA ASP A 68 5.15 63.43 -16.66
C ASP A 68 5.93 64.08 -15.53
N SER A 69 5.70 65.38 -15.32
CA SER A 69 6.48 66.09 -14.32
C SER A 69 6.15 65.64 -12.89
N LEU A 70 4.90 65.21 -12.72
CA LEU A 70 4.45 64.72 -11.46
C LEU A 70 5.06 63.35 -11.20
N LEU A 71 4.97 62.45 -12.19
CA LEU A 71 5.54 61.11 -12.07
C LEU A 71 7.05 61.14 -11.88
N ASP A 72 7.73 62.09 -12.52
CA ASP A 72 9.20 62.21 -12.41
C ASP A 72 9.55 62.69 -11.01
N ALA A 73 8.75 63.61 -10.49
CA ALA A 73 8.97 64.14 -9.14
C ALA A 73 8.76 63.06 -8.10
N VAL A 74 7.71 62.25 -8.25
CA VAL A 74 7.48 61.11 -7.37
C VAL A 74 8.71 60.21 -7.32
N GLU A 75 9.25 59.85 -8.48
CA GLU A 75 10.49 59.01 -8.50
C GLU A 75 11.62 59.66 -7.68
N ASP A 76 11.87 60.94 -7.91
CA ASP A 76 12.98 61.62 -7.26
C ASP A 76 12.83 61.59 -5.76
N ALA A 77 11.60 61.86 -5.35
CA ALA A 77 11.31 61.89 -3.94
C ALA A 77 11.47 60.49 -3.35
N LEU A 78 10.93 59.47 -4.02
CA LEU A 78 11.01 58.10 -3.51
C LEU A 78 12.47 57.69 -3.26
N LEU A 79 13.35 58.01 -4.19
CA LEU A 79 14.76 57.64 -4.06
C LEU A 79 15.46 58.35 -2.89
N ASP A 80 15.07 59.57 -2.61
CA ASP A 80 15.64 60.28 -1.45
C ASP A 80 15.18 59.64 -0.16
N LEU A 81 13.88 59.30 -0.09
CA LEU A 81 13.36 58.57 1.07
C LEU A 81 14.18 57.30 1.25
N VAL A 82 14.35 56.55 0.17
CA VAL A 82 15.07 55.30 0.27
C VAL A 82 16.47 55.56 0.83
N THR A 83 17.09 56.63 0.38
CA THR A 83 18.44 56.96 0.85
C THR A 83 18.45 57.37 2.34
N GLU A 84 17.45 58.15 2.74
CA GLU A 84 17.34 58.58 4.16
C GLU A 84 17.05 57.38 5.04
N SER A 85 16.41 56.37 4.47
CA SER A 85 15.95 55.25 5.26
C SER A 85 17.11 54.38 5.76
N ALA A 86 18.33 54.66 5.28
CA ALA A 86 19.48 53.85 5.63
C ALA A 86 19.73 54.05 7.09
N ASP A 87 19.25 55.16 7.61
CA ASP A 87 19.48 55.50 9.01
C ASP A 87 18.26 55.35 9.93
N LEU A 88 17.20 54.71 9.42
CA LEU A 88 15.94 54.59 10.16
C LEU A 88 15.69 53.15 10.51
N LEU A 89 15.14 52.93 11.69
CA LEU A 89 14.89 51.59 12.14
C LEU A 89 13.70 50.93 11.44
N PRO A 90 12.56 51.62 11.36
CA PRO A 90 11.37 50.92 10.89
C PRO A 90 11.33 50.74 9.41
N VAL A 91 10.70 49.66 8.99
CA VAL A 91 10.28 49.43 7.63
C VAL A 91 9.23 50.47 7.33
N LEU A 92 9.42 51.24 6.24
CA LEU A 92 8.49 52.29 5.83
C LEU A 92 7.67 51.75 4.69
N VAL A 93 6.36 51.99 4.74
CA VAL A 93 5.47 51.59 3.65
C VAL A 93 4.79 52.84 3.09
N VAL A 94 5.33 53.32 1.99
CA VAL A 94 4.95 54.62 1.46
C VAL A 94 4.22 54.49 0.10
N GLY A 95 3.14 55.23 -0.07
CA GLY A 95 2.34 55.18 -1.29
C GLY A 95 2.94 56.03 -2.40
N ALA A 96 2.77 55.59 -3.65
CA ALA A 96 3.31 56.34 -4.79
C ALA A 96 2.71 55.79 -6.05
N PRO A 97 2.36 56.67 -6.99
CA PRO A 97 1.97 56.25 -8.35
C PRO A 97 3.24 55.94 -9.12
N LEU A 98 3.34 54.77 -9.70
CA LEU A 98 4.61 54.39 -10.29
C LEU A 98 4.42 53.80 -11.67
N ARG A 99 5.33 54.13 -12.58
CA ARG A 99 5.30 53.62 -13.97
C ARG A 99 5.80 52.18 -14.02
N HIS A 100 5.02 51.30 -14.64
CA HIS A 100 5.48 49.95 -14.97
C HIS A 100 4.83 49.35 -16.24
N ARG A 101 5.66 48.77 -17.10
CA ARG A 101 5.22 48.31 -18.42
C ARG A 101 4.44 49.42 -19.16
N HIS A 102 3.12 49.31 -19.25
CA HIS A 102 2.30 50.28 -19.98
C HIS A 102 1.72 51.43 -19.16
N ARG A 103 1.54 51.24 -17.86
CA ARG A 103 0.74 52.18 -17.09
C ARG A 103 1.32 52.65 -15.77
N ILE A 104 0.49 53.35 -15.01
CA ILE A 104 0.91 53.66 -13.66
C ILE A 104 0.07 52.84 -12.74
N TYR A 105 0.73 52.31 -11.73
CA TYR A 105 0.03 51.48 -10.77
C TYR A 105 -0.08 52.28 -9.49
N ASN A 106 -1.11 51.98 -8.71
CA ASN A 106 -1.32 52.56 -7.38
C ASN A 106 -0.53 51.66 -6.46
N THR A 107 0.65 52.09 -6.03
CA THR A 107 1.53 51.18 -5.30
C THR A 107 1.84 51.59 -3.84
N ALA A 108 2.25 50.60 -3.08
CA ALA A 108 2.86 50.88 -1.80
C ALA A 108 4.28 50.42 -1.94
N VAL A 109 5.23 51.29 -1.60
CA VAL A 109 6.65 50.97 -1.73
C VAL A 109 7.24 50.58 -0.37
N VAL A 110 7.63 49.31 -0.20
CA VAL A 110 8.11 48.84 1.09
C VAL A 110 9.61 49.09 1.22
N ILE A 111 9.96 50.02 2.08
CA ILE A 111 11.33 50.55 2.12
C ILE A 111 11.97 50.23 3.44
N HIS A 112 13.23 49.80 3.40
CA HIS A 112 13.94 49.42 4.64
C HIS A 112 15.46 49.56 4.58
N ARG A 113 16.00 50.30 5.55
CA ARG A 113 17.45 50.45 5.69
C ARG A 113 18.21 50.63 4.38
N GLY A 114 17.78 51.61 3.58
CA GLY A 114 18.49 51.94 2.36
C GLY A 114 18.13 51.20 1.09
N ALA A 115 17.22 50.23 1.19
CA ALA A 115 16.81 49.44 0.04
C ALA A 115 15.30 49.44 -0.09
N VAL A 116 14.81 49.21 -1.30
CA VAL A 116 13.41 48.91 -1.51
C VAL A 116 13.24 47.39 -1.48
N LEU A 117 12.43 46.89 -0.58
CA LEU A 117 12.25 45.45 -0.45
C LEU A 117 11.27 44.93 -1.46
N GLY A 118 10.28 45.74 -1.82
CA GLY A 118 9.23 45.30 -2.72
C GLY A 118 8.31 46.44 -3.11
N VAL A 119 7.55 46.24 -4.18
CA VAL A 119 6.57 47.22 -4.60
C VAL A 119 5.26 46.50 -4.85
N VAL A 120 4.19 46.99 -4.22
CA VAL A 120 2.91 46.30 -4.16
C VAL A 120 1.79 47.16 -4.69
N PRO A 121 1.16 46.70 -5.76
CA PRO A 121 0.10 47.45 -6.44
C PRO A 121 -1.31 47.19 -5.90
N LYS A 122 -2.12 48.22 -5.80
CA LYS A 122 -3.50 48.01 -5.40
C LYS A 122 -4.07 46.93 -6.31
N SER A 123 -4.89 46.01 -5.80
CA SER A 123 -5.48 45.00 -6.66
C SER A 123 -6.79 45.44 -7.27
N TYR A 124 -7.64 46.09 -6.49
CA TYR A 124 -8.96 46.40 -7.03
C TYR A 124 -9.16 47.89 -7.00
N LEU A 125 -9.47 48.47 -8.16
CA LEU A 125 -9.51 49.92 -8.33
C LEU A 125 -10.92 50.41 -8.59
N PRO A 126 -11.53 50.97 -7.54
CA PRO A 126 -12.93 51.43 -7.55
C PRO A 126 -13.18 52.48 -8.62
N THR A 127 -14.23 52.24 -9.38
CA THR A 127 -14.63 53.09 -10.48
C THR A 127 -16.16 53.17 -10.43
N TYR A 128 -16.62 53.90 -9.42
CA TYR A 128 -18.04 53.99 -9.15
C TYR A 128 -18.22 55.07 -8.11
N ARG A 129 -19.44 55.61 -8.00
CA ARG A 129 -19.72 56.74 -7.11
C ARG A 129 -18.58 57.78 -7.17
N GLU A 130 -17.90 58.01 -6.06
CA GLU A 130 -16.90 59.12 -6.02
C GLU A 130 -15.51 58.67 -6.50
N PHE A 131 -15.43 57.44 -6.99
CA PHE A 131 -14.13 56.84 -7.31
C PHE A 131 -13.93 56.64 -8.80
N TYR A 132 -12.77 57.09 -9.28
CA TYR A 132 -12.48 57.06 -10.72
C TYR A 132 -11.12 56.45 -10.99
N GLU A 133 -10.67 55.54 -10.13
CA GLU A 133 -9.24 55.04 -10.18
C GLU A 133 -8.80 54.33 -11.48
N ARG A 134 -9.72 53.64 -12.15
CA ARG A 134 -9.38 52.92 -13.37
C ARG A 134 -9.14 53.87 -14.56
N ARG A 135 -9.48 55.13 -14.41
CA ARG A 135 -9.21 56.08 -15.46
C ARG A 135 -7.71 56.38 -15.56
N GLN A 136 -7.02 56.41 -14.42
CA GLN A 136 -5.62 56.85 -14.39
C GLN A 136 -4.69 55.69 -14.17
N MET A 137 -5.15 54.70 -13.43
CA MET A 137 -4.24 53.65 -12.95
C MET A 137 -4.69 52.26 -13.32
N ALA A 138 -3.73 51.33 -13.38
CA ALA A 138 -4.00 49.93 -13.72
C ALA A 138 -4.17 49.01 -12.51
N PRO A 139 -5.04 47.99 -12.65
CA PRO A 139 -5.18 46.97 -11.62
C PRO A 139 -3.88 46.21 -11.42
N GLY A 140 -3.61 45.82 -10.17
CA GLY A 140 -2.44 45.04 -9.78
C GLY A 140 -2.66 43.55 -9.69
N ASP A 141 -3.91 43.11 -9.56
CA ASP A 141 -4.18 41.69 -9.30
C ASP A 141 -3.57 40.81 -10.36
N GLY A 142 -2.74 39.85 -9.99
CA GLY A 142 -2.18 39.02 -11.03
C GLY A 142 -0.83 39.46 -11.60
N GLU A 143 -0.42 40.69 -11.35
CA GLU A 143 0.95 41.11 -11.73
C GLU A 143 1.98 40.47 -10.82
N ARG A 144 3.05 39.99 -11.48
CA ARG A 144 4.18 39.45 -10.74
C ARG A 144 5.46 40.04 -11.27
N GLY A 145 6.58 39.39 -10.99
CA GLY A 145 7.83 39.80 -11.59
C GLY A 145 8.54 40.88 -10.81
N THR A 146 9.31 41.69 -11.51
CA THR A 146 10.04 42.77 -10.87
C THR A 146 9.73 44.12 -11.49
N ILE A 147 10.19 45.17 -10.83
CA ILE A 147 10.06 46.55 -11.30
C ILE A 147 11.38 47.26 -11.05
N ARG A 148 11.71 48.19 -11.92
CA ARG A 148 13.01 48.83 -11.88
C ARG A 148 12.84 50.09 -11.09
N ILE A 149 13.66 50.27 -10.06
CA ILE A 149 13.53 51.42 -9.20
C ILE A 149 14.89 51.85 -8.76
N GLY A 150 15.28 53.06 -9.15
CA GLY A 150 16.61 53.55 -8.86
C GLY A 150 17.67 52.51 -9.21
N GLY A 151 17.64 52.08 -10.46
CA GLY A 151 18.59 51.08 -10.92
C GLY A 151 18.71 49.78 -10.12
N ALA A 152 17.60 49.26 -9.62
CA ALA A 152 17.61 47.94 -9.02
C ALA A 152 16.32 47.21 -9.40
N ASP A 153 16.40 45.89 -9.53
CA ASP A 153 15.15 45.19 -9.82
C ASP A 153 14.61 44.66 -8.53
N VAL A 154 13.36 44.98 -8.26
CA VAL A 154 12.81 44.59 -6.97
C VAL A 154 11.49 43.89 -7.22
N ALA A 155 11.11 43.03 -6.31
CA ALA A 155 9.89 42.28 -6.45
C ALA A 155 8.69 43.19 -6.61
N PHE A 156 7.78 42.77 -7.48
CA PHE A 156 6.58 43.53 -7.80
C PHE A 156 5.39 42.61 -7.84
N GLY A 157 4.33 42.96 -7.13
CA GLY A 157 3.09 42.21 -7.20
C GLY A 157 2.29 42.04 -5.92
N THR A 158 1.23 41.26 -6.05
CA THR A 158 0.27 41.14 -4.97
C THR A 158 0.55 39.97 -4.03
N ASP A 159 1.54 39.16 -4.44
CA ASP A 159 1.97 37.95 -3.76
C ASP A 159 3.25 38.09 -2.90
N LEU A 160 3.49 39.25 -2.27
CA LEU A 160 4.73 39.43 -1.50
C LEU A 160 4.56 39.31 0.02
N LEU A 161 5.58 38.77 0.71
CA LEU A 161 5.65 38.77 2.17
C LEU A 161 7.00 39.26 2.57
N PHE A 162 7.03 40.15 3.55
CA PHE A 162 8.29 40.64 4.03
C PHE A 162 8.50 40.11 5.44
N ALA A 163 9.46 39.22 5.57
CA ALA A 163 9.68 38.53 6.82
C ALA A 163 10.94 38.99 7.53
N ALA A 164 10.80 39.28 8.82
CA ALA A 164 11.95 39.65 9.62
C ALA A 164 12.71 38.39 10.04
N SER A 165 13.94 38.32 9.59
CA SER A 165 14.77 37.15 9.79
C SER A 165 15.06 36.94 11.27
N ASP A 166 15.18 38.04 12.01
CA ASP A 166 15.48 38.01 13.45
C ASP A 166 14.26 38.28 14.33
N LEU A 167 13.07 37.94 13.84
CA LEU A 167 11.83 38.25 14.51
C LEU A 167 10.70 37.59 13.73
N PRO A 168 10.67 36.26 13.77
CA PRO A 168 9.82 35.38 12.98
C PRO A 168 8.34 35.59 13.21
N GLY A 169 8.00 36.17 14.34
CA GLY A 169 6.61 36.44 14.62
C GLY A 169 6.07 37.55 13.75
N PHE A 170 6.99 38.29 13.11
CA PHE A 170 6.70 39.46 12.30
C PHE A 170 6.82 39.15 10.80
N VAL A 171 5.69 38.91 10.14
CA VAL A 171 5.70 38.71 8.69
C VAL A 171 4.70 39.62 8.09
N LEU A 172 5.18 40.60 7.30
CA LEU A 172 4.37 41.70 6.76
C LEU A 172 3.76 41.39 5.40
N HIS A 173 2.50 41.79 5.22
CA HIS A 173 1.86 41.80 3.91
C HIS A 173 1.21 43.17 3.72
N VAL A 174 1.21 43.68 2.50
CA VAL A 174 0.61 44.99 2.23
C VAL A 174 -0.53 44.92 1.20
N GLU A 175 -1.63 45.61 1.48
CA GLU A 175 -2.73 45.84 0.49
C GLU A 175 -3.16 47.29 0.58
N ILE A 176 -4.11 47.66 -0.26
CA ILE A 176 -4.39 49.08 -0.40
C ILE A 176 -5.89 49.33 -0.42
N ALA A 177 -6.36 50.02 0.63
CA ALA A 177 -7.73 50.53 0.64
C ALA A 177 -8.75 49.49 0.16
N GLU A 178 -9.41 49.75 -0.97
CA GLU A 178 -10.42 48.84 -1.59
C GLU A 178 -10.10 47.36 -1.49
N ASP A 179 -8.82 47.04 -1.53
CA ASP A 179 -8.41 45.63 -1.43
C ASP A 179 -9.09 44.85 -0.28
N MET A 180 -9.31 45.49 0.86
CA MET A 180 -9.94 44.81 2.00
C MET A 180 -11.46 44.76 2.04
N PHE A 181 -12.08 45.30 0.99
CA PHE A 181 -13.54 45.50 0.91
C PHE A 181 -14.25 44.45 0.03
N VAL A 182 -13.48 43.72 -0.74
CA VAL A 182 -14.06 42.73 -1.63
C VAL A 182 -14.23 41.36 -0.96
N PRO A 183 -15.12 40.51 -1.49
CA PRO A 183 -15.34 39.21 -0.82
C PRO A 183 -14.03 38.42 -0.49
N MET A 184 -13.10 38.35 -1.42
CA MET A 184 -11.85 37.68 -1.13
C MET A 184 -10.64 38.61 -1.28
N PRO A 185 -10.28 39.23 -0.18
CA PRO A 185 -9.21 40.24 -0.13
C PRO A 185 -7.87 39.55 -0.18
N PRO A 186 -6.89 40.17 -0.84
CA PRO A 186 -5.51 39.71 -0.90
C PRO A 186 -4.94 39.37 0.49
N SER A 187 -5.22 40.20 1.48
CA SER A 187 -4.71 39.92 2.81
C SER A 187 -5.14 38.57 3.41
N ALA A 188 -6.31 38.03 3.03
CA ALA A 188 -6.72 36.73 3.60
C ALA A 188 -5.86 35.56 3.10
N GLU A 189 -5.61 35.55 1.79
CA GLU A 189 -4.60 34.65 1.19
C GLU A 189 -3.24 34.86 1.89
N ALA A 190 -2.84 36.12 2.06
CA ALA A 190 -1.55 36.43 2.68
C ALA A 190 -1.44 35.86 4.08
N ALA A 191 -2.50 35.97 4.88
CA ALA A 191 -2.41 35.46 6.26
C ALA A 191 -2.26 33.93 6.26
N LEU A 192 -3.12 33.23 5.53
CA LEU A 192 -2.95 31.80 5.29
C LEU A 192 -1.54 31.43 4.86
N ALA A 193 -0.87 32.32 4.13
CA ALA A 193 0.48 32.05 3.62
C ALA A 193 1.57 32.31 4.66
N GLY A 194 1.21 33.03 5.72
CA GLY A 194 2.13 33.28 6.78
C GLY A 194 2.24 34.71 7.28
N ALA A 195 1.54 35.63 6.63
CA ALA A 195 1.52 37.02 7.10
C ALA A 195 0.83 37.12 8.45
N THR A 196 1.44 37.87 9.35
CA THR A 196 0.93 38.13 10.70
C THR A 196 0.54 39.61 10.95
N VAL A 197 1.22 40.53 10.29
CA VAL A 197 0.88 41.95 10.32
C VAL A 197 0.42 42.43 8.91
N LEU A 198 -0.84 42.77 8.79
CA LEU A 198 -1.42 43.17 7.53
C LEU A 198 -1.49 44.70 7.49
N ALA A 199 -0.86 45.33 6.50
CA ALA A 199 -0.93 46.78 6.29
C ALA A 199 -1.96 47.21 5.23
N ASN A 200 -2.56 48.38 5.42
CA ASN A 200 -3.48 48.95 4.44
C ASN A 200 -3.16 50.41 4.34
N LEU A 201 -2.68 50.85 3.16
CA LEU A 201 -2.65 52.27 2.86
C LEU A 201 -4.00 52.63 2.23
N SER A 202 -4.59 53.74 2.67
CA SER A 202 -5.92 54.15 2.26
C SER A 202 -5.96 55.65 1.97
N GLY A 203 -6.76 56.04 0.97
CA GLY A 203 -7.08 57.45 0.80
C GLY A 203 -8.37 57.70 1.53
N SER A 204 -9.43 57.04 1.06
CA SER A 204 -10.68 56.96 1.75
C SER A 204 -11.29 58.31 2.07
N PRO A 205 -11.75 59.04 1.04
CA PRO A 205 -12.48 60.27 1.35
C PRO A 205 -13.63 59.94 2.34
N ILE A 206 -13.87 60.82 3.31
CA ILE A 206 -14.78 60.53 4.40
C ILE A 206 -16.21 60.93 4.14
N THR A 207 -17.13 60.07 4.56
CA THR A 207 -18.54 60.41 4.52
C THR A 207 -19.21 59.89 5.75
N ILE A 208 -20.46 60.28 5.93
CA ILE A 208 -21.23 59.75 7.02
C ILE A 208 -21.25 58.22 6.95
N GLY A 209 -20.86 57.60 8.06
CA GLY A 209 -20.95 56.16 8.18
C GLY A 209 -19.72 55.40 7.72
N ARG A 210 -18.81 56.09 7.05
CA ARG A 210 -17.64 55.41 6.44
C ARG A 210 -16.58 54.94 7.45
N ALA A 211 -16.38 55.70 8.51
CA ALA A 211 -15.45 55.27 9.52
C ALA A 211 -15.91 53.94 10.16
N GLU A 212 -17.23 53.79 10.34
CA GLU A 212 -17.80 52.50 10.77
C GLU A 212 -17.49 51.40 9.77
N ASP A 213 -17.70 51.65 8.46
CA ASP A 213 -17.30 50.69 7.40
C ASP A 213 -15.83 50.30 7.51
N ARG A 214 -14.94 51.28 7.70
CA ARG A 214 -13.53 50.99 7.81
C ARG A 214 -13.26 50.10 9.01
N ARG A 215 -13.86 50.44 10.16
CA ARG A 215 -13.66 49.63 11.38
C ARG A 215 -14.24 48.23 11.20
N LEU A 216 -15.42 48.10 10.58
CA LEU A 216 -16.04 46.78 10.43
C LEU A 216 -15.14 45.87 9.61
N LEU A 217 -14.57 46.40 8.53
CA LEU A 217 -13.74 45.60 7.66
C LEU A 217 -12.31 45.37 8.16
N ALA A 218 -11.71 46.37 8.80
CA ALA A 218 -10.37 46.16 9.37
C ALA A 218 -10.45 45.24 10.59
N ARG A 219 -11.47 45.43 11.42
CA ARG A 219 -11.60 44.65 12.63
C ARG A 219 -11.88 43.20 12.28
N SER A 220 -12.91 42.96 11.47
CA SER A 220 -13.24 41.59 11.09
C SER A 220 -12.03 40.89 10.41
N ALA A 221 -11.33 41.57 9.51
CA ALA A 221 -10.07 41.10 8.94
C ALA A 221 -9.04 40.67 9.98
N SER A 222 -8.79 41.51 10.99
CA SER A 222 -7.83 41.14 12.04
C SER A 222 -8.25 39.87 12.79
N ALA A 223 -9.56 39.71 12.98
CA ALA A 223 -10.12 38.58 13.73
C ALA A 223 -10.13 37.24 12.93
N ARG A 224 -10.73 37.25 11.75
CA ARG A 224 -10.78 36.09 10.86
C ARG A 224 -9.38 35.60 10.42
N CYS A 225 -8.40 36.50 10.39
CA CYS A 225 -7.07 36.19 9.87
C CYS A 225 -6.06 36.08 11.01
N LEU A 226 -6.56 36.15 12.26
CA LEU A 226 -5.70 36.00 13.42
C LEU A 226 -4.43 36.86 13.27
N ALA A 227 -4.62 38.17 13.08
CA ALA A 227 -3.52 39.03 12.67
C ALA A 227 -3.63 40.43 13.27
N ALA A 228 -2.53 41.18 13.23
CA ALA A 228 -2.57 42.64 13.39
C ALA A 228 -3.01 43.21 12.04
N TYR A 229 -3.82 44.27 12.09
CA TYR A 229 -4.23 45.01 10.88
C TYR A 229 -3.95 46.50 11.09
N VAL A 230 -3.05 47.06 10.31
CA VAL A 230 -2.51 48.38 10.53
C VAL A 230 -2.95 49.31 9.42
N TYR A 231 -3.77 50.33 9.77
CA TYR A 231 -4.53 51.14 8.79
C TYR A 231 -4.31 52.67 8.91
N ALA A 232 -4.18 53.32 7.75
CA ALA A 232 -3.81 54.73 7.69
C ALA A 232 -4.52 55.39 6.52
N ALA A 233 -5.28 56.43 6.81
CA ALA A 233 -5.99 57.16 5.76
C ALA A 233 -5.48 58.61 5.53
N ALA A 234 -5.81 59.16 4.37
CA ALA A 234 -5.27 60.46 4.00
C ALA A 234 -5.98 61.50 4.84
N GLY A 235 -5.34 62.65 5.03
CA GLY A 235 -5.98 63.71 5.79
C GLY A 235 -5.90 65.15 5.27
N GLU A 236 -5.56 66.08 6.15
CA GLU A 236 -5.39 67.50 5.77
C GLU A 236 -4.46 67.65 4.58
N GLY A 237 -4.87 68.43 3.59
CA GLY A 237 -4.05 68.65 2.42
C GLY A 237 -4.53 68.07 1.10
N GLU A 238 -5.24 66.93 1.15
CA GLU A 238 -5.89 66.35 -0.07
C GLU A 238 -6.91 67.35 -0.56
N SER A 239 -7.26 67.29 -1.84
CA SER A 239 -8.08 68.32 -2.46
C SER A 239 -9.47 68.18 -1.93
N THR A 240 -10.15 69.31 -1.74
CA THR A 240 -11.53 69.27 -1.31
C THR A 240 -12.45 69.78 -2.40
N THR A 241 -12.02 69.53 -3.63
CA THR A 241 -12.82 69.80 -4.80
C THR A 241 -14.19 69.10 -4.76
N ASP A 242 -14.24 67.83 -4.38
CA ASP A 242 -15.54 67.16 -4.23
C ASP A 242 -15.67 66.34 -2.95
N LEU A 243 -14.61 66.31 -2.14
CA LEU A 243 -14.51 65.41 -1.00
C LEU A 243 -13.81 66.01 0.24
N ALA A 244 -14.10 65.41 1.40
CA ALA A 244 -13.39 65.74 2.62
C ALA A 244 -12.64 64.54 3.10
N TRP A 245 -11.68 64.76 4.00
CA TRP A 245 -10.80 63.72 4.50
C TRP A 245 -10.68 63.80 6.00
N ASP A 246 -10.60 62.65 6.67
CA ASP A 246 -10.54 62.66 8.13
C ASP A 246 -9.23 62.21 8.81
N GLY A 247 -8.25 61.72 8.07
CA GLY A 247 -6.96 61.37 8.65
C GLY A 247 -6.94 60.20 9.63
N GLN A 248 -7.98 59.37 9.61
CA GLN A 248 -8.08 58.30 10.60
C GLN A 248 -6.92 57.30 10.54
N THR A 249 -6.38 56.94 11.68
CA THR A 249 -5.48 55.83 11.71
C THR A 249 -5.93 54.88 12.81
N MET A 250 -5.64 53.60 12.63
CA MET A 250 -5.98 52.59 13.63
C MET A 250 -5.14 51.31 13.53
N ILE A 251 -4.98 50.63 14.66
CA ILE A 251 -4.23 49.40 14.72
C ILE A 251 -5.06 48.35 15.43
N TRP A 252 -5.35 47.26 14.74
CA TRP A 252 -6.19 46.19 15.27
C TRP A 252 -5.41 44.89 15.51
N GLU A 253 -5.84 44.11 16.48
CA GLU A 253 -5.17 42.81 16.74
C GLU A 253 -6.20 41.77 17.12
N ASN A 254 -6.44 40.87 16.18
CA ASN A 254 -7.34 39.76 16.42
C ASN A 254 -8.72 40.17 16.94
N GLY A 255 -9.21 41.32 16.49
CA GLY A 255 -10.56 41.75 16.81
C GLY A 255 -10.58 42.91 17.77
N ALA A 256 -9.43 43.13 18.41
CA ALA A 256 -9.28 44.14 19.45
C ALA A 256 -8.62 45.36 18.90
N LEU A 257 -9.10 46.52 19.35
CA LEU A 257 -8.50 47.78 18.93
C LEU A 257 -7.30 48.12 19.79
N LEU A 258 -6.10 48.12 19.23
CA LEU A 258 -4.93 48.44 20.02
C LEU A 258 -4.74 49.95 20.18
N ALA A 259 -5.18 50.75 19.21
CA ALA A 259 -4.85 52.19 19.15
C ALA A 259 -5.63 52.81 18.01
N GLU A 260 -5.93 54.10 18.15
CA GLU A 260 -6.50 54.89 17.01
C GLU A 260 -6.21 56.34 17.24
N SER A 261 -6.29 57.13 16.18
CA SER A 261 -5.86 58.50 16.30
C SER A 261 -7.07 59.44 16.16
N GLU A 262 -6.85 60.72 16.49
CA GLU A 262 -7.94 61.71 16.35
C GLU A 262 -8.49 61.82 14.92
N ARG A 263 -9.81 61.73 14.76
CA ARG A 263 -10.42 62.02 13.46
C ARG A 263 -10.47 63.54 13.17
N PHE A 264 -10.28 63.95 11.91
CA PHE A 264 -10.25 65.37 11.49
C PHE A 264 -9.23 66.15 12.29
N PRO A 265 -7.97 65.67 12.35
CA PRO A 265 -7.02 66.41 13.18
C PRO A 265 -6.57 67.70 12.49
N LYS A 266 -6.03 68.62 13.26
CA LYS A 266 -5.18 69.68 12.72
C LYS A 266 -3.75 69.23 12.97
N GLY A 267 -3.05 68.87 11.91
CA GLY A 267 -1.68 68.39 12.07
C GLY A 267 -1.63 66.88 11.89
N VAL A 268 -0.42 66.36 11.75
CA VAL A 268 -0.21 64.96 11.50
C VAL A 268 -0.44 64.17 12.81
N ARG A 269 -0.85 62.90 12.67
CA ARG A 269 -1.22 62.04 13.80
C ARG A 269 -0.63 60.66 13.56
N ARG A 270 -0.35 59.94 14.66
CA ARG A 270 0.10 58.55 14.58
C ARG A 270 -0.66 57.64 15.53
N SER A 271 -0.87 56.41 15.13
CA SER A 271 -1.23 55.37 16.06
C SER A 271 0.02 54.50 16.26
N VAL A 272 0.42 54.30 17.51
CA VAL A 272 1.61 53.51 17.82
C VAL A 272 1.24 52.51 18.88
N ALA A 273 1.45 51.23 18.61
CA ALA A 273 1.06 50.16 19.53
C ALA A 273 2.03 49.01 19.46
N ASP A 274 2.18 48.30 20.58
CA ASP A 274 2.96 47.06 20.56
C ASP A 274 2.06 45.84 20.27
N VAL A 275 2.23 45.27 19.07
CA VAL A 275 1.53 44.05 18.69
C VAL A 275 2.15 42.84 19.36
N ASP A 276 1.32 41.97 19.89
CA ASP A 276 1.86 40.78 20.55
C ASP A 276 1.97 39.59 19.57
N THR A 277 3.16 39.35 19.02
CA THR A 277 3.25 38.38 17.95
C THR A 277 3.02 37.00 18.54
N GLU A 278 3.32 36.86 19.83
CA GLU A 278 3.11 35.54 20.48
C GLU A 278 1.63 35.27 20.65
N LEU A 279 0.84 36.35 20.76
CA LEU A 279 -0.60 36.17 20.88
C LEU A 279 -1.14 35.63 19.57
N LEU A 280 -0.72 36.22 18.46
CA LEU A 280 -1.11 35.73 17.15
C LEU A 280 -0.60 34.31 16.95
N ARG A 281 0.68 34.07 17.27
CA ARG A 281 1.27 32.73 17.18
C ARG A 281 0.40 31.68 17.92
N SER A 282 -0.03 32.04 19.14
CA SER A 282 -0.75 31.10 19.99
C SER A 282 -2.13 30.83 19.43
N GLU A 283 -2.81 31.88 18.99
CA GLU A 283 -4.18 31.72 18.41
C GLU A 283 -4.17 30.72 17.25
N ARG A 284 -3.20 30.92 16.34
CA ARG A 284 -3.02 30.09 15.17
C ARG A 284 -2.60 28.64 15.46
N LEU A 285 -1.76 28.46 16.46
CA LEU A 285 -1.33 27.12 16.83
C LEU A 285 -2.48 26.23 17.28
N ARG A 286 -3.51 26.85 17.84
CA ARG A 286 -4.60 26.17 18.48
C ARG A 286 -5.79 25.99 17.57
N MET A 287 -5.96 26.89 16.61
CA MET A 287 -7.10 26.84 15.73
C MET A 287 -6.74 26.09 14.42
N GLY A 288 -6.74 24.78 14.47
CA GLY A 288 -6.35 24.00 13.31
C GLY A 288 -7.13 24.27 12.05
N THR A 289 -8.38 24.75 12.14
CA THR A 289 -9.19 24.98 10.94
C THR A 289 -8.62 26.12 10.07
N PHE A 290 -7.80 26.97 10.68
CA PHE A 290 -7.05 28.00 9.98
C PHE A 290 -6.04 27.34 9.01
N ASP A 291 -5.24 26.41 9.51
CA ASP A 291 -4.32 25.69 8.64
C ASP A 291 -5.06 24.82 7.63
N ASP A 292 -6.20 24.22 8.03
CA ASP A 292 -7.03 23.44 7.10
C ASP A 292 -7.44 24.26 5.86
N ASN A 293 -7.84 25.50 6.13
CA ASN A 293 -8.20 26.48 5.10
C ASN A 293 -7.01 26.77 4.17
N ARG A 294 -5.86 27.06 4.76
CA ARG A 294 -4.65 27.15 3.99
C ARG A 294 -4.47 25.96 3.07
N ARG A 295 -4.48 24.75 3.62
CA ARG A 295 -4.29 23.54 2.78
C ARG A 295 -5.31 23.41 1.65
N HIS A 296 -6.55 23.79 1.92
CA HIS A 296 -7.57 23.79 0.89
C HIS A 296 -7.19 24.72 -0.29
N HIS A 297 -6.55 25.85 0.00
CA HIS A 297 -6.08 26.83 -0.96
C HIS A 297 -4.57 26.79 -1.05
N ARG A 298 -4.05 25.56 -1.10
CA ARG A 298 -2.59 25.34 -1.12
C ARG A 298 -1.90 26.03 -2.30
N GLU A 299 -2.46 25.86 -3.49
CA GLU A 299 -1.87 26.48 -4.71
C GLU A 299 -1.74 28.01 -4.49
N LEU A 300 -2.87 28.71 -4.36
CA LEU A 300 -2.89 30.10 -3.86
C LEU A 300 -1.83 30.46 -2.78
N THR A 301 -1.78 29.71 -1.69
CA THR A 301 -0.96 30.10 -0.57
C THR A 301 0.55 29.78 -0.71
N GLU A 302 0.91 28.78 -1.50
CA GLU A 302 2.39 28.49 -1.59
C GLU A 302 3.11 29.35 -2.65
N SER A 303 2.33 30.02 -3.47
CA SER A 303 2.88 30.88 -4.48
C SER A 303 3.46 32.21 -3.97
N PHE A 304 3.42 32.45 -2.66
CA PHE A 304 3.91 33.73 -2.17
C PHE A 304 5.42 33.73 -2.17
N ARG A 305 6.00 34.90 -2.44
CA ARG A 305 7.43 35.14 -2.43
C ARG A 305 7.78 35.81 -1.11
N ARG A 306 8.71 35.20 -0.37
CA ARG A 306 9.03 35.66 0.98
C ARG A 306 10.31 36.45 0.89
N ILE A 307 10.24 37.75 1.21
CA ILE A 307 11.42 38.62 1.15
C ILE A 307 12.00 38.95 2.53
N ASP A 308 13.27 38.63 2.71
CA ASP A 308 13.86 38.73 4.03
C ASP A 308 14.51 40.06 4.32
N PHE A 309 14.39 40.48 5.58
CA PHE A 309 15.13 41.64 6.04
C PHE A 309 15.43 41.45 7.51
N ALA A 310 16.46 42.12 8.00
CA ALA A 310 16.84 41.99 9.39
C ALA A 310 16.49 43.29 10.07
N LEU A 311 15.56 43.22 11.00
CA LEU A 311 15.07 44.40 11.68
C LEU A 311 16.13 44.95 12.64
N ASP A 312 16.71 44.04 13.42
CA ASP A 312 17.65 44.39 14.49
C ASP A 312 17.12 45.54 15.40
N PRO A 313 16.06 45.24 16.16
CA PRO A 313 15.33 46.23 16.96
C PRO A 313 16.09 46.55 18.22
N PRO A 314 15.62 47.54 18.98
CA PRO A 314 16.27 48.00 20.21
C PRO A 314 16.16 46.92 21.27
N ALA A 315 17.29 46.65 21.92
CA ALA A 315 17.34 45.60 22.93
C ALA A 315 16.86 46.02 24.33
N GLY A 316 16.75 47.32 24.58
CA GLY A 316 16.52 47.86 25.90
C GLY A 316 15.09 48.22 26.25
N ASP A 317 14.93 48.90 27.37
CA ASP A 317 13.60 49.21 27.90
C ASP A 317 13.03 50.37 27.11
N ILE A 318 11.92 50.11 26.43
CA ILE A 318 11.25 51.13 25.66
C ILE A 318 9.78 51.08 26.02
N GLY A 319 9.51 50.67 27.25
CA GLY A 319 8.15 50.64 27.77
C GLY A 319 7.32 49.62 27.05
N LEU A 320 6.01 49.71 27.21
CA LEU A 320 5.13 48.80 26.53
C LEU A 320 3.90 49.57 26.08
N LEU A 321 3.83 49.87 24.79
CA LEU A 321 2.71 50.63 24.27
C LEU A 321 1.49 49.75 24.04
N ARG A 322 0.87 49.34 25.14
CA ARG A 322 -0.19 48.37 25.06
C ARG A 322 -0.95 48.42 26.35
N GLU A 323 -2.26 48.31 26.26
CA GLU A 323 -3.10 48.28 27.48
C GLU A 323 -3.17 46.85 27.99
N VAL A 324 -2.66 46.61 29.18
CA VAL A 324 -2.73 45.28 29.78
C VAL A 324 -3.65 45.30 31.01
N GLU A 325 -4.88 44.82 30.84
CA GLU A 325 -5.86 44.87 31.95
C GLU A 325 -5.48 43.98 33.14
N ARG A 326 -5.74 44.47 34.34
CA ARG A 326 -5.39 43.72 35.55
C ARG A 326 -6.17 42.40 35.66
N PHE A 327 -7.40 42.38 35.17
CA PHE A 327 -8.26 41.23 35.37
C PHE A 327 -8.73 40.72 34.03
N PRO A 328 -7.96 39.82 33.43
CA PRO A 328 -8.33 39.28 32.13
C PRO A 328 -9.77 38.71 32.11
N PHE A 329 -10.28 38.31 33.27
CA PHE A 329 -11.62 37.73 33.33
C PHE A 329 -12.68 38.76 33.73
N VAL A 330 -12.20 39.95 34.10
CA VAL A 330 -13.07 41.04 34.57
C VAL A 330 -12.78 42.40 33.89
N PRO A 331 -13.45 42.64 32.73
CA PRO A 331 -13.22 43.90 32.02
C PRO A 331 -13.45 45.12 32.91
N ALA A 332 -12.54 46.10 32.82
CA ALA A 332 -12.64 47.35 33.58
C ALA A 332 -13.77 48.25 33.08
N ASP A 333 -14.06 48.21 31.78
CA ASP A 333 -15.18 48.98 31.24
C ASP A 333 -16.55 48.51 31.73
N PRO A 334 -17.33 49.41 32.27
CA PRO A 334 -18.61 48.99 32.86
C PRO A 334 -19.63 48.44 31.88
N GLN A 335 -19.71 48.96 30.65
CA GLN A 335 -20.70 48.45 29.69
C GLN A 335 -20.40 47.00 29.45
N ARG A 336 -19.12 46.73 29.23
CA ARG A 336 -18.64 45.39 28.88
C ARG A 336 -18.72 44.40 30.06
N LEU A 337 -18.32 44.83 31.25
CA LEU A 337 -18.46 44.00 32.45
C LEU A 337 -19.92 43.63 32.70
N GLN A 338 -20.84 44.59 32.53
CA GLN A 338 -22.27 44.28 32.67
C GLN A 338 -22.66 43.15 31.72
N GLN A 339 -22.13 43.19 30.51
CA GLN A 339 -22.51 42.23 29.49
C GLN A 339 -21.98 40.86 29.87
N ASP A 340 -20.70 40.83 30.27
CA ASP A 340 -20.01 39.62 30.65
C ASP A 340 -20.76 38.90 31.79
N CYS A 341 -21.17 39.68 32.78
CA CYS A 341 -21.90 39.15 33.92
C CYS A 341 -23.24 38.56 33.49
N TYR A 342 -23.98 39.30 32.68
CA TYR A 342 -25.24 38.84 32.11
C TYR A 342 -25.08 37.47 31.44
N GLU A 343 -24.00 37.34 30.69
CA GLU A 343 -23.76 36.08 29.93
C GLU A 343 -23.30 34.97 30.87
N ALA A 344 -22.32 35.24 31.73
CA ALA A 344 -21.90 34.26 32.76
C ALA A 344 -23.12 33.74 33.51
N TYR A 345 -23.95 34.63 34.03
CA TYR A 345 -25.08 34.19 34.85
C TYR A 345 -26.02 33.29 34.08
N ASN A 346 -26.36 33.69 32.87
CA ASN A 346 -27.26 32.88 32.04
C ASN A 346 -26.69 31.55 31.54
N ILE A 347 -25.37 31.47 31.50
CA ILE A 347 -24.67 30.26 31.16
C ILE A 347 -24.87 29.26 32.30
N GLN A 348 -24.44 29.65 33.49
CA GLN A 348 -24.70 28.90 34.72
C GLN A 348 -26.14 28.43 34.87
N VAL A 349 -27.09 29.35 34.81
CA VAL A 349 -28.49 29.00 34.99
C VAL A 349 -29.02 27.96 33.98
N SER A 350 -28.83 28.20 32.70
CA SER A 350 -29.42 27.36 31.68
C SER A 350 -28.70 26.02 31.60
N GLY A 351 -27.44 26.01 32.02
CA GLY A 351 -26.71 24.77 32.12
C GLY A 351 -27.36 23.85 33.16
N LEU A 352 -27.70 24.44 34.29
CA LEU A 352 -28.37 23.69 35.33
C LEU A 352 -29.81 23.38 34.93
N GLU A 353 -30.49 24.33 34.26
CA GLU A 353 -31.88 24.03 33.81
C GLU A 353 -31.92 22.67 33.06
N GLN A 354 -30.95 22.46 32.18
CA GLN A 354 -31.00 21.28 31.33
C GLN A 354 -30.72 20.01 32.15
N ARG A 355 -29.78 20.09 33.09
CA ARG A 355 -29.53 18.94 33.95
C ARG A 355 -30.81 18.59 34.67
N LEU A 356 -31.51 19.62 35.20
CA LEU A 356 -32.76 19.41 35.95
C LEU A 356 -33.86 18.81 35.10
N ARG A 357 -34.04 19.34 33.89
CA ARG A 357 -35.05 18.80 33.02
C ARG A 357 -34.77 17.31 32.73
N ALA A 358 -33.50 16.99 32.51
CA ALA A 358 -33.13 15.63 32.16
C ALA A 358 -33.35 14.65 33.30
N LEU A 359 -33.17 15.11 34.52
CA LEU A 359 -33.39 14.26 35.67
C LEU A 359 -34.86 14.36 36.18
N ASP A 360 -35.76 14.84 35.34
CA ASP A 360 -37.16 14.98 35.72
C ASP A 360 -37.32 15.70 37.06
N TYR A 361 -36.56 16.78 37.22
CA TYR A 361 -36.71 17.74 38.31
C TYR A 361 -36.47 17.18 39.69
N PRO A 362 -35.24 16.77 39.94
CA PRO A 362 -34.84 16.33 41.27
C PRO A 362 -34.80 17.52 42.19
N LYS A 363 -34.67 17.26 43.49
CA LYS A 363 -34.45 18.34 44.44
C LYS A 363 -33.02 18.79 44.25
N VAL A 364 -32.71 20.00 44.69
CA VAL A 364 -31.34 20.50 44.56
C VAL A 364 -30.76 20.60 45.94
N VAL A 365 -29.67 19.89 46.19
CA VAL A 365 -29.06 19.86 47.50
C VAL A 365 -27.76 20.63 47.48
N ILE A 366 -27.60 21.56 48.42
CA ILE A 366 -26.47 22.45 48.42
C ILE A 366 -26.02 22.84 49.83
N GLY A 367 -24.72 22.75 50.07
CA GLY A 367 -24.12 23.25 51.30
C GLY A 367 -23.88 24.75 51.18
N VAL A 368 -24.45 25.51 52.11
CA VAL A 368 -24.34 26.96 52.11
C VAL A 368 -23.56 27.40 53.33
N SER A 369 -22.46 28.09 53.12
CA SER A 369 -21.61 28.50 54.23
C SER A 369 -21.59 30.02 54.47
N GLY A 370 -22.28 30.76 53.63
CA GLY A 370 -22.29 32.21 53.73
C GLY A 370 -21.10 32.88 53.04
N GLY A 371 -20.31 32.09 52.33
CA GLY A 371 -19.20 32.62 51.57
C GLY A 371 -19.62 32.90 50.13
N LEU A 372 -18.70 33.48 49.34
CA LEU A 372 -19.02 33.95 47.98
C LEU A 372 -19.54 32.87 47.00
N ASP A 373 -18.77 31.80 46.80
CA ASP A 373 -19.14 30.74 45.84
C ASP A 373 -20.51 30.12 46.14
N SER A 374 -20.74 29.66 47.38
CA SER A 374 -21.96 28.90 47.68
C SER A 374 -23.17 29.82 47.69
N THR A 375 -22.94 31.06 48.13
CA THR A 375 -23.95 32.09 48.02
C THR A 375 -24.39 32.19 46.57
N HIS A 376 -23.43 32.46 45.68
CA HIS A 376 -23.78 32.69 44.31
C HIS A 376 -24.49 31.49 43.69
N ALA A 377 -24.01 30.30 44.01
CA ALA A 377 -24.62 29.08 43.46
C ALA A 377 -26.07 28.92 43.93
N LEU A 378 -26.33 29.19 45.20
CA LEU A 378 -27.72 29.13 45.67
C LEU A 378 -28.61 30.05 44.86
N ILE A 379 -28.09 31.23 44.52
CA ILE A 379 -28.81 32.18 43.68
C ILE A 379 -29.09 31.59 42.29
N VAL A 380 -28.02 31.13 41.63
CA VAL A 380 -28.17 30.43 40.35
C VAL A 380 -29.23 29.34 40.38
N ALA A 381 -29.17 28.49 41.40
CA ALA A 381 -30.12 27.39 41.58
C ALA A 381 -31.56 27.88 41.59
N THR A 382 -31.78 28.94 42.37
CA THR A 382 -33.11 29.49 42.58
C THR A 382 -33.66 29.99 41.27
N HIS A 383 -32.84 30.72 40.53
CA HIS A 383 -33.28 31.22 39.24
C HIS A 383 -33.64 30.09 38.28
N ALA A 384 -32.76 29.09 38.14
CA ALA A 384 -33.05 27.89 37.34
C ALA A 384 -34.42 27.29 37.73
N MET A 385 -34.61 27.02 39.03
CA MET A 385 -35.88 26.52 39.51
C MET A 385 -37.04 27.43 39.14
N ASP A 386 -36.85 28.74 39.28
CA ASP A 386 -37.91 29.66 38.91
C ASP A 386 -38.25 29.51 37.43
N ARG A 387 -37.26 29.69 36.56
CA ARG A 387 -37.51 29.63 35.13
C ARG A 387 -38.17 28.31 34.71
N GLU A 388 -37.87 27.23 35.43
CA GLU A 388 -38.55 25.90 35.14
C GLU A 388 -39.88 25.67 35.88
N GLY A 389 -40.39 26.70 36.53
CA GLY A 389 -41.66 26.60 37.23
C GLY A 389 -41.59 25.54 38.31
N ARG A 390 -40.45 25.47 38.99
CA ARG A 390 -40.25 24.58 40.12
C ARG A 390 -40.34 25.33 41.46
N PRO A 391 -41.02 24.73 42.44
CA PRO A 391 -41.12 25.33 43.79
C PRO A 391 -39.74 25.51 44.44
N ARG A 392 -39.48 26.67 45.04
CA ARG A 392 -38.18 26.94 45.66
C ARG A 392 -37.88 26.07 46.87
N SER A 393 -38.93 25.51 47.45
CA SER A 393 -38.78 24.56 48.54
C SER A 393 -38.23 23.18 48.11
N ASP A 394 -38.00 22.97 46.80
CA ASP A 394 -37.32 21.75 46.31
C ASP A 394 -35.81 21.96 46.32
N ILE A 395 -35.39 23.19 46.64
CA ILE A 395 -33.99 23.46 46.95
C ILE A 395 -33.75 23.21 48.44
N LEU A 396 -32.90 22.25 48.76
CA LEU A 396 -32.61 21.88 50.14
C LEU A 396 -31.24 22.43 50.53
N ALA A 397 -31.24 23.58 51.20
CA ALA A 397 -30.00 24.21 51.61
C ALA A 397 -29.59 23.70 52.99
N PHE A 398 -28.29 23.53 53.19
CA PHE A 398 -27.78 22.97 54.45
C PHE A 398 -26.63 23.78 55.02
N ALA A 399 -26.73 24.11 56.30
CA ALA A 399 -25.58 24.60 57.02
C ALA A 399 -24.99 23.38 57.76
N LEU A 400 -23.67 23.27 57.70
CA LEU A 400 -22.97 22.09 58.16
C LEU A 400 -21.82 22.48 59.08
N PRO A 401 -22.15 23.03 60.25
CA PRO A 401 -21.14 23.55 61.18
C PRO A 401 -20.17 22.45 61.59
N GLY A 402 -18.90 22.80 61.69
CA GLY A 402 -17.88 21.87 62.14
C GLY A 402 -17.23 22.08 63.50
N PHE A 403 -15.90 22.02 63.47
CA PHE A 403 -14.96 21.84 64.59
C PHE A 403 -15.11 20.56 65.50
N LYS A 410 -21.48 33.49 57.71
CA LYS A 410 -21.91 32.60 58.80
C LYS A 410 -23.43 32.61 58.93
N ASN A 411 -23.90 33.61 59.65
CA ASN A 411 -25.32 33.87 59.77
C ASN A 411 -25.91 34.36 58.44
N ASN A 412 -25.04 34.72 57.51
CA ASN A 412 -25.49 35.18 56.21
C ASN A 412 -26.21 34.07 55.48
N ALA A 413 -25.74 32.85 55.69
CA ALA A 413 -26.29 31.69 55.02
C ALA A 413 -27.77 31.44 55.35
N ILE A 414 -28.13 31.40 56.62
CA ILE A 414 -29.54 31.19 56.90
C ILE A 414 -30.40 32.41 56.49
N LYS A 415 -29.88 33.62 56.72
CA LYS A 415 -30.61 34.82 56.33
C LYS A 415 -30.97 34.78 54.84
N LEU A 416 -29.99 34.44 53.99
CA LEU A 416 -30.18 34.34 52.55
C LEU A 416 -31.23 33.31 52.17
N ALA A 417 -31.10 32.11 52.75
CA ALA A 417 -32.00 31.00 52.46
C ALA A 417 -33.42 31.34 52.85
N ARG A 418 -33.58 31.89 54.05
CA ARG A 418 -34.90 32.33 54.53
C ARG A 418 -35.49 33.41 53.63
N ALA A 419 -34.69 34.38 53.21
CA ALA A 419 -35.15 35.44 52.29
C ALA A 419 -35.57 34.94 50.90
N LEU A 420 -34.87 33.94 50.35
CA LEU A 420 -35.24 33.32 49.08
C LEU A 420 -36.43 32.37 49.22
N GLY A 421 -36.57 31.80 50.40
CA GLY A 421 -37.66 30.89 50.65
C GLY A 421 -37.40 29.46 50.19
N VAL A 422 -36.12 29.03 50.18
CA VAL A 422 -35.75 27.62 49.93
C VAL A 422 -35.90 26.89 51.25
N THR A 423 -35.71 25.57 51.24
CA THR A 423 -35.83 24.81 52.48
C THR A 423 -34.52 24.78 53.25
N PHE A 424 -34.51 25.36 54.43
CA PHE A 424 -33.28 25.43 55.20
C PHE A 424 -33.16 24.38 56.32
N SER A 425 -31.94 24.02 56.65
CA SER A 425 -31.74 22.98 57.63
C SER A 425 -30.28 22.99 58.08
N GLU A 426 -30.06 22.72 59.35
CA GLU A 426 -28.68 22.63 59.84
C GLU A 426 -28.37 21.19 60.24
N ILE A 427 -27.17 20.71 59.87
CA ILE A 427 -26.66 19.45 60.38
C ILE A 427 -25.23 19.61 60.91
N ASP A 428 -25.06 19.40 62.22
CA ASP A 428 -23.76 19.53 62.85
C ASP A 428 -22.97 18.24 62.65
N ILE A 429 -21.79 18.39 62.07
CA ILE A 429 -21.04 17.24 61.63
C ILE A 429 -19.92 16.99 62.59
N GLY A 430 -19.81 17.86 63.58
CA GLY A 430 -18.81 17.72 64.65
C GLY A 430 -18.68 16.33 65.25
N ASP A 431 -19.81 15.73 65.65
CA ASP A 431 -19.79 14.38 66.26
C ASP A 431 -19.38 13.32 65.26
N THR A 432 -19.92 13.40 64.05
CA THR A 432 -19.55 12.45 63.04
C THR A 432 -18.04 12.56 62.82
N ALA A 433 -17.55 13.79 62.83
CA ALA A 433 -16.12 14.08 62.69
C ALA A 433 -15.24 13.53 63.79
N ARG A 434 -15.65 13.75 65.04
CA ARG A 434 -14.94 13.21 66.20
C ARG A 434 -14.88 11.68 66.14
N LEU A 435 -16.01 11.03 65.87
CA LEU A 435 -16.05 9.57 65.73
C LEU A 435 -15.03 9.09 64.69
N MET A 436 -14.99 9.77 63.55
CA MET A 436 -14.13 9.36 62.46
C MET A 436 -12.66 9.62 62.78
N LEU A 437 -12.38 10.76 63.39
CA LEU A 437 -11.01 11.07 63.80
C LEU A 437 -10.47 10.06 64.82
N HIS A 438 -11.32 9.68 65.77
CA HIS A 438 -10.93 8.68 66.74
C HIS A 438 -10.76 7.29 66.12
N THR A 439 -11.64 6.93 65.19
CA THR A 439 -11.62 5.63 64.58
C THR A 439 -10.33 5.37 63.75
N ILE A 440 -9.78 6.43 63.15
CA ILE A 440 -8.54 6.31 62.37
C ILE A 440 -7.34 6.69 63.23
N GLY A 441 -7.59 6.96 64.51
CA GLY A 441 -6.53 7.22 65.47
C GLY A 441 -5.79 8.54 65.31
N HIS A 442 -6.50 9.62 65.05
CA HIS A 442 -5.89 10.93 64.88
C HIS A 442 -5.69 11.68 66.22
N PRO A 443 -4.54 12.32 66.43
CA PRO A 443 -4.15 13.02 67.67
C PRO A 443 -5.19 13.94 68.32
N TYR A 444 -6.13 14.46 67.52
CA TYR A 444 -7.16 15.40 68.02
C TYR A 444 -8.17 14.69 68.89
N SER A 445 -8.55 13.47 68.52
CA SER A 445 -9.42 12.62 69.33
C SER A 445 -8.84 12.30 70.73
N VAL A 446 -7.59 12.66 70.95
CA VAL A 446 -6.91 12.35 72.19
C VAL A 446 -6.53 13.67 72.85
N GLY A 447 -7.12 14.74 72.34
CA GLY A 447 -6.97 16.06 72.91
C GLY A 447 -5.93 16.96 72.25
N GLU A 448 -4.93 16.36 71.61
CA GLU A 448 -3.88 17.18 70.89
C GLU A 448 -4.46 18.09 69.83
N LYS A 449 -3.96 19.32 69.86
CA LYS A 449 -4.48 20.37 69.01
C LYS A 449 -3.74 20.32 67.65
N VAL A 450 -3.89 19.21 66.93
CA VAL A 450 -3.23 19.05 65.62
C VAL A 450 -4.21 19.32 64.48
N TYR A 451 -4.17 20.54 63.96
CA TYR A 451 -5.12 21.00 62.96
C TYR A 451 -4.48 20.74 61.63
N ASP A 452 -4.48 19.45 61.32
CA ASP A 452 -3.75 18.77 60.27
C ASP A 452 -4.32 19.15 58.91
N VAL A 453 -3.82 18.52 57.86
CA VAL A 453 -4.62 18.42 56.66
C VAL A 453 -5.65 17.29 56.84
N THR A 454 -5.43 16.36 57.77
CA THR A 454 -6.43 15.30 57.91
C THR A 454 -7.57 15.80 58.78
N PHE A 455 -7.22 16.60 59.78
CA PHE A 455 -8.23 17.27 60.59
C PHE A 455 -9.17 18.06 59.68
N GLU A 456 -8.60 18.97 58.88
CA GLU A 456 -9.43 19.88 58.01
C GLU A 456 -10.18 19.05 56.97
N ASN A 457 -9.51 18.05 56.46
CA ASN A 457 -10.12 17.15 55.48
C ASN A 457 -11.26 16.25 55.98
N VAL A 458 -11.13 15.65 57.16
CA VAL A 458 -12.20 14.79 57.66
C VAL A 458 -13.51 15.57 57.63
N GLN A 459 -13.45 16.81 58.10
CA GLN A 459 -14.64 17.67 58.12
C GLN A 459 -15.13 18.00 56.74
N ALA A 460 -14.23 18.48 55.89
CA ALA A 460 -14.60 18.81 54.50
C ALA A 460 -15.27 17.62 53.80
N GLY A 461 -14.61 16.46 53.91
CA GLY A 461 -15.13 15.19 53.41
C GLY A 461 -16.50 14.85 53.96
N LEU A 462 -16.68 14.98 55.28
CA LEU A 462 -17.96 14.61 55.86
C LEU A 462 -19.11 15.49 55.39
N ARG A 463 -18.82 16.75 55.08
CA ARG A 463 -19.86 17.60 54.49
C ARG A 463 -20.37 17.00 53.20
N THR A 464 -19.45 16.64 52.31
CA THR A 464 -19.85 16.10 51.02
C THR A 464 -20.53 14.72 51.20
N ASP A 465 -20.01 13.93 52.13
CA ASP A 465 -20.60 12.63 52.41
C ASP A 465 -22.07 12.82 52.81
N TYR A 466 -22.30 13.75 53.74
CA TYR A 466 -23.68 14.01 54.16
C TYR A 466 -24.57 14.45 53.02
N LEU A 467 -24.09 15.43 52.26
CA LEU A 467 -24.87 15.99 51.20
C LEU A 467 -25.29 14.91 50.19
N PHE A 468 -24.34 14.03 49.83
CA PHE A 468 -24.58 12.97 48.86
C PHE A 468 -25.63 12.01 49.38
N ARG A 469 -25.57 11.71 50.68
CA ARG A 469 -26.48 10.73 51.26
C ARG A 469 -27.87 11.31 51.35
N ILE A 470 -27.95 12.59 51.76
CA ILE A 470 -29.22 13.30 51.78
C ILE A 470 -29.82 13.30 50.39
N ALA A 471 -29.00 13.59 49.38
CA ALA A 471 -29.48 13.58 48.00
C ALA A 471 -30.03 12.21 47.56
N ASN A 472 -29.36 11.12 47.94
CA ASN A 472 -29.90 9.77 47.67
C ASN A 472 -31.26 9.63 48.36
N GLN A 473 -31.30 10.08 49.62
CA GLN A 473 -32.44 9.87 50.50
C GLN A 473 -33.63 10.70 50.05
N ARG A 474 -33.38 11.97 49.76
CA ARG A 474 -34.49 12.92 49.55
C ARG A 474 -34.81 13.12 48.05
N GLY A 475 -34.12 12.36 47.21
CA GLY A 475 -34.31 12.38 45.76
C GLY A 475 -33.74 13.60 45.04
N GLY A 476 -32.52 13.99 45.39
CA GLY A 476 -31.91 15.17 44.80
C GLY A 476 -30.56 14.95 44.12
N ILE A 477 -29.96 16.04 43.65
CA ILE A 477 -28.58 16.00 43.18
C ILE A 477 -27.80 17.03 43.97
N VAL A 478 -26.53 16.74 44.23
CA VAL A 478 -25.70 17.70 44.94
C VAL A 478 -25.09 18.73 44.02
N LEU A 479 -25.36 20.01 44.26
CA LEU A 479 -24.72 21.11 43.53
C LEU A 479 -23.31 21.38 44.03
N GLY A 480 -22.34 21.35 43.14
CA GLY A 480 -21.01 21.78 43.51
C GLY A 480 -20.95 23.29 43.56
N THR A 481 -19.94 23.80 44.25
CA THR A 481 -19.82 25.25 44.38
C THR A 481 -18.41 25.73 44.06
N GLY A 482 -17.47 24.81 43.89
CA GLY A 482 -16.09 25.18 43.56
C GLY A 482 -15.93 26.00 42.28
N ASP A 483 -15.03 26.97 42.32
CA ASP A 483 -14.85 27.89 41.19
C ASP A 483 -13.62 27.52 40.40
N LEU A 484 -13.47 28.16 39.24
CA LEU A 484 -12.39 27.85 38.30
C LEU A 484 -11.00 28.07 38.87
N SER A 485 -10.84 29.13 39.66
CA SER A 485 -9.55 29.47 40.24
C SER A 485 -9.12 28.39 41.23
N GLU A 486 -10.11 27.82 41.91
CA GLU A 486 -9.89 26.65 42.78
C GLU A 486 -9.51 25.42 41.96
N LEU A 487 -10.15 25.25 40.81
CA LEU A 487 -9.83 24.11 39.96
C LEU A 487 -8.41 24.24 39.43
N ALA A 488 -8.04 25.49 39.12
CA ALA A 488 -6.73 25.78 38.56
C ALA A 488 -5.65 25.44 39.53
N LEU A 489 -5.83 25.79 40.80
CA LEU A 489 -4.77 25.67 41.78
C LEU A 489 -4.79 24.39 42.62
N GLY A 490 -5.81 23.56 42.46
CA GLY A 490 -5.93 22.35 43.27
C GLY A 490 -6.32 22.65 44.71
N TRP A 491 -7.05 23.73 44.90
CA TRP A 491 -7.53 24.17 46.21
C TRP A 491 -8.96 23.61 46.41
N SER A 492 -9.03 22.33 46.73
CA SER A 492 -10.23 21.52 46.70
C SER A 492 -9.90 20.37 47.63
N THR A 493 -10.90 19.71 48.17
CA THR A 493 -10.63 18.45 48.85
C THR A 493 -11.11 17.35 47.92
N TYR A 494 -10.17 16.60 47.37
CA TYR A 494 -10.45 15.74 46.23
C TYR A 494 -11.24 14.48 46.58
N GLY A 495 -12.25 14.21 45.75
CA GLY A 495 -12.93 12.93 45.72
C GLY A 495 -14.07 12.82 46.69
N VAL A 496 -13.73 12.60 47.95
CA VAL A 496 -14.69 12.73 49.04
C VAL A 496 -14.44 14.09 49.71
N GLY A 497 -15.12 15.11 49.21
CA GLY A 497 -14.80 16.48 49.52
C GLY A 497 -15.48 17.41 48.52
N ASP A 498 -15.13 18.68 48.60
CA ASP A 498 -15.88 19.73 47.90
C ASP A 498 -15.60 19.78 46.39
N GLN A 499 -14.59 19.03 45.94
CA GLN A 499 -14.28 18.89 44.54
C GLN A 499 -15.40 18.11 43.82
N MET A 500 -16.09 17.26 44.59
CA MET A 500 -17.02 16.28 44.04
C MET A 500 -18.49 16.74 44.15
N SER A 501 -19.30 16.42 43.12
CA SER A 501 -20.69 16.85 43.12
C SER A 501 -21.42 16.22 41.95
N HIS A 502 -22.72 16.48 41.83
CA HIS A 502 -23.49 15.94 40.71
C HIS A 502 -23.53 16.84 39.52
N TYR A 503 -23.34 18.13 39.81
CA TYR A 503 -23.32 19.18 38.80
C TYR A 503 -22.72 20.44 39.42
N ASN A 504 -21.77 21.07 38.75
CA ASN A 504 -21.10 22.22 39.33
C ASN A 504 -21.29 23.52 38.55
N VAL A 505 -22.23 24.35 38.96
CA VAL A 505 -22.52 25.57 38.21
C VAL A 505 -21.37 26.57 38.26
N ASN A 506 -20.48 26.47 39.23
CA ASN A 506 -19.36 27.44 39.35
C ASN A 506 -18.02 27.05 38.68
N ALA A 507 -17.94 25.86 38.09
CA ALA A 507 -16.63 25.30 37.71
C ALA A 507 -15.84 26.14 36.70
N GLY A 508 -16.55 26.86 35.83
CA GLY A 508 -15.91 27.72 34.85
C GLY A 508 -15.86 29.20 35.19
N VAL A 509 -16.29 29.59 36.37
CA VAL A 509 -16.20 30.99 36.77
C VAL A 509 -15.00 31.20 37.66
N PRO A 510 -14.05 32.03 37.22
CA PRO A 510 -12.89 32.28 38.09
C PRO A 510 -13.27 33.13 39.30
N LYS A 511 -12.45 33.11 40.34
CA LYS A 511 -12.85 33.75 41.60
C LYS A 511 -12.98 35.26 41.43
N THR A 512 -12.13 35.86 40.58
CA THR A 512 -12.15 37.31 40.39
C THR A 512 -13.47 37.78 39.78
N LEU A 513 -14.17 36.89 39.10
CA LEU A 513 -15.44 37.27 38.49
C LEU A 513 -16.63 37.03 39.42
N ILE A 514 -16.50 36.07 40.34
CA ILE A 514 -17.62 35.71 41.20
C ILE A 514 -18.20 36.97 41.91
N GLN A 515 -17.34 37.74 42.56
CA GLN A 515 -17.80 38.91 43.26
C GLN A 515 -18.61 39.85 42.37
N HIS A 516 -18.19 39.98 41.11
CA HIS A 516 -18.92 40.81 40.14
C HIS A 516 -20.23 40.20 39.68
N LEU A 517 -20.32 38.88 39.58
CA LEU A 517 -21.61 38.25 39.31
C LEU A 517 -22.64 38.53 40.43
N ILE A 518 -22.21 38.43 41.69
CA ILE A 518 -23.11 38.73 42.81
C ILE A 518 -23.54 40.20 42.76
N ARG A 519 -22.57 41.09 42.71
CA ARG A 519 -22.82 42.52 42.52
C ARG A 519 -23.89 42.74 41.44
N TRP A 520 -23.77 41.99 40.33
CA TRP A 520 -24.67 42.09 39.19
C TRP A 520 -26.11 41.71 39.52
N VAL A 521 -26.26 40.64 40.30
CA VAL A 521 -27.58 40.13 40.67
C VAL A 521 -28.36 41.08 41.60
N ILE A 522 -27.59 41.77 42.42
CA ILE A 522 -28.11 42.81 43.29
C ILE A 522 -28.59 43.94 42.43
N SER A 523 -27.72 44.38 41.52
CA SER A 523 -28.03 45.49 40.65
C SER A 523 -29.24 45.24 39.75
N ALA A 524 -29.35 44.03 39.16
CA ALA A 524 -30.56 43.67 38.42
C ALA A 524 -31.74 43.83 39.38
N GLY A 525 -31.51 43.49 40.65
CA GLY A 525 -32.49 43.66 41.71
C GLY A 525 -33.61 42.66 41.61
N GLU A 526 -33.33 41.54 40.94
CA GLU A 526 -34.39 40.59 40.55
C GLU A 526 -35.08 39.85 41.72
N PHE A 527 -34.35 39.59 42.80
CA PHE A 527 -34.86 38.80 43.92
C PHE A 527 -35.46 39.65 45.05
N GLY A 528 -35.57 40.94 44.82
CA GLY A 528 -36.14 41.82 45.81
C GLY A 528 -35.13 42.46 46.74
N GLU A 529 -35.60 43.45 47.52
CA GLU A 529 -34.74 44.22 48.45
C GLU A 529 -34.20 43.37 49.58
N LYS A 530 -35.06 42.57 50.22
CA LYS A 530 -34.56 41.77 51.32
C LYS A 530 -33.41 40.88 50.82
N VAL A 531 -33.60 40.14 49.71
CA VAL A 531 -32.48 39.31 49.22
C VAL A 531 -31.21 40.10 48.89
N GLY A 532 -31.38 41.24 48.21
CA GLY A 532 -30.27 42.11 47.83
C GLY A 532 -29.46 42.52 49.03
N GLU A 533 -30.14 42.74 50.16
CA GLU A 533 -29.45 43.18 51.40
C GLU A 533 -28.55 42.09 51.98
N VAL A 534 -29.07 40.87 52.08
CA VAL A 534 -28.24 39.73 52.46
C VAL A 534 -27.05 39.54 51.50
N LEU A 535 -27.35 39.50 50.20
CA LEU A 535 -26.30 39.36 49.21
C LEU A 535 -25.21 40.42 49.45
N GLN A 536 -25.64 41.68 49.55
CA GLN A 536 -24.72 42.77 49.86
C GLN A 536 -23.90 42.54 51.15
N SER A 537 -24.56 42.06 52.17
CA SER A 537 -23.79 41.72 53.34
C SER A 537 -22.75 40.61 53.07
N VAL A 538 -23.11 39.61 52.27
CA VAL A 538 -22.14 38.56 51.96
C VAL A 538 -20.92 39.23 51.39
N LEU A 539 -21.11 40.16 50.47
CA LEU A 539 -19.98 40.81 49.84
C LEU A 539 -19.12 41.51 50.90
N ASP A 540 -19.75 42.40 51.63
CA ASP A 540 -19.08 43.21 52.63
C ASP A 540 -18.32 42.37 53.66
N THR A 541 -18.94 41.29 54.10
CA THR A 541 -18.32 40.36 55.04
C THR A 541 -17.13 39.62 54.45
N GLU A 542 -17.33 39.01 53.29
CA GLU A 542 -16.33 38.07 52.71
C GLU A 542 -15.17 38.75 52.00
N ILE A 543 -15.18 40.07 51.88
CA ILE A 543 -14.15 40.74 51.11
C ILE A 543 -13.46 41.83 51.89
N THR A 544 -12.17 41.72 52.14
CA THR A 544 -11.55 42.76 52.97
C THR A 544 -10.05 42.57 53.17
N SER A 558 -5.50 31.09 53.15
CA SER A 558 -5.77 30.53 51.80
C SER A 558 -5.04 31.35 50.76
N GLU A 559 -5.55 32.56 50.55
CA GLU A 559 -4.79 33.68 49.95
C GLU A 559 -3.36 33.69 50.51
N ALA A 560 -3.21 33.22 51.75
CA ALA A 560 -1.89 33.13 52.39
C ALA A 560 -0.98 32.03 51.80
N LYS A 561 -1.54 30.87 51.43
CA LYS A 561 -0.75 29.77 50.85
C LYS A 561 -0.65 29.74 49.30
N VAL A 562 -1.74 30.03 48.59
CA VAL A 562 -1.68 30.00 47.12
C VAL A 562 -1.57 31.36 46.43
N GLY A 563 -1.46 32.44 47.19
CA GLY A 563 -1.31 33.78 46.64
C GLY A 563 -2.64 34.50 46.43
N PRO A 564 -2.58 35.81 46.14
CA PRO A 564 -3.77 36.60 45.77
C PRO A 564 -4.40 36.04 44.48
N PHE A 565 -5.68 35.69 44.55
CA PHE A 565 -6.36 35.18 43.37
C PHE A 565 -6.35 36.13 42.16
N ALA A 566 -6.17 37.42 42.39
CA ALA A 566 -6.07 38.37 41.27
C ALA A 566 -4.87 38.01 40.41
N LEU A 567 -3.72 37.76 41.04
CA LEU A 567 -2.51 37.37 40.33
C LEU A 567 -2.60 35.96 39.74
N GLN A 568 -3.16 35.02 40.51
CA GLN A 568 -3.34 33.67 39.98
C GLN A 568 -4.37 33.58 38.85
N ASP A 569 -5.43 34.40 38.91
CA ASP A 569 -6.38 34.45 37.80
C ASP A 569 -5.73 35.06 36.55
N PHE A 570 -4.79 35.96 36.75
CA PHE A 570 -4.07 36.58 35.65
C PHE A 570 -3.19 35.54 34.97
N SER A 571 -2.38 34.83 35.74
CA SER A 571 -1.54 33.78 35.16
C SER A 571 -2.40 32.69 34.51
N LEU A 572 -3.53 32.36 35.11
CA LEU A 572 -4.37 31.28 34.59
C LEU A 572 -4.81 31.60 33.18
N PHE A 573 -5.30 32.82 32.96
CA PHE A 573 -5.76 33.24 31.65
C PHE A 573 -4.63 33.10 30.62
N GLN A 574 -3.43 33.59 30.96
CA GLN A 574 -2.29 33.52 30.06
C GLN A 574 -1.99 32.09 29.66
N VAL A 575 -1.94 31.19 30.64
CA VAL A 575 -1.62 29.78 30.37
C VAL A 575 -2.73 29.06 29.61
N LEU A 576 -3.95 29.13 30.12
CA LEU A 576 -5.07 28.40 29.51
C LEU A 576 -5.42 28.85 28.08
N ARG A 577 -5.09 30.07 27.71
CA ARG A 577 -5.57 30.59 26.45
C ARG A 577 -4.47 30.59 25.41
N TYR A 578 -3.30 31.03 25.83
CA TYR A 578 -2.17 31.31 24.95
C TYR A 578 -0.98 30.38 25.17
N GLY A 579 -0.89 29.76 26.34
CA GLY A 579 0.24 28.94 26.69
C GLY A 579 1.55 29.70 26.80
N PHE A 580 1.49 30.98 27.11
CA PHE A 580 2.69 31.79 27.23
C PHE A 580 3.63 31.22 28.27
N ARG A 581 4.93 31.42 28.03
CA ARG A 581 5.97 31.02 28.96
C ARG A 581 5.98 31.93 30.21
N PRO A 582 6.54 31.42 31.31
CA PRO A 582 6.48 32.17 32.55
C PRO A 582 7.08 33.59 32.46
N SER A 583 8.25 33.75 31.86
CA SER A 583 8.84 35.08 31.79
C SER A 583 7.88 36.07 31.12
N LYS A 584 7.23 35.63 30.05
CA LYS A 584 6.20 36.43 29.37
C LYS A 584 4.98 36.76 30.26
N ILE A 585 4.53 35.80 31.06
CA ILE A 585 3.43 36.08 31.96
C ILE A 585 3.83 37.12 33.01
N ALA A 586 5.05 37.01 33.53
CA ALA A 586 5.59 37.97 34.49
C ALA A 586 5.69 39.38 33.93
N PHE A 587 6.23 39.49 32.72
CA PHE A 587 6.32 40.78 32.05
C PHE A 587 4.93 41.41 31.92
N LEU A 588 3.97 40.64 31.44
CA LEU A 588 2.59 41.17 31.33
C LEU A 588 1.97 41.59 32.68
N ALA A 589 2.05 40.72 33.67
CA ALA A 589 1.42 40.98 34.96
C ALA A 589 2.03 42.22 35.59
N TRP A 590 3.35 42.36 35.42
CA TRP A 590 4.05 43.50 36.01
C TRP A 590 3.55 44.79 35.42
N HIS A 591 3.54 44.86 34.10
CA HIS A 591 2.99 46.03 33.45
C HIS A 591 1.53 46.32 33.89
N ALA A 592 0.71 45.30 34.10
CA ALA A 592 -0.64 45.55 34.59
C ALA A 592 -0.70 45.97 36.07
N TRP A 593 0.10 45.35 36.93
CA TRP A 593 -0.14 45.45 38.38
C TRP A 593 0.80 46.34 39.21
N ASN A 594 2.01 46.57 38.73
CA ASN A 594 3.04 47.19 39.56
C ASN A 594 2.70 48.61 40.00
N ASP A 595 1.83 49.30 39.28
CA ASP A 595 1.47 50.68 39.61
C ASP A 595 -0.04 50.88 39.73
N ALA A 596 -0.54 51.13 40.93
CA ALA A 596 -1.98 51.17 41.11
C ALA A 596 -2.67 52.34 40.42
N GLU A 597 -1.90 53.40 40.17
CA GLU A 597 -2.45 54.63 39.57
C GLU A 597 -2.51 54.48 38.05
N ARG A 598 -1.76 53.54 37.49
CA ARG A 598 -1.78 53.31 36.04
C ARG A 598 -2.88 52.32 35.62
N GLY A 599 -3.31 52.42 34.37
CA GLY A 599 -4.43 51.64 33.88
C GLY A 599 -5.75 51.79 34.63
N ASN A 600 -6.67 50.86 34.41
CA ASN A 600 -8.00 50.99 34.98
C ASN A 600 -8.45 49.85 35.83
N TRP A 601 -9.25 50.21 36.83
CA TRP A 601 -9.84 49.24 37.71
C TRP A 601 -11.26 49.06 37.28
N PRO A 602 -11.77 47.82 37.38
CA PRO A 602 -13.20 47.60 37.17
C PRO A 602 -13.96 48.36 38.24
N PRO A 603 -15.29 48.39 38.16
CA PRO A 603 -16.11 48.97 39.23
C PRO A 603 -15.98 48.16 40.51
N GLY A 604 -16.16 48.77 41.68
CA GLY A 604 -16.27 48.01 42.92
C GLY A 604 -14.96 47.81 43.67
N PHE A 605 -13.97 48.63 43.34
CA PHE A 605 -12.70 48.61 44.06
C PHE A 605 -12.43 49.92 44.76
N PRO A 606 -12.89 50.04 46.03
CA PRO A 606 -12.62 51.22 46.84
C PRO A 606 -11.11 51.41 46.92
N LYS A 607 -10.64 52.64 46.98
CA LYS A 607 -9.22 52.89 46.79
C LYS A 607 -8.29 52.28 47.84
N SER A 608 -8.87 51.81 48.95
CA SER A 608 -8.10 51.13 49.99
C SER A 608 -7.89 49.65 49.64
N GLU A 609 -8.58 49.18 48.59
CA GLU A 609 -8.40 47.78 48.08
C GLU A 609 -7.87 47.78 46.63
N ARG A 610 -6.88 48.63 46.40
CA ARG A 610 -6.25 48.74 45.08
C ARG A 610 -4.72 48.56 45.19
N PRO A 611 -4.31 47.31 45.36
CA PRO A 611 -2.92 46.94 45.66
C PRO A 611 -1.99 47.02 44.45
N SER A 612 -0.70 47.16 44.72
CA SER A 612 0.32 47.13 43.72
C SER A 612 1.17 45.93 44.08
N TYR A 613 1.58 45.15 43.08
CA TYR A 613 2.51 44.04 43.32
C TYR A 613 3.86 44.32 42.70
N SER A 614 4.95 43.93 43.36
CA SER A 614 6.28 44.10 42.79
C SER A 614 6.67 42.93 41.90
N LEU A 615 7.76 43.08 41.16
CA LEU A 615 8.23 41.96 40.37
C LEU A 615 8.44 40.80 41.32
N ALA A 616 9.14 41.07 42.41
CA ALA A 616 9.49 40.01 43.37
C ALA A 616 8.28 39.20 43.78
N GLU A 617 7.15 39.88 43.99
CA GLU A 617 5.90 39.17 44.37
C GLU A 617 5.32 38.38 43.21
N ILE A 618 5.25 39.04 42.06
CA ILE A 618 4.63 38.47 40.89
C ILE A 618 5.39 37.19 40.51
N ARG A 619 6.71 37.28 40.60
CA ARG A 619 7.61 36.13 40.44
C ARG A 619 7.31 35.00 41.44
N HIS A 620 7.22 35.37 42.71
CA HIS A 620 6.95 34.39 43.77
C HIS A 620 5.66 33.61 43.51
N TRP A 621 4.54 34.32 43.34
CA TRP A 621 3.24 33.69 43.10
C TRP A 621 3.18 32.88 41.82
N LEU A 622 4.02 33.24 40.87
CA LEU A 622 4.03 32.55 39.61
C LEU A 622 4.78 31.22 39.75
N GLN A 623 5.81 31.20 40.58
CA GLN A 623 6.47 29.91 40.84
C GLN A 623 5.46 28.96 41.45
N ILE A 624 4.71 29.46 42.43
CA ILE A 624 3.64 28.68 43.04
C ILE A 624 2.66 28.26 41.96
N PHE A 625 2.23 29.19 41.14
CA PHE A 625 1.26 28.85 40.11
C PHE A 625 1.67 27.74 39.13
N VAL A 626 2.89 27.81 38.60
CA VAL A 626 3.26 26.84 37.58
C VAL A 626 3.37 25.44 38.17
N GLN A 627 3.99 25.38 39.35
CA GLN A 627 4.09 24.13 40.10
C GLN A 627 2.72 23.51 40.36
N ARG A 628 1.80 24.30 40.87
CA ARG A 628 0.49 23.77 41.19
C ARG A 628 -0.35 23.47 39.96
N PHE A 629 -0.33 24.37 38.97
CA PHE A 629 -1.18 24.19 37.78
C PHE A 629 -0.74 23.05 36.86
N TYR A 630 0.55 23.00 36.55
CA TYR A 630 1.06 22.08 35.54
C TYR A 630 1.28 20.66 36.08
N SER A 631 1.50 20.57 37.38
CA SER A 631 1.98 19.36 38.05
C SER A 631 1.09 18.79 39.17
N PHE A 632 1.03 19.46 40.30
CA PHE A 632 0.23 18.98 41.41
C PHE A 632 -1.27 18.72 41.19
N SER A 633 -1.95 19.65 40.55
CA SER A 633 -3.40 19.74 40.65
C SER A 633 -4.22 19.06 39.55
N GLN A 634 -3.56 18.66 38.46
CA GLN A 634 -4.30 18.10 37.36
C GLN A 634 -5.17 16.88 37.76
N PHE A 635 -4.69 16.04 38.67
CA PHE A 635 -5.48 14.85 39.03
C PHE A 635 -6.87 15.15 39.59
N LYS A 636 -6.98 16.30 40.26
CA LYS A 636 -8.28 16.77 40.78
C LYS A 636 -9.23 17.22 39.71
N ARG A 637 -8.66 17.80 38.66
CA ARG A 637 -9.41 18.23 37.47
C ARG A 637 -9.86 17.05 36.64
N SER A 638 -9.08 15.97 36.69
CA SER A 638 -9.21 14.86 35.76
C SER A 638 -10.55 14.12 35.93
N ALA A 639 -10.99 14.02 37.18
CA ALA A 639 -12.29 13.44 37.50
C ALA A 639 -13.25 14.52 37.95
N LEU A 640 -13.70 15.31 36.97
CA LEU A 640 -14.48 16.51 37.25
C LEU A 640 -15.95 16.28 36.97
N PRO A 641 -16.82 16.73 37.88
CA PRO A 641 -18.26 16.63 37.60
C PRO A 641 -18.64 17.56 36.45
N ASN A 642 -19.81 17.33 35.84
CA ASN A 642 -20.29 18.19 34.75
C ASN A 642 -20.58 19.66 35.19
N GLY A 643 -20.73 20.56 34.21
CA GLY A 643 -20.97 21.96 34.46
C GLY A 643 -20.50 22.73 33.21
N PRO A 644 -21.08 23.92 32.95
CA PRO A 644 -20.87 24.69 31.71
C PRO A 644 -19.59 25.53 31.67
N LYS A 645 -18.94 25.55 30.51
CA LYS A 645 -17.88 26.53 30.23
C LYS A 645 -18.47 27.94 30.23
N VAL A 646 -17.72 28.91 30.73
CA VAL A 646 -18.24 30.29 30.82
C VAL A 646 -17.40 31.30 30.06
N SER A 647 -16.13 31.40 30.44
CA SER A 647 -15.23 32.42 29.91
C SER A 647 -14.62 32.08 28.55
N HIS A 648 -14.45 33.06 27.67
CA HIS A 648 -13.73 32.81 26.42
C HIS A 648 -12.27 32.41 26.71
N GLY A 649 -11.78 32.74 27.90
CA GLY A 649 -10.40 32.41 28.23
C GLY A 649 -10.23 30.91 28.35
N GLY A 650 -11.35 30.22 28.57
CA GLY A 650 -11.35 28.79 28.78
C GLY A 650 -12.00 28.34 30.08
N ALA A 651 -12.15 27.02 30.20
CA ALA A 651 -12.56 26.37 31.43
C ALA A 651 -11.56 25.24 31.63
N LEU A 652 -11.70 24.46 32.69
CA LEU A 652 -10.70 23.41 32.95
C LEU A 652 -11.18 21.94 32.88
N SER A 653 -12.25 21.70 32.15
CA SER A 653 -12.78 20.34 31.98
C SER A 653 -11.85 19.42 31.17
N PRO A 654 -11.52 18.26 31.73
CA PRO A 654 -10.62 17.36 31.03
C PRO A 654 -11.35 16.77 29.84
N ARG A 655 -12.65 16.99 29.76
CA ARG A 655 -13.45 16.65 28.58
C ARG A 655 -13.51 17.77 27.53
N GLY A 656 -13.06 18.98 27.91
CA GLY A 656 -13.08 20.15 27.04
C GLY A 656 -11.74 20.86 26.82
N ASP A 657 -11.52 22.02 27.44
CA ASP A 657 -10.38 22.89 27.11
C ASP A 657 -9.03 22.45 27.60
N TRP A 658 -8.98 21.59 28.59
CA TRP A 658 -7.68 21.25 29.12
C TRP A 658 -7.47 19.75 29.29
N ARG A 659 -6.80 19.15 28.31
CA ARG A 659 -6.42 17.74 28.33
C ARG A 659 -4.97 17.66 28.75
N ALA A 660 -4.68 17.09 29.93
CA ALA A 660 -3.30 17.08 30.39
C ALA A 660 -2.99 15.96 31.35
N PRO A 661 -1.70 15.64 31.45
CA PRO A 661 -1.25 14.51 32.26
C PRO A 661 -1.44 14.81 33.72
N SER A 662 -1.85 13.80 34.49
CA SER A 662 -2.02 13.88 35.93
C SER A 662 -0.72 13.60 36.66
N ASP A 663 0.33 13.23 35.93
CA ASP A 663 1.57 12.76 36.55
C ASP A 663 2.82 13.39 35.95
N MET A 664 2.80 14.70 35.82
CA MET A 664 3.90 15.39 35.17
C MET A 664 4.57 16.35 36.15
N SER A 665 5.88 16.47 36.03
CA SER A 665 6.61 17.45 36.78
C SER A 665 6.52 18.83 36.15
N ALA A 666 6.69 19.88 36.96
CA ALA A 666 6.72 21.24 36.36
C ALA A 666 8.15 21.81 36.26
N ARG A 667 9.17 20.96 36.31
CA ARG A 667 10.54 21.44 36.33
C ARG A 667 10.86 22.53 35.29
N ILE A 668 10.54 22.30 34.01
CA ILE A 668 10.96 23.26 32.96
C ILE A 668 10.38 24.66 33.15
N TRP A 669 9.15 24.76 33.66
CA TRP A 669 8.55 26.06 33.92
C TRP A 669 9.26 26.78 35.05
N LEU A 670 9.56 26.03 36.10
CA LEU A 670 10.25 26.61 37.24
C LEU A 670 11.66 27.04 36.83
N ASP A 671 12.27 26.28 35.92
CA ASP A 671 13.63 26.57 35.52
C ASP A 671 13.64 27.81 34.63
N GLN A 672 12.56 28.00 33.86
CA GLN A 672 12.44 29.16 32.97
C GLN A 672 12.31 30.43 33.84
N ILE A 673 11.63 30.30 34.98
CA ILE A 673 11.56 31.42 35.92
C ILE A 673 12.94 31.75 36.51
N ASP A 674 13.67 30.75 36.96
CA ASP A 674 15.04 30.95 37.47
C ASP A 674 15.93 31.71 36.51
N ARG A 675 15.91 31.28 35.24
CA ARG A 675 16.78 31.80 34.19
C ARG A 675 16.35 33.15 33.64
N GLU A 676 15.04 33.38 33.52
CA GLU A 676 14.55 34.55 32.74
C GLU A 676 13.93 35.71 33.55
N VAL A 677 13.25 35.40 34.66
CA VAL A 677 12.65 36.45 35.46
C VAL A 677 13.61 36.91 36.55
N PRO A 678 13.91 38.22 36.59
CA PRO A 678 14.81 38.75 37.62
C PRO A 678 14.22 38.56 39.03
N LYS A 679 15.06 38.57 40.06
CA LYS A 679 14.56 38.33 41.41
C LYS A 679 13.72 39.48 41.96
N GLY A 680 13.91 40.68 41.43
CA GLY A 680 13.16 41.85 41.82
C GLY A 680 13.41 43.02 40.92
N SER B 1 42.97 -8.06 0.29
CA SER B 1 42.45 -6.70 0.05
C SER B 1 41.28 -6.36 0.99
N MET B 2 40.10 -6.92 0.73
CA MET B 2 38.94 -6.72 1.60
C MET B 2 39.20 -7.31 3.00
N ASN B 3 38.72 -6.62 4.03
CA ASN B 3 38.73 -7.21 5.35
C ASN B 3 37.59 -8.20 5.37
N PHE B 4 37.93 -9.47 5.25
CA PHE B 4 36.92 -10.52 5.07
C PHE B 4 35.93 -10.59 6.22
N TYR B 5 36.35 -10.17 7.41
CA TYR B 5 35.54 -10.41 8.62
C TYR B 5 34.70 -9.22 9.01
N SER B 6 34.63 -8.22 8.11
CA SER B 6 33.91 -6.96 8.35
C SER B 6 32.50 -7.01 7.79
N ALA B 7 31.50 -6.96 8.67
CA ALA B 7 30.10 -7.01 8.19
C ALA B 7 29.81 -5.94 7.12
N TYR B 8 30.39 -4.75 7.28
CA TYR B 8 30.09 -3.64 6.38
C TYR B 8 30.61 -3.92 4.98
N GLN B 9 31.79 -4.52 4.91
CA GLN B 9 32.36 -4.84 3.60
C GLN B 9 31.64 -5.98 2.89
N HIS B 10 30.75 -6.70 3.58
CA HIS B 10 29.88 -7.67 2.89
C HIS B 10 28.46 -7.17 2.70
N GLY B 11 28.25 -5.87 2.89
CA GLY B 11 27.02 -5.25 2.48
C GLY B 11 25.93 -5.26 3.51
N PHE B 12 26.34 -5.52 4.74
CA PHE B 12 25.43 -5.38 5.86
C PHE B 12 25.45 -3.95 6.31
N VAL B 13 24.35 -3.54 6.91
CA VAL B 13 24.25 -2.25 7.58
C VAL B 13 23.59 -2.49 8.96
N ARG B 14 24.25 -2.06 10.02
CA ARG B 14 23.78 -2.30 11.40
C ARG B 14 22.80 -1.23 11.89
N VAL B 15 21.59 -1.66 12.24
CA VAL B 15 20.53 -0.74 12.62
C VAL B 15 20.02 -1.03 14.02
N ALA B 16 19.53 0.02 14.69
CA ALA B 16 19.04 -0.08 16.06
C ALA B 16 17.69 0.54 16.22
N ALA B 17 16.78 -0.17 16.87
CA ALA B 17 15.53 0.45 17.33
C ALA B 17 15.57 0.58 18.84
N CYS B 18 15.50 1.81 19.32
CA CYS B 18 15.67 2.08 20.73
C CYS B 18 14.38 2.52 21.43
N THR B 19 14.15 2.04 22.64
CA THR B 19 13.12 2.60 23.51
C THR B 19 13.78 3.25 24.72
N HIS B 20 13.68 4.57 24.81
CA HIS B 20 14.36 5.32 25.88
C HIS B 20 13.46 5.45 27.09
N HIS B 21 14.01 6.11 28.09
CA HIS B 21 13.22 6.44 29.24
C HIS B 21 12.51 7.78 29.08
N THR B 22 11.21 7.72 28.88
CA THR B 22 10.42 8.93 28.78
C THR B 22 10.29 9.65 30.13
N THR B 23 10.53 10.96 30.10
CA THR B 23 10.22 11.82 31.23
C THR B 23 9.27 12.89 30.71
N ILE B 24 7.96 12.70 30.88
CA ILE B 24 7.02 13.59 30.19
C ILE B 24 7.24 15.08 30.53
N GLY B 25 7.13 15.95 29.55
CA GLY B 25 7.34 17.36 29.80
C GLY B 25 8.76 17.82 30.10
N ASP B 26 9.75 16.94 30.00
CA ASP B 26 11.13 17.33 30.33
C ASP B 26 12.12 16.96 29.21
N PRO B 27 12.22 17.82 28.18
CA PRO B 27 13.04 17.53 27.01
C PRO B 27 14.52 17.28 27.32
N ALA B 28 15.12 18.01 28.26
CA ALA B 28 16.53 17.83 28.59
C ALA B 28 16.78 16.41 29.09
N ALA B 29 15.81 15.87 29.82
CA ALA B 29 15.88 14.54 30.38
C ALA B 29 15.75 13.54 29.23
N ASN B 30 14.77 13.77 28.36
CA ASN B 30 14.60 12.84 27.25
C ASN B 30 15.85 12.81 26.39
N ALA B 31 16.39 14.00 26.09
CA ALA B 31 17.62 14.11 25.33
C ALA B 31 18.79 13.36 25.98
N ALA B 32 18.87 13.42 27.30
CA ALA B 32 19.92 12.74 28.04
C ALA B 32 19.82 11.23 27.87
N SER B 33 18.60 10.69 27.94
CA SER B 33 18.36 9.26 27.72
C SER B 33 18.73 8.89 26.27
N VAL B 34 18.34 9.74 25.34
CA VAL B 34 18.65 9.53 23.93
C VAL B 34 20.15 9.55 23.72
N LEU B 35 20.83 10.53 24.32
CA LEU B 35 22.28 10.67 24.11
C LEU B 35 23.03 9.43 24.57
N ASP B 36 22.51 8.82 25.63
CA ASP B 36 23.20 7.73 26.25
C ASP B 36 23.00 6.47 25.41
N MET B 37 21.77 6.31 24.94
CA MET B 37 21.46 5.22 24.05
C MET B 37 22.17 5.37 22.69
N ALA B 38 22.29 6.59 22.19
CA ALA B 38 22.96 6.81 20.92
C ALA B 38 24.44 6.45 21.04
N ARG B 39 25.04 6.77 22.18
CA ARG B 39 26.41 6.41 22.42
C ARG B 39 26.66 4.89 22.47
N ALA B 40 25.67 4.15 22.98
CA ALA B 40 25.75 2.69 22.96
C ALA B 40 25.74 2.22 21.52
N CYS B 41 24.80 2.77 20.75
CA CYS B 41 24.67 2.43 19.34
C CYS B 41 25.99 2.70 18.62
N HIS B 42 26.59 3.86 18.89
CA HIS B 42 27.89 4.19 18.33
C HIS B 42 28.93 3.09 18.64
N ASP B 43 29.04 2.78 19.92
CA ASP B 43 29.96 1.76 20.38
C ASP B 43 29.70 0.45 19.63
N ASP B 44 28.44 0.13 19.34
CA ASP B 44 28.10 -1.12 18.64
C ASP B 44 28.31 -1.03 17.12
N GLY B 45 28.90 0.07 16.66
CA GLY B 45 29.05 0.37 15.24
C GLY B 45 27.79 0.44 14.41
N ALA B 46 26.65 0.83 15.01
CA ALA B 46 25.41 0.96 14.25
C ALA B 46 25.44 2.14 13.28
N ALA B 47 24.71 2.01 12.17
CA ALA B 47 24.55 3.12 11.21
C ALA B 47 23.30 3.95 11.45
N LEU B 48 22.41 3.45 12.28
CA LEU B 48 21.09 4.03 12.39
C LEU B 48 20.52 3.72 13.76
N ALA B 49 19.84 4.69 14.34
CA ALA B 49 19.20 4.56 15.65
C ALA B 49 17.84 5.26 15.64
N VAL B 50 16.76 4.47 15.73
CA VAL B 50 15.41 5.01 15.67
C VAL B 50 14.76 5.12 17.08
N PHE B 51 14.23 6.28 17.42
CA PHE B 51 13.59 6.42 18.73
C PHE B 51 12.08 6.51 18.67
N PRO B 52 11.43 6.50 19.84
CA PRO B 52 9.96 6.48 19.86
C PRO B 52 9.31 7.81 19.45
N GLU B 53 8.05 7.76 19.07
CA GLU B 53 7.28 8.94 18.62
C GLU B 53 7.44 10.10 19.58
N LEU B 54 7.58 11.31 19.07
CA LEU B 54 7.66 12.48 19.95
C LEU B 54 8.63 12.31 21.12
N THR B 55 9.80 11.76 20.82
CA THR B 55 10.81 11.45 21.83
C THR B 55 11.13 12.54 22.84
N LEU B 56 11.38 13.74 22.32
CA LEU B 56 11.94 14.82 23.13
C LEU B 56 10.94 15.44 24.07
N SER B 57 9.65 15.21 23.83
CA SER B 57 8.64 15.84 24.68
C SER B 57 7.85 14.82 25.48
N GLY B 58 7.76 13.61 24.93
CA GLY B 58 6.89 12.59 25.49
C GLY B 58 5.65 12.62 24.61
N TYR B 59 5.12 11.45 24.28
CA TYR B 59 4.06 11.41 23.29
C TYR B 59 2.72 11.76 23.95
N SER B 60 2.62 11.43 25.23
CA SER B 60 1.33 11.40 25.93
C SER B 60 0.92 12.74 26.59
N ILE B 61 1.70 13.81 26.41
CA ILE B 61 1.48 15.00 27.19
C ILE B 61 0.30 15.88 26.73
N GLU B 62 -0.43 15.41 25.73
CA GLU B 62 -1.65 16.13 25.22
C GLU B 62 -1.46 17.64 25.04
N ASP B 63 -2.30 18.46 25.66
CA ASP B 63 -2.25 19.88 25.39
C ASP B 63 -0.98 20.51 25.92
N VAL B 64 -0.17 19.77 26.67
CA VAL B 64 1.08 20.34 27.17
C VAL B 64 2.00 20.53 25.96
N LEU B 65 1.61 19.92 24.86
CA LEU B 65 2.34 20.07 23.62
C LEU B 65 2.30 21.51 23.10
N LEU B 66 1.19 22.19 23.37
CA LEU B 66 0.96 23.57 22.92
C LEU B 66 1.54 24.68 23.86
N GLN B 67 2.20 24.28 24.93
CA GLN B 67 2.85 25.21 25.84
C GLN B 67 4.20 25.75 25.32
N ASP B 68 4.29 27.05 25.20
CA ASP B 68 5.50 27.69 24.69
C ASP B 68 6.75 27.17 25.35
N SER B 69 6.72 26.99 26.67
CA SER B 69 7.95 26.69 27.36
C SER B 69 8.38 25.29 27.01
N LEU B 70 7.41 24.44 26.69
CA LEU B 70 7.69 23.07 26.32
C LEU B 70 8.33 23.04 24.95
N LEU B 71 7.70 23.74 24.02
CA LEU B 71 8.17 23.81 22.66
C LEU B 71 9.57 24.43 22.61
N ASP B 72 9.80 25.46 23.44
CA ASP B 72 11.11 26.11 23.48
C ASP B 72 12.15 25.13 24.00
N ALA B 73 11.77 24.37 25.02
CA ALA B 73 12.70 23.40 25.61
C ALA B 73 13.01 22.27 24.61
N VAL B 74 12.00 21.82 23.87
CA VAL B 74 12.24 20.84 22.82
C VAL B 74 13.30 21.32 21.84
N GLU B 75 13.17 22.57 21.38
CA GLU B 75 14.20 23.13 20.47
C GLU B 75 15.63 23.11 21.05
N ASP B 76 15.77 23.60 22.28
CA ASP B 76 17.08 23.69 22.90
C ASP B 76 17.70 22.31 23.01
N ALA B 77 16.88 21.35 23.42
CA ALA B 77 17.33 19.97 23.55
C ALA B 77 17.78 19.40 22.20
N LEU B 78 16.94 19.59 21.17
CA LEU B 78 17.23 19.12 19.83
C LEU B 78 18.58 19.65 19.38
N LEU B 79 18.83 20.95 19.55
CA LEU B 79 20.11 21.55 19.11
C LEU B 79 21.33 20.94 19.82
N ASP B 80 21.22 20.62 21.11
CA ASP B 80 22.32 19.96 21.85
C ASP B 80 22.58 18.57 21.31
N LEU B 81 21.52 17.80 21.10
CA LEU B 81 21.66 16.50 20.44
C LEU B 81 22.43 16.66 19.11
N VAL B 82 21.99 17.57 18.28
CA VAL B 82 22.62 17.78 17.00
C VAL B 82 24.11 18.05 17.21
N THR B 83 24.41 18.84 18.21
CA THR B 83 25.81 19.19 18.49
C THR B 83 26.61 17.99 18.97
N GLU B 84 25.99 17.17 19.79
CA GLU B 84 26.64 15.94 20.33
C GLU B 84 26.84 14.91 19.23
N SER B 85 25.96 14.96 18.24
CA SER B 85 25.96 13.99 17.16
C SER B 85 27.18 14.13 16.24
N ALA B 86 27.95 15.21 16.41
CA ALA B 86 29.14 15.41 15.59
C ALA B 86 30.14 14.29 15.83
N ASP B 87 30.03 13.65 16.98
CA ASP B 87 30.98 12.63 17.37
C ASP B 87 30.36 11.24 17.37
N LEU B 88 29.19 11.10 16.75
CA LEU B 88 28.48 9.83 16.76
C LEU B 88 28.42 9.25 15.35
N LEU B 89 28.52 7.93 15.25
CA LEU B 89 28.56 7.30 13.96
C LEU B 89 27.16 7.21 13.35
N PRO B 90 26.17 6.77 14.13
CA PRO B 90 24.91 6.45 13.45
C PRO B 90 24.12 7.67 13.17
N VAL B 91 23.30 7.55 12.13
CA VAL B 91 22.23 8.48 11.88
C VAL B 91 21.20 8.29 13.00
N LEU B 92 20.85 9.38 13.69
CA LEU B 92 19.82 9.37 14.76
C LEU B 92 18.53 9.87 14.21
N VAL B 93 17.45 9.15 14.51
CA VAL B 93 16.11 9.57 14.12
C VAL B 93 15.28 9.80 15.39
N VAL B 94 15.12 11.06 15.76
CA VAL B 94 14.60 11.47 17.05
C VAL B 94 13.29 12.25 16.89
N GLY B 95 12.29 11.88 17.69
CA GLY B 95 10.96 12.47 17.58
C GLY B 95 10.89 13.77 18.33
N ALA B 96 10.09 14.72 17.83
CA ALA B 96 10.00 16.06 18.41
C ALA B 96 8.79 16.82 17.88
N PRO B 97 8.03 17.48 18.76
CA PRO B 97 6.97 18.38 18.28
C PRO B 97 7.64 19.69 17.87
N LEU B 98 7.40 20.12 16.64
CA LEU B 98 8.15 21.24 16.10
C LEU B 98 7.26 22.29 15.44
N ARG B 99 7.62 23.57 15.63
CA ARG B 99 6.83 24.68 15.10
C ARG B 99 7.15 24.85 13.62
N HIS B 100 6.13 24.95 12.79
CA HIS B 100 6.33 25.30 11.37
C HIS B 100 5.11 25.98 10.72
N ARG B 101 5.33 27.09 10.03
CA ARG B 101 4.24 27.95 9.56
C ARG B 101 3.21 28.29 10.66
N HIS B 102 2.03 27.68 10.61
CA HIS B 102 0.97 27.94 11.62
C HIS B 102 0.94 27.02 12.84
N ARG B 103 1.48 25.81 12.71
CA ARG B 103 1.22 24.80 13.71
C ARG B 103 2.44 23.99 14.22
N ILE B 104 2.17 23.02 15.08
CA ILE B 104 3.26 22.12 15.44
C ILE B 104 2.97 20.88 14.69
N TYR B 105 4.04 20.30 14.15
CA TYR B 105 3.93 19.03 13.49
C TYR B 105 4.54 17.94 14.36
N ASN B 106 4.05 16.71 14.16
CA ASN B 106 4.57 15.54 14.84
C ASN B 106 5.71 15.12 13.99
N THR B 107 6.94 15.40 14.41
CA THR B 107 8.06 15.16 13.50
C THR B 107 9.10 14.13 13.96
N ALA B 108 9.81 13.59 12.98
CA ALA B 108 10.99 12.82 13.25
C ALA B 108 12.13 13.64 12.69
N VAL B 109 13.13 13.93 13.52
CA VAL B 109 14.27 14.74 13.09
C VAL B 109 15.44 13.83 12.75
N VAL B 110 15.88 13.84 11.49
CA VAL B 110 16.95 12.95 11.05
C VAL B 110 18.30 13.63 11.23
N ILE B 111 19.07 13.17 12.20
CA ILE B 111 20.28 13.87 12.59
C ILE B 111 21.51 13.06 12.27
N HIS B 112 22.56 13.73 11.80
CA HIS B 112 23.77 13.01 11.44
C HIS B 112 25.06 13.81 11.48
N ARG B 113 26.03 13.36 12.24
CA ARG B 113 27.35 14.00 12.29
C ARG B 113 27.32 15.54 12.34
N GLY B 114 26.55 16.10 13.27
CA GLY B 114 26.55 17.54 13.48
C GLY B 114 25.53 18.37 12.72
N ALA B 115 24.75 17.70 11.88
CA ALA B 115 23.79 18.38 11.03
C ALA B 115 22.44 17.71 11.11
N VAL B 116 21.39 18.48 10.84
CA VAL B 116 20.09 17.90 10.64
C VAL B 116 19.95 17.63 9.13
N LEU B 117 19.70 16.40 8.73
CA LEU B 117 19.57 16.10 7.31
C LEU B 117 18.18 16.44 6.81
N GLY B 118 17.19 16.29 7.67
CA GLY B 118 15.82 16.43 7.26
C GLY B 118 14.86 16.35 8.42
N VAL B 119 13.64 16.83 8.20
CA VAL B 119 12.60 16.79 9.20
C VAL B 119 11.35 16.26 8.56
N VAL B 120 10.78 15.21 9.13
CA VAL B 120 9.70 14.45 8.54
C VAL B 120 8.49 14.42 9.47
N PRO B 121 7.37 14.95 9.01
CA PRO B 121 6.15 15.05 9.82
C PRO B 121 5.26 13.84 9.63
N LYS B 122 4.57 13.44 10.68
CA LYS B 122 3.62 12.33 10.60
C LYS B 122 2.59 12.68 9.56
N SER B 123 2.15 11.72 8.76
CA SER B 123 1.23 12.07 7.68
C SER B 123 -0.19 11.98 8.17
N TYR B 124 -0.49 10.96 8.95
CA TYR B 124 -1.89 10.76 9.30
C TYR B 124 -2.04 10.76 10.81
N LEU B 125 -2.91 11.66 11.30
CA LEU B 125 -3.05 11.92 12.72
C LEU B 125 -4.35 11.41 13.29
N PRO B 126 -4.28 10.25 13.99
CA PRO B 126 -5.45 9.55 14.52
C PRO B 126 -6.17 10.45 15.50
N THR B 127 -7.47 10.54 15.28
CA THR B 127 -8.35 11.30 16.12
C THR B 127 -9.60 10.48 16.26
N TYR B 128 -9.46 9.42 17.06
CA TYR B 128 -10.54 8.49 17.30
C TYR B 128 -10.12 7.63 18.47
N ARG B 129 -11.10 6.96 19.10
CA ARG B 129 -10.86 6.13 20.30
C ARG B 129 -9.92 6.82 21.28
N GLU B 130 -8.76 6.25 21.55
CA GLU B 130 -7.83 6.82 22.57
C GLU B 130 -6.92 7.92 22.01
N PHE B 131 -7.10 8.24 20.73
CA PHE B 131 -6.20 9.17 20.01
C PHE B 131 -6.84 10.54 19.74
N TYR B 132 -6.12 11.60 20.06
CA TYR B 132 -6.60 12.98 19.91
C TYR B 132 -5.58 13.88 19.15
N GLU B 133 -4.75 13.28 18.31
CA GLU B 133 -3.57 14.01 17.74
C GLU B 133 -3.92 15.28 16.91
N ARG B 134 -5.08 15.30 16.26
CA ARG B 134 -5.41 16.45 15.42
C ARG B 134 -5.82 17.68 16.26
N ARG B 135 -6.02 17.49 17.56
CA ARG B 135 -6.29 18.60 18.45
C ARG B 135 -5.06 19.51 18.64
N GLN B 136 -3.87 18.91 18.68
CA GLN B 136 -2.65 19.64 19.02
C GLN B 136 -1.75 19.82 17.82
N MET B 137 -1.77 18.85 16.91
CA MET B 137 -0.78 18.83 15.84
C MET B 137 -1.40 18.83 14.46
N ALA B 138 -0.66 19.32 13.47
CA ALA B 138 -1.10 19.37 12.04
C ALA B 138 -0.63 18.19 11.20
N PRO B 139 -1.46 17.74 10.24
CA PRO B 139 -1.08 16.68 9.29
C PRO B 139 0.09 17.11 8.43
N GLY B 140 0.99 16.19 8.14
CA GLY B 140 2.16 16.46 7.30
C GLY B 140 2.01 16.07 5.82
N ASP B 141 0.96 15.31 5.48
CA ASP B 141 0.86 14.76 4.14
C ASP B 141 0.81 15.94 3.21
N GLY B 142 1.64 15.97 2.19
CA GLY B 142 1.53 17.09 1.27
C GLY B 142 2.40 18.28 1.58
N GLU B 143 2.99 18.31 2.78
CA GLU B 143 3.96 19.38 3.09
C GLU B 143 5.28 19.09 2.43
N ARG B 144 5.88 20.15 1.92
CA ARG B 144 7.21 20.07 1.31
C ARG B 144 8.02 21.28 1.75
N GLY B 145 9.08 21.59 1.02
CA GLY B 145 9.81 22.79 1.35
C GLY B 145 10.86 22.60 2.40
N THR B 146 11.16 23.65 3.13
CA THR B 146 12.16 23.60 4.18
C THR B 146 11.62 24.05 5.52
N ILE B 147 12.41 23.87 6.56
CA ILE B 147 12.08 24.27 7.92
C ILE B 147 13.34 24.76 8.57
N ARG B 148 13.20 25.80 9.37
CA ARG B 148 14.34 26.48 9.91
C ARG B 148 14.64 25.86 11.24
N ILE B 149 15.87 25.39 11.41
CA ILE B 149 16.26 24.67 12.62
C ILE B 149 17.69 25.00 13.00
N GLY B 150 17.85 25.64 14.14
CA GLY B 150 19.15 26.13 14.56
C GLY B 150 19.80 26.90 13.43
N GLY B 151 19.10 27.94 12.97
CA GLY B 151 19.59 28.75 11.88
C GLY B 151 20.11 28.01 10.65
N ALA B 152 19.39 26.99 10.22
CA ALA B 152 19.69 26.38 8.92
C ALA B 152 18.36 25.96 8.27
N ASP B 153 18.34 25.98 6.95
CA ASP B 153 17.14 25.53 6.28
C ASP B 153 17.32 24.10 5.83
N VAL B 154 16.41 23.25 6.25
CA VAL B 154 16.62 21.83 6.02
C VAL B 154 15.36 21.27 5.42
N ALA B 155 15.50 20.17 4.71
CA ALA B 155 14.38 19.64 3.98
C ALA B 155 13.25 19.27 4.94
N PHE B 156 12.02 19.51 4.52
CA PHE B 156 10.88 19.21 5.33
C PHE B 156 9.85 18.57 4.45
N GLY B 157 9.32 17.44 4.90
CA GLY B 157 8.20 16.80 4.20
C GLY B 157 8.18 15.27 4.19
N THR B 158 7.17 14.72 3.52
CA THR B 158 6.89 13.33 3.56
C THR B 158 7.61 12.57 2.46
N ASP B 159 8.26 13.34 1.60
CA ASP B 159 8.91 12.86 0.37
C ASP B 159 10.45 12.75 0.45
N LEU B 160 11.01 12.47 1.61
CA LEU B 160 12.47 12.50 1.74
C LEU B 160 13.13 11.12 1.74
N LEU B 161 14.33 11.04 1.17
CA LEU B 161 15.15 9.83 1.26
C LEU B 161 16.53 10.21 1.66
N PHE B 162 17.09 9.48 2.61
CA PHE B 162 18.43 9.76 3.04
C PHE B 162 19.33 8.65 2.55
N ALA B 163 20.17 8.97 1.59
CA ALA B 163 21.03 7.95 1.00
C ALA B 163 22.47 8.06 1.42
N ALA B 164 23.02 6.93 1.89
CA ALA B 164 24.45 6.86 2.20
C ALA B 164 25.31 6.80 0.92
N SER B 165 26.10 7.85 0.71
CA SER B 165 26.86 7.98 -0.52
C SER B 165 27.91 6.84 -0.64
N ASP B 166 28.37 6.35 0.50
CA ASP B 166 29.40 5.32 0.54
C ASP B 166 28.83 3.96 0.96
N LEU B 167 27.55 3.77 0.66
CA LEU B 167 26.86 2.56 1.08
C LEU B 167 25.49 2.56 0.42
N PRO B 168 25.48 2.42 -0.90
CA PRO B 168 24.32 2.58 -1.77
C PRO B 168 23.18 1.65 -1.44
N GLY B 169 23.44 0.55 -0.76
CA GLY B 169 22.37 -0.36 -0.42
C GLY B 169 21.54 0.18 0.73
N PHE B 170 22.04 1.23 1.37
CA PHE B 170 21.36 1.87 2.52
C PHE B 170 20.66 3.19 2.14
N VAL B 171 19.36 3.12 1.87
CA VAL B 171 18.59 4.31 1.58
C VAL B 171 17.44 4.36 2.56
N LEU B 172 17.50 5.33 3.47
CA LEU B 172 16.53 5.52 4.57
C LEU B 172 15.30 6.36 4.23
N HIS B 173 14.15 5.87 4.67
CA HIS B 173 12.94 6.64 4.66
C HIS B 173 12.33 6.56 6.04
N VAL B 174 11.66 7.65 6.47
CA VAL B 174 11.04 7.69 7.80
C VAL B 174 9.54 7.98 7.74
N GLU B 175 8.75 7.19 8.46
CA GLU B 175 7.32 7.54 8.73
C GLU B 175 7.06 7.40 10.21
N ILE B 176 5.84 7.68 10.62
CA ILE B 176 5.54 7.74 12.03
C ILE B 176 4.24 7.01 12.34
N ALA B 177 4.37 5.95 13.11
CA ALA B 177 3.23 5.28 13.75
C ALA B 177 2.10 5.01 12.77
N GLU B 178 0.94 5.63 13.04
CA GLU B 178 -0.26 5.52 12.14
C GLU B 178 0.05 5.49 10.64
N ASP B 179 1.11 6.18 10.22
CA ASP B 179 1.49 6.18 8.80
C ASP B 179 1.45 4.79 8.14
N MET B 180 1.85 3.75 8.87
CA MET B 180 1.93 2.41 8.28
C MET B 180 0.65 1.62 8.37
N PHE B 181 -0.40 2.23 8.88
CA PHE B 181 -1.66 1.52 9.16
C PHE B 181 -2.75 1.81 8.14
N VAL B 182 -2.51 2.77 7.27
CA VAL B 182 -3.50 3.18 6.27
C VAL B 182 -3.33 2.41 4.99
N PRO B 183 -4.38 2.35 4.15
CA PRO B 183 -4.28 1.54 2.91
C PRO B 183 -3.03 1.87 2.06
N MET B 184 -2.69 3.14 1.94
CA MET B 184 -1.50 3.48 1.16
C MET B 184 -0.49 4.30 1.95
N PRO B 185 0.41 3.61 2.62
CA PRO B 185 1.36 4.19 3.57
C PRO B 185 2.42 4.86 2.79
N PRO B 186 2.92 5.99 3.31
CA PRO B 186 4.05 6.75 2.77
C PRO B 186 5.25 5.85 2.47
N SER B 187 5.58 4.92 3.37
CA SER B 187 6.71 4.01 3.15
C SER B 187 6.63 3.13 1.86
N ALA B 188 5.43 2.80 1.39
CA ALA B 188 5.33 2.00 0.17
C ALA B 188 5.77 2.80 -1.07
N GLU B 189 5.29 4.03 -1.18
CA GLU B 189 5.81 4.98 -2.19
C GLU B 189 7.35 5.11 -2.07
N ALA B 190 7.84 5.18 -0.84
CA ALA B 190 9.25 5.46 -0.61
C ALA B 190 10.07 4.30 -1.07
N ALA B 191 9.56 3.10 -0.85
CA ALA B 191 10.36 1.93 -1.26
C ALA B 191 10.43 1.85 -2.80
N LEU B 192 9.29 1.98 -3.48
CA LEU B 192 9.27 2.14 -4.92
C LEU B 192 10.25 3.19 -5.39
N ALA B 193 10.48 4.22 -4.58
CA ALA B 193 11.36 5.33 -4.97
C ALA B 193 12.84 5.03 -4.72
N GLY B 194 13.09 4.02 -3.93
CA GLY B 194 14.46 3.63 -3.68
C GLY B 194 14.82 3.35 -2.25
N ALA B 195 13.88 3.58 -1.34
CA ALA B 195 14.20 3.38 0.09
C ALA B 195 14.32 1.92 0.31
N THR B 196 15.33 1.54 1.09
CA THR B 196 15.59 0.13 1.44
C THR B 196 15.41 -0.18 2.94
N VAL B 197 15.60 0.83 3.77
CA VAL B 197 15.40 0.71 5.20
C VAL B 197 14.31 1.73 5.63
N LEU B 198 13.17 1.20 6.08
CA LEU B 198 12.02 2.01 6.43
C LEU B 198 11.98 2.14 7.95
N ALA B 199 12.03 3.38 8.46
CA ALA B 199 11.94 3.64 9.90
C ALA B 199 10.52 4.04 10.36
N ASN B 200 10.13 3.64 11.56
CA ASN B 200 8.86 4.03 12.14
C ASN B 200 9.09 4.39 13.59
N LEU B 201 8.89 5.68 13.95
CA LEU B 201 8.82 6.09 15.36
C LEU B 201 7.36 5.98 15.77
N SER B 202 7.11 5.35 16.91
CA SER B 202 5.73 5.09 17.35
C SER B 202 5.57 5.47 18.82
N GLY B 203 4.38 5.91 19.20
CA GLY B 203 4.06 6.02 20.62
C GLY B 203 3.36 4.77 21.09
N SER B 204 2.21 4.53 20.45
CA SER B 204 1.51 3.25 20.46
C SER B 204 1.20 2.76 21.88
N PRO B 205 0.30 3.46 22.57
CA PRO B 205 -0.14 2.94 23.87
C PRO B 205 -0.61 1.49 23.68
N ILE B 206 -0.31 0.65 24.66
CA ILE B 206 -0.50 -0.80 24.49
C ILE B 206 -1.87 -1.30 24.94
N THR B 207 -2.43 -2.21 24.18
CA THR B 207 -3.66 -2.85 24.58
C THR B 207 -3.62 -4.29 24.13
N ILE B 208 -4.58 -5.08 24.60
CA ILE B 208 -4.67 -6.46 24.24
C ILE B 208 -4.75 -6.54 22.74
N GLY B 209 -3.86 -7.33 22.15
CA GLY B 209 -3.88 -7.60 20.72
C GLY B 209 -3.12 -6.61 19.85
N ARG B 210 -2.71 -5.48 20.43
CA ARG B 210 -2.04 -4.46 19.63
C ARG B 210 -0.64 -4.82 19.16
N ALA B 211 0.11 -5.57 19.95
CA ALA B 211 1.45 -5.97 19.53
C ALA B 211 1.34 -6.84 18.28
N GLU B 212 0.30 -7.67 18.23
CA GLU B 212 0.04 -8.48 17.02
C GLU B 212 -0.25 -7.54 15.84
N ASP B 213 -1.10 -6.53 16.04
CA ASP B 213 -1.32 -5.52 15.01
C ASP B 213 -0.02 -4.88 14.55
N ARG B 214 0.82 -4.43 15.49
CA ARG B 214 2.10 -3.85 15.06
C ARG B 214 2.95 -4.82 14.23
N ARG B 215 3.07 -6.07 14.69
CA ARG B 215 3.79 -7.10 13.93
C ARG B 215 3.18 -7.39 12.56
N LEU B 216 1.86 -7.54 12.49
CA LEU B 216 1.20 -7.77 11.21
C LEU B 216 1.56 -6.65 10.20
N LEU B 217 1.58 -5.41 10.66
CA LEU B 217 1.72 -4.34 9.74
C LEU B 217 3.16 -4.03 9.46
N ALA B 218 4.02 -4.18 10.45
CA ALA B 218 5.44 -3.98 10.17
C ALA B 218 6.02 -5.13 9.32
N ARG B 219 5.65 -6.35 9.66
CA ARG B 219 6.12 -7.51 8.92
C ARG B 219 5.64 -7.50 7.44
N SER B 220 4.34 -7.36 7.23
CA SER B 220 3.82 -7.33 5.88
C SER B 220 4.49 -6.21 5.10
N ALA B 221 4.65 -5.02 5.72
CA ALA B 221 5.35 -3.90 5.03
C ALA B 221 6.74 -4.32 4.59
N SER B 222 7.49 -4.96 5.48
CA SER B 222 8.86 -5.32 5.13
C SER B 222 8.89 -6.28 3.92
N ALA B 223 7.89 -7.15 3.81
CA ALA B 223 7.81 -8.21 2.79
C ALA B 223 7.34 -7.66 1.43
N ARG B 224 6.22 -6.95 1.43
CA ARG B 224 5.65 -6.32 0.23
C ARG B 224 6.60 -5.26 -0.37
N CYS B 225 7.44 -4.65 0.46
CA CYS B 225 8.31 -3.55 0.03
C CYS B 225 9.77 -3.99 -0.10
N LEU B 226 10.00 -5.29 0.07
CA LEU B 226 11.35 -5.87 -0.06
C LEU B 226 12.36 -4.99 0.69
N ALA B 227 12.13 -4.80 1.98
CA ALA B 227 12.88 -3.81 2.75
C ALA B 227 13.09 -4.24 4.19
N ALA B 228 14.02 -3.57 4.87
CA ALA B 228 14.12 -3.62 6.33
C ALA B 228 13.05 -2.69 6.86
N TYR B 229 12.43 -3.04 7.97
CA TYR B 229 11.48 -2.16 8.65
C TYR B 229 11.86 -2.07 10.14
N VAL B 230 12.23 -0.88 10.60
CA VAL B 230 12.84 -0.67 11.92
C VAL B 230 11.89 0.13 12.78
N TYR B 231 11.41 -0.47 13.87
CA TYR B 231 10.28 0.04 14.64
C TYR B 231 10.57 0.17 16.13
N ALA B 232 10.11 1.26 16.74
CA ALA B 232 10.41 1.62 18.13
C ALA B 232 9.20 2.28 18.74
N ALA B 233 8.76 1.79 19.90
CA ALA B 233 7.61 2.37 20.57
C ALA B 233 7.97 2.96 21.92
N ALA B 234 7.11 3.84 22.41
CA ALA B 234 7.35 4.49 23.71
C ALA B 234 7.27 3.46 24.83
N GLY B 235 7.95 3.73 25.93
CA GLY B 235 7.85 2.84 27.09
C GLY B 235 7.67 3.47 28.47
N GLU B 236 8.42 2.97 29.45
CA GLU B 236 8.36 3.53 30.84
C GLU B 236 8.55 5.03 30.84
N GLY B 237 7.66 5.75 31.54
CA GLY B 237 7.80 7.18 31.66
C GLY B 237 6.70 8.03 31.01
N GLU B 238 6.10 7.49 29.94
CA GLU B 238 4.89 8.12 29.35
C GLU B 238 3.79 8.13 30.40
N SER B 239 2.85 9.06 30.28
CA SER B 239 1.82 9.20 31.28
C SER B 239 0.88 8.01 31.31
N THR B 240 0.44 7.63 32.49
CA THR B 240 -0.51 6.53 32.59
C THR B 240 -1.85 7.02 33.10
N THR B 241 -2.13 8.26 32.78
CA THR B 241 -3.45 8.84 33.00
C THR B 241 -4.59 8.01 32.38
N ASP B 242 -4.45 7.53 31.15
CA ASP B 242 -5.50 6.70 30.56
C ASP B 242 -4.96 5.49 29.82
N LEU B 243 -3.64 5.38 29.76
CA LEU B 243 -3.01 4.37 28.93
C LEU B 243 -1.75 3.72 29.55
N ALA B 244 -1.40 2.52 29.10
CA ALA B 244 -0.14 1.90 29.46
C ALA B 244 0.73 1.80 28.22
N TRP B 245 2.01 1.52 28.42
CA TRP B 245 3.01 1.47 27.36
C TRP B 245 3.91 0.25 27.53
N ASP B 246 4.29 -0.37 26.42
CA ASP B 246 5.08 -1.59 26.50
C ASP B 246 6.55 -1.52 26.02
N GLY B 247 6.98 -0.39 25.45
CA GLY B 247 8.37 -0.23 25.03
C GLY B 247 8.90 -1.18 23.94
N GLN B 248 8.00 -1.79 23.16
CA GLN B 248 8.39 -2.78 22.16
C GLN B 248 9.30 -2.21 21.09
N THR B 249 10.34 -2.96 20.74
CA THR B 249 11.10 -2.59 19.55
C THR B 249 11.25 -3.85 18.73
N MET B 250 11.36 -3.67 17.42
CA MET B 250 11.59 -4.77 16.50
C MET B 250 12.22 -4.34 15.18
N ILE B 251 12.98 -5.23 14.57
CA ILE B 251 13.62 -5.02 13.27
C ILE B 251 13.23 -6.15 12.34
N TRP B 252 12.54 -5.82 11.26
CA TRP B 252 12.09 -6.78 10.24
C TRP B 252 12.88 -6.67 8.91
N GLU B 253 13.05 -7.80 8.23
CA GLU B 253 13.70 -7.78 6.88
C GLU B 253 12.97 -8.76 5.96
N ASN B 254 12.25 -8.16 5.03
CA ASN B 254 11.59 -8.93 3.98
C ASN B 254 10.71 -10.06 4.48
N GLY B 255 10.10 -9.86 5.64
CA GLY B 255 9.11 -10.78 6.20
C GLY B 255 9.65 -11.44 7.45
N ALA B 256 10.97 -11.44 7.54
CA ALA B 256 11.65 -12.17 8.61
C ALA B 256 11.94 -11.24 9.75
N LEU B 257 11.77 -11.76 10.97
CA LEU B 257 12.09 -10.96 12.14
C LEU B 257 13.58 -11.03 12.48
N LEU B 258 14.33 -9.94 12.32
CA LEU B 258 15.76 -9.97 12.67
C LEU B 258 16.02 -9.92 14.19
N ALA B 259 15.21 -9.13 14.90
CA ALA B 259 15.46 -8.83 16.32
C ALA B 259 14.22 -8.23 16.96
N GLU B 260 14.07 -8.42 18.26
CA GLU B 260 13.00 -7.69 18.99
C GLU B 260 13.36 -7.60 20.45
N SER B 261 12.77 -6.66 21.17
CA SER B 261 13.21 -6.42 22.53
C SER B 261 12.14 -6.82 23.54
N GLU B 262 12.53 -6.86 24.81
CA GLU B 262 11.58 -7.28 25.88
C GLU B 262 10.37 -6.37 25.94
N ARG B 263 9.16 -6.94 25.94
CA ARG B 263 7.95 -6.13 26.21
C ARG B 263 7.79 -5.74 27.70
N PHE B 264 7.34 -4.51 27.98
CA PHE B 264 7.19 -4.01 29.34
C PHE B 264 8.49 -4.09 30.11
N PRO B 265 9.57 -3.56 29.57
CA PRO B 265 10.83 -3.71 30.30
C PRO B 265 10.93 -2.77 31.50
N LYS B 266 11.81 -3.08 32.44
CA LYS B 266 12.26 -2.10 33.42
C LYS B 266 13.59 -1.60 32.90
N GLY B 267 13.59 -0.38 32.39
CA GLY B 267 14.80 0.20 31.85
C GLY B 267 14.74 0.26 30.34
N VAL B 268 15.72 0.94 29.74
CA VAL B 268 15.75 1.10 28.31
C VAL B 268 16.18 -0.22 27.58
N ARG B 269 15.69 -0.40 26.36
CA ARG B 269 15.96 -1.61 25.58
C ARG B 269 16.32 -1.21 24.18
N ARG B 270 17.06 -2.06 23.48
CA ARG B 270 17.39 -1.87 22.06
C ARG B 270 17.26 -3.16 21.27
N SER B 271 16.83 -3.05 20.04
CA SER B 271 17.02 -4.12 19.10
C SER B 271 18.15 -3.71 18.18
N VAL B 272 19.16 -4.55 18.07
CA VAL B 272 20.26 -4.28 17.15
C VAL B 272 20.47 -5.46 16.20
N ALA B 273 20.48 -5.20 14.91
CA ALA B 273 20.60 -6.27 13.93
C ALA B 273 21.39 -5.83 12.72
N ASP B 274 22.05 -6.78 12.06
CA ASP B 274 22.69 -6.46 10.80
C ASP B 274 21.75 -6.81 9.66
N VAL B 275 21.29 -5.76 8.98
CA VAL B 275 20.43 -5.90 7.80
C VAL B 275 21.31 -6.23 6.62
N ASP B 276 20.88 -7.20 5.82
CA ASP B 276 21.66 -7.58 4.64
C ASP B 276 21.19 -6.80 3.40
N THR B 277 21.89 -5.71 3.07
CA THR B 277 21.39 -4.85 1.98
C THR B 277 21.44 -5.60 0.67
N GLU B 278 22.41 -6.49 0.53
CA GLU B 278 22.51 -7.29 -0.72
C GLU B 278 21.32 -8.22 -0.90
N LEU B 279 20.75 -8.68 0.22
CA LEU B 279 19.55 -9.52 0.16
C LEU B 279 18.38 -8.73 -0.43
N LEU B 280 18.17 -7.52 0.10
CA LEU B 280 17.16 -6.66 -0.46
C LEU B 280 17.49 -6.40 -1.95
N ARG B 281 18.73 -6.01 -2.23
CA ARG B 281 19.13 -5.70 -3.58
C ARG B 281 18.79 -6.88 -4.52
N SER B 282 19.07 -8.09 -4.06
CA SER B 282 18.85 -9.30 -4.87
C SER B 282 17.38 -9.61 -5.09
N GLU B 283 16.60 -9.50 -4.02
CA GLU B 283 15.13 -9.68 -4.14
C GLU B 283 14.52 -8.75 -5.19
N ARG B 284 14.85 -7.46 -5.09
CA ARG B 284 14.35 -6.43 -6.03
C ARG B 284 14.81 -6.62 -7.49
N LEU B 285 16.04 -7.08 -7.68
CA LEU B 285 16.60 -7.22 -9.03
C LEU B 285 15.80 -8.24 -9.82
N ARG B 286 15.27 -9.22 -9.07
CA ARG B 286 14.60 -10.41 -9.58
C ARG B 286 13.10 -10.24 -9.76
N MET B 287 12.49 -9.43 -8.95
CA MET B 287 11.06 -9.30 -8.99
C MET B 287 10.65 -8.06 -9.81
N GLY B 288 10.60 -8.24 -11.11
CA GLY B 288 10.37 -7.12 -11.99
C GLY B 288 9.06 -6.41 -11.72
N THR B 289 8.06 -7.14 -11.20
CA THR B 289 6.76 -6.49 -10.95
C THR B 289 6.83 -5.36 -9.88
N PHE B 290 7.87 -5.38 -9.05
CA PHE B 290 8.16 -4.30 -8.13
C PHE B 290 8.49 -3.01 -8.88
N ASP B 291 9.38 -3.09 -9.86
CA ASP B 291 9.71 -1.94 -10.72
C ASP B 291 8.48 -1.53 -11.54
N ASP B 292 7.74 -2.52 -12.07
CA ASP B 292 6.53 -2.24 -12.87
C ASP B 292 5.57 -1.34 -12.09
N ASN B 293 5.40 -1.71 -10.82
CA ASN B 293 4.60 -0.94 -9.86
C ASN B 293 5.11 0.49 -9.71
N ARG B 294 6.42 0.66 -9.51
CA ARG B 294 7.04 1.99 -9.52
C ARG B 294 6.70 2.76 -10.79
N ARG B 295 6.92 2.17 -11.96
CA ARG B 295 6.60 2.87 -13.20
C ARG B 295 5.14 3.32 -13.27
N HIS B 296 4.25 2.50 -12.75
CA HIS B 296 2.84 2.82 -12.82
C HIS B 296 2.54 4.06 -11.99
N HIS B 297 3.27 4.22 -10.88
CA HIS B 297 3.22 5.37 -10.00
C HIS B 297 4.48 6.25 -10.18
N ARG B 298 4.90 6.41 -11.43
CA ARG B 298 6.09 7.21 -11.76
C ARG B 298 6.05 8.64 -11.19
N GLU B 299 4.94 9.35 -11.41
CA GLU B 299 4.80 10.75 -10.86
C GLU B 299 5.05 10.79 -9.35
N LEU B 300 4.22 10.10 -8.57
CA LEU B 300 4.49 9.81 -7.16
C LEU B 300 5.97 9.51 -6.79
N THR B 301 6.57 8.53 -7.48
CA THR B 301 7.87 8.02 -7.07
C THR B 301 9.08 8.86 -7.47
N GLU B 302 8.97 9.64 -8.56
CA GLU B 302 10.15 10.47 -8.98
C GLU B 302 10.25 11.81 -8.22
N SER B 303 9.17 12.17 -7.55
CA SER B 303 9.10 13.41 -6.81
C SER B 303 9.90 13.39 -5.49
N PHE B 304 10.56 12.28 -5.17
CA PHE B 304 11.29 12.21 -3.91
C PHE B 304 12.60 12.98 -3.99
N ARG B 305 12.95 13.62 -2.89
CA ARG B 305 14.19 14.36 -2.74
C ARG B 305 15.19 13.47 -2.03
N ARG B 306 16.34 13.27 -2.65
CA ARG B 306 17.33 12.33 -2.13
C ARG B 306 18.38 13.17 -1.42
N ILE B 307 18.56 12.95 -0.12
CA ILE B 307 19.53 13.72 0.63
C ILE B 307 20.75 12.88 1.01
N ASP B 308 21.92 13.35 0.63
CA ASP B 308 23.11 12.52 0.76
C ASP B 308 23.89 12.77 2.03
N PHE B 309 24.46 11.70 2.57
CA PHE B 309 25.35 11.76 3.70
C PHE B 309 26.36 10.64 3.56
N ALA B 310 27.52 10.82 4.19
CA ALA B 310 28.57 9.80 4.13
C ALA B 310 28.67 9.12 5.47
N LEU B 311 28.36 7.83 5.51
CA LEU B 311 28.31 7.11 6.77
C LEU B 311 29.71 6.91 7.30
N ASP B 312 30.61 6.51 6.42
CA ASP B 312 31.98 6.12 6.77
C ASP B 312 32.04 5.17 7.98
N PRO B 313 31.56 3.94 7.79
CA PRO B 313 31.36 2.98 8.88
C PRO B 313 32.68 2.33 9.27
N PRO B 314 32.67 1.54 10.35
CA PRO B 314 33.90 0.89 10.82
C PRO B 314 34.33 -0.14 9.79
N ALA B 315 35.63 -0.17 9.52
CA ALA B 315 36.16 -1.10 8.51
C ALA B 315 36.48 -2.50 9.03
N GLY B 316 36.51 -2.67 10.36
CA GLY B 316 37.04 -3.86 10.99
C GLY B 316 36.05 -4.94 11.42
N ASP B 317 36.54 -5.91 12.19
CA ASP B 317 35.70 -7.00 12.67
C ASP B 317 34.82 -6.50 13.80
N ILE B 318 33.51 -6.51 13.58
CA ILE B 318 32.54 -6.12 14.60
C ILE B 318 31.47 -7.19 14.62
N GLY B 319 31.88 -8.42 14.30
CA GLY B 319 30.97 -9.55 14.43
C GLY B 319 29.86 -9.43 13.43
N LEU B 320 28.79 -10.18 13.63
CA LEU B 320 27.68 -10.21 12.69
C LEU B 320 26.44 -10.41 13.53
N LEU B 321 25.70 -9.35 13.77
CA LEU B 321 24.52 -9.46 14.62
C LEU B 321 23.33 -9.96 13.81
N ARG B 322 23.41 -11.24 13.44
CA ARG B 322 22.44 -11.82 12.55
C ARG B 322 22.46 -13.32 12.72
N GLU B 323 21.30 -13.94 12.69
CA GLU B 323 21.22 -15.41 12.82
C GLU B 323 21.38 -16.00 11.44
N VAL B 324 22.42 -16.81 11.25
CA VAL B 324 22.67 -17.44 9.96
C VAL B 324 22.53 -18.95 10.10
N GLU B 325 21.39 -19.48 9.69
CA GLU B 325 21.13 -20.91 9.88
C GLU B 325 22.06 -21.80 9.02
N ARG B 326 22.49 -22.93 9.58
CA ARG B 326 23.39 -23.83 8.88
C ARG B 326 22.74 -24.45 7.64
N PHE B 327 21.45 -24.70 7.72
CA PHE B 327 20.76 -25.38 6.61
C PHE B 327 19.65 -24.50 6.06
N PRO B 328 19.97 -23.72 5.04
CA PRO B 328 18.96 -22.84 4.42
C PRO B 328 17.71 -23.61 3.97
N PHE B 329 17.85 -24.91 3.69
CA PHE B 329 16.74 -25.74 3.21
C PHE B 329 16.07 -26.52 4.34
N VAL B 330 16.70 -26.51 5.51
CA VAL B 330 16.22 -27.25 6.69
C VAL B 330 16.16 -26.38 7.96
N PRO B 331 15.05 -25.68 8.18
CA PRO B 331 14.89 -24.86 9.38
C PRO B 331 15.18 -25.63 10.66
N ALA B 332 15.90 -24.99 11.58
CA ALA B 332 16.26 -25.58 12.86
C ALA B 332 15.06 -25.67 13.84
N ASP B 333 14.12 -24.73 13.72
CA ASP B 333 12.89 -24.79 14.53
C ASP B 333 11.96 -25.96 14.18
N PRO B 334 11.66 -26.80 15.16
CA PRO B 334 10.87 -27.99 14.86
C PRO B 334 9.45 -27.69 14.31
N GLN B 335 8.76 -26.68 14.79
CA GLN B 335 7.40 -26.42 14.29
C GLN B 335 7.52 -26.18 12.80
N ARG B 336 8.52 -25.37 12.42
CA ARG B 336 8.66 -24.93 11.03
C ARG B 336 9.15 -26.05 10.13
N LEU B 337 10.14 -26.81 10.62
CA LEU B 337 10.62 -27.96 9.88
C LEU B 337 9.50 -28.97 9.65
N GLN B 338 8.67 -29.23 10.66
CA GLN B 338 7.51 -30.11 10.45
C GLN B 338 6.62 -29.65 9.29
N GLN B 339 6.39 -28.34 9.22
CA GLN B 339 5.55 -27.74 8.19
C GLN B 339 6.19 -27.91 6.80
N ASP B 340 7.48 -27.59 6.69
CA ASP B 340 8.23 -27.62 5.44
C ASP B 340 8.16 -29.03 4.85
N CYS B 341 8.37 -30.02 5.73
CA CYS B 341 8.33 -31.42 5.35
C CYS B 341 6.94 -31.79 4.83
N TYR B 342 5.92 -31.48 5.62
CA TYR B 342 4.53 -31.65 5.20
C TYR B 342 4.30 -31.12 3.81
N GLU B 343 4.77 -29.90 3.57
CA GLU B 343 4.61 -29.25 2.22
C GLU B 343 5.46 -29.97 1.13
N ALA B 344 6.77 -30.14 1.38
CA ALA B 344 7.65 -30.85 0.43
C ALA B 344 6.99 -32.15 0.00
N TYR B 345 6.59 -32.97 0.97
CA TYR B 345 6.00 -34.28 0.67
C TYR B 345 4.75 -34.20 -0.19
N ASN B 346 3.85 -33.30 0.16
CA ASN B 346 2.63 -33.12 -0.62
C ASN B 346 2.81 -32.52 -2.00
N ILE B 347 3.90 -31.78 -2.17
CA ILE B 347 4.26 -31.27 -3.47
C ILE B 347 4.67 -32.44 -4.37
N GLN B 348 5.64 -33.22 -3.89
CA GLN B 348 6.11 -34.40 -4.61
C GLN B 348 4.95 -35.30 -4.99
N VAL B 349 4.13 -35.68 -4.00
CA VAL B 349 3.04 -36.61 -4.24
C VAL B 349 2.00 -36.14 -5.27
N SER B 350 1.48 -34.94 -5.11
CA SER B 350 0.46 -34.46 -6.00
C SER B 350 1.01 -34.16 -7.39
N GLY B 351 2.29 -33.83 -7.48
CA GLY B 351 2.94 -33.62 -8.77
C GLY B 351 2.91 -34.91 -9.57
N LEU B 352 3.23 -36.02 -8.90
CA LEU B 352 3.19 -37.32 -9.51
C LEU B 352 1.75 -37.79 -9.76
N GLU B 353 0.84 -37.48 -8.83
CA GLU B 353 -0.59 -37.85 -9.06
C GLU B 353 -1.08 -37.35 -10.42
N GLN B 354 -0.74 -36.11 -10.75
CA GLN B 354 -1.22 -35.48 -11.99
C GLN B 354 -0.60 -36.12 -13.24
N ARG B 355 0.69 -36.45 -13.17
CA ARG B 355 1.35 -37.17 -14.27
C ARG B 355 0.64 -38.50 -14.49
N LEU B 356 0.35 -39.23 -13.41
CA LEU B 356 -0.32 -40.52 -13.51
C LEU B 356 -1.72 -40.40 -14.06
N ARG B 357 -2.49 -39.41 -13.59
CA ARG B 357 -3.85 -39.26 -14.09
C ARG B 357 -3.82 -39.01 -15.59
N ALA B 358 -2.88 -38.15 -16.01
CA ALA B 358 -2.73 -37.74 -17.39
C ALA B 358 -2.35 -38.90 -18.30
N LEU B 359 -1.58 -39.85 -17.79
CA LEU B 359 -1.18 -40.99 -18.58
C LEU B 359 -2.11 -42.19 -18.37
N ASP B 360 -3.33 -41.92 -17.92
CA ASP B 360 -4.31 -42.96 -17.64
C ASP B 360 -3.75 -44.13 -16.75
N TYR B 361 -3.02 -43.77 -15.70
CA TYR B 361 -2.52 -44.71 -14.66
C TYR B 361 -1.62 -45.79 -15.20
N PRO B 362 -0.42 -45.39 -15.65
CA PRO B 362 0.59 -46.36 -16.07
C PRO B 362 1.12 -47.03 -14.83
N LYS B 363 1.91 -48.07 -15.02
CA LYS B 363 2.65 -48.68 -13.92
C LYS B 363 3.79 -47.72 -13.59
N VAL B 364 4.29 -47.80 -12.37
CA VAL B 364 5.41 -46.96 -11.99
C VAL B 364 6.65 -47.84 -11.84
N VAL B 365 7.66 -47.57 -12.65
CA VAL B 365 8.88 -48.37 -12.63
C VAL B 365 9.99 -47.62 -11.93
N ILE B 366 10.60 -48.27 -10.92
CA ILE B 366 11.61 -47.58 -10.12
C ILE B 366 12.75 -48.47 -9.70
N GLY B 367 13.98 -47.95 -9.82
CA GLY B 367 15.15 -48.67 -9.33
C GLY B 367 15.37 -48.36 -7.86
N VAL B 368 15.32 -49.38 -6.99
CA VAL B 368 15.47 -49.20 -5.55
C VAL B 368 16.79 -49.80 -5.06
N SER B 369 17.61 -48.99 -4.42
CA SER B 369 18.93 -49.47 -4.08
C SER B 369 19.11 -49.52 -2.59
N GLY B 370 18.10 -49.10 -1.85
CA GLY B 370 18.22 -49.05 -0.39
C GLY B 370 18.90 -47.82 0.18
N GLY B 371 19.20 -46.87 -0.71
CA GLY B 371 19.74 -45.58 -0.32
C GLY B 371 18.65 -44.56 -0.04
N LEU B 372 19.03 -43.37 0.41
CA LEU B 372 18.05 -42.34 0.80
C LEU B 372 17.07 -41.88 -0.30
N ASP B 373 17.60 -41.36 -1.42
CA ASP B 373 16.74 -40.85 -2.48
C ASP B 373 15.72 -41.86 -3.02
N SER B 374 16.16 -43.07 -3.34
CA SER B 374 15.27 -44.02 -4.02
C SER B 374 14.26 -44.56 -3.06
N THR B 375 14.68 -44.66 -1.79
CA THR B 375 13.78 -45.08 -0.73
C THR B 375 12.66 -44.08 -0.64
N HIS B 376 13.03 -42.81 -0.49
CA HIS B 376 12.02 -41.78 -0.33
C HIS B 376 11.08 -41.70 -1.53
N ALA B 377 11.62 -41.80 -2.73
CA ALA B 377 10.80 -41.82 -3.93
C ALA B 377 9.80 -43.00 -3.99
N LEU B 378 10.22 -44.19 -3.59
CA LEU B 378 9.30 -45.30 -3.55
C LEU B 378 8.12 -45.00 -2.63
N ILE B 379 8.42 -44.37 -1.48
CA ILE B 379 7.37 -43.94 -0.55
C ILE B 379 6.41 -42.95 -1.20
N VAL B 380 6.96 -41.87 -1.77
CA VAL B 380 6.15 -40.90 -2.51
C VAL B 380 5.25 -41.56 -3.55
N ALA B 381 5.81 -42.49 -4.30
CA ALA B 381 5.08 -43.22 -5.34
C ALA B 381 3.89 -44.00 -4.78
N THR B 382 4.13 -44.66 -3.66
CA THR B 382 3.09 -45.46 -2.99
C THR B 382 1.93 -44.56 -2.56
N HIS B 383 2.25 -43.44 -1.94
CA HIS B 383 1.20 -42.56 -1.47
C HIS B 383 0.38 -42.04 -2.67
N ALA B 384 1.06 -41.56 -3.69
CA ALA B 384 0.35 -41.10 -4.88
C ALA B 384 -0.62 -42.18 -5.38
N MET B 385 -0.10 -43.41 -5.57
CA MET B 385 -0.97 -44.53 -5.98
C MET B 385 -2.13 -44.75 -5.03
N ASP B 386 -1.87 -44.69 -3.72
CA ASP B 386 -2.93 -44.84 -2.75
C ASP B 386 -3.97 -43.75 -2.98
N ARG B 387 -3.58 -42.48 -2.93
CA ARG B 387 -4.54 -41.40 -3.04
C ARG B 387 -5.36 -41.49 -4.32
N GLU B 388 -4.78 -42.05 -5.38
CA GLU B 388 -5.55 -42.24 -6.66
C GLU B 388 -6.29 -43.59 -6.75
N GLY B 389 -6.32 -44.35 -5.66
CA GLY B 389 -7.03 -45.61 -5.64
C GLY B 389 -6.44 -46.60 -6.64
N ARG B 390 -5.11 -46.55 -6.77
CA ARG B 390 -4.38 -47.51 -7.59
C ARG B 390 -3.74 -48.60 -6.76
N PRO B 391 -3.84 -49.85 -7.22
CA PRO B 391 -3.20 -50.99 -6.53
C PRO B 391 -1.68 -50.81 -6.44
N ARG B 392 -1.11 -51.01 -5.27
CA ARG B 392 0.33 -50.87 -5.07
C ARG B 392 1.19 -51.81 -5.93
N SER B 393 0.58 -52.90 -6.39
CA SER B 393 1.26 -53.86 -7.25
C SER B 393 1.46 -53.33 -8.67
N ASP B 394 0.94 -52.14 -8.94
CA ASP B 394 1.25 -51.47 -10.21
C ASP B 394 2.54 -50.67 -10.11
N ILE B 395 3.11 -50.64 -8.92
CA ILE B 395 4.46 -50.13 -8.71
C ILE B 395 5.45 -51.27 -8.89
N LEU B 396 6.28 -51.18 -9.93
CA LEU B 396 7.28 -52.22 -10.20
C LEU B 396 8.67 -51.80 -9.72
N ALA B 397 9.06 -52.32 -8.57
CA ALA B 397 10.35 -51.95 -7.97
C ALA B 397 11.41 -52.95 -8.42
N PHE B 398 12.61 -52.46 -8.67
CA PHE B 398 13.69 -53.32 -9.17
C PHE B 398 15.02 -53.13 -8.44
N ALA B 399 15.57 -54.23 -7.97
CA ALA B 399 16.95 -54.22 -7.54
C ALA B 399 17.78 -54.62 -8.76
N LEU B 400 18.89 -53.91 -8.96
CA LEU B 400 19.69 -54.06 -10.15
C LEU B 400 21.15 -54.20 -9.78
N PRO B 401 21.49 -55.33 -9.16
CA PRO B 401 22.87 -55.54 -8.68
C PRO B 401 23.89 -55.48 -9.80
N GLY B 402 25.01 -54.82 -9.56
CA GLY B 402 26.07 -54.73 -10.56
C GLY B 402 27.31 -55.54 -10.20
N PHE B 403 28.42 -54.83 -10.00
CA PHE B 403 29.61 -55.39 -9.39
C PHE B 403 29.78 -54.75 -8.02
N ASN B 411 19.98 -54.77 1.43
CA ASN B 411 18.84 -55.59 1.82
C ASN B 411 17.65 -54.74 2.26
N ASN B 412 17.94 -53.47 2.53
CA ASN B 412 16.88 -52.56 2.92
C ASN B 412 15.87 -52.41 1.81
N ALA B 413 16.37 -52.46 0.59
CA ALA B 413 15.50 -52.28 -0.59
C ALA B 413 14.38 -53.32 -0.69
N ILE B 414 14.74 -54.60 -0.63
CA ILE B 414 13.70 -55.60 -0.74
C ILE B 414 12.80 -55.62 0.51
N LYS B 415 13.37 -55.39 1.69
CA LYS B 415 12.59 -55.34 2.93
C LYS B 415 11.47 -54.29 2.81
N LEU B 416 11.85 -53.08 2.36
CA LEU B 416 10.93 -51.97 2.20
C LEU B 416 9.83 -52.29 1.21
N ALA B 417 10.22 -52.82 0.06
CA ALA B 417 9.30 -53.13 -1.01
C ALA B 417 8.28 -54.17 -0.56
N ARG B 418 8.76 -55.26 0.07
CA ARG B 418 7.90 -56.30 0.63
C ARG B 418 6.95 -55.78 1.70
N ALA B 419 7.43 -54.89 2.57
CA ALA B 419 6.58 -54.26 3.60
C ALA B 419 5.48 -53.33 3.04
N LEU B 420 5.78 -52.61 1.95
CA LEU B 420 4.79 -51.76 1.32
C LEU B 420 3.82 -52.57 0.46
N GLY B 421 4.32 -53.69 -0.06
CA GLY B 421 3.51 -54.55 -0.89
C GLY B 421 3.44 -54.16 -2.34
N VAL B 422 4.50 -53.51 -2.83
CA VAL B 422 4.64 -53.20 -4.26
C VAL B 422 5.20 -54.45 -4.89
N THR B 423 5.27 -54.51 -6.22
CA THR B 423 5.80 -55.69 -6.90
C THR B 423 7.33 -55.63 -6.99
N PHE B 424 8.01 -56.61 -6.40
CA PHE B 424 9.46 -56.56 -6.34
C PHE B 424 10.10 -57.51 -7.31
N SER B 425 11.29 -57.17 -7.74
CA SER B 425 11.97 -57.98 -8.73
C SER B 425 13.47 -57.65 -8.80
N GLU B 426 14.28 -58.67 -9.02
CA GLU B 426 15.75 -58.45 -9.15
C GLU B 426 16.19 -58.76 -10.57
N ILE B 427 17.04 -57.90 -11.10
CA ILE B 427 17.65 -58.13 -12.40
C ILE B 427 19.14 -57.80 -12.32
N ASP B 428 19.97 -58.83 -12.48
CA ASP B 428 21.42 -58.67 -12.39
C ASP B 428 21.96 -58.19 -13.73
N ILE B 429 22.64 -57.05 -13.69
CA ILE B 429 23.04 -56.38 -14.92
C ILE B 429 24.50 -56.66 -15.17
N GLY B 430 25.12 -57.38 -14.25
CA GLY B 430 26.51 -57.77 -14.41
C GLY B 430 26.86 -58.30 -15.80
N ASP B 431 26.11 -59.28 -16.30
CA ASP B 431 26.46 -59.92 -17.59
C ASP B 431 26.24 -58.95 -18.74
N THR B 432 25.18 -58.16 -18.64
CA THR B 432 24.93 -57.22 -19.69
C THR B 432 26.10 -56.24 -19.70
N ALA B 433 26.53 -55.85 -18.51
CA ALA B 433 27.70 -54.98 -18.35
C ALA B 433 29.00 -55.56 -18.93
N ARG B 434 29.29 -56.81 -18.57
CA ARG B 434 30.50 -57.47 -19.07
C ARG B 434 30.51 -57.52 -20.60
N LEU B 435 29.36 -57.90 -21.18
CA LEU B 435 29.21 -57.94 -22.62
C LEU B 435 29.52 -56.57 -23.25
N MET B 436 28.93 -55.52 -22.69
CA MET B 436 29.13 -54.16 -23.21
C MET B 436 30.57 -53.68 -23.01
N LEU B 437 31.13 -53.92 -21.83
CA LEU B 437 32.52 -53.56 -21.58
C LEU B 437 33.48 -54.24 -22.56
N HIS B 438 33.22 -55.49 -22.86
CA HIS B 438 34.07 -56.18 -23.83
C HIS B 438 33.86 -55.67 -25.26
N THR B 439 32.62 -55.37 -25.61
CA THR B 439 32.30 -54.95 -26.97
C THR B 439 32.93 -53.60 -27.34
N ILE B 440 33.05 -52.69 -26.38
CA ILE B 440 33.74 -51.42 -26.62
C ILE B 440 35.24 -51.49 -26.28
N GLY B 441 35.74 -52.69 -25.96
CA GLY B 441 37.16 -52.93 -25.67
C GLY B 441 37.75 -52.33 -24.39
N HIS B 442 36.99 -52.38 -23.29
CA HIS B 442 37.45 -51.81 -22.00
C HIS B 442 38.36 -52.82 -21.29
N PRO B 443 39.53 -52.36 -20.84
CA PRO B 443 40.56 -53.29 -20.30
C PRO B 443 40.05 -54.27 -19.23
N TYR B 444 38.89 -53.98 -18.62
CA TYR B 444 38.30 -54.85 -17.60
C TYR B 444 37.89 -56.21 -18.16
N SER B 445 37.17 -56.20 -19.28
CA SER B 445 36.79 -57.43 -19.95
C SER B 445 37.97 -58.41 -20.22
N VAL B 446 39.21 -57.91 -20.26
CA VAL B 446 40.38 -58.80 -20.29
C VAL B 446 41.19 -58.76 -19.00
N GLY B 447 40.50 -58.48 -17.89
CA GLY B 447 41.11 -58.66 -16.58
C GLY B 447 41.55 -57.44 -15.80
N GLU B 448 42.11 -56.42 -16.45
CA GLU B 448 42.67 -55.26 -15.67
C GLU B 448 41.64 -54.62 -14.72
N LYS B 449 42.08 -54.29 -13.50
CA LYS B 449 41.14 -53.74 -12.52
C LYS B 449 40.99 -52.21 -12.67
N VAL B 450 40.54 -51.82 -13.86
CA VAL B 450 40.42 -50.42 -14.32
C VAL B 450 39.00 -49.93 -14.05
N TYR B 451 38.79 -49.34 -12.88
CA TYR B 451 37.45 -48.95 -12.47
C TYR B 451 37.21 -47.51 -12.89
N ASP B 452 37.06 -47.35 -14.20
CA ASP B 452 37.02 -46.10 -14.96
C ASP B 452 35.82 -45.20 -14.60
N VAL B 453 35.78 -44.00 -15.15
CA VAL B 453 34.48 -43.36 -15.27
C VAL B 453 33.61 -44.26 -16.15
N THR B 454 34.24 -45.00 -17.08
CA THR B 454 33.45 -45.77 -18.02
C THR B 454 32.97 -47.07 -17.42
N PHE B 455 33.80 -47.67 -16.57
CA PHE B 455 33.38 -48.84 -15.80
C PHE B 455 32.14 -48.52 -14.96
N GLU B 456 32.22 -47.48 -14.13
CA GLU B 456 31.07 -47.07 -13.24
C GLU B 456 29.88 -46.63 -14.09
N ASN B 457 30.18 -45.95 -15.20
CA ASN B 457 29.13 -45.49 -16.10
C ASN B 457 28.35 -46.56 -16.89
N VAL B 458 29.05 -47.55 -17.42
CA VAL B 458 28.38 -48.61 -18.17
C VAL B 458 27.26 -49.21 -17.30
N GLN B 459 27.59 -49.42 -16.04
CA GLN B 459 26.63 -50.00 -15.12
C GLN B 459 25.51 -49.04 -14.82
N ALA B 460 25.85 -47.80 -14.48
CA ALA B 460 24.81 -46.82 -14.18
C ALA B 460 23.86 -46.69 -15.36
N GLY B 461 24.44 -46.55 -16.56
CA GLY B 461 23.69 -46.47 -17.80
C GLY B 461 22.79 -47.67 -18.01
N LEU B 462 23.35 -48.88 -17.87
CA LEU B 462 22.56 -50.08 -18.09
C LEU B 462 21.35 -50.19 -17.14
N ARG B 463 21.48 -49.68 -15.91
CA ARG B 463 20.32 -49.69 -15.05
C ARG B 463 19.18 -48.91 -15.69
N THR B 464 19.47 -47.69 -16.16
CA THR B 464 18.46 -46.83 -16.74
C THR B 464 17.94 -47.45 -18.03
N ASP B 465 18.85 -48.03 -18.80
CA ASP B 465 18.46 -48.72 -20.04
C ASP B 465 17.41 -49.78 -19.75
N TYR B 466 17.71 -50.66 -18.79
CA TYR B 466 16.76 -51.70 -18.39
C TYR B 466 15.40 -51.15 -17.92
N LEU B 467 15.44 -50.17 -17.02
CA LEU B 467 14.22 -49.59 -16.48
C LEU B 467 13.33 -49.06 -17.59
N PHE B 468 13.95 -48.38 -18.55
CA PHE B 468 13.21 -47.78 -19.68
C PHE B 468 12.57 -48.86 -20.53
N ARG B 469 13.31 -49.92 -20.77
CA ARG B 469 12.78 -50.95 -21.65
C ARG B 469 11.66 -51.70 -20.95
N ILE B 470 11.83 -51.90 -19.64
CA ILE B 470 10.79 -52.55 -18.84
C ILE B 470 9.54 -51.69 -18.90
N ALA B 471 9.73 -50.40 -18.68
CA ALA B 471 8.61 -49.47 -18.77
C ALA B 471 7.86 -49.54 -20.12
N ASN B 472 8.60 -49.66 -21.25
CA ASN B 472 7.94 -49.77 -22.57
C ASN B 472 7.17 -51.08 -22.60
N GLN B 473 7.79 -52.13 -22.05
CA GLN B 473 7.28 -53.48 -22.14
C GLN B 473 6.05 -53.63 -21.25
N ARG B 474 6.14 -53.17 -20.01
CA ARG B 474 5.12 -53.50 -19.02
C ARG B 474 4.08 -52.39 -18.89
N GLY B 475 4.20 -51.38 -19.76
CA GLY B 475 3.30 -50.24 -19.81
C GLY B 475 3.43 -49.20 -18.70
N GLY B 476 4.66 -48.84 -18.35
CA GLY B 476 4.90 -47.91 -17.26
C GLY B 476 5.68 -46.65 -17.60
N ILE B 477 5.94 -45.82 -16.59
CA ILE B 477 6.90 -44.73 -16.73
C ILE B 477 8.02 -44.93 -15.71
N VAL B 478 9.22 -44.45 -16.03
CA VAL B 478 10.33 -44.60 -15.08
C VAL B 478 10.43 -43.41 -14.15
N LEU B 479 10.34 -43.66 -12.84
CA LEU B 479 10.50 -42.58 -11.85
C LEU B 479 11.97 -42.24 -11.68
N GLY B 480 12.33 -40.98 -11.84
CA GLY B 480 13.66 -40.54 -11.47
C GLY B 480 13.77 -40.46 -9.94
N THR B 481 15.00 -40.51 -9.46
CA THR B 481 15.25 -40.40 -8.04
C THR B 481 16.29 -39.31 -7.68
N GLY B 482 17.02 -38.79 -8.68
CA GLY B 482 18.03 -37.77 -8.44
C GLY B 482 17.51 -36.55 -7.71
N ASP B 483 18.28 -36.08 -6.73
CA ASP B 483 17.89 -34.93 -5.91
C ASP B 483 18.50 -33.62 -6.40
N LEU B 484 18.03 -32.51 -5.86
CA LEU B 484 18.44 -31.17 -6.30
C LEU B 484 19.95 -30.92 -6.11
N SER B 485 20.51 -31.40 -5.02
CA SER B 485 21.95 -31.21 -4.75
C SER B 485 22.80 -31.90 -5.80
N GLU B 486 22.31 -33.07 -6.25
CA GLU B 486 22.92 -33.81 -7.39
C GLU B 486 22.75 -33.03 -8.70
N LEU B 487 21.60 -32.39 -8.88
CA LEU B 487 21.40 -31.58 -10.07
C LEU B 487 22.34 -30.39 -10.06
N ALA B 488 22.55 -29.82 -8.87
CA ALA B 488 23.34 -28.60 -8.73
C ALA B 488 24.78 -28.88 -9.09
N LEU B 489 25.28 -30.02 -8.61
CA LEU B 489 26.69 -30.32 -8.75
C LEU B 489 27.07 -31.14 -10.00
N GLY B 490 26.08 -31.60 -10.76
CA GLY B 490 26.31 -32.47 -11.91
C GLY B 490 26.78 -33.87 -11.52
N TRP B 491 26.31 -34.33 -10.36
CA TRP B 491 26.63 -35.65 -9.81
C TRP B 491 25.53 -36.63 -10.25
N SER B 492 25.60 -37.02 -11.52
CA SER B 492 24.55 -37.70 -12.26
C SER B 492 25.27 -38.40 -13.40
N THR B 493 24.70 -39.46 -13.93
CA THR B 493 25.24 -40.00 -15.17
C THR B 493 24.29 -39.58 -16.23
N TYR B 494 24.79 -38.68 -17.10
CA TYR B 494 23.91 -37.93 -17.99
C TYR B 494 23.45 -38.73 -19.19
N GLY B 495 22.14 -38.62 -19.43
CA GLY B 495 21.52 -39.02 -20.66
C GLY B 495 21.04 -40.45 -20.63
N VAL B 496 21.99 -41.37 -20.80
CA VAL B 496 21.75 -42.77 -20.56
C VAL B 496 22.34 -43.04 -19.19
N GLY B 497 21.51 -42.90 -18.16
CA GLY B 497 22.00 -42.86 -16.80
C GLY B 497 20.90 -42.34 -15.90
N ASP B 498 21.26 -42.12 -14.64
CA ASP B 498 20.29 -41.81 -13.57
C ASP B 498 19.72 -40.38 -13.62
N GLN B 499 20.33 -39.55 -14.46
CA GLN B 499 19.86 -38.18 -14.69
C GLN B 499 18.50 -38.21 -15.43
N MET B 500 18.29 -39.29 -16.18
CA MET B 500 17.20 -39.37 -17.15
C MET B 500 16.03 -40.22 -16.62
N SER B 501 14.80 -39.82 -16.92
CA SER B 501 13.63 -40.53 -16.40
C SER B 501 12.39 -39.97 -17.07
N HIS B 502 11.21 -40.47 -16.69
CA HIS B 502 9.95 -39.96 -17.27
C HIS B 502 9.31 -38.88 -16.42
N TYR B 503 9.67 -38.89 -15.15
CA TYR B 503 9.14 -37.97 -14.16
C TYR B 503 9.98 -38.07 -12.88
N ASN B 504 10.47 -36.95 -12.37
CA ASN B 504 11.40 -37.00 -11.25
C ASN B 504 10.86 -36.30 -9.99
N VAL B 505 10.29 -37.09 -9.08
CA VAL B 505 9.70 -36.51 -7.88
C VAL B 505 10.74 -35.86 -6.94
N ASN B 506 12.02 -36.24 -7.04
CA ASN B 506 13.05 -35.70 -6.14
C ASN B 506 13.85 -34.51 -6.66
N ALA B 507 13.57 -34.08 -7.89
CA ALA B 507 14.42 -33.10 -8.58
C ALA B 507 14.61 -31.80 -7.81
N GLY B 508 13.55 -31.34 -7.16
CA GLY B 508 13.60 -30.10 -6.39
C GLY B 508 13.90 -30.23 -4.91
N VAL B 509 14.10 -31.45 -4.42
CA VAL B 509 14.46 -31.61 -3.01
C VAL B 509 15.96 -31.73 -2.82
N PRO B 510 16.57 -30.80 -2.08
CA PRO B 510 18.02 -30.90 -1.87
C PRO B 510 18.37 -32.04 -0.93
N LYS B 511 19.60 -32.50 -0.99
CA LYS B 511 19.95 -33.67 -0.20
C LYS B 511 19.76 -33.48 1.33
N THR B 512 20.07 -32.28 1.83
CA THR B 512 19.98 -32.02 3.26
C THR B 512 18.56 -32.16 3.79
N LEU B 513 17.58 -31.94 2.92
CA LEU B 513 16.17 -32.10 3.30
C LEU B 513 15.66 -33.54 3.19
N ILE B 514 16.22 -34.32 2.27
CA ILE B 514 15.72 -35.68 2.07
C ILE B 514 15.61 -36.46 3.38
N GLN B 515 16.70 -36.52 4.14
CA GLN B 515 16.72 -37.29 5.37
C GLN B 515 15.57 -36.85 6.30
N HIS B 516 15.28 -35.55 6.32
CA HIS B 516 14.19 -35.03 7.15
C HIS B 516 12.80 -35.35 6.66
N LEU B 517 12.60 -35.36 5.35
CA LEU B 517 11.37 -35.91 4.76
C LEU B 517 11.11 -37.38 5.22
N ILE B 518 12.12 -38.25 5.13
CA ILE B 518 11.95 -39.65 5.53
C ILE B 518 11.57 -39.70 7.03
N ARG B 519 12.39 -39.06 7.84
CA ARG B 519 12.16 -38.94 9.27
C ARG B 519 10.68 -38.56 9.53
N TRP B 520 10.18 -37.59 8.74
CA TRP B 520 8.81 -37.08 8.84
C TRP B 520 7.78 -38.19 8.54
N VAL B 521 8.06 -39.04 7.57
CA VAL B 521 7.10 -40.06 7.12
C VAL B 521 6.91 -41.14 8.15
N ILE B 522 8.02 -41.47 8.79
CA ILE B 522 8.06 -42.35 9.95
C ILE B 522 7.25 -41.73 11.06
N SER B 523 7.52 -40.47 11.36
CA SER B 523 6.82 -39.80 12.43
C SER B 523 5.31 -39.69 12.21
N ALA B 524 4.88 -39.36 10.99
CA ALA B 524 3.45 -39.38 10.70
C ALA B 524 2.95 -40.80 10.99
N GLY B 525 3.81 -41.77 10.69
CA GLY B 525 3.53 -43.16 10.99
C GLY B 525 2.49 -43.75 10.06
N GLU B 526 2.34 -43.12 8.91
CA GLU B 526 1.22 -43.43 8.01
C GLU B 526 1.21 -44.84 7.37
N PHE B 527 2.39 -45.40 7.10
CA PHE B 527 2.51 -46.69 6.42
C PHE B 527 2.65 -47.91 7.38
N GLY B 528 2.50 -47.65 8.68
CA GLY B 528 2.55 -48.74 9.64
C GLY B 528 3.91 -48.98 10.27
N GLU B 529 3.91 -49.79 11.33
CA GLU B 529 5.14 -50.04 12.10
C GLU B 529 6.17 -50.79 11.27
N LYS B 530 5.75 -51.82 10.53
CA LYS B 530 6.77 -52.59 9.81
C LYS B 530 7.48 -51.65 8.83
N VAL B 531 6.73 -50.82 8.08
CA VAL B 531 7.39 -49.91 7.13
C VAL B 531 8.30 -48.92 7.85
N GLY B 532 7.78 -48.31 8.91
CA GLY B 532 8.58 -47.37 9.69
C GLY B 532 9.92 -47.96 10.08
N GLU B 533 9.90 -49.23 10.48
CA GLU B 533 11.16 -49.87 10.91
C GLU B 533 12.19 -49.98 9.78
N VAL B 534 11.77 -50.42 8.60
CA VAL B 534 12.70 -50.45 7.46
C VAL B 534 13.21 -49.05 7.14
N LEU B 535 12.28 -48.09 7.06
CA LEU B 535 12.64 -46.71 6.75
C LEU B 535 13.72 -46.25 7.74
N GLN B 536 13.47 -46.51 9.03
CA GLN B 536 14.39 -46.14 10.09
C GLN B 536 15.77 -46.78 9.88
N SER B 537 15.76 -48.04 9.48
CA SER B 537 17.00 -48.70 9.15
C SER B 537 17.71 -48.02 7.97
N VAL B 538 16.97 -47.65 6.92
CA VAL B 538 17.59 -46.92 5.82
C VAL B 538 18.34 -45.70 6.37
N LEU B 539 17.72 -44.99 7.29
CA LEU B 539 18.35 -43.78 7.81
C LEU B 539 19.65 -44.16 8.49
N ASP B 540 19.54 -45.06 9.46
CA ASP B 540 20.68 -45.51 10.30
C ASP B 540 21.83 -46.07 9.49
N THR B 541 21.50 -46.87 8.48
CA THR B 541 22.50 -47.40 7.56
C THR B 541 23.18 -46.33 6.70
N GLU B 542 22.38 -45.51 6.04
CA GLU B 542 22.92 -44.60 5.00
C GLU B 542 23.55 -43.33 5.54
N ILE B 543 23.48 -43.10 6.84
CA ILE B 543 23.96 -41.83 7.37
C ILE B 543 25.03 -42.04 8.42
N THR B 544 26.22 -41.50 8.15
CA THR B 544 27.29 -41.68 9.11
C THR B 544 28.23 -40.47 9.08
N ALA B 560 31.85 -37.07 -2.02
CA ALA B 560 33.12 -36.66 -1.37
C ALA B 560 34.33 -36.47 -2.31
N LYS B 561 34.04 -36.32 -3.61
CA LYS B 561 34.90 -35.61 -4.57
C LYS B 561 34.24 -34.25 -4.74
N VAL B 562 33.02 -34.13 -4.21
CA VAL B 562 32.26 -32.91 -4.31
C VAL B 562 32.01 -32.17 -2.99
N GLY B 563 32.58 -32.67 -1.88
CA GLY B 563 32.41 -32.02 -0.59
C GLY B 563 31.17 -32.45 0.20
N PRO B 564 31.12 -32.06 1.48
CA PRO B 564 29.92 -32.25 2.31
C PRO B 564 28.70 -31.56 1.71
N PHE B 565 27.61 -32.30 1.53
CA PHE B 565 26.42 -31.70 0.94
C PHE B 565 25.82 -30.59 1.79
N ALA B 566 26.12 -30.59 3.08
CA ALA B 566 25.67 -29.51 3.95
C ALA B 566 26.25 -28.17 3.51
N LEU B 567 27.55 -28.14 3.21
CA LEU B 567 28.18 -26.92 2.66
C LEU B 567 27.73 -26.60 1.24
N GLN B 568 27.60 -27.62 0.39
CA GLN B 568 27.16 -27.34 -0.99
C GLN B 568 25.71 -26.94 -1.10
N ASP B 569 24.84 -27.47 -0.24
CA ASP B 569 23.46 -27.01 -0.19
C ASP B 569 23.37 -25.58 0.33
N PHE B 570 24.31 -25.21 1.20
CA PHE B 570 24.37 -23.83 1.71
C PHE B 570 24.71 -22.91 0.54
N SER B 571 25.81 -23.19 -0.12
CA SER B 571 26.20 -22.39 -1.29
C SER B 571 25.13 -22.38 -2.38
N LEU B 572 24.48 -23.52 -2.60
CA LEU B 572 23.43 -23.58 -3.62
C LEU B 572 22.32 -22.56 -3.32
N PHE B 573 21.83 -22.52 -2.09
CA PHE B 573 20.74 -21.61 -1.75
C PHE B 573 21.17 -20.16 -1.99
N GLN B 574 22.36 -19.76 -1.51
CA GLN B 574 22.87 -18.41 -1.76
C GLN B 574 22.89 -18.02 -3.27
N VAL B 575 23.42 -18.91 -4.12
CA VAL B 575 23.51 -18.66 -5.54
C VAL B 575 22.13 -18.64 -6.23
N LEU B 576 21.36 -19.69 -5.98
CA LEU B 576 20.09 -19.86 -6.66
C LEU B 576 19.04 -18.81 -6.33
N ARG B 577 19.07 -18.29 -5.11
CA ARG B 577 18.05 -17.32 -4.65
C ARG B 577 18.50 -15.87 -4.81
N TYR B 578 19.73 -15.59 -4.41
CA TYR B 578 20.24 -14.22 -4.29
C TYR B 578 21.35 -13.86 -5.30
N GLY B 579 22.01 -14.87 -5.85
CA GLY B 579 23.12 -14.64 -6.75
C GLY B 579 24.31 -13.98 -6.06
N PHE B 580 24.47 -14.21 -4.75
CA PHE B 580 25.58 -13.62 -4.01
C PHE B 580 26.93 -14.04 -4.56
N ARG B 581 27.90 -13.12 -4.46
CA ARG B 581 29.25 -13.42 -4.90
C ARG B 581 29.93 -14.41 -3.93
N PRO B 582 30.98 -15.08 -4.41
CA PRO B 582 31.61 -16.11 -3.57
C PRO B 582 32.13 -15.65 -2.21
N SER B 583 32.89 -14.55 -2.13
CA SER B 583 33.34 -14.04 -0.84
C SER B 583 32.16 -13.85 0.15
N LYS B 584 31.03 -13.34 -0.36
CA LYS B 584 29.82 -13.19 0.47
C LYS B 584 29.26 -14.53 0.98
N ILE B 585 29.28 -15.56 0.13
CA ILE B 585 28.78 -16.86 0.53
C ILE B 585 29.70 -17.45 1.59
N ALA B 586 31.01 -17.26 1.44
CA ALA B 586 32.00 -17.76 2.40
C ALA B 586 31.87 -17.07 3.75
N PHE B 587 31.67 -15.76 3.72
CA PHE B 587 31.43 -15.03 4.96
C PHE B 587 30.20 -15.59 5.68
N LEU B 588 29.08 -15.73 4.99
CA LEU B 588 27.86 -16.31 5.57
C LEU B 588 28.06 -17.75 6.09
N ALA B 589 28.66 -18.61 5.27
CA ALA B 589 28.80 -20.01 5.68
C ALA B 589 29.67 -20.12 6.92
N TRP B 590 30.75 -19.36 6.93
CA TRP B 590 31.68 -19.38 8.06
C TRP B 590 30.97 -19.02 9.35
N HIS B 591 30.26 -17.89 9.35
CA HIS B 591 29.49 -17.50 10.52
C HIS B 591 28.49 -18.60 10.94
N ALA B 592 27.88 -19.30 9.98
CA ALA B 592 26.97 -20.37 10.34
C ALA B 592 27.71 -21.65 10.87
N TRP B 593 28.81 -22.03 10.22
CA TRP B 593 29.38 -23.38 10.47
C TRP B 593 30.61 -23.52 11.33
N ASN B 594 31.38 -22.44 11.49
CA ASN B 594 32.73 -22.56 12.05
C ASN B 594 32.76 -22.99 13.51
N ASP B 595 31.65 -22.81 14.22
CA ASP B 595 31.59 -23.15 15.64
C ASP B 595 30.35 -24.00 15.92
N ALA B 596 30.57 -25.24 16.32
CA ALA B 596 29.44 -26.17 16.45
C ALA B 596 28.54 -25.90 17.66
N GLU B 597 29.10 -25.26 18.69
CA GLU B 597 28.27 -24.80 19.86
C GLU B 597 27.42 -23.56 19.58
N ARG B 598 27.73 -22.79 18.55
CA ARG B 598 26.95 -21.58 18.29
C ARG B 598 25.76 -21.89 17.40
N GLY B 599 24.74 -21.04 17.43
CA GLY B 599 23.51 -21.26 16.70
C GLY B 599 22.78 -22.57 16.97
N ASN B 600 21.87 -22.93 16.07
CA ASN B 600 21.04 -24.09 16.29
C ASN B 600 21.12 -25.14 15.22
N TRP B 601 20.94 -26.37 15.67
CA TRP B 601 20.87 -27.47 14.77
C TRP B 601 19.42 -27.90 14.67
N PRO B 602 19.01 -28.36 13.49
CA PRO B 602 17.69 -28.97 13.36
C PRO B 602 17.62 -30.21 14.25
N PRO B 603 16.43 -30.82 14.38
CA PRO B 603 16.32 -32.10 15.09
C PRO B 603 17.06 -33.21 14.34
N GLY B 604 17.50 -34.26 15.03
CA GLY B 604 18.08 -35.45 14.38
C GLY B 604 19.57 -35.42 14.14
N PHE B 605 20.28 -34.53 14.83
CA PHE B 605 21.73 -34.47 14.75
C PHE B 605 22.35 -34.82 16.07
N PRO B 606 22.64 -36.12 16.28
CA PRO B 606 23.33 -36.55 17.49
C PRO B 606 24.65 -35.81 17.57
N LYS B 607 25.07 -35.44 18.77
CA LYS B 607 26.23 -34.55 18.95
C LYS B 607 27.55 -35.07 18.32
N SER B 608 27.60 -36.35 17.96
CA SER B 608 28.78 -36.89 17.29
C SER B 608 28.73 -36.63 15.80
N GLU B 609 27.63 -36.06 15.32
CA GLU B 609 27.46 -35.67 13.87
C GLU B 609 27.15 -34.17 13.74
N ARG B 610 27.94 -33.41 14.50
CA ARG B 610 27.78 -31.97 14.54
C ARG B 610 29.16 -31.32 14.30
N PRO B 611 29.59 -31.37 13.04
CA PRO B 611 30.90 -30.90 12.58
C PRO B 611 31.04 -29.38 12.51
N SER B 612 32.29 -28.96 12.61
CA SER B 612 32.68 -27.57 12.44
C SER B 612 33.52 -27.51 11.18
N TYR B 613 33.28 -26.53 10.30
CA TYR B 613 34.17 -26.31 9.15
C TYR B 613 35.01 -25.05 9.32
N SER B 614 36.27 -25.09 8.85
CA SER B 614 37.13 -23.90 8.91
C SER B 614 36.97 -23.06 7.65
N LEU B 615 37.47 -21.83 7.69
CA LEU B 615 37.45 -20.99 6.49
C LEU B 615 38.12 -21.77 5.37
N ALA B 616 39.31 -22.31 5.67
CA ALA B 616 40.04 -23.03 4.63
C ALA B 616 39.21 -24.09 3.94
N GLU B 617 38.30 -24.72 4.68
CA GLU B 617 37.48 -25.83 4.12
C GLU B 617 36.35 -25.29 3.31
N ILE B 618 35.73 -24.26 3.87
CA ILE B 618 34.56 -23.64 3.29
C ILE B 618 34.97 -23.04 1.96
N ARG B 619 36.18 -22.46 1.95
CA ARG B 619 36.82 -21.89 0.76
C ARG B 619 37.05 -22.98 -0.28
N HIS B 620 37.62 -24.08 0.17
CA HIS B 620 37.95 -25.19 -0.73
C HIS B 620 36.71 -25.73 -1.45
N TRP B 621 35.69 -26.09 -0.68
CA TRP B 621 34.42 -26.60 -1.22
C TRP B 621 33.67 -25.62 -2.11
N LEU B 622 33.81 -24.34 -1.83
CA LEU B 622 33.17 -23.31 -2.61
C LEU B 622 33.86 -23.13 -3.96
N GLN B 623 35.18 -23.34 -4.01
CA GLN B 623 35.88 -23.31 -5.30
C GLN B 623 35.33 -24.43 -6.15
N ILE B 624 35.20 -25.62 -5.54
CA ILE B 624 34.62 -26.78 -6.25
C ILE B 624 33.20 -26.43 -6.67
N PHE B 625 32.44 -25.83 -5.75
CA PHE B 625 31.04 -25.52 -6.05
C PHE B 625 30.88 -24.61 -7.27
N VAL B 626 31.64 -23.52 -7.34
CA VAL B 626 31.37 -22.52 -8.37
C VAL B 626 31.71 -23.07 -9.74
N GLN B 627 32.88 -23.69 -9.81
CA GLN B 627 33.33 -24.41 -10.98
C GLN B 627 32.27 -25.39 -11.49
N ARG B 628 31.75 -26.22 -10.59
CA ARG B 628 30.80 -27.25 -11.02
C ARG B 628 29.42 -26.67 -11.36
N PHE B 629 28.99 -25.68 -10.59
CA PHE B 629 27.62 -25.18 -10.77
C PHE B 629 27.46 -24.25 -11.96
N TYR B 630 28.39 -23.30 -12.09
CA TYR B 630 28.27 -22.28 -13.12
C TYR B 630 28.74 -22.76 -14.51
N SER B 631 29.61 -23.78 -14.54
CA SER B 631 30.31 -24.15 -15.76
C SER B 631 30.08 -25.62 -16.13
N PHE B 632 30.62 -26.55 -15.34
CA PHE B 632 30.55 -27.95 -15.74
C PHE B 632 29.16 -28.59 -15.92
N SER B 633 28.22 -28.27 -15.05
CA SER B 633 27.08 -29.14 -14.83
C SER B 633 25.81 -28.70 -15.54
N GLN B 634 25.79 -27.46 -16.01
CA GLN B 634 24.55 -26.98 -16.57
C GLN B 634 23.98 -27.90 -17.66
N PHE B 635 24.85 -28.43 -18.53
CA PHE B 635 24.36 -29.25 -19.64
C PHE B 635 23.49 -30.41 -19.21
N LYS B 636 23.78 -30.99 -18.04
CA LYS B 636 22.98 -32.10 -17.50
C LYS B 636 21.62 -31.64 -17.01
N ARG B 637 21.56 -30.39 -16.56
CA ARG B 637 20.31 -29.75 -16.13
C ARG B 637 19.47 -29.35 -17.32
N SER B 638 20.15 -29.05 -18.42
CA SER B 638 19.51 -28.46 -19.60
C SER B 638 18.45 -29.38 -20.23
N ALA B 639 18.72 -30.68 -20.19
CA ALA B 639 17.77 -31.66 -20.69
C ALA B 639 17.19 -32.43 -19.51
N LEU B 640 16.31 -31.79 -18.77
CA LEU B 640 15.81 -32.34 -17.53
C LEU B 640 14.40 -32.86 -17.68
N PRO B 641 14.14 -34.08 -17.18
CA PRO B 641 12.76 -34.57 -17.14
C PRO B 641 11.86 -33.68 -16.25
N ASN B 642 10.55 -33.80 -16.43
CA ASN B 642 9.59 -33.10 -15.58
C ASN B 642 9.62 -33.49 -14.08
N GLY B 643 9.02 -32.66 -13.25
CA GLY B 643 9.01 -32.83 -11.80
C GLY B 643 8.78 -31.49 -11.11
N PRO B 644 8.15 -31.50 -9.91
CA PRO B 644 7.71 -30.27 -9.20
C PRO B 644 8.79 -29.48 -8.46
N LYS B 645 8.74 -28.17 -8.57
CA LYS B 645 9.53 -27.27 -7.73
C LYS B 645 9.03 -27.43 -6.29
N VAL B 646 9.94 -27.36 -5.32
CA VAL B 646 9.59 -27.62 -3.91
C VAL B 646 9.95 -26.46 -2.99
N SER B 647 11.24 -26.14 -2.94
CA SER B 647 11.77 -25.13 -2.03
C SER B 647 11.57 -23.70 -2.52
N HIS B 648 11.26 -22.77 -1.61
CA HIS B 648 11.22 -21.34 -1.96
C HIS B 648 12.60 -20.86 -2.40
N GLY B 649 13.66 -21.51 -1.93
CA GLY B 649 14.99 -21.19 -2.42
C GLY B 649 15.14 -21.34 -3.93
N GLY B 650 14.31 -22.21 -4.52
CA GLY B 650 14.35 -22.45 -5.95
C GLY B 650 14.50 -23.90 -6.32
N ALA B 651 14.37 -24.18 -7.61
CA ALA B 651 14.63 -25.50 -8.15
C ALA B 651 15.55 -25.28 -9.37
N LEU B 652 16.01 -26.33 -10.03
CA LEU B 652 16.97 -26.10 -11.11
C LEU B 652 16.46 -26.38 -12.54
N SER B 653 15.15 -26.24 -12.76
CA SER B 653 14.56 -26.56 -14.06
C SER B 653 14.94 -25.52 -15.11
N PRO B 654 15.44 -25.96 -16.28
CA PRO B 654 15.83 -24.95 -17.27
C PRO B 654 14.57 -24.34 -17.88
N ARG B 655 13.42 -24.90 -17.50
CA ARG B 655 12.12 -24.39 -17.89
C ARG B 655 11.55 -23.46 -16.85
N GLY B 656 12.15 -23.44 -15.67
CA GLY B 656 11.71 -22.60 -14.56
C GLY B 656 12.75 -21.65 -13.95
N ASP B 657 13.34 -22.01 -12.80
CA ASP B 657 14.13 -21.04 -12.00
C ASP B 657 15.51 -20.75 -12.51
N TRP B 658 16.09 -21.68 -13.26
CA TRP B 658 17.46 -21.47 -13.67
C TRP B 658 17.70 -21.63 -15.16
N ARG B 659 17.71 -20.50 -15.86
CA ARG B 659 18.03 -20.46 -17.29
C ARG B 659 19.49 -20.09 -17.47
N ALA B 660 20.31 -20.99 -18.01
CA ALA B 660 21.72 -20.65 -18.08
C ALA B 660 22.47 -21.38 -19.18
N PRO B 661 23.61 -20.79 -19.61
CA PRO B 661 24.40 -21.34 -20.71
C PRO B 661 24.98 -22.67 -20.29
N SER B 662 25.02 -23.62 -21.24
CA SER B 662 25.64 -24.90 -21.05
C SER B 662 27.12 -24.86 -21.36
N ASP B 663 27.63 -23.72 -21.86
CA ASP B 663 29.01 -23.68 -22.36
C ASP B 663 29.78 -22.49 -21.83
N MET B 664 29.66 -22.23 -20.53
CA MET B 664 30.32 -21.09 -19.94
C MET B 664 31.43 -21.48 -18.96
N SER B 665 32.48 -20.66 -18.91
CA SER B 665 33.54 -20.88 -17.94
C SER B 665 33.17 -20.24 -16.62
N ALA B 666 33.82 -20.67 -15.56
CA ALA B 666 33.54 -20.09 -14.24
C ALA B 666 34.69 -19.25 -13.75
N ARG B 667 35.55 -18.82 -14.67
CA ARG B 667 36.74 -18.06 -14.28
C ARG B 667 36.48 -16.91 -13.27
N ILE B 668 35.51 -16.04 -13.54
CA ILE B 668 35.37 -14.86 -12.71
C ILE B 668 35.01 -15.19 -11.26
N TRP B 669 34.23 -16.25 -11.04
CA TRP B 669 33.92 -16.65 -9.67
C TRP B 669 35.14 -17.18 -8.98
N LEU B 670 35.89 -18.05 -9.67
CA LEU B 670 37.13 -18.57 -9.07
C LEU B 670 38.10 -17.43 -8.78
N ASP B 671 38.17 -16.45 -9.66
CA ASP B 671 39.10 -15.38 -9.45
C ASP B 671 38.66 -14.51 -8.25
N GLN B 672 37.34 -14.41 -8.03
CA GLN B 672 36.82 -13.59 -6.93
C GLN B 672 37.18 -14.26 -5.59
N ILE B 673 37.19 -15.59 -5.58
CA ILE B 673 37.62 -16.30 -4.39
C ILE B 673 39.11 -16.06 -4.13
N ASP B 674 39.95 -16.13 -5.18
CA ASP B 674 41.40 -15.90 -5.05
C ASP B 674 41.66 -14.57 -4.38
N ARG B 675 41.01 -13.53 -4.93
CA ARG B 675 41.22 -12.15 -4.55
C ARG B 675 40.59 -11.81 -3.21
N GLU B 676 39.42 -12.37 -2.91
CA GLU B 676 38.62 -11.86 -1.74
C GLU B 676 38.54 -12.76 -0.49
N VAL B 677 38.60 -14.07 -0.66
CA VAL B 677 38.49 -14.97 0.48
C VAL B 677 39.88 -15.40 0.93
N PRO B 678 40.20 -15.18 2.21
CA PRO B 678 41.53 -15.49 2.71
C PRO B 678 41.76 -17.00 2.61
N LYS B 679 43.00 -17.44 2.68
CA LYS B 679 43.28 -18.87 2.54
C LYS B 679 42.90 -19.69 3.78
N GLY B 680 42.83 -19.04 4.94
CA GLY B 680 42.46 -19.69 6.18
C GLY B 680 42.13 -18.65 7.25
N SER C 1 -21.27 -26.74 -40.64
CA SER C 1 -21.68 -25.42 -40.16
C SER C 1 -21.02 -24.32 -40.98
N MET C 2 -19.73 -24.10 -40.74
CA MET C 2 -18.96 -23.12 -41.52
C MET C 2 -18.91 -23.55 -42.99
N ASN C 3 -18.98 -22.58 -43.89
CA ASN C 3 -18.69 -22.87 -45.28
C ASN C 3 -17.19 -22.92 -45.38
N PHE C 4 -16.67 -24.14 -45.49
CA PHE C 4 -15.24 -24.37 -45.38
C PHE C 4 -14.45 -23.70 -46.49
N TYR C 5 -15.08 -23.43 -47.64
CA TYR C 5 -14.33 -22.98 -48.81
C TYR C 5 -14.38 -21.47 -48.98
N SER C 6 -14.89 -20.78 -47.96
CA SER C 6 -15.11 -19.32 -48.00
C SER C 6 -13.95 -18.57 -47.37
N ALA C 7 -13.24 -17.79 -48.16
CA ALA C 7 -12.07 -17.09 -47.63
C ALA C 7 -12.44 -16.25 -46.42
N TYR C 8 -13.62 -15.65 -46.46
CA TYR C 8 -14.01 -14.68 -45.43
C TYR C 8 -14.20 -15.41 -44.11
N GLN C 9 -14.81 -16.60 -44.17
CA GLN C 9 -14.98 -17.36 -42.94
C GLN C 9 -13.69 -17.91 -42.34
N HIS C 10 -12.55 -17.79 -43.04
CA HIS C 10 -11.27 -18.19 -42.46
C HIS C 10 -10.42 -16.98 -42.19
N GLY C 11 -11.08 -15.82 -42.17
CA GLY C 11 -10.48 -14.60 -41.63
C GLY C 11 -9.63 -13.81 -42.60
N PHE C 12 -9.83 -14.12 -43.88
CA PHE C 12 -9.26 -13.32 -44.95
C PHE C 12 -10.18 -12.13 -45.18
N VAL C 13 -9.59 -11.06 -45.70
CA VAL C 13 -10.32 -9.89 -46.16
C VAL C 13 -9.68 -9.50 -47.50
N ARG C 14 -10.54 -9.37 -48.53
CA ARG C 14 -10.07 -9.13 -49.91
C ARG C 14 -9.96 -7.65 -50.19
N VAL C 15 -8.75 -7.20 -50.54
CA VAL C 15 -8.44 -5.81 -50.78
C VAL C 15 -7.92 -5.53 -52.18
N ALA C 16 -8.18 -4.32 -52.66
CA ALA C 16 -7.83 -3.91 -54.03
C ALA C 16 -7.14 -2.57 -54.05
N ALA C 17 -5.99 -2.49 -54.74
CA ALA C 17 -5.37 -1.21 -55.06
C ALA C 17 -5.55 -0.95 -56.55
N CYS C 18 -6.24 0.15 -56.87
CA CYS C 18 -6.62 0.43 -58.26
C CYS C 18 -5.91 1.65 -58.81
N THR C 19 -5.51 1.59 -60.08
CA THR C 19 -5.05 2.78 -60.78
C THR C 19 -6.01 3.06 -61.94
N HIS C 20 -6.78 4.13 -61.83
CA HIS C 20 -7.81 4.44 -62.83
C HIS C 20 -7.24 5.27 -63.96
N HIS C 21 -8.12 5.60 -64.88
CA HIS C 21 -7.73 6.50 -65.96
C HIS C 21 -7.97 7.96 -65.61
N THR C 22 -6.88 8.68 -65.39
CA THR C 22 -6.97 10.09 -65.04
C THR C 22 -7.35 10.89 -66.27
N THR C 23 -8.36 11.73 -66.09
CA THR C 23 -8.68 12.79 -67.07
C THR C 23 -8.56 14.15 -66.37
N ILE C 24 -7.43 14.84 -66.53
CA ILE C 24 -7.17 15.97 -65.64
C ILE C 24 -8.26 17.01 -65.79
N GLY C 25 -8.68 17.61 -64.66
CA GLY C 25 -9.67 18.67 -64.71
C GLY C 25 -11.06 18.24 -65.10
N ASP C 26 -11.29 16.93 -65.21
CA ASP C 26 -12.63 16.41 -65.53
C ASP C 26 -13.17 15.37 -64.47
N PRO C 27 -13.70 15.85 -63.33
CA PRO C 27 -14.13 14.94 -62.26
C PRO C 27 -15.19 13.91 -62.69
N ALA C 28 -16.14 14.29 -63.54
CA ALA C 28 -17.17 13.33 -64.00
C ALA C 28 -16.56 12.12 -64.69
N ALA C 29 -15.50 12.39 -65.45
CA ALA C 29 -14.76 11.36 -66.15
C ALA C 29 -14.03 10.49 -65.13
N ASN C 30 -13.31 11.12 -64.21
CA ASN C 30 -12.58 10.35 -63.24
C ASN C 30 -13.55 9.47 -62.44
N ALA C 31 -14.69 10.05 -62.06
CA ALA C 31 -15.71 9.33 -61.30
C ALA C 31 -16.18 8.10 -62.07
N ALA C 32 -16.33 8.26 -63.38
CA ALA C 32 -16.80 7.17 -64.23
C ALA C 32 -15.79 5.99 -64.23
N SER C 33 -14.51 6.32 -64.35
CA SER C 33 -13.46 5.31 -64.34
C SER C 33 -13.44 4.64 -62.96
N VAL C 34 -13.63 5.44 -61.91
CA VAL C 34 -13.66 4.90 -60.55
C VAL C 34 -14.86 3.98 -60.38
N LEU C 35 -16.03 4.39 -60.86
CA LEU C 35 -17.24 3.60 -60.69
C LEU C 35 -17.13 2.27 -61.38
N ASP C 36 -16.44 2.26 -62.50
CA ASP C 36 -16.33 1.06 -63.28
C ASP C 36 -15.36 0.10 -62.58
N MET C 37 -14.28 0.67 -62.06
CA MET C 37 -13.31 -0.15 -61.32
C MET C 37 -13.89 -0.66 -60.01
N ALA C 38 -14.68 0.17 -59.34
CA ALA C 38 -15.31 -0.25 -58.11
C ALA C 38 -16.26 -1.41 -58.35
N ARG C 39 -16.97 -1.38 -59.48
CA ARG C 39 -17.87 -2.47 -59.85
C ARG C 39 -17.14 -3.78 -60.10
N ALA C 40 -15.93 -3.69 -60.64
CA ALA C 40 -15.14 -4.91 -60.79
C ALA C 40 -14.76 -5.47 -59.42
N CYS C 41 -14.28 -4.58 -58.56
CA CYS C 41 -13.95 -4.94 -57.20
C CYS C 41 -15.14 -5.60 -56.49
N HIS C 42 -16.31 -5.03 -56.62
CA HIS C 42 -17.53 -5.63 -56.08
C HIS C 42 -17.73 -7.04 -56.62
N ASP C 43 -17.67 -7.16 -57.94
CA ASP C 43 -17.79 -8.47 -58.59
C ASP C 43 -16.76 -9.48 -58.04
N ASP C 44 -15.56 -9.00 -57.74
CA ASP C 44 -14.52 -9.87 -57.16
C ASP C 44 -14.68 -10.12 -55.66
N GLY C 45 -15.75 -9.58 -55.05
CA GLY C 45 -16.02 -9.70 -53.62
C GLY C 45 -15.01 -9.01 -52.71
N ALA C 46 -14.37 -7.95 -53.20
CA ALA C 46 -13.42 -7.19 -52.39
C ALA C 46 -14.10 -6.40 -51.28
N ALA C 47 -13.40 -6.19 -50.20
CA ALA C 47 -13.94 -5.40 -49.10
C ALA C 47 -13.48 -3.96 -49.14
N LEU C 48 -12.48 -3.69 -49.97
CA LEU C 48 -11.77 -2.43 -49.96
C LEU C 48 -11.22 -2.10 -51.35
N ALA C 49 -11.29 -0.82 -51.73
CA ALA C 49 -10.73 -0.41 -53.01
C ALA C 49 -10.07 0.96 -52.88
N VAL C 50 -8.75 1.00 -53.04
CA VAL C 50 -7.98 2.23 -52.85
C VAL C 50 -7.58 2.87 -54.18
N PHE C 51 -7.88 4.15 -54.35
CA PHE C 51 -7.55 4.81 -55.61
C PHE C 51 -6.38 5.77 -55.45
N PRO C 52 -5.91 6.34 -56.57
CA PRO C 52 -4.73 7.22 -56.50
C PRO C 52 -4.99 8.57 -55.85
N GLU C 53 -3.93 9.23 -55.42
CA GLU C 53 -4.04 10.62 -54.83
C GLU C 53 -4.91 11.60 -55.67
N LEU C 54 -5.74 12.39 -55.01
CA LEU C 54 -6.53 13.37 -55.71
C LEU C 54 -7.28 12.77 -56.93
N THR C 55 -7.77 11.55 -56.76
CA THR C 55 -8.46 10.85 -57.83
C THR C 55 -9.43 11.68 -58.67
N LEU C 56 -10.35 12.38 -58.01
CA LEU C 56 -11.49 12.98 -58.70
C LEU C 56 -11.13 14.20 -59.53
N SER C 57 -9.94 14.75 -59.30
CA SER C 57 -9.54 15.98 -59.97
C SER C 57 -8.34 15.77 -60.87
N GLY C 58 -7.54 14.77 -60.52
CA GLY C 58 -6.24 14.59 -61.13
C GLY C 58 -5.26 15.28 -60.20
N TYR C 59 -4.13 14.62 -59.91
CA TYR C 59 -3.16 15.15 -58.97
C TYR C 59 -2.30 16.26 -59.55
N SER C 60 -2.07 16.22 -60.85
CA SER C 60 -1.09 17.09 -61.50
C SER C 60 -1.59 18.46 -61.99
N ILE C 61 -2.84 18.83 -61.71
CA ILE C 61 -3.42 20.03 -62.29
C ILE C 61 -3.00 21.34 -61.60
N GLU C 62 -2.15 21.27 -60.60
CA GLU C 62 -1.58 22.51 -59.99
C GLU C 62 -2.63 23.57 -59.64
N ASP C 63 -2.47 24.81 -60.12
CA ASP C 63 -3.36 25.89 -59.72
C ASP C 63 -4.79 25.69 -60.21
N VAL C 64 -4.99 24.72 -61.09
CA VAL C 64 -6.37 24.46 -61.51
C VAL C 64 -7.18 23.89 -60.32
N LEU C 65 -6.45 23.44 -59.29
CA LEU C 65 -7.08 22.93 -58.10
C LEU C 65 -7.86 24.02 -57.38
N LEU C 66 -7.42 25.28 -57.56
CA LEU C 66 -8.05 26.46 -56.92
C LEU C 66 -9.24 27.09 -57.67
N GLN C 67 -9.59 26.51 -58.81
CA GLN C 67 -10.69 27.02 -59.60
C GLN C 67 -12.05 26.57 -59.10
N ASP C 68 -12.93 27.53 -58.85
CA ASP C 68 -14.24 27.24 -58.31
C ASP C 68 -14.97 26.16 -59.07
N SER C 69 -14.84 26.18 -60.40
CA SER C 69 -15.65 25.30 -61.21
C SER C 69 -15.14 23.88 -61.11
N LEU C 70 -13.83 23.78 -60.91
CA LEU C 70 -13.23 22.47 -60.67
C LEU C 70 -13.68 21.92 -59.31
N LEU C 71 -13.58 22.73 -58.27
CA LEU C 71 -13.90 22.28 -56.92
C LEU C 71 -15.39 21.94 -56.85
N ASP C 72 -16.22 22.73 -57.54
CA ASP C 72 -17.67 22.46 -57.52
C ASP C 72 -17.93 21.14 -58.21
N ALA C 73 -17.23 20.92 -59.33
CA ALA C 73 -17.39 19.69 -60.08
C ALA C 73 -16.95 18.48 -59.25
N VAL C 74 -15.83 18.60 -58.53
CA VAL C 74 -15.38 17.54 -57.63
C VAL C 74 -16.50 17.13 -56.68
N GLU C 75 -17.16 18.11 -56.07
CA GLU C 75 -18.25 17.80 -55.09
C GLU C 75 -19.36 17.02 -55.78
N ASP C 76 -19.85 17.53 -56.90
CA ASP C 76 -20.95 16.86 -57.60
C ASP C 76 -20.62 15.39 -57.90
N ALA C 77 -19.39 15.17 -58.36
CA ALA C 77 -18.93 13.84 -58.68
C ALA C 77 -18.84 12.95 -57.43
N LEU C 78 -18.23 13.50 -56.38
CA LEU C 78 -18.13 12.79 -55.11
C LEU C 78 -19.52 12.31 -54.64
N LEU C 79 -20.54 13.18 -54.73
CA LEU C 79 -21.88 12.80 -54.24
C LEU C 79 -22.54 11.68 -55.05
N ASP C 80 -22.32 11.69 -56.36
CA ASP C 80 -22.81 10.61 -57.22
C ASP C 80 -22.12 9.28 -56.92
N LEU C 81 -20.81 9.28 -56.75
CA LEU C 81 -20.12 8.07 -56.27
C LEU C 81 -20.74 7.56 -54.96
N VAL C 82 -20.89 8.45 -53.97
CA VAL C 82 -21.48 8.05 -52.72
C VAL C 82 -22.84 7.40 -52.96
N THR C 83 -23.66 8.00 -53.82
CA THR C 83 -24.97 7.46 -54.14
C THR C 83 -24.88 6.08 -54.82
N GLU C 84 -23.95 5.93 -55.75
CA GLU C 84 -23.74 4.63 -56.45
C GLU C 84 -23.23 3.57 -55.48
N SER C 85 -22.50 4.00 -54.46
CA SER C 85 -21.87 3.06 -53.54
C SER C 85 -22.86 2.31 -52.65
N ALA C 86 -24.13 2.70 -52.71
CA ALA C 86 -25.17 2.04 -51.93
C ALA C 86 -25.29 0.61 -52.37
N ASP C 87 -24.88 0.34 -53.60
CA ASP C 87 -25.03 -0.97 -54.21
C ASP C 87 -23.70 -1.70 -54.42
N LEU C 88 -22.64 -1.21 -53.80
CA LEU C 88 -21.32 -1.83 -53.91
C LEU C 88 -20.89 -2.39 -52.56
N LEU C 89 -20.21 -3.51 -52.62
CA LEU C 89 -19.73 -4.18 -51.45
C LEU C 89 -18.54 -3.49 -50.78
N PRO C 90 -17.51 -3.13 -51.56
CA PRO C 90 -16.29 -2.69 -50.89
C PRO C 90 -16.41 -1.28 -50.39
N VAL C 91 -15.66 -1.00 -49.33
CA VAL C 91 -15.35 0.35 -48.91
C VAL C 91 -14.47 0.95 -50.01
N LEU C 92 -14.87 2.10 -50.53
CA LEU C 92 -14.08 2.84 -51.53
C LEU C 92 -13.30 3.95 -50.85
N VAL C 93 -12.02 4.06 -51.16
CA VAL C 93 -11.23 5.18 -50.68
C VAL C 93 -10.78 6.01 -51.88
N VAL C 94 -11.43 7.15 -52.06
CA VAL C 94 -11.28 7.94 -53.25
C VAL C 94 -10.69 9.31 -52.92
N GLY C 95 -9.70 9.75 -53.68
CA GLY C 95 -9.08 11.04 -53.45
C GLY C 95 -9.84 12.20 -54.07
N ALA C 96 -9.76 13.35 -53.41
CA ALA C 96 -10.47 14.55 -53.86
C ALA C 96 -9.90 15.76 -53.15
N PRO C 97 -9.75 16.87 -53.88
CA PRO C 97 -9.47 18.16 -53.24
C PRO C 97 -10.79 18.74 -52.67
N LEU C 98 -10.84 18.98 -51.35
CA LEU C 98 -12.09 19.39 -50.72
C LEU C 98 -11.93 20.67 -49.95
N ARG C 99 -12.95 21.54 -50.03
CA ARG C 99 -13.00 22.80 -49.26
C ARG C 99 -13.30 22.54 -47.77
N HIS C 100 -12.48 23.10 -46.89
CA HIS C 100 -12.81 23.09 -45.46
C HIS C 100 -12.24 24.27 -44.65
N ARG C 101 -13.09 24.93 -43.85
CA ARG C 101 -12.71 26.18 -43.19
C ARG C 101 -12.13 27.16 -44.22
N HIS C 102 -10.84 27.48 -44.14
CA HIS C 102 -10.22 28.41 -45.09
C HIS C 102 -9.72 27.86 -46.43
N ARG C 103 -9.41 26.58 -46.50
CA ARG C 103 -8.62 26.11 -47.63
C ARG C 103 -9.11 24.80 -48.30
N ILE C 104 -8.33 24.28 -49.24
CA ILE C 104 -8.65 22.96 -49.75
C ILE C 104 -7.64 22.03 -49.16
N TYR C 105 -8.13 20.86 -48.79
CA TYR C 105 -7.24 19.86 -48.29
C TYR C 105 -7.09 18.79 -49.35
N ASN C 106 -5.97 18.09 -49.29
CA ASN C 106 -5.70 16.92 -50.12
C ASN C 106 -6.29 15.78 -49.33
N THR C 107 -7.47 15.33 -49.75
CA THR C 107 -8.17 14.34 -48.97
C THR C 107 -8.39 12.96 -49.61
N ALA C 108 -8.57 11.97 -48.76
CA ALA C 108 -9.11 10.70 -49.17
C ALA C 108 -10.49 10.56 -48.53
N VAL C 109 -11.51 10.35 -49.36
CA VAL C 109 -12.87 10.21 -48.92
C VAL C 109 -13.24 8.73 -48.74
N VAL C 110 -13.52 8.31 -47.51
CA VAL C 110 -13.79 6.92 -47.27
C VAL C 110 -15.28 6.67 -47.40
N ILE C 111 -15.66 5.95 -48.45
CA ILE C 111 -17.06 5.81 -48.84
C ILE C 111 -17.54 4.39 -48.70
N HIS C 112 -18.76 4.22 -48.22
CA HIS C 112 -19.28 2.86 -47.97
C HIS C 112 -20.80 2.77 -47.96
N ARG C 113 -21.34 1.88 -48.79
CA ARG C 113 -22.77 1.63 -48.81
C ARG C 113 -23.66 2.88 -48.66
N GLY C 114 -23.41 3.90 -49.47
CA GLY C 114 -24.29 5.06 -49.52
C GLY C 114 -23.98 6.20 -48.58
N ALA C 115 -22.93 6.03 -47.77
CA ALA C 115 -22.55 7.05 -46.81
C ALA C 115 -21.07 7.34 -46.91
N VAL C 116 -20.69 8.54 -46.49
CA VAL C 116 -19.28 8.85 -46.33
C VAL C 116 -18.94 8.54 -44.88
N LEU C 117 -17.95 7.68 -44.63
CA LEU C 117 -17.60 7.30 -43.25
C LEU C 117 -16.69 8.32 -42.63
N GLY C 118 -15.84 8.93 -43.46
CA GLY C 118 -14.83 9.85 -42.95
C GLY C 118 -14.08 10.52 -44.08
N VAL C 119 -13.40 11.61 -43.75
CA VAL C 119 -12.60 12.33 -44.72
C VAL C 119 -11.25 12.58 -44.08
N VAL C 120 -10.20 12.13 -44.76
CA VAL C 120 -8.83 12.12 -44.23
C VAL C 120 -7.90 12.92 -45.10
N PRO C 121 -7.31 13.98 -44.52
CA PRO C 121 -6.41 14.93 -45.21
C PRO C 121 -4.95 14.51 -45.17
N LYS C 122 -4.24 14.75 -46.27
CA LYS C 122 -2.81 14.44 -46.31
C LYS C 122 -2.17 15.17 -45.12
N SER C 123 -1.21 14.57 -44.47
CA SER C 123 -0.62 15.28 -43.31
C SER C 123 0.54 16.15 -43.73
N TYR C 124 1.40 15.60 -44.59
CA TYR C 124 2.60 16.35 -44.96
C TYR C 124 2.64 16.64 -46.45
N LEU C 125 2.75 17.92 -46.79
CA LEU C 125 2.64 18.38 -48.19
C LEU C 125 3.96 18.86 -48.77
N PRO C 126 4.60 17.99 -49.56
CA PRO C 126 5.92 18.25 -50.15
C PRO C 126 5.90 19.52 -50.98
N THR C 127 6.91 20.33 -50.75
CA THR C 127 7.09 21.61 -51.38
C THR C 127 8.59 21.75 -51.56
N TYR C 128 9.09 20.93 -52.48
CA TYR C 128 10.50 20.88 -52.79
C TYR C 128 10.61 20.08 -54.08
N ARG C 129 11.75 20.23 -54.76
CA ARG C 129 11.99 19.55 -56.03
C ARG C 129 10.80 19.70 -56.97
N GLU C 130 10.20 18.60 -57.37
CA GLU C 130 9.09 18.64 -58.38
C GLU C 130 7.72 18.88 -57.70
N PHE C 131 7.74 19.11 -56.38
CA PHE C 131 6.50 19.15 -55.60
C PHE C 131 6.16 20.57 -55.11
N TYR C 132 4.90 20.97 -55.33
CA TYR C 132 4.46 22.33 -54.98
C TYR C 132 3.18 22.30 -54.17
N GLU C 133 2.94 21.21 -53.46
CA GLU C 133 1.59 21.01 -52.82
C GLU C 133 1.16 22.09 -51.84
N ARG C 134 2.09 22.75 -51.14
CA ARG C 134 1.68 23.77 -50.14
C ARG C 134 1.19 25.08 -50.77
N ARG C 135 1.39 25.23 -52.08
CA ARG C 135 0.92 26.41 -52.78
C ARG C 135 -0.60 26.40 -52.91
N GLN C 136 -1.18 25.23 -53.12
CA GLN C 136 -2.61 25.09 -53.39
C GLN C 136 -3.39 24.53 -52.20
N MET C 137 -2.75 23.68 -51.42
CA MET C 137 -3.45 22.88 -50.42
C MET C 137 -2.89 23.08 -49.02
N ALA C 138 -3.75 22.88 -48.00
CA ALA C 138 -3.37 22.99 -46.58
C ALA C 138 -2.95 21.65 -45.97
N PRO C 139 -2.00 21.70 -45.02
CA PRO C 139 -1.61 20.52 -44.25
C PRO C 139 -2.79 20.04 -43.38
N GLY C 140 -2.93 18.72 -43.25
CA GLY C 140 -3.98 18.10 -42.45
C GLY C 140 -3.56 17.66 -41.03
N ASP C 141 -2.26 17.66 -40.74
CA ASP C 141 -1.80 17.11 -39.46
C ASP C 141 -2.40 17.94 -38.35
N GLY C 142 -3.02 17.31 -37.38
CA GLY C 142 -3.59 18.13 -36.30
C GLY C 142 -5.04 18.57 -36.50
N GLU C 143 -5.56 18.48 -37.71
CA GLU C 143 -6.99 18.78 -37.93
C GLU C 143 -7.85 17.65 -37.41
N ARG C 144 -8.94 18.03 -36.74
CA ARG C 144 -9.91 17.08 -36.21
C ARG C 144 -11.31 17.60 -36.53
N GLY C 145 -12.30 17.16 -35.77
CA GLY C 145 -13.66 17.64 -35.96
C GLY C 145 -14.39 16.97 -37.12
N THR C 146 -15.30 17.71 -37.74
CA THR C 146 -16.11 17.19 -38.86
C THR C 146 -16.05 18.09 -40.07
N ILE C 147 -16.55 17.57 -41.17
CA ILE C 147 -16.61 18.32 -42.42
C ILE C 147 -17.96 18.04 -43.05
N ARG C 148 -18.50 19.06 -43.71
CA ARG C 148 -19.85 18.98 -44.22
C ARG C 148 -19.77 18.49 -45.63
N ILE C 149 -20.52 17.42 -45.92
CA ILE C 149 -20.42 16.77 -47.22
C ILE C 149 -21.79 16.23 -47.58
N GLY C 150 -22.32 16.75 -48.68
CA GLY C 150 -23.68 16.45 -49.08
C GLY C 150 -24.63 16.50 -47.89
N GLY C 151 -24.65 17.64 -47.21
CA GLY C 151 -25.52 17.84 -46.05
C GLY C 151 -25.42 16.79 -44.95
N ALA C 152 -24.20 16.36 -44.63
CA ALA C 152 -23.97 15.49 -43.49
C ALA C 152 -22.66 15.86 -42.82
N ASP C 153 -22.60 15.71 -41.49
CA ASP C 153 -21.34 16.02 -40.84
C ASP C 153 -20.64 14.73 -40.65
N VAL C 154 -19.43 14.65 -41.17
CA VAL C 154 -18.71 13.39 -41.09
C VAL C 154 -17.34 13.66 -40.52
N ALA C 155 -16.77 12.64 -39.89
CA ALA C 155 -15.48 12.80 -39.22
C ALA C 155 -14.41 13.29 -40.17
N PHE C 156 -13.56 14.16 -39.67
CA PHE C 156 -12.51 14.75 -40.47
C PHE C 156 -11.23 14.74 -39.67
N GLY C 157 -10.16 14.22 -40.24
CA GLY C 157 -8.86 14.32 -39.61
C GLY C 157 -7.93 13.13 -39.78
N THR C 158 -6.79 13.23 -39.09
CA THR C 158 -5.70 12.32 -39.31
C THR C 158 -5.75 11.13 -38.34
N ASP C 159 -6.69 11.24 -37.40
CA ASP C 159 -6.87 10.30 -36.30
C ASP C 159 -8.04 9.31 -36.49
N LEU C 160 -8.36 8.92 -37.70
CA LEU C 160 -9.55 8.06 -37.93
C LEU C 160 -9.27 6.56 -38.16
N LEU C 161 -10.14 5.69 -37.64
CA LEU C 161 -10.06 4.26 -37.91
C LEU C 161 -11.43 3.78 -38.33
N PHE C 162 -11.48 3.02 -39.40
CA PHE C 162 -12.73 2.46 -39.84
C PHE C 162 -12.71 0.97 -39.55
N ALA C 163 -13.52 0.58 -38.57
CA ALA C 163 -13.56 -0.81 -38.15
C ALA C 163 -14.80 -1.53 -38.61
N ALA C 164 -14.60 -2.67 -39.26
CA ALA C 164 -15.70 -3.53 -39.65
C ALA C 164 -16.27 -4.25 -38.41
N SER C 165 -17.54 -4.00 -38.12
CA SER C 165 -18.16 -4.51 -36.93
C SER C 165 -18.30 -6.03 -36.97
N ASP C 166 -18.42 -6.59 -38.18
CA ASP C 166 -18.60 -8.03 -38.39
C ASP C 166 -17.36 -8.68 -38.98
N LEU C 167 -16.20 -8.13 -38.64
CA LEU C 167 -14.94 -8.59 -39.21
C LEU C 167 -13.83 -7.83 -38.49
N PRO C 168 -13.67 -8.12 -37.22
CA PRO C 168 -12.80 -7.40 -36.29
C PRO C 168 -11.34 -7.39 -36.70
N GLY C 169 -10.94 -8.38 -37.50
CA GLY C 169 -9.57 -8.44 -37.98
C GLY C 169 -9.27 -7.31 -38.94
N PHE C 170 -10.32 -6.62 -39.41
CA PHE C 170 -10.22 -5.61 -40.47
C PHE C 170 -10.45 -4.18 -39.91
N VAL C 171 -9.36 -3.49 -39.59
CA VAL C 171 -9.45 -2.11 -39.10
C VAL C 171 -8.63 -1.22 -40.00
N LEU C 172 -9.31 -0.33 -40.73
CA LEU C 172 -8.68 0.47 -41.79
C LEU C 172 -8.19 1.81 -41.30
N HIS C 173 -7.00 2.19 -41.77
CA HIS C 173 -6.48 3.53 -41.58
C HIS C 173 -5.99 4.06 -42.94
N VAL C 174 -6.18 5.35 -43.20
CA VAL C 174 -5.79 5.94 -44.46
C VAL C 174 -4.78 7.08 -44.28
N GLU C 175 -3.71 7.08 -45.06
CA GLU C 175 -2.80 8.27 -45.19
C GLU C 175 -2.54 8.44 -46.66
N ILE C 176 -1.75 9.46 -46.99
CA ILE C 176 -1.61 9.88 -48.38
C ILE C 176 -0.16 10.14 -48.73
N ALA C 177 0.33 9.34 -49.68
CA ALA C 177 1.63 9.55 -50.30
C ALA C 177 2.72 9.90 -49.29
N GLU C 178 3.32 11.08 -49.45
CA GLU C 178 4.34 11.64 -48.50
C GLU C 178 4.18 11.22 -47.06
N ASP C 179 2.93 11.13 -46.61
CA ASP C 179 2.69 10.70 -45.22
C ASP C 179 3.55 9.51 -44.78
N MET C 180 3.83 8.53 -45.67
CA MET C 180 4.61 7.33 -45.26
C MET C 180 6.13 7.48 -45.35
N PHE C 181 6.59 8.64 -45.79
CA PHE C 181 8.00 8.90 -46.09
C PHE C 181 8.72 9.65 -44.99
N VAL C 182 7.97 10.20 -44.03
CA VAL C 182 8.56 10.97 -42.91
C VAL C 182 8.94 10.09 -41.71
N PRO C 183 9.87 10.59 -40.87
CA PRO C 183 10.32 9.72 -39.77
C PRO C 183 9.17 9.11 -38.96
N MET C 184 8.13 9.87 -38.66
CA MET C 184 7.04 9.29 -37.87
C MET C 184 5.73 9.45 -38.61
N PRO C 185 5.39 8.46 -39.41
CA PRO C 185 4.22 8.45 -40.28
C PRO C 185 2.99 8.23 -39.48
N PRO C 186 1.91 8.88 -39.88
CA PRO C 186 0.58 8.72 -39.28
C PRO C 186 0.19 7.26 -39.20
N SER C 187 0.44 6.47 -40.23
CA SER C 187 0.10 5.04 -40.17
C SER C 187 0.74 4.27 -38.96
N ALA C 188 1.92 4.70 -38.49
CA ALA C 188 2.56 3.93 -37.42
C ALA C 188 1.80 4.09 -36.11
N GLU C 189 1.40 5.34 -35.83
CA GLU C 189 0.46 5.64 -34.71
C GLU C 189 -0.86 4.87 -34.88
N ALA C 190 -1.40 4.87 -36.09
CA ALA C 190 -2.64 4.15 -36.35
C ALA C 190 -2.54 2.65 -36.10
N ALA C 191 -1.42 2.06 -36.47
CA ALA C 191 -1.30 0.62 -36.23
C ALA C 191 -1.29 0.31 -34.71
N LEU C 192 -0.47 1.06 -33.97
CA LEU C 192 -0.45 0.99 -32.52
C LEU C 192 -1.86 1.14 -31.93
N ALA C 193 -2.69 1.97 -32.56
CA ALA C 193 -4.04 2.21 -32.09
C ALA C 193 -5.04 1.10 -32.46
N GLY C 194 -4.66 0.22 -33.39
CA GLY C 194 -5.50 -0.90 -33.75
C GLY C 194 -5.71 -1.08 -35.24
N ALA C 195 -5.20 -0.18 -36.07
CA ALA C 195 -5.29 -0.37 -37.52
C ALA C 195 -4.50 -1.62 -37.96
N THR C 196 -5.11 -2.43 -38.83
CA THR C 196 -4.48 -3.63 -39.38
C THR C 196 -4.29 -3.58 -40.89
N VAL C 197 -5.10 -2.77 -41.57
CA VAL C 197 -4.94 -2.51 -42.99
C VAL C 197 -4.69 -1.01 -43.23
N LEU C 198 -3.48 -0.69 -43.69
CA LEU C 198 -3.04 0.67 -43.93
C LEU C 198 -3.13 1.02 -45.41
N ALA C 199 -3.95 2.00 -45.77
CA ALA C 199 -4.08 2.46 -47.17
C ALA C 199 -3.26 3.69 -47.48
N ASN C 200 -2.77 3.75 -48.71
CA ASN C 200 -2.03 4.93 -49.18
C ASN C 200 -2.53 5.31 -50.57
N LEU C 201 -3.12 6.48 -50.71
CA LEU C 201 -3.38 7.00 -52.04
C LEU C 201 -2.18 7.89 -52.39
N SER C 202 -1.70 7.77 -53.63
CA SER C 202 -0.43 8.39 -54.05
C SER C 202 -0.60 8.94 -55.44
N GLY C 203 0.07 10.05 -55.72
CA GLY C 203 0.18 10.53 -57.08
C GLY C 203 1.49 10.02 -57.63
N SER C 204 2.57 10.48 -56.99
CA SER C 204 3.90 9.92 -57.15
C SER C 204 4.39 9.88 -58.60
N PRO C 205 4.69 11.07 -59.14
CA PRO C 205 5.28 11.12 -60.49
C PRO C 205 6.53 10.24 -60.49
N ILE C 206 6.78 9.53 -61.59
CA ILE C 206 7.78 8.46 -61.56
C ILE C 206 9.13 8.94 -62.04
N THR C 207 10.19 8.52 -61.37
CA THR C 207 11.55 8.80 -61.82
C THR C 207 12.38 7.57 -61.55
N ILE C 208 13.59 7.59 -62.10
CA ILE C 208 14.52 6.49 -61.90
C ILE C 208 14.70 6.27 -60.41
N GLY C 209 14.55 5.01 -60.01
CA GLY C 209 14.75 4.63 -58.62
C GLY C 209 13.57 4.85 -57.69
N ARG C 210 12.55 5.57 -58.14
CA ARG C 210 11.42 5.88 -57.27
C ARG C 210 10.55 4.65 -56.88
N ALA C 211 10.35 3.72 -57.78
CA ALA C 211 9.55 2.54 -57.46
C ALA C 211 10.22 1.78 -56.34
N GLU C 212 11.55 1.77 -56.33
CA GLU C 212 12.31 1.12 -55.22
C GLU C 212 12.02 1.86 -53.91
N ASP C 213 12.06 3.20 -53.95
CA ASP C 213 11.71 3.98 -52.77
C ASP C 213 10.30 3.61 -52.28
N ARG C 214 9.35 3.48 -53.21
CA ARG C 214 7.98 3.21 -52.77
C ARG C 214 7.93 1.84 -52.14
N ARG C 215 8.57 0.86 -52.77
CA ARG C 215 8.64 -0.49 -52.18
C ARG C 215 9.38 -0.53 -50.81
N LEU C 216 10.56 0.07 -50.73
CA LEU C 216 11.26 0.15 -49.46
C LEU C 216 10.35 0.69 -48.33
N LEU C 217 9.64 1.78 -48.61
CA LEU C 217 8.84 2.38 -47.55
C LEU C 217 7.50 1.69 -47.29
N ALA C 218 6.85 1.19 -48.32
CA ALA C 218 5.61 0.43 -48.11
C ALA C 218 5.91 -0.92 -47.42
N ARG C 219 6.94 -1.59 -47.91
CA ARG C 219 7.29 -2.88 -47.36
C ARG C 219 7.72 -2.79 -45.88
N SER C 220 8.67 -1.90 -45.59
CA SER C 220 9.12 -1.77 -44.20
C SER C 220 7.93 -1.42 -43.30
N ALA C 221 7.09 -0.47 -43.74
CA ALA C 221 5.88 -0.11 -43.00
C ALA C 221 5.01 -1.34 -42.68
N SER C 222 4.79 -2.19 -43.68
CA SER C 222 3.95 -3.35 -43.47
C SER C 222 4.55 -4.29 -42.42
N ALA C 223 5.89 -4.35 -42.38
CA ALA C 223 6.60 -5.26 -41.47
C ALA C 223 6.72 -4.67 -40.04
N ARG C 224 7.23 -3.46 -39.93
CA ARG C 224 7.32 -2.81 -38.62
C ARG C 224 5.96 -2.62 -37.89
N CYS C 225 4.86 -2.56 -38.66
CA CYS C 225 3.54 -2.28 -38.11
C CYS C 225 2.67 -3.52 -38.14
N LEU C 226 3.27 -4.67 -38.42
CA LEU C 226 2.54 -5.94 -38.48
C LEU C 226 1.18 -5.76 -39.17
N ALA C 227 1.20 -5.37 -40.44
CA ALA C 227 -0.01 -4.93 -41.10
C ALA C 227 -0.01 -5.20 -42.60
N ALA C 228 -1.19 -5.21 -43.22
CA ALA C 228 -1.29 -5.06 -44.66
C ALA C 228 -1.07 -3.58 -45.00
N TYR C 229 -0.40 -3.31 -46.12
CA TYR C 229 -0.19 -1.94 -46.64
C TYR C 229 -0.63 -1.91 -48.08
N VAL C 230 -1.67 -1.13 -48.39
CA VAL C 230 -2.33 -1.17 -49.71
C VAL C 230 -2.09 0.13 -50.44
N TYR C 231 -1.38 0.07 -51.57
CA TYR C 231 -0.81 1.26 -52.22
C TYR C 231 -1.22 1.41 -53.68
N ALA C 232 -1.57 2.63 -54.09
CA ALA C 232 -2.08 2.92 -55.45
C ALA C 232 -1.52 4.24 -55.96
N ALA C 233 -0.88 4.24 -57.12
CA ALA C 233 -0.38 5.51 -57.68
C ALA C 233 -1.07 5.90 -58.98
N ALA C 234 -0.98 7.18 -59.31
CA ALA C 234 -1.64 7.71 -60.48
C ALA C 234 -0.95 7.14 -61.71
N GLY C 235 -1.69 7.06 -62.81
CA GLY C 235 -1.12 6.59 -64.07
C GLY C 235 -1.47 7.41 -65.31
N GLU C 236 -1.81 6.70 -66.39
CA GLU C 236 -2.16 7.32 -67.69
C GLU C 236 -3.21 8.38 -67.52
N GLY C 237 -2.98 9.56 -68.09
CA GLY C 237 -3.96 10.63 -68.02
C GLY C 237 -3.55 11.85 -67.24
N GLU C 238 -2.67 11.69 -66.23
CA GLU C 238 -2.11 12.86 -65.48
C GLU C 238 -1.27 13.65 -66.44
N SER C 239 -1.09 14.93 -66.17
CA SER C 239 -0.41 15.81 -67.13
C SER C 239 1.06 15.46 -67.23
N THR C 240 1.61 15.53 -68.44
CA THR C 240 3.03 15.26 -68.63
C THR C 240 3.77 16.53 -69.03
N THR C 241 3.28 17.65 -68.49
CA THR C 241 3.93 18.94 -68.60
C THR C 241 5.38 18.91 -68.05
N ASP C 242 5.59 18.29 -66.90
CA ASP C 242 6.96 18.17 -66.39
C ASP C 242 7.27 16.77 -65.86
N LEU C 243 6.29 15.88 -65.90
CA LEU C 243 6.44 14.59 -65.23
C LEU C 243 5.81 13.39 -65.97
N ALA C 244 6.29 12.19 -65.66
CA ALA C 244 5.65 10.97 -66.15
C ALA C 244 5.11 10.17 -65.01
N TRP C 245 4.26 9.19 -65.31
CA TRP C 245 3.52 8.48 -64.29
C TRP C 245 3.50 7.03 -64.66
N ASP C 246 3.61 6.15 -63.65
CA ASP C 246 3.71 4.72 -63.94
C ASP C 246 2.55 3.80 -63.50
N GLY C 247 1.55 4.35 -62.81
CA GLY C 247 0.37 3.58 -62.45
C GLY C 247 0.58 2.35 -61.58
N GLN C 248 1.70 2.31 -60.86
CA GLN C 248 2.00 1.20 -59.96
C GLN C 248 0.98 0.95 -58.86
N THR C 249 0.64 -0.31 -58.66
CA THR C 249 -0.13 -0.65 -57.47
C THR C 249 0.52 -1.86 -56.83
N MET C 250 0.37 -1.95 -55.53
CA MET C 250 0.91 -3.07 -54.79
C MET C 250 0.22 -3.25 -53.42
N ILE C 251 0.20 -4.50 -52.96
CA ILE C 251 -0.39 -4.88 -51.67
C ILE C 251 0.63 -5.66 -50.88
N TRP C 252 1.00 -5.12 -49.73
CA TRP C 252 1.99 -5.75 -48.85
C TRP C 252 1.37 -6.34 -47.58
N GLU C 253 1.99 -7.36 -47.00
CA GLU C 253 1.50 -7.94 -45.69
C GLU C 253 2.69 -8.41 -44.91
N ASN C 254 2.97 -7.65 -43.88
CA ASN C 254 4.02 -8.00 -42.94
C ASN C 254 5.37 -8.27 -43.56
N GLY C 255 5.71 -7.55 -44.62
CA GLY C 255 7.04 -7.62 -45.23
C GLY C 255 6.97 -8.35 -46.54
N ALA C 256 5.90 -9.12 -46.72
CA ALA C 256 5.72 -9.95 -47.90
C ALA C 256 4.87 -9.25 -48.97
N LEU C 257 5.25 -9.39 -50.23
CA LEU C 257 4.47 -8.77 -51.30
C LEU C 257 3.32 -9.70 -51.66
N LEU C 258 2.07 -9.26 -51.51
CA LEU C 258 0.94 -10.12 -51.86
C LEU C 258 0.56 -10.02 -53.33
N ALA C 259 0.71 -8.84 -53.90
CA ALA C 259 0.31 -8.59 -55.28
C ALA C 259 0.93 -7.28 -55.79
N GLU C 260 1.10 -7.15 -57.09
CA GLU C 260 1.44 -5.83 -57.68
C GLU C 260 1.03 -5.85 -59.13
N SER C 261 0.89 -4.67 -59.72
CA SER C 261 0.35 -4.57 -61.05
C SER C 261 1.42 -4.11 -62.02
N GLU C 262 1.08 -4.12 -63.30
CA GLU C 262 2.05 -3.76 -64.37
C GLU C 262 2.41 -2.28 -64.28
N ARG C 263 3.70 -1.97 -64.26
CA ARG C 263 4.18 -0.59 -64.36
C ARG C 263 4.01 0.01 -65.79
N PHE C 264 3.63 1.29 -65.89
CA PHE C 264 3.38 1.94 -67.18
C PHE C 264 2.40 1.11 -67.98
N PRO C 265 1.21 0.85 -67.42
CA PRO C 265 0.28 0.04 -68.22
C PRO C 265 -0.39 0.90 -69.29
N LYS C 266 -0.96 0.25 -70.32
CA LYS C 266 -1.96 0.87 -71.18
C LYS C 266 -3.30 0.38 -70.65
N GLY C 267 -4.04 1.26 -70.00
CA GLY C 267 -5.33 0.89 -69.43
C GLY C 267 -5.24 0.81 -67.92
N VAL C 268 -6.40 0.69 -67.29
CA VAL C 268 -6.45 0.62 -65.85
C VAL C 268 -5.97 -0.74 -65.35
N ARG C 269 -5.41 -0.77 -64.14
CA ARG C 269 -4.85 -1.97 -63.53
C ARG C 269 -5.32 -2.08 -62.08
N ARG C 270 -5.33 -3.31 -61.55
CA ARG C 270 -5.66 -3.53 -60.14
C ARG C 270 -4.72 -4.56 -59.53
N SER C 271 -4.43 -4.36 -58.26
CA SER C 271 -3.88 -5.44 -57.45
C SER C 271 -5.00 -5.92 -56.55
N VAL C 272 -5.25 -7.22 -56.57
CA VAL C 272 -6.29 -7.80 -55.72
C VAL C 272 -5.75 -9.01 -54.95
N ALA C 273 -5.81 -8.95 -53.63
CA ALA C 273 -5.21 -10.02 -52.84
C ALA C 273 -6.07 -10.31 -51.60
N ASP C 274 -6.00 -11.53 -51.09
CA ASP C 274 -6.63 -11.83 -49.83
C ASP C 274 -5.63 -11.67 -48.69
N VAL C 275 -5.83 -10.63 -47.88
CA VAL C 275 -5.02 -10.39 -46.69
C VAL C 275 -5.46 -11.32 -45.57
N ASP C 276 -4.49 -11.91 -44.86
CA ASP C 276 -4.83 -12.87 -43.81
C ASP C 276 -4.89 -12.17 -42.45
N THR C 277 -6.09 -11.84 -41.98
CA THR C 277 -6.16 -10.94 -40.83
C THR C 277 -5.69 -11.70 -39.61
N GLU C 278 -5.93 -13.02 -39.63
CA GLU C 278 -5.44 -13.91 -38.53
C GLU C 278 -3.92 -13.94 -38.46
N LEU C 279 -3.26 -13.92 -39.59
CA LEU C 279 -1.80 -13.80 -39.57
C LEU C 279 -1.36 -12.54 -38.80
N LEU C 280 -1.90 -11.38 -39.19
CA LEU C 280 -1.61 -10.15 -38.47
C LEU C 280 -1.97 -10.29 -36.98
N ARG C 281 -3.16 -10.80 -36.71
CA ARG C 281 -3.61 -11.01 -35.33
C ARG C 281 -2.58 -11.84 -34.55
N SER C 282 -2.11 -12.90 -35.18
CA SER C 282 -1.18 -13.81 -34.52
C SER C 282 0.18 -13.16 -34.27
N GLU C 283 0.67 -12.45 -35.30
CA GLU C 283 1.98 -11.79 -35.18
C GLU C 283 1.96 -10.85 -33.96
N ARG C 284 0.91 -10.03 -33.86
CA ARG C 284 0.75 -9.03 -32.80
C ARG C 284 0.53 -9.59 -31.40
N LEU C 285 -0.17 -10.72 -31.31
CA LEU C 285 -0.43 -11.39 -30.04
C LEU C 285 0.86 -11.86 -29.35
N ARG C 286 1.85 -12.20 -30.18
CA ARG C 286 3.09 -12.83 -29.77
C ARG C 286 4.22 -11.84 -29.51
N MET C 287 4.19 -10.70 -30.21
CA MET C 287 5.24 -9.70 -30.11
C MET C 287 4.87 -8.60 -29.10
N GLY C 288 5.06 -8.90 -27.84
CA GLY C 288 4.63 -7.98 -26.80
C GLY C 288 5.22 -6.59 -26.92
N THR C 289 6.39 -6.45 -27.53
CA THR C 289 7.04 -5.14 -27.59
C THR C 289 6.27 -4.16 -28.49
N PHE C 290 5.39 -4.67 -29.33
CA PHE C 290 4.50 -3.86 -30.17
C PHE C 290 3.48 -3.19 -29.26
N ASP C 291 2.90 -3.94 -28.32
CA ASP C 291 2.00 -3.34 -27.33
C ASP C 291 2.71 -2.37 -26.39
N ASP C 292 3.93 -2.72 -25.98
CA ASP C 292 4.70 -1.90 -25.05
C ASP C 292 4.90 -0.53 -25.72
N ASN C 293 5.16 -0.54 -27.02
CA ASN C 293 5.35 0.67 -27.83
C ASN C 293 4.06 1.50 -27.81
N ARG C 294 2.93 0.84 -28.01
CA ARG C 294 1.64 1.50 -27.86
C ARG C 294 1.48 2.18 -26.49
N ARG C 295 1.75 1.44 -25.43
CA ARG C 295 1.60 2.01 -24.09
C ARG C 295 2.51 3.23 -23.89
N HIS C 296 3.70 3.20 -24.47
CA HIS C 296 4.62 4.29 -24.29
C HIS C 296 4.06 5.54 -24.93
N HIS C 297 3.28 5.39 -26.01
CA HIS C 297 2.65 6.47 -26.75
C HIS C 297 1.15 6.39 -26.54
N ARG C 298 0.76 6.14 -25.30
CA ARG C 298 -0.65 5.95 -24.94
C ARG C 298 -1.52 7.15 -25.33
N GLU C 299 -1.07 8.35 -24.95
CA GLU C 299 -1.81 9.61 -25.31
C GLU C 299 -2.10 9.66 -26.82
N LEU C 300 -1.06 9.68 -27.64
CA LEU C 300 -1.20 9.53 -29.11
C LEU C 300 -2.19 8.44 -29.58
N THR C 301 -2.04 7.23 -29.08
CA THR C 301 -2.79 6.10 -29.57
C THR C 301 -4.23 5.96 -29.05
N GLU C 302 -4.55 6.51 -27.89
CA GLU C 302 -5.96 6.39 -27.44
C GLU C 302 -6.89 7.46 -28.02
N SER C 303 -6.28 8.48 -28.60
CA SER C 303 -7.00 9.61 -29.15
C SER C 303 -7.71 9.32 -30.49
N PHE C 304 -7.54 8.13 -31.04
CA PHE C 304 -8.16 7.82 -32.34
C PHE C 304 -9.65 7.61 -32.17
N ARG C 305 -10.38 7.96 -33.23
CA ARG C 305 -11.83 7.84 -33.30
C ARG C 305 -12.14 6.61 -34.15
N ARG C 306 -12.88 5.69 -33.58
CA ARG C 306 -13.16 4.44 -34.24
C ARG C 306 -14.52 4.56 -34.90
N ILE C 307 -14.58 4.50 -36.23
CA ILE C 307 -15.87 4.59 -36.95
C ILE C 307 -16.35 3.25 -37.50
N ASP C 308 -17.53 2.84 -37.07
CA ASP C 308 -17.98 1.50 -37.39
C ASP C 308 -18.78 1.37 -38.69
N PHE C 309 -18.61 0.23 -39.35
CA PHE C 309 -19.42 -0.08 -40.51
C PHE C 309 -19.55 -1.60 -40.56
N ALA C 310 -20.60 -2.08 -41.22
CA ALA C 310 -20.83 -3.50 -41.34
C ALA C 310 -20.56 -3.91 -42.77
N LEU C 311 -19.51 -4.69 -42.97
CA LEU C 311 -19.12 -5.13 -44.30
C LEU C 311 -20.14 -6.07 -44.91
N ASP C 312 -20.56 -7.05 -44.14
CA ASP C 312 -21.45 -8.11 -44.61
C ASP C 312 -20.97 -8.72 -45.94
N PRO C 313 -19.81 -9.39 -45.92
CA PRO C 313 -19.14 -9.90 -47.13
C PRO C 313 -19.80 -11.15 -47.62
N PRO C 314 -19.37 -11.64 -48.79
CA PRO C 314 -19.95 -12.84 -49.40
C PRO C 314 -19.61 -14.07 -48.56
N ALA C 315 -20.64 -14.88 -48.32
CA ALA C 315 -20.47 -16.07 -47.48
C ALA C 315 -19.91 -17.31 -48.21
N GLY C 316 -19.95 -17.30 -49.54
CA GLY C 316 -19.65 -18.49 -50.33
C GLY C 316 -18.24 -18.63 -50.86
N ASP C 317 -18.06 -19.60 -51.75
CA ASP C 317 -16.74 -19.88 -52.34
C ASP C 317 -16.39 -18.79 -53.35
N ILE C 318 -15.33 -18.05 -53.07
CA ILE C 318 -14.83 -17.03 -53.97
C ILE C 318 -13.34 -17.25 -54.11
N GLY C 319 -12.92 -18.50 -53.97
CA GLY C 319 -11.54 -18.86 -54.21
C GLY C 319 -10.64 -18.20 -53.20
N LEU C 320 -9.34 -18.16 -53.46
CA LEU C 320 -8.42 -17.58 -52.51
C LEU C 320 -7.35 -16.86 -53.25
N LEU C 321 -7.42 -15.54 -53.27
CA LEU C 321 -6.48 -14.79 -54.07
C LEU C 321 -5.20 -14.59 -53.31
N ARG C 322 -4.44 -15.67 -53.18
CA ARG C 322 -3.27 -15.66 -52.31
C ARG C 322 -2.37 -16.83 -52.66
N GLU C 323 -1.07 -16.59 -52.68
CA GLU C 323 -0.12 -17.69 -52.97
C GLU C 323 0.15 -18.44 -51.68
N VAL C 324 -0.19 -19.72 -51.65
CA VAL C 324 0.07 -20.52 -50.47
C VAL C 324 1.06 -21.63 -50.80
N GLU C 325 2.31 -21.44 -50.39
CA GLU C 325 3.39 -22.35 -50.80
C GLU C 325 3.24 -23.72 -50.13
N ARG C 326 3.54 -24.79 -50.87
CA ARG C 326 3.40 -26.13 -50.34
C ARG C 326 4.33 -26.38 -49.16
N PHE C 327 5.51 -25.76 -49.18
CA PHE C 327 6.52 -26.07 -48.17
C PHE C 327 6.93 -24.83 -47.44
N PRO C 328 6.25 -24.53 -46.34
CA PRO C 328 6.53 -23.31 -45.58
C PRO C 328 8.02 -23.18 -45.23
N PHE C 329 8.69 -24.34 -45.10
CA PHE C 329 10.09 -24.39 -44.66
C PHE C 329 11.04 -24.46 -45.86
N VAL C 330 10.46 -24.61 -47.05
CA VAL C 330 11.24 -24.76 -48.27
C VAL C 330 10.72 -23.88 -49.41
N PRO C 331 11.20 -22.62 -49.49
CA PRO C 331 10.76 -21.72 -50.57
C PRO C 331 10.93 -22.33 -51.95
N ALA C 332 9.93 -22.13 -52.80
CA ALA C 332 9.93 -22.63 -54.18
C ALA C 332 10.92 -21.89 -55.09
N ASP C 333 11.10 -20.60 -54.82
CA ASP C 333 12.09 -19.80 -55.53
C ASP C 333 13.54 -20.22 -55.31
N PRO C 334 14.24 -20.55 -56.40
CA PRO C 334 15.62 -21.03 -56.25
C PRO C 334 16.58 -20.03 -55.61
N GLN C 335 16.51 -18.74 -55.94
CA GLN C 335 17.42 -17.78 -55.33
C GLN C 335 17.27 -17.83 -53.81
N ARG C 336 16.01 -17.86 -53.36
CA ARG C 336 15.69 -17.78 -51.93
C ARG C 336 15.98 -19.10 -51.21
N LEU C 337 15.65 -20.23 -51.85
CA LEU C 337 16.00 -21.52 -51.26
C LEU C 337 17.51 -21.62 -51.06
N GLN C 338 18.30 -21.20 -52.07
CA GLN C 338 19.77 -21.25 -51.97
C GLN C 338 20.22 -20.51 -50.73
N GLN C 339 19.59 -19.36 -50.47
CA GLN C 339 19.95 -18.50 -49.35
C GLN C 339 19.60 -19.20 -48.02
N ASP C 340 18.39 -19.77 -47.98
CA ASP C 340 17.90 -20.43 -46.77
C ASP C 340 18.84 -21.53 -46.38
N CYS C 341 19.25 -22.31 -47.40
CA CYS C 341 20.13 -23.47 -47.20
C CYS C 341 21.46 -22.99 -46.63
N TYR C 342 22.06 -22.01 -47.31
CA TYR C 342 23.28 -21.35 -46.85
C TYR C 342 23.21 -20.97 -45.35
N GLU C 343 22.12 -20.33 -44.97
CA GLU C 343 21.95 -19.90 -43.56
C GLU C 343 21.74 -21.11 -42.62
N ALA C 344 20.80 -22.01 -42.94
CA ALA C 344 20.60 -23.20 -42.12
C ALA C 344 21.94 -23.91 -41.89
N TYR C 345 22.69 -24.15 -42.95
CA TYR C 345 23.94 -24.91 -42.80
C TYR C 345 24.88 -24.19 -41.84
N ASN C 346 25.05 -22.89 -42.06
CA ASN C 346 25.98 -22.15 -41.22
C ASN C 346 25.56 -21.99 -39.78
N ILE C 347 24.24 -22.06 -39.56
CA ILE C 347 23.68 -22.07 -38.22
C ILE C 347 24.09 -23.38 -37.52
N GLN C 348 23.74 -24.52 -38.12
CA GLN C 348 24.15 -25.82 -37.58
C GLN C 348 25.63 -25.86 -37.28
N VAL C 349 26.46 -25.53 -38.27
CA VAL C 349 27.92 -25.63 -38.10
C VAL C 349 28.46 -24.76 -36.96
N SER C 350 28.12 -23.48 -36.97
CA SER C 350 28.69 -22.59 -35.97
C SER C 350 28.14 -22.86 -34.57
N GLY C 351 26.94 -23.46 -34.51
CA GLY C 351 26.35 -23.86 -33.24
C GLY C 351 27.20 -24.94 -32.62
N LEU C 352 27.58 -25.92 -33.44
CA LEU C 352 28.45 -26.98 -33.00
C LEU C 352 29.88 -26.48 -32.75
N GLU C 353 30.38 -25.59 -33.60
CA GLU C 353 31.75 -25.01 -33.36
C GLU C 353 31.91 -24.52 -31.91
N GLN C 354 30.90 -23.82 -31.41
CA GLN C 354 30.98 -23.20 -30.12
C GLN C 354 30.94 -24.24 -29.01
N ARG C 355 30.11 -25.28 -29.20
CA ARG C 355 30.06 -26.36 -28.21
C ARG C 355 31.44 -26.97 -28.10
N LEU C 356 32.05 -27.24 -29.26
CA LEU C 356 33.36 -27.88 -29.31
C LEU C 356 34.43 -27.01 -28.69
N ARG C 357 34.40 -25.72 -28.97
CA ARG C 357 35.43 -24.86 -28.41
C ARG C 357 35.33 -24.88 -26.90
N ALA C 358 34.10 -24.85 -26.39
CA ALA C 358 33.83 -24.78 -24.98
C ALA C 358 34.25 -26.10 -24.26
N LEU C 359 34.15 -27.21 -24.96
CA LEU C 359 34.57 -28.47 -24.38
C LEU C 359 36.04 -28.79 -24.71
N ASP C 360 36.81 -27.76 -25.02
CA ASP C 360 38.22 -27.93 -25.38
C ASP C 360 38.44 -29.07 -26.41
N TYR C 361 37.60 -29.12 -27.44
CA TYR C 361 37.72 -30.01 -28.61
C TYR C 361 37.64 -31.51 -28.34
N PRO C 362 36.48 -31.97 -27.83
CA PRO C 362 36.27 -33.39 -27.59
C PRO C 362 36.22 -34.08 -28.94
N LYS C 363 36.25 -35.42 -28.95
CA LYS C 363 35.95 -36.17 -30.16
C LYS C 363 34.44 -36.06 -30.39
N VAL C 364 34.04 -36.28 -31.62
CA VAL C 364 32.63 -36.23 -31.96
C VAL C 364 32.19 -37.65 -32.26
N VAL C 365 31.24 -38.14 -31.47
CA VAL C 365 30.75 -39.51 -31.65
C VAL C 365 29.38 -39.49 -32.30
N ILE C 366 29.22 -40.24 -33.38
CA ILE C 366 27.96 -40.20 -34.13
C ILE C 366 27.60 -41.58 -34.72
N GLY C 367 26.33 -41.97 -34.59
CA GLY C 367 25.84 -43.17 -35.24
C GLY C 367 25.41 -42.83 -36.65
N VAL C 368 25.96 -43.51 -37.65
CA VAL C 368 25.68 -43.23 -39.06
C VAL C 368 24.97 -44.41 -39.69
N SER C 369 23.79 -44.21 -40.22
CA SER C 369 23.00 -45.35 -40.70
C SER C 369 22.84 -45.31 -42.21
N GLY C 370 23.34 -44.24 -42.84
CA GLY C 370 23.17 -44.09 -44.27
C GLY C 370 21.85 -43.45 -44.70
N GLY C 371 21.08 -43.00 -43.70
CA GLY C 371 19.85 -42.25 -43.95
C GLY C 371 20.11 -40.75 -43.95
N LEU C 372 19.06 -39.97 -44.21
CA LEU C 372 19.23 -38.53 -44.50
C LEU C 372 19.78 -37.74 -43.32
N ASP C 373 19.12 -37.85 -42.17
CA ASP C 373 19.50 -37.05 -41.00
C ASP C 373 20.94 -37.28 -40.56
N SER C 374 21.32 -38.54 -40.35
CA SER C 374 22.66 -38.82 -39.85
C SER C 374 23.73 -38.47 -40.88
N THR C 375 23.44 -38.72 -42.15
CA THR C 375 24.35 -38.35 -43.21
C THR C 375 24.63 -36.82 -43.09
N HIS C 376 23.56 -36.03 -43.06
CA HIS C 376 23.74 -34.60 -43.06
C HIS C 376 24.50 -34.13 -41.82
N ALA C 377 24.16 -34.71 -40.67
CA ALA C 377 24.87 -34.34 -39.45
C ALA C 377 26.36 -34.65 -39.55
N LEU C 378 26.73 -35.80 -40.14
CA LEU C 378 28.14 -36.12 -40.29
C LEU C 378 28.83 -35.03 -41.08
N ILE C 379 28.14 -34.56 -42.11
CA ILE C 379 28.72 -33.53 -42.94
C ILE C 379 28.93 -32.27 -42.12
N VAL C 380 27.89 -31.84 -41.42
CA VAL C 380 27.99 -30.67 -40.53
C VAL C 380 29.17 -30.77 -39.56
N ALA C 381 29.26 -31.90 -38.89
CA ALA C 381 30.35 -32.17 -37.97
C ALA C 381 31.71 -31.95 -38.65
N THR C 382 31.81 -32.42 -39.88
CA THR C 382 33.10 -32.41 -40.56
C THR C 382 33.49 -30.98 -40.83
N HIS C 383 32.56 -30.21 -41.35
CA HIS C 383 32.82 -28.80 -41.59
C HIS C 383 33.21 -28.06 -40.32
N ALA C 384 32.44 -28.26 -39.23
CA ALA C 384 32.80 -27.63 -37.97
C ALA C 384 34.24 -27.95 -37.62
N MET C 385 34.58 -29.24 -37.64
CA MET C 385 35.94 -29.68 -37.31
C MET C 385 36.96 -28.98 -38.21
N ASP C 386 36.64 -28.90 -39.50
CA ASP C 386 37.55 -28.25 -40.45
C ASP C 386 37.76 -26.80 -40.04
N ARG C 387 36.66 -26.04 -39.97
CA ARG C 387 36.76 -24.64 -39.63
C ARG C 387 37.54 -24.41 -38.33
N GLU C 388 37.50 -25.36 -37.40
CA GLU C 388 38.27 -25.17 -36.11
C GLU C 388 39.69 -25.77 -36.15
N GLY C 389 40.16 -26.14 -37.34
CA GLY C 389 41.49 -26.73 -37.46
C GLY C 389 41.63 -28.04 -36.68
N ARG C 390 40.56 -28.83 -36.62
CA ARG C 390 40.58 -30.13 -35.96
C ARG C 390 40.68 -31.28 -36.95
N PRO C 391 41.53 -32.27 -36.65
CA PRO C 391 41.69 -33.46 -37.52
C PRO C 391 40.39 -34.26 -37.66
N ARG C 392 40.02 -34.60 -38.89
CA ARG C 392 38.76 -35.30 -39.12
C ARG C 392 38.68 -36.66 -38.43
N SER C 393 39.84 -37.23 -38.11
CA SER C 393 39.91 -38.52 -37.42
C SER C 393 39.51 -38.39 -35.92
N ASP C 394 39.17 -37.17 -35.49
CA ASP C 394 38.61 -36.99 -34.15
C ASP C 394 37.09 -37.16 -34.18
N ILE C 395 36.56 -37.33 -35.38
CA ILE C 395 35.16 -37.70 -35.58
C ILE C 395 35.05 -39.21 -35.59
N LEU C 396 34.34 -39.76 -34.61
CA LEU C 396 34.25 -41.21 -34.50
C LEU C 396 32.87 -41.67 -34.99
N ALA C 397 32.82 -42.18 -36.22
CA ALA C 397 31.56 -42.60 -36.83
C ALA C 397 31.35 -44.08 -36.56
N PHE C 398 30.10 -44.48 -36.34
CA PHE C 398 29.79 -45.87 -35.97
C PHE C 398 28.60 -46.40 -36.72
N ALA C 399 28.81 -47.55 -37.37
CA ALA C 399 27.68 -48.33 -37.84
C ALA C 399 27.29 -49.31 -36.75
N LEU C 400 25.99 -49.40 -36.47
CA LEU C 400 25.51 -50.18 -35.34
C LEU C 400 24.41 -51.15 -35.79
N PRO C 401 24.78 -52.16 -36.61
CA PRO C 401 23.83 -53.15 -37.16
C PRO C 401 23.03 -53.86 -36.09
N GLY C 402 21.72 -54.03 -36.33
CA GLY C 402 20.84 -54.67 -35.36
C GLY C 402 20.38 -56.03 -35.86
N PHE C 403 19.08 -56.18 -36.07
CA PHE C 403 18.58 -57.36 -36.77
C PHE C 403 18.01 -56.90 -38.11
N LYS C 410 22.59 -47.81 -46.24
CA LYS C 410 23.23 -48.97 -45.62
C LYS C 410 24.76 -48.94 -45.79
N ASN C 411 25.18 -49.34 -46.98
CA ASN C 411 26.57 -49.26 -47.38
C ASN C 411 26.96 -47.81 -47.67
N ASN C 412 25.97 -46.95 -47.75
CA ASN C 412 26.26 -45.55 -47.99
C ASN C 412 27.01 -44.96 -46.83
N ALA C 413 26.68 -45.43 -45.64
CA ALA C 413 27.31 -44.95 -44.42
C ALA C 413 28.84 -45.13 -44.40
N ILE C 414 29.33 -46.33 -44.71
CA ILE C 414 30.77 -46.53 -44.65
C ILE C 414 31.44 -45.80 -45.81
N LYS C 415 30.79 -45.81 -46.98
CA LYS C 415 31.35 -45.13 -48.14
C LYS C 415 31.55 -43.65 -47.80
N LEU C 416 30.54 -43.03 -47.21
CA LEU C 416 30.61 -41.61 -46.88
C LEU C 416 31.72 -41.31 -45.89
N ALA C 417 31.78 -42.11 -44.84
CA ALA C 417 32.77 -41.93 -43.80
C ALA C 417 34.19 -42.11 -44.37
N ARG C 418 34.40 -43.14 -45.18
CA ARG C 418 35.71 -43.36 -45.81
C ARG C 418 36.10 -42.18 -46.71
N ALA C 419 35.13 -41.62 -47.43
CA ALA C 419 35.39 -40.53 -48.40
C ALA C 419 35.72 -39.22 -47.71
N LEU C 420 35.14 -38.99 -46.53
CA LEU C 420 35.43 -37.80 -45.76
C LEU C 420 36.72 -37.94 -44.99
N GLY C 421 37.04 -39.17 -44.63
CA GLY C 421 38.24 -39.47 -43.86
C GLY C 421 38.10 -39.34 -42.36
N VAL C 422 36.90 -39.57 -41.82
CA VAL C 422 36.66 -39.64 -40.39
C VAL C 422 37.01 -41.05 -39.97
N THR C 423 37.02 -41.32 -38.67
CA THR C 423 37.34 -42.66 -38.16
C THR C 423 36.14 -43.59 -38.16
N PHE C 424 36.19 -44.65 -38.96
CA PHE C 424 35.03 -45.52 -39.06
C PHE C 424 35.14 -46.79 -38.27
N SER C 425 33.99 -47.28 -37.83
CA SER C 425 33.97 -48.44 -36.97
C SER C 425 32.55 -49.05 -36.91
N GLU C 426 32.51 -50.38 -36.86
CA GLU C 426 31.23 -51.10 -36.74
C GLU C 426 31.14 -51.79 -35.38
N ILE C 427 29.97 -51.69 -34.77
CA ILE C 427 29.68 -52.45 -33.55
C ILE C 427 28.29 -53.11 -33.65
N ASP C 428 28.28 -54.44 -33.69
CA ASP C 428 27.05 -55.20 -33.77
C ASP C 428 26.41 -55.22 -32.41
N ILE C 429 25.18 -54.74 -32.32
CA ILE C 429 24.50 -54.66 -31.05
C ILE C 429 23.53 -55.85 -30.88
N GLY C 430 23.37 -56.64 -31.94
CA GLY C 430 22.47 -57.77 -31.88
C GLY C 430 22.57 -58.60 -30.60
N ASP C 431 23.79 -59.00 -30.25
CA ASP C 431 24.00 -59.86 -29.09
C ASP C 431 23.63 -59.12 -27.82
N THR C 432 24.03 -57.85 -27.73
CA THR C 432 23.67 -57.11 -26.53
C THR C 432 22.14 -57.02 -26.44
N ALA C 433 21.50 -56.80 -27.60
CA ALA C 433 20.05 -56.82 -27.71
C ALA C 433 19.39 -58.14 -27.27
N ARG C 434 19.89 -59.27 -27.79
CA ARG C 434 19.34 -60.56 -27.43
C ARG C 434 19.43 -60.76 -25.92
N LEU C 435 20.60 -60.46 -25.36
CA LEU C 435 20.83 -60.64 -23.94
C LEU C 435 19.79 -59.85 -23.14
N MET C 436 19.61 -58.59 -23.53
CA MET C 436 18.66 -57.71 -22.86
C MET C 436 17.22 -58.20 -23.04
N LEU C 437 16.82 -58.51 -24.27
CA LEU C 437 15.48 -59.07 -24.52
C LEU C 437 15.19 -60.31 -23.69
N HIS C 438 16.18 -61.19 -23.55
CA HIS C 438 15.97 -62.39 -22.76
C HIS C 438 15.88 -62.08 -21.27
N THR C 439 16.68 -61.11 -20.83
CA THR C 439 16.75 -60.81 -19.40
C THR C 439 15.45 -60.19 -18.86
N ILE C 440 14.77 -59.41 -19.67
CA ILE C 440 13.46 -58.85 -19.30
C ILE C 440 12.30 -59.77 -19.72
N GLY C 441 12.61 -60.96 -20.22
CA GLY C 441 11.59 -61.90 -20.61
C GLY C 441 10.69 -61.57 -21.82
N HIS C 442 11.28 -61.10 -22.91
CA HIS C 442 10.50 -60.77 -24.11
C HIS C 442 10.32 -61.94 -25.08
N VAL C 453 8.37 -55.19 -29.98
CA VAL C 453 8.30 -53.79 -30.41
C VAL C 453 8.94 -52.81 -29.38
N THR C 454 8.81 -53.15 -28.09
CA THR C 454 9.92 -53.08 -27.13
C THR C 454 11.09 -53.80 -27.82
N PHE C 455 10.76 -54.73 -28.71
CA PHE C 455 11.74 -55.20 -29.66
C PHE C 455 12.50 -54.06 -30.40
N GLU C 456 11.77 -53.18 -31.10
CA GLU C 456 12.40 -52.07 -31.90
C GLU C 456 13.12 -51.11 -30.95
N ASN C 457 12.55 -50.98 -29.75
CA ASN C 457 13.08 -50.05 -28.76
C ASN C 457 14.37 -50.50 -28.07
N VAL C 458 14.44 -51.78 -27.71
CA VAL C 458 15.64 -52.31 -27.09
C VAL C 458 16.85 -51.98 -27.97
N GLN C 459 16.68 -52.17 -29.27
CA GLN C 459 17.75 -51.89 -30.20
C GLN C 459 18.05 -50.40 -30.30
N ALA C 460 17.01 -49.60 -30.53
CA ALA C 460 17.22 -48.15 -30.61
C ALA C 460 17.94 -47.64 -29.36
N GLY C 461 17.45 -48.08 -28.21
CA GLY C 461 18.05 -47.72 -26.93
C GLY C 461 19.51 -48.11 -26.83
N LEU C 462 19.81 -49.36 -27.19
CA LEU C 462 21.17 -49.85 -27.06
C LEU C 462 22.15 -49.10 -27.98
N ARG C 463 21.66 -48.59 -29.10
CA ARG C 463 22.56 -47.79 -29.93
C ARG C 463 23.03 -46.56 -29.17
N THR C 464 22.09 -45.83 -28.57
CA THR C 464 22.43 -44.63 -27.82
C THR C 464 23.26 -44.98 -26.57
N ASP C 465 22.88 -46.06 -25.88
CA ASP C 465 23.67 -46.55 -24.74
C ASP C 465 25.15 -46.73 -25.12
N TYR C 466 25.40 -47.44 -26.23
CA TYR C 466 26.77 -47.65 -26.71
C TYR C 466 27.48 -46.35 -27.07
N LEU C 467 26.81 -45.48 -27.81
CA LEU C 467 27.41 -44.24 -28.23
C LEU C 467 27.83 -43.40 -27.04
N PHE C 468 26.96 -43.33 -26.03
CA PHE C 468 27.27 -42.58 -24.81
C PHE C 468 28.49 -43.16 -24.09
N ARG C 469 28.56 -44.48 -24.03
CA ARG C 469 29.63 -45.11 -23.28
C ARG C 469 30.96 -44.94 -24.01
N ILE C 470 30.88 -45.06 -25.32
CA ILE C 470 32.04 -44.83 -26.16
C ILE C 470 32.51 -43.39 -25.97
N ALA C 471 31.58 -42.45 -25.98
CA ALA C 471 31.95 -41.07 -25.76
C ALA C 471 32.59 -40.85 -24.36
N ASN C 472 32.14 -41.57 -23.31
CA ASN C 472 32.77 -41.43 -21.98
C ASN C 472 34.19 -41.94 -22.11
N GLN C 473 34.31 -43.04 -22.86
CA GLN C 473 35.54 -43.83 -22.91
C GLN C 473 36.60 -43.12 -23.73
N ARG C 474 36.20 -42.64 -24.89
CA ARG C 474 37.16 -42.13 -25.87
C ARG C 474 37.26 -40.57 -25.82
N GLY C 475 36.63 -39.96 -24.81
CA GLY C 475 36.73 -38.53 -24.61
C GLY C 475 35.92 -37.66 -25.60
N GLY C 476 34.71 -38.10 -25.94
CA GLY C 476 33.89 -37.37 -26.88
C GLY C 476 32.52 -36.90 -26.39
N ILE C 477 31.76 -36.27 -27.27
CA ILE C 477 30.35 -36.01 -27.04
C ILE C 477 29.53 -36.73 -28.12
N VAL C 478 28.31 -37.13 -27.79
CA VAL C 478 27.45 -37.77 -28.78
C VAL C 478 26.63 -36.73 -29.55
N LEU C 479 26.77 -36.72 -30.87
CA LEU C 479 25.94 -35.87 -31.73
C LEU C 479 24.55 -36.44 -31.96
N GLY C 480 23.51 -35.68 -31.64
CA GLY C 480 22.17 -36.11 -31.98
C GLY C 480 21.95 -35.89 -33.47
N THR C 481 20.96 -36.60 -34.00
CA THR C 481 20.66 -36.47 -35.42
C THR C 481 19.17 -36.28 -35.69
N GLY C 482 18.34 -36.36 -34.65
CA GLY C 482 16.90 -36.16 -34.80
C GLY C 482 16.55 -34.79 -35.33
N ASP C 483 15.54 -34.74 -36.20
CA ASP C 483 15.18 -33.49 -36.87
C ASP C 483 13.92 -32.92 -36.23
N LEU C 484 13.59 -31.69 -36.61
CA LEU C 484 12.47 -30.96 -36.02
C LEU C 484 11.11 -31.65 -36.23
N SER C 485 10.90 -32.25 -37.41
CA SER C 485 9.64 -32.93 -37.72
C SER C 485 9.43 -34.11 -36.79
N GLU C 486 10.55 -34.73 -36.45
CA GLU C 486 10.55 -35.87 -35.52
C GLU C 486 10.26 -35.33 -34.13
N LEU C 487 10.77 -34.15 -33.82
CA LEU C 487 10.51 -33.56 -32.50
C LEU C 487 9.04 -33.17 -32.43
N ALA C 488 8.51 -32.70 -33.53
CA ALA C 488 7.14 -32.26 -33.55
C ALA C 488 6.18 -33.38 -33.30
N LEU C 489 6.44 -34.51 -33.92
CA LEU C 489 5.49 -35.61 -33.88
C LEU C 489 5.74 -36.66 -32.79
N GLY C 490 6.83 -36.49 -32.05
CA GLY C 490 7.21 -37.48 -31.06
C GLY C 490 7.68 -38.80 -31.65
N TRP C 491 8.32 -38.73 -32.80
CA TRP C 491 8.86 -39.89 -33.52
C TRP C 491 10.34 -40.03 -33.16
N SER C 492 10.58 -40.59 -31.97
CA SER C 492 11.87 -40.57 -31.30
C SER C 492 11.77 -41.71 -30.32
N THR C 493 12.89 -42.30 -29.91
CA THR C 493 12.84 -43.20 -28.79
C THR C 493 13.36 -42.41 -27.60
N TYR C 494 12.46 -42.14 -26.66
CA TYR C 494 12.73 -41.16 -25.61
C TYR C 494 13.64 -41.67 -24.48
N GLY C 495 14.62 -40.82 -24.17
CA GLY C 495 15.42 -40.93 -22.97
C GLY C 495 16.67 -41.72 -23.22
N VAL C 496 16.50 -43.04 -23.20
CA VAL C 496 17.52 -43.98 -23.62
C VAL C 496 17.14 -44.37 -25.05
N GLY C 497 17.64 -43.60 -26.02
CA GLY C 497 17.19 -43.69 -27.40
C GLY C 497 17.66 -42.47 -28.18
N ASP C 498 17.16 -42.33 -29.39
CA ASP C 498 17.75 -41.40 -30.36
C ASP C 498 17.37 -39.96 -30.09
N GLN C 499 16.42 -39.76 -29.18
CA GLN C 499 15.98 -38.43 -28.76
C GLN C 499 17.11 -37.76 -27.96
N MET C 500 17.94 -38.59 -27.32
CA MET C 500 18.93 -38.13 -26.34
C MET C 500 20.34 -38.02 -26.95
N SER C 501 21.07 -36.97 -26.58
CA SER C 501 22.42 -36.71 -27.09
C SER C 501 23.10 -35.59 -26.30
N HIS C 502 24.33 -35.25 -26.67
CA HIS C 502 25.05 -34.19 -25.96
C HIS C 502 24.88 -32.87 -26.65
N TYR C 503 24.62 -32.93 -27.97
CA TYR C 503 24.36 -31.74 -28.77
C TYR C 503 23.67 -32.17 -30.04
N ASN C 504 22.55 -31.54 -30.40
CA ASN C 504 21.81 -31.97 -31.59
C ASN C 504 21.78 -30.95 -32.71
N VAL C 505 22.68 -31.07 -33.69
CA VAL C 505 22.74 -30.07 -34.78
C VAL C 505 21.47 -30.03 -35.66
N ASN C 506 20.71 -31.12 -35.71
CA ASN C 506 19.49 -31.23 -36.54
C ASN C 506 18.15 -30.80 -35.91
N ALA C 507 18.14 -30.45 -34.62
CA ALA C 507 16.90 -30.33 -33.86
C ALA C 507 15.93 -29.30 -34.47
N GLY C 508 16.50 -28.25 -35.06
CA GLY C 508 15.69 -27.19 -35.60
C GLY C 508 15.45 -27.26 -37.10
N VAL C 509 15.93 -28.31 -37.75
CA VAL C 509 15.72 -28.44 -39.20
C VAL C 509 14.63 -29.45 -39.48
N PRO C 510 13.53 -29.00 -40.09
CA PRO C 510 12.42 -29.92 -40.37
C PRO C 510 12.78 -30.83 -41.52
N LYS C 511 12.12 -31.99 -41.58
CA LYS C 511 12.54 -33.03 -42.55
C LYS C 511 12.51 -32.53 -44.00
N THR C 512 11.51 -31.71 -44.33
CA THR C 512 11.30 -31.28 -45.70
C THR C 512 12.47 -30.42 -46.19
N LEU C 513 13.19 -29.81 -45.24
CA LEU C 513 14.38 -29.00 -45.58
C LEU C 513 15.67 -29.87 -45.64
N ILE C 514 15.75 -30.93 -44.84
CA ILE C 514 16.97 -31.73 -44.80
C ILE C 514 17.46 -32.15 -46.18
N GLN C 515 16.56 -32.68 -47.01
CA GLN C 515 17.00 -33.13 -48.32
C GLN C 515 17.64 -32.01 -49.13
N HIS C 516 17.07 -30.81 -49.00
CA HIS C 516 17.58 -29.63 -49.70
C HIS C 516 18.90 -29.09 -49.16
N LEU C 517 19.15 -29.28 -47.86
CA LEU C 517 20.46 -28.95 -47.31
C LEU C 517 21.55 -29.86 -47.91
N ILE C 518 21.23 -31.15 -48.03
CA ILE C 518 22.21 -32.08 -48.61
C ILE C 518 22.47 -31.68 -50.05
N ARG C 519 21.38 -31.50 -50.81
CA ARG C 519 21.44 -31.13 -52.22
C ARG C 519 22.38 -29.93 -52.36
N TRP C 520 22.26 -29.00 -51.41
CA TRP C 520 23.03 -27.74 -51.39
C TRP C 520 24.52 -27.96 -51.18
N VAL C 521 24.86 -28.94 -50.34
CA VAL C 521 26.25 -29.23 -49.98
C VAL C 521 27.00 -29.85 -51.18
N ILE C 522 26.26 -30.65 -51.95
CA ILE C 522 26.74 -31.26 -53.16
C ILE C 522 26.98 -30.15 -54.16
N SER C 523 25.99 -29.27 -54.28
CA SER C 523 26.09 -28.18 -55.25
C SER C 523 27.22 -27.19 -54.94
N ALA C 524 27.40 -26.84 -53.66
CA ALA C 524 28.58 -26.05 -53.28
C ALA C 524 29.82 -26.82 -53.76
N GLY C 525 29.76 -28.15 -53.64
CA GLY C 525 30.81 -29.03 -54.13
C GLY C 525 32.02 -29.00 -53.23
N GLU C 526 31.80 -28.58 -51.99
CA GLU C 526 32.91 -28.27 -51.05
C GLU C 526 33.79 -29.46 -50.59
N PHE C 527 33.18 -30.63 -50.45
CA PHE C 527 33.92 -31.82 -50.02
C PHE C 527 34.50 -32.70 -51.14
N GLY C 528 34.43 -32.21 -52.37
CA GLY C 528 35.03 -32.95 -53.48
C GLY C 528 34.06 -33.89 -54.18
N GLU C 529 34.50 -34.40 -55.31
CA GLU C 529 33.63 -35.25 -56.17
C GLU C 529 33.31 -36.58 -55.49
N LYS C 530 34.30 -37.25 -54.90
CA LYS C 530 34.00 -38.56 -54.32
C LYS C 530 32.88 -38.38 -53.27
N VAL C 531 33.02 -37.37 -52.38
CA VAL C 531 31.99 -37.17 -51.33
C VAL C 531 30.61 -36.82 -51.90
N GLY C 532 30.57 -35.88 -52.84
CA GLY C 532 29.35 -35.55 -53.54
C GLY C 532 28.64 -36.78 -54.10
N GLU C 533 29.41 -37.73 -54.62
CA GLU C 533 28.79 -38.93 -55.24
C GLU C 533 28.07 -39.78 -54.20
N VAL C 534 28.72 -40.00 -53.05
CA VAL C 534 28.07 -40.74 -51.97
C VAL C 534 26.82 -39.99 -51.52
N LEU C 535 26.99 -38.69 -51.31
CA LEU C 535 25.89 -37.90 -50.82
C LEU C 535 24.74 -38.08 -51.81
N GLN C 536 25.04 -37.92 -53.09
CA GLN C 536 24.01 -38.04 -54.11
C GLN C 536 23.31 -39.39 -54.02
N SER C 537 24.08 -40.46 -53.82
CA SER C 537 23.51 -41.79 -53.64
C SER C 537 22.58 -41.85 -52.41
N VAL C 538 23.00 -41.24 -51.30
CA VAL C 538 22.12 -41.19 -50.13
C VAL C 538 20.76 -40.61 -50.54
N LEU C 539 20.78 -39.52 -51.30
CA LEU C 539 19.52 -38.89 -51.73
C LEU C 539 18.67 -39.85 -52.56
N ASP C 540 19.29 -40.39 -53.61
CA ASP C 540 18.63 -41.33 -54.51
C ASP C 540 18.08 -42.58 -53.82
N THR C 541 18.86 -43.12 -52.90
CA THR C 541 18.44 -44.28 -52.13
C THR C 541 17.29 -43.97 -51.18
N GLU C 542 17.44 -42.90 -50.40
CA GLU C 542 16.52 -42.67 -49.25
C GLU C 542 15.22 -42.00 -49.65
N ILE C 543 15.06 -41.66 -50.91
CA ILE C 543 13.88 -40.88 -51.29
C ILE C 543 13.10 -41.56 -52.39
N SER C 558 7.52 -44.75 -41.19
CA SER C 558 7.12 -43.53 -40.48
C SER C 558 6.00 -42.87 -41.23
N GLU C 559 6.27 -42.53 -42.49
CA GLU C 559 5.24 -42.02 -43.45
C GLU C 559 3.92 -42.77 -43.27
N ALA C 560 4.01 -44.03 -42.86
CA ALA C 560 2.85 -44.87 -42.57
C ALA C 560 2.06 -44.52 -41.29
N LYS C 561 2.71 -44.54 -40.12
CA LYS C 561 1.97 -44.21 -38.91
C LYS C 561 1.64 -42.71 -38.81
N VAL C 562 2.60 -41.82 -39.11
CA VAL C 562 2.41 -40.36 -38.85
C VAL C 562 2.11 -39.47 -40.07
N GLY C 563 1.93 -40.07 -41.25
CA GLY C 563 1.60 -39.28 -42.43
C GLY C 563 2.82 -38.77 -43.22
N PRO C 564 2.57 -38.25 -44.43
CA PRO C 564 3.62 -37.61 -45.23
C PRO C 564 4.19 -36.41 -44.46
N PHE C 565 5.50 -36.36 -44.29
CA PHE C 565 6.11 -35.22 -43.61
C PHE C 565 5.86 -33.87 -44.31
N ALA C 566 5.58 -33.91 -45.61
CA ALA C 566 5.25 -32.67 -46.30
C ALA C 566 4.02 -32.01 -45.69
N LEU C 567 2.96 -32.80 -45.47
CA LEU C 567 1.75 -32.34 -44.78
C LEU C 567 1.96 -32.00 -43.28
N GLN C 568 2.72 -32.83 -42.56
CA GLN C 568 3.00 -32.54 -41.15
C GLN C 568 3.94 -31.37 -40.95
N ASP C 569 4.91 -31.17 -41.84
CA ASP C 569 5.69 -29.94 -41.80
C ASP C 569 4.87 -28.67 -42.09
N PHE C 570 3.85 -28.79 -42.93
CA PHE C 570 2.96 -27.68 -43.24
C PHE C 570 2.14 -27.32 -42.00
N SER C 571 1.49 -28.30 -41.41
CA SER C 571 0.75 -28.05 -40.19
C SER C 571 1.66 -27.53 -39.07
N LEU C 572 2.90 -28.04 -39.00
CA LEU C 572 3.79 -27.62 -37.91
C LEU C 572 4.05 -26.13 -38.00
N PHE C 573 4.37 -25.65 -39.21
CA PHE C 573 4.65 -24.24 -39.38
C PHE C 573 3.43 -23.40 -38.93
N GLN C 574 2.23 -23.74 -39.43
CA GLN C 574 1.02 -23.02 -39.02
C GLN C 574 0.87 -22.92 -37.48
N VAL C 575 0.98 -24.04 -36.79
CA VAL C 575 0.82 -24.09 -35.34
C VAL C 575 1.95 -23.36 -34.59
N LEU C 576 3.19 -23.68 -34.90
CA LEU C 576 4.33 -23.12 -34.20
C LEU C 576 4.50 -21.60 -34.37
N ARG C 577 4.04 -21.04 -35.49
CA ARG C 577 4.32 -19.63 -35.78
C ARG C 577 3.12 -18.76 -35.46
N TYR C 578 1.95 -19.25 -35.85
CA TYR C 578 0.71 -18.47 -35.84
C TYR C 578 -0.35 -19.00 -34.89
N GLY C 579 -0.25 -20.26 -34.49
CA GLY C 579 -1.22 -20.86 -33.57
C GLY C 579 -2.61 -21.00 -34.21
N PHE C 580 -2.67 -21.07 -35.55
CA PHE C 580 -3.94 -21.16 -36.27
C PHE C 580 -4.72 -22.38 -35.84
N ARG C 581 -6.05 -22.24 -35.87
CA ARG C 581 -6.93 -23.36 -35.57
C ARG C 581 -6.90 -24.43 -36.67
N PRO C 582 -7.35 -25.64 -36.34
CA PRO C 582 -7.23 -26.72 -37.33
C PRO C 582 -8.01 -26.49 -38.60
N SER C 583 -9.27 -26.07 -38.54
CA SER C 583 -10.00 -25.77 -39.78
C SER C 583 -9.21 -24.80 -40.69
N LYS C 584 -8.62 -23.76 -40.10
CA LYS C 584 -7.77 -22.80 -40.83
C LYS C 584 -6.53 -23.42 -41.48
N ILE C 585 -5.91 -24.38 -40.79
CA ILE C 585 -4.73 -25.06 -41.34
C ILE C 585 -5.16 -25.94 -42.53
N ALA C 586 -6.27 -26.67 -42.37
CA ALA C 586 -6.85 -27.48 -43.45
C ALA C 586 -7.17 -26.68 -44.70
N PHE C 587 -7.78 -25.52 -44.51
CA PHE C 587 -8.12 -24.62 -45.61
C PHE C 587 -6.85 -24.23 -46.37
N LEU C 588 -5.83 -23.74 -45.65
CA LEU C 588 -4.56 -23.39 -46.27
C LEU C 588 -3.88 -24.58 -46.98
N ALA C 589 -3.77 -25.72 -46.29
CA ALA C 589 -3.06 -26.86 -46.85
C ALA C 589 -3.74 -27.31 -48.12
N TRP C 590 -5.07 -27.34 -48.09
CA TRP C 590 -5.83 -27.78 -49.26
C TRP C 590 -5.54 -26.91 -50.47
N HIS C 591 -5.69 -25.58 -50.29
CA HIS C 591 -5.33 -24.64 -51.36
C HIS C 591 -3.88 -24.86 -51.90
N ALA C 592 -2.94 -25.09 -51.01
CA ALA C 592 -1.58 -25.40 -51.47
C ALA C 592 -1.41 -26.76 -52.18
N TRP C 593 -2.08 -27.82 -51.70
CA TRP C 593 -1.73 -29.18 -52.10
C TRP C 593 -2.68 -29.92 -53.02
N ASN C 594 -3.94 -29.51 -53.06
CA ASN C 594 -4.95 -30.34 -53.71
C ASN C 594 -4.78 -30.53 -55.20
N ASP C 595 -4.03 -29.64 -55.84
CA ASP C 595 -3.84 -29.67 -57.29
C ASP C 595 -2.37 -29.55 -57.66
N ALA C 596 -1.80 -30.62 -58.23
CA ALA C 596 -0.35 -30.66 -58.43
C ALA C 596 0.11 -29.68 -59.48
N GLU C 597 -0.78 -29.32 -60.38
CA GLU C 597 -0.42 -28.39 -61.46
C GLU C 597 -0.48 -26.93 -61.02
N ARG C 598 -1.17 -26.63 -59.93
CA ARG C 598 -1.24 -25.25 -59.46
C ARG C 598 -0.04 -24.91 -58.55
N GLY C 599 0.27 -23.61 -58.44
CA GLY C 599 1.40 -23.15 -57.64
C GLY C 599 2.76 -23.69 -58.06
N ASN C 600 3.75 -23.52 -57.21
CA ASN C 600 5.10 -23.90 -57.58
C ASN C 600 5.72 -24.92 -56.68
N TRP C 601 6.56 -25.73 -57.30
CA TRP C 601 7.35 -26.70 -56.56
C TRP C 601 8.77 -26.17 -56.44
N PRO C 602 9.42 -26.41 -55.29
CA PRO C 602 10.84 -26.11 -55.18
C PRO C 602 11.60 -26.92 -56.23
N PRO C 603 12.91 -26.69 -56.38
CA PRO C 603 13.74 -27.54 -57.25
C PRO C 603 13.86 -28.96 -56.70
N GLY C 604 14.11 -29.96 -57.56
CA GLY C 604 14.42 -31.31 -57.11
C GLY C 604 13.23 -32.23 -56.91
N PHE C 605 12.10 -31.85 -57.51
CA PHE C 605 10.90 -32.69 -57.48
C PHE C 605 10.56 -33.20 -58.87
N PRO C 606 11.09 -34.36 -59.24
CA PRO C 606 10.77 -34.96 -60.54
C PRO C 606 9.26 -35.16 -60.57
N LYS C 607 8.66 -34.99 -61.73
CA LYS C 607 7.20 -34.94 -61.85
C LYS C 607 6.46 -36.20 -61.39
N SER C 608 7.20 -37.31 -61.18
CA SER C 608 6.64 -38.54 -60.61
C SER C 608 6.59 -38.52 -59.07
N GLU C 609 7.15 -37.47 -58.48
CA GLU C 609 7.10 -37.27 -57.00
C GLU C 609 6.42 -35.92 -56.68
N ARG C 610 5.34 -35.66 -57.42
CA ARG C 610 4.57 -34.45 -57.22
C ARG C 610 3.11 -34.81 -56.94
N PRO C 611 2.84 -35.24 -55.71
CA PRO C 611 1.54 -35.72 -55.23
C PRO C 611 0.51 -34.62 -54.98
N SER C 612 -0.76 -35.02 -55.10
CA SER C 612 -1.90 -34.21 -54.73
C SER C 612 -2.52 -34.87 -53.54
N TYR C 613 -2.94 -34.09 -52.55
CA TYR C 613 -3.71 -34.60 -51.41
C TYR C 613 -5.13 -34.07 -51.43
N SER C 614 -6.10 -34.92 -51.09
CA SER C 614 -7.49 -34.48 -50.99
C SER C 614 -7.81 -33.86 -49.61
N LEU C 615 -8.96 -33.19 -49.51
CA LEU C 615 -9.38 -32.70 -48.23
C LEU C 615 -9.40 -33.87 -47.23
N ALA C 616 -9.99 -34.98 -47.67
CA ALA C 616 -10.11 -36.16 -46.82
C ALA C 616 -8.77 -36.55 -46.22
N GLU C 617 -7.73 -36.49 -47.04
CA GLU C 617 -6.37 -36.89 -46.54
C GLU C 617 -5.78 -35.86 -45.58
N ILE C 618 -5.92 -34.59 -45.99
CA ILE C 618 -5.36 -33.48 -45.28
C ILE C 618 -5.99 -33.43 -43.88
N ARG C 619 -7.30 -33.72 -43.86
CA ARG C 619 -8.09 -33.84 -42.63
C ARG C 619 -7.55 -34.95 -41.74
N HIS C 620 -7.37 -36.10 -42.35
CA HIS C 620 -6.92 -37.28 -41.63
C HIS C 620 -5.58 -37.04 -40.93
N TRP C 621 -4.60 -36.56 -41.69
CA TRP C 621 -3.25 -36.35 -41.19
C TRP C 621 -3.19 -35.29 -40.14
N LEU C 622 -4.12 -34.33 -40.24
CA LEU C 622 -4.22 -33.23 -39.31
C LEU C 622 -4.79 -33.65 -37.96
N GLN C 623 -5.76 -34.57 -37.97
CA GLN C 623 -6.21 -35.20 -36.72
C GLN C 623 -5.02 -35.83 -36.03
N ILE C 624 -4.26 -36.63 -36.78
CA ILE C 624 -3.07 -37.26 -36.22
C ILE C 624 -2.15 -36.18 -35.68
N PHE C 625 -1.97 -35.11 -36.47
CA PHE C 625 -1.00 -34.11 -36.08
C PHE C 625 -1.35 -33.42 -34.76
N VAL C 626 -2.61 -33.03 -34.59
CA VAL C 626 -2.94 -32.24 -33.42
C VAL C 626 -2.82 -33.09 -32.14
N GLN C 627 -3.31 -34.32 -32.25
CA GLN C 627 -3.23 -35.28 -31.17
C GLN C 627 -1.78 -35.47 -30.75
N ARG C 628 -0.91 -35.73 -31.71
CA ARG C 628 0.48 -35.98 -31.39
C ARG C 628 1.23 -34.72 -30.94
N PHE C 629 0.94 -33.57 -31.55
CA PHE C 629 1.75 -32.38 -31.27
C PHE C 629 1.40 -31.70 -29.95
N TYR C 630 0.09 -31.55 -29.71
CA TYR C 630 -0.41 -30.83 -28.54
C TYR C 630 -0.42 -31.67 -27.26
N SER C 631 -0.51 -33.00 -27.42
CA SER C 631 -0.78 -33.90 -26.30
C SER C 631 0.31 -34.95 -26.07
N PHE C 632 0.42 -35.90 -26.98
CA PHE C 632 1.35 -37.02 -26.81
C PHE C 632 2.83 -36.70 -26.64
N SER C 633 3.34 -35.83 -27.49
CA SER C 633 4.76 -35.75 -27.74
C SER C 633 5.55 -34.73 -26.95
N GLN C 634 4.86 -33.78 -26.32
CA GLN C 634 5.56 -32.73 -25.61
C GLN C 634 6.59 -33.26 -24.60
N PHE C 635 6.26 -34.31 -23.86
CA PHE C 635 7.22 -34.79 -22.84
C PHE C 635 8.62 -35.12 -23.38
N LYS C 636 8.69 -35.57 -24.65
CA LYS C 636 9.97 -35.90 -25.29
C LYS C 636 10.75 -34.65 -25.65
N ARG C 637 10.02 -33.59 -25.95
CA ARG C 637 10.59 -32.27 -26.22
C ARG C 637 11.08 -31.59 -24.95
N SER C 638 10.44 -31.96 -23.83
CA SER C 638 10.62 -31.20 -22.59
C SER C 638 12.05 -31.36 -22.04
N ALA C 639 12.59 -32.57 -22.19
CA ALA C 639 13.98 -32.86 -21.84
C ALA C 639 14.84 -32.96 -23.11
N LEU C 640 15.12 -31.82 -23.71
CA LEU C 640 15.75 -31.81 -25.01
C LEU C 640 17.19 -31.36 -24.89
N PRO C 641 18.09 -32.05 -25.58
CA PRO C 641 19.49 -31.64 -25.59
C PRO C 641 19.67 -30.29 -26.29
N ASN C 642 20.80 -29.61 -26.04
CA ASN C 642 21.11 -28.35 -26.72
C ASN C 642 21.25 -28.51 -28.24
N GLY C 643 21.17 -27.39 -28.96
CA GLY C 643 21.22 -27.32 -30.42
C GLY C 643 20.57 -26.03 -30.90
N PRO C 644 21.03 -25.49 -32.06
CA PRO C 644 20.62 -24.17 -32.56
C PRO C 644 19.24 -24.09 -33.21
N LYS C 645 18.52 -22.98 -32.96
CA LYS C 645 17.31 -22.64 -33.71
C LYS C 645 17.71 -22.31 -35.17
N VAL C 646 16.87 -22.72 -36.13
CA VAL C 646 17.22 -22.50 -37.53
C VAL C 646 16.19 -21.69 -38.29
N SER C 647 14.95 -22.19 -38.33
CA SER C 647 13.91 -21.60 -39.13
C SER C 647 13.22 -20.41 -38.47
N HIS C 648 12.90 -19.38 -39.25
CA HIS C 648 12.10 -18.28 -38.70
C HIS C 648 10.73 -18.81 -38.24
N GLY C 649 10.31 -19.96 -38.74
CA GLY C 649 9.02 -20.51 -38.35
C GLY C 649 9.04 -20.97 -36.92
N GLY C 650 10.26 -21.16 -36.40
CA GLY C 650 10.42 -21.60 -35.03
C GLY C 650 11.20 -22.92 -34.87
N ALA C 651 11.51 -23.22 -33.63
CA ALA C 651 12.13 -24.48 -33.29
C ALA C 651 11.33 -25.00 -32.11
N LEU C 652 11.67 -26.16 -31.54
CA LEU C 652 10.81 -26.71 -30.51
C LEU C 652 11.46 -26.86 -29.14
N SER C 653 12.46 -26.03 -28.86
CA SER C 653 13.14 -26.04 -27.57
C SER C 653 12.23 -25.59 -26.42
N PRO C 654 12.15 -26.41 -25.35
CA PRO C 654 11.28 -25.99 -24.24
C PRO C 654 11.93 -24.82 -23.49
N ARG C 655 13.20 -24.54 -23.81
CA ARG C 655 13.90 -23.36 -23.30
C ARG C 655 13.74 -22.15 -24.22
N GLY C 656 13.16 -22.36 -25.41
CA GLY C 656 12.99 -21.30 -26.39
C GLY C 656 11.57 -21.09 -26.91
N ASP C 657 11.29 -21.50 -28.16
CA ASP C 657 10.03 -21.13 -28.87
C ASP C 657 8.76 -21.83 -28.39
N TRP C 658 8.89 -22.99 -27.76
CA TRP C 658 7.71 -23.72 -27.41
C TRP C 658 7.71 -24.19 -25.94
N ARG C 659 7.01 -23.45 -25.10
CA ARG C 659 6.82 -23.78 -23.68
C ARG C 659 5.44 -24.37 -23.54
N ALA C 660 5.34 -25.66 -23.22
CA ALA C 660 4.00 -26.23 -23.13
C ALA C 660 3.92 -27.36 -22.14
N PRO C 661 2.69 -27.69 -21.71
CA PRO C 661 2.48 -28.75 -20.75
C PRO C 661 2.79 -30.14 -21.35
N SER C 662 3.36 -31.02 -20.54
CA SER C 662 3.62 -32.39 -20.93
C SER C 662 2.45 -33.30 -20.64
N ASP C 663 1.38 -32.77 -20.06
CA ASP C 663 0.28 -33.61 -19.61
C ASP C 663 -1.10 -33.11 -20.01
N MET C 664 -1.22 -32.63 -21.24
CA MET C 664 -2.46 -32.04 -21.69
C MET C 664 -3.15 -32.90 -22.75
N SER C 665 -4.48 -32.87 -22.74
CA SER C 665 -5.25 -33.52 -23.77
C SER C 665 -5.36 -32.63 -24.99
N ALA C 666 -5.68 -33.21 -26.13
CA ALA C 666 -5.85 -32.44 -27.35
C ALA C 666 -7.31 -32.41 -27.79
N ARG C 667 -8.22 -32.76 -26.88
CA ARG C 667 -9.65 -32.81 -27.19
C ARG C 667 -10.20 -31.63 -28.01
N ILE C 668 -9.93 -30.40 -27.59
CA ILE C 668 -10.55 -29.27 -28.28
C ILE C 668 -10.13 -29.14 -29.73
N TRP C 669 -8.89 -29.46 -30.06
CA TRP C 669 -8.46 -29.35 -31.45
C TRP C 669 -9.11 -30.44 -32.28
N LEU C 670 -9.20 -31.65 -31.72
CA LEU C 670 -9.88 -32.71 -32.43
C LEU C 670 -11.37 -32.36 -32.62
N ASP C 671 -11.96 -31.73 -31.63
CA ASP C 671 -13.37 -31.44 -31.74
C ASP C 671 -13.57 -30.33 -32.79
N GLN C 672 -12.58 -29.46 -32.93
CA GLN C 672 -12.72 -28.37 -33.87
C GLN C 672 -12.70 -28.98 -35.28
N ILE C 673 -11.90 -30.02 -35.46
CA ILE C 673 -11.85 -30.70 -36.74
C ILE C 673 -13.19 -31.35 -37.06
N ASP C 674 -13.77 -32.04 -36.07
CA ASP C 674 -15.09 -32.71 -36.24
C ASP C 674 -16.13 -31.74 -36.72
N ARG C 675 -16.20 -30.60 -36.02
CA ARG C 675 -17.21 -29.56 -36.25
C ARG C 675 -16.97 -28.70 -37.49
N GLU C 676 -15.72 -28.38 -37.81
CA GLU C 676 -15.46 -27.35 -38.88
C GLU C 676 -14.92 -27.87 -40.22
N VAL C 677 -14.14 -28.93 -40.23
CA VAL C 677 -13.59 -29.44 -41.48
C VAL C 677 -14.50 -30.53 -42.04
N PRO C 678 -14.95 -30.38 -43.29
CA PRO C 678 -15.81 -31.40 -43.92
C PRO C 678 -15.07 -32.71 -44.08
N LYS C 679 -15.78 -33.82 -44.21
CA LYS C 679 -15.12 -35.13 -44.27
C LYS C 679 -14.40 -35.42 -45.59
N GLY C 680 -14.83 -34.74 -46.66
CA GLY C 680 -14.18 -34.79 -47.96
C GLY C 680 -14.59 -33.61 -48.81
N SER D 1 -41.66 -7.01 11.80
CA SER D 1 -41.33 -6.45 10.50
C SER D 1 -40.13 -7.14 9.85
N MET D 2 -38.92 -6.83 10.32
CA MET D 2 -37.71 -7.53 9.87
C MET D 2 -37.76 -9.05 10.12
N ASN D 3 -37.24 -9.85 9.20
CA ASN D 3 -37.06 -11.25 9.53
C ASN D 3 -35.81 -11.35 10.40
N PHE D 4 -36.01 -11.56 11.70
CA PHE D 4 -34.94 -11.42 12.66
C PHE D 4 -33.84 -12.42 12.42
N TYR D 5 -34.21 -13.56 11.82
CA TYR D 5 -33.27 -14.69 11.71
C TYR D 5 -32.51 -14.75 10.38
N SER D 6 -32.63 -13.68 9.58
CA SER D 6 -32.03 -13.58 8.25
C SER D 6 -30.72 -12.84 8.27
N ALA D 7 -29.64 -13.56 8.00
CA ALA D 7 -28.30 -12.95 8.00
C ALA D 7 -28.23 -11.71 7.14
N TYR D 8 -28.88 -11.76 5.97
CA TYR D 8 -28.84 -10.62 5.04
C TYR D 8 -29.45 -9.37 5.66
N GLN D 9 -30.59 -9.52 6.31
CA GLN D 9 -31.22 -8.38 6.94
C GLN D 9 -30.44 -7.82 8.12
N HIS D 10 -29.41 -8.51 8.60
CA HIS D 10 -28.54 -7.92 9.64
C HIS D 10 -27.22 -7.47 9.08
N GLY D 11 -27.15 -7.45 7.73
CA GLY D 11 -26.08 -6.77 7.02
C GLY D 11 -24.86 -7.61 6.80
N PHE D 12 -25.10 -8.91 6.85
CA PHE D 12 -24.12 -9.89 6.39
C PHE D 12 -24.25 -10.05 4.89
N VAL D 13 -23.15 -10.45 4.27
CA VAL D 13 -23.14 -10.83 2.85
C VAL D 13 -22.33 -12.09 2.74
N ARG D 14 -22.91 -13.13 2.14
CA ARG D 14 -22.30 -14.47 2.11
C ARG D 14 -21.42 -14.64 0.89
N VAL D 15 -20.13 -14.87 1.13
CA VAL D 15 -19.14 -14.98 0.08
C VAL D 15 -18.48 -16.34 0.02
N ALA D 16 -18.10 -16.78 -1.18
CA ALA D 16 -17.46 -18.09 -1.41
C ALA D 16 -16.15 -18.00 -2.20
N ALA D 17 -15.09 -18.61 -1.70
CA ALA D 17 -13.87 -18.79 -2.49
C ALA D 17 -13.79 -20.25 -2.89
N CYS D 18 -13.81 -20.49 -4.19
CA CYS D 18 -13.88 -21.85 -4.72
C CYS D 18 -12.60 -22.30 -5.42
N THR D 19 -12.22 -23.57 -5.24
CA THR D 19 -11.15 -24.15 -6.08
C THR D 19 -11.75 -25.29 -6.88
N HIS D 20 -11.84 -25.13 -8.20
CA HIS D 20 -12.49 -26.12 -9.04
C HIS D 20 -11.49 -27.13 -9.50
N HIS D 21 -11.99 -28.04 -10.33
CA HIS D 21 -11.13 -29.05 -10.91
C HIS D 21 -10.61 -28.56 -12.25
N THR D 22 -9.33 -28.23 -12.28
CA THR D 22 -8.71 -27.78 -13.51
C THR D 22 -8.52 -28.96 -14.47
N THR D 23 -8.95 -28.77 -15.71
CA THR D 23 -8.62 -29.64 -16.83
C THR D 23 -7.86 -28.79 -17.85
N ILE D 24 -6.53 -28.82 -17.84
CA ILE D 24 -5.78 -27.87 -18.65
C ILE D 24 -6.16 -27.99 -20.10
N GLY D 25 -6.28 -26.86 -20.81
CA GLY D 25 -6.59 -26.86 -22.21
C GLY D 25 -7.99 -27.25 -22.61
N ASP D 26 -8.88 -27.43 -21.65
CA ASP D 26 -10.24 -27.85 -21.96
C ASP D 26 -11.30 -26.94 -21.29
N PRO D 27 -11.61 -25.82 -21.94
CA PRO D 27 -12.49 -24.82 -21.32
C PRO D 27 -13.89 -25.33 -20.97
N ALA D 28 -14.48 -26.15 -21.83
CA ALA D 28 -15.80 -26.70 -21.56
C ALA D 28 -15.83 -27.49 -20.24
N ALA D 29 -14.74 -28.25 -19.99
CA ALA D 29 -14.60 -28.97 -18.77
C ALA D 29 -14.51 -28.01 -17.62
N ASN D 30 -13.66 -26.98 -17.76
CA ASN D 30 -13.46 -26.06 -16.64
C ASN D 30 -14.77 -25.37 -16.29
N ALA D 31 -15.51 -25.02 -17.35
CA ALA D 31 -16.79 -24.35 -17.19
C ALA D 31 -17.78 -25.26 -16.49
N ALA D 32 -17.69 -26.56 -16.76
CA ALA D 32 -18.60 -27.52 -16.15
C ALA D 32 -18.36 -27.59 -14.63
N SER D 33 -17.08 -27.59 -14.25
CA SER D 33 -16.70 -27.64 -12.83
C SER D 33 -17.17 -26.36 -12.18
N VAL D 34 -17.00 -25.24 -12.89
CA VAL D 34 -17.38 -23.95 -12.35
C VAL D 34 -18.90 -23.85 -12.19
N LEU D 35 -19.64 -24.35 -13.17
CA LEU D 35 -21.10 -24.27 -13.13
C LEU D 35 -21.67 -25.10 -11.98
N ASP D 36 -21.01 -26.21 -11.70
CA ASP D 36 -21.47 -27.08 -10.63
C ASP D 36 -21.20 -26.45 -9.28
N MET D 37 -20.03 -25.83 -9.16
CA MET D 37 -19.67 -25.15 -7.93
C MET D 37 -20.52 -23.89 -7.73
N ALA D 38 -20.84 -23.21 -8.82
CA ALA D 38 -21.63 -22.00 -8.71
C ALA D 38 -23.03 -22.38 -8.25
N ARG D 39 -23.51 -23.54 -8.68
CA ARG D 39 -24.82 -24.02 -8.25
C ARG D 39 -24.89 -24.36 -6.75
N ALA D 40 -23.78 -24.86 -6.22
CA ALA D 40 -23.72 -25.09 -4.78
C ALA D 40 -23.80 -23.74 -4.05
N CYS D 41 -23.03 -22.78 -4.55
CA CYS D 41 -22.95 -21.47 -3.93
C CYS D 41 -24.35 -20.89 -3.91
N HIS D 42 -25.05 -21.00 -5.04
CA HIS D 42 -26.44 -20.54 -5.15
C HIS D 42 -27.30 -21.18 -4.06
N ASP D 43 -27.22 -22.51 -3.98
CA ASP D 43 -27.99 -23.25 -2.99
C ASP D 43 -27.69 -22.76 -1.57
N ASP D 44 -26.47 -22.30 -1.33
CA ASP D 44 -26.04 -21.84 -0.01
C ASP D 44 -26.41 -20.37 0.22
N GLY D 45 -27.11 -19.76 -0.74
CA GLY D 45 -27.46 -18.35 -0.68
C GLY D 45 -26.27 -17.36 -0.77
N ALA D 46 -25.15 -17.76 -1.37
CA ALA D 46 -24.00 -16.88 -1.45
C ALA D 46 -24.21 -15.76 -2.48
N ALA D 47 -23.56 -14.63 -2.22
CA ALA D 47 -23.71 -13.45 -3.07
C ALA D 47 -22.55 -13.35 -4.04
N LEU D 48 -21.52 -14.14 -3.80
CA LEU D 48 -20.26 -14.01 -4.51
C LEU D 48 -19.53 -15.35 -4.54
N ALA D 49 -18.94 -15.66 -5.67
CA ALA D 49 -18.15 -16.88 -5.81
C ALA D 49 -16.91 -16.56 -6.66
N VAL D 50 -15.75 -16.65 -6.01
CA VAL D 50 -14.46 -16.36 -6.64
C VAL D 50 -13.70 -17.63 -7.06
N PHE D 51 -13.28 -17.70 -8.32
CA PHE D 51 -12.55 -18.86 -8.81
C PHE D 51 -11.05 -18.62 -9.04
N PRO D 52 -10.32 -19.66 -9.36
CA PRO D 52 -8.86 -19.49 -9.43
C PRO D 52 -8.41 -18.76 -10.71
N GLU D 53 -7.19 -18.21 -10.67
CA GLU D 53 -6.60 -17.50 -11.84
C GLU D 53 -6.79 -18.27 -13.16
N LEU D 54 -7.15 -17.57 -14.23
CA LEU D 54 -7.25 -18.23 -15.53
C LEU D 54 -8.11 -19.51 -15.51
N THR D 55 -9.21 -19.46 -14.78
CA THR D 55 -10.08 -20.62 -14.56
C THR D 55 -10.42 -21.42 -15.80
N LEU D 56 -10.85 -20.71 -16.83
CA LEU D 56 -11.45 -21.37 -17.98
C LEU D 56 -10.45 -22.07 -18.90
N SER D 57 -9.16 -21.78 -18.72
CA SER D 57 -8.16 -22.34 -19.61
C SER D 57 -7.19 -23.21 -18.82
N GLY D 58 -7.04 -22.90 -17.54
CA GLY D 58 -5.99 -23.49 -16.76
C GLY D 58 -4.87 -22.48 -16.77
N TYR D 59 -4.26 -22.25 -15.61
CA TYR D 59 -3.27 -21.21 -15.48
C TYR D 59 -1.93 -21.67 -16.05
N SER D 60 -1.69 -22.98 -16.04
CA SER D 60 -0.35 -23.52 -16.24
C SER D 60 -0.03 -23.93 -17.67
N ILE D 61 -0.92 -23.60 -18.61
CA ILE D 61 -0.75 -24.12 -19.97
C ILE D 61 0.27 -23.35 -20.83
N GLU D 62 0.90 -22.30 -20.28
CA GLU D 62 2.00 -21.55 -20.98
C GLU D 62 1.67 -21.14 -22.42
N ASP D 63 2.50 -21.46 -23.40
CA ASP D 63 2.21 -21.01 -24.76
C ASP D 63 0.90 -21.55 -25.35
N VAL D 64 0.28 -22.51 -24.67
CA VAL D 64 -0.97 -23.04 -25.22
C VAL D 64 -2.01 -21.92 -25.13
N LEU D 65 -1.71 -20.95 -24.28
CA LEU D 65 -2.56 -19.75 -24.12
C LEU D 65 -2.74 -19.00 -25.44
N LEU D 66 -1.72 -19.05 -26.30
CA LEU D 66 -1.68 -18.30 -27.57
C LEU D 66 -2.26 -19.05 -28.79
N GLN D 67 -2.83 -20.22 -28.57
CA GLN D 67 -3.44 -21.00 -29.63
C GLN D 67 -4.88 -20.56 -29.85
N ASP D 68 -5.15 -20.20 -31.09
CA ASP D 68 -6.47 -19.76 -31.50
C ASP D 68 -7.59 -20.65 -31.02
N SER D 69 -7.42 -21.97 -31.12
CA SER D 69 -8.52 -22.89 -30.79
C SER D 69 -8.80 -22.84 -29.30
N LEU D 70 -7.77 -22.53 -28.52
CA LEU D 70 -7.91 -22.49 -27.10
C LEU D 70 -8.65 -21.19 -26.72
N LEU D 71 -8.21 -20.09 -27.31
CA LEU D 71 -8.86 -18.79 -27.08
C LEU D 71 -10.30 -18.78 -27.56
N ASP D 72 -10.56 -19.40 -28.71
CA ASP D 72 -11.94 -19.54 -29.19
C ASP D 72 -12.80 -20.35 -28.23
N ALA D 73 -12.29 -21.48 -27.76
CA ALA D 73 -13.01 -22.33 -26.81
C ALA D 73 -13.28 -21.55 -25.53
N VAL D 74 -12.30 -20.78 -25.06
CA VAL D 74 -12.50 -19.99 -23.85
C VAL D 74 -13.73 -19.11 -24.00
N GLU D 75 -13.80 -18.39 -25.11
CA GLU D 75 -14.96 -17.48 -25.35
C GLU D 75 -16.29 -18.25 -25.36
N ASP D 76 -16.34 -19.40 -26.06
CA ASP D 76 -17.57 -20.18 -26.13
C ASP D 76 -18.03 -20.61 -24.74
N ALA D 77 -17.08 -21.06 -23.94
CA ALA D 77 -17.38 -21.47 -22.59
C ALA D 77 -17.88 -20.29 -21.77
N LEU D 78 -17.13 -19.18 -21.82
CA LEU D 78 -17.50 -17.98 -21.06
C LEU D 78 -18.95 -17.57 -21.35
N LEU D 79 -19.35 -17.57 -22.62
CA LEU D 79 -20.70 -17.19 -22.98
C LEU D 79 -21.79 -18.12 -22.43
N ASP D 80 -21.51 -19.42 -22.41
CA ASP D 80 -22.45 -20.37 -21.79
C ASP D 80 -22.58 -20.10 -20.30
N LEU D 81 -21.45 -19.93 -19.61
CA LEU D 81 -21.51 -19.55 -18.21
C LEU D 81 -22.42 -18.33 -18.02
N VAL D 82 -22.16 -17.29 -18.78
CA VAL D 82 -22.95 -16.08 -18.65
C VAL D 82 -24.44 -16.43 -18.80
N THR D 83 -24.75 -17.29 -19.77
CA THR D 83 -26.14 -17.66 -20.01
C THR D 83 -26.72 -18.44 -18.85
N GLU D 84 -25.93 -19.36 -18.31
CA GLU D 84 -26.39 -20.18 -17.15
C GLU D 84 -26.57 -19.30 -15.92
N SER D 85 -25.81 -18.21 -15.87
CA SER D 85 -25.81 -17.37 -14.67
C SER D 85 -27.13 -16.63 -14.47
N ALA D 86 -28.00 -16.65 -15.47
CA ALA D 86 -29.26 -15.92 -15.39
C ALA D 86 -30.11 -16.49 -14.28
N ASP D 87 -29.80 -17.73 -13.91
CA ASP D 87 -30.58 -18.43 -12.92
C ASP D 87 -29.82 -18.63 -11.62
N LEU D 88 -28.68 -17.95 -11.48
CA LEU D 88 -27.86 -18.10 -10.29
C LEU D 88 -27.87 -16.83 -9.45
N LEU D 89 -27.86 -16.98 -8.13
CA LEU D 89 -27.89 -15.84 -7.25
C LEU D 89 -26.55 -15.09 -7.19
N PRO D 90 -25.45 -15.80 -6.95
CA PRO D 90 -24.22 -15.06 -6.65
C PRO D 90 -23.63 -14.43 -7.87
N VAL D 91 -22.93 -13.32 -7.66
CA VAL D 91 -22.00 -12.79 -8.65
C VAL D 91 -20.85 -13.82 -8.78
N LEU D 92 -20.54 -14.23 -10.01
CA LEU D 92 -19.45 -15.15 -10.31
C LEU D 92 -18.24 -14.39 -10.79
N VAL D 93 -17.08 -14.68 -10.22
CA VAL D 93 -15.84 -14.09 -10.68
C VAL D 93 -14.92 -15.16 -11.27
N VAL D 94 -14.88 -15.25 -12.60
CA VAL D 94 -14.27 -16.38 -13.28
C VAL D 94 -13.07 -15.95 -14.09
N GLY D 95 -11.97 -16.67 -13.99
CA GLY D 95 -10.76 -16.32 -14.72
C GLY D 95 -10.77 -16.79 -16.19
N ALA D 96 -10.12 -16.04 -17.06
CA ALA D 96 -10.13 -16.36 -18.48
C ALA D 96 -9.11 -15.52 -19.22
N PRO D 97 -8.36 -16.16 -20.14
CA PRO D 97 -7.46 -15.42 -21.02
C PRO D 97 -8.29 -14.82 -22.17
N LEU D 98 -8.21 -13.53 -22.34
CA LEU D 98 -9.14 -12.88 -23.26
C LEU D 98 -8.43 -11.95 -24.25
N ARG D 99 -8.88 -11.97 -25.51
CA ARG D 99 -8.33 -11.12 -26.58
C ARG D 99 -8.83 -9.68 -26.43
N HIS D 100 -7.91 -8.73 -26.41
CA HIS D 100 -8.29 -7.31 -26.49
C HIS D 100 -7.22 -6.41 -27.10
N ARG D 101 -7.65 -5.52 -27.99
CA ARG D 101 -6.70 -4.80 -28.85
C ARG D 101 -5.61 -5.71 -29.52
N HIS D 102 -4.36 -5.59 -29.11
CA HIS D 102 -3.29 -6.44 -29.65
C HIS D 102 -3.02 -7.81 -28.96
N ARG D 103 -3.41 -7.95 -27.70
CA ARG D 103 -2.94 -9.11 -26.95
C ARG D 103 -3.98 -9.92 -26.17
N ILE D 104 -3.51 -10.88 -25.37
CA ILE D 104 -4.44 -11.50 -24.46
C ILE D 104 -4.13 -10.96 -23.12
N TYR D 105 -5.17 -10.69 -22.36
CA TYR D 105 -4.96 -10.28 -21.00
C TYR D 105 -5.31 -11.43 -20.07
N ASN D 106 -4.73 -11.40 -18.88
CA ASN D 106 -5.06 -12.33 -17.80
C ASN D 106 -6.23 -11.72 -17.06
N THR D 107 -7.43 -12.19 -17.33
CA THR D 107 -8.59 -11.45 -16.81
C THR D 107 -9.45 -12.23 -15.83
N ALA D 108 -10.18 -11.48 -15.02
CA ALA D 108 -11.27 -12.02 -14.23
C ALA D 108 -12.56 -11.43 -14.78
N VAL D 109 -13.53 -12.28 -15.07
CA VAL D 109 -14.75 -11.85 -15.72
C VAL D 109 -15.84 -11.84 -14.68
N VAL D 110 -16.38 -10.65 -14.40
CA VAL D 110 -17.35 -10.52 -13.31
C VAL D 110 -18.75 -10.73 -13.87
N ILE D 111 -19.37 -11.84 -13.49
CA ILE D 111 -20.59 -12.27 -14.16
C ILE D 111 -21.76 -12.26 -13.21
N HIS D 112 -22.92 -11.83 -13.69
CA HIS D 112 -24.08 -11.73 -12.82
C HIS D 112 -25.42 -11.77 -13.52
N ARG D 113 -26.28 -12.70 -13.09
CA ARG D 113 -27.65 -12.79 -13.61
C ARG D 113 -27.77 -12.54 -15.13
N GLY D 114 -26.98 -13.24 -15.91
CA GLY D 114 -27.15 -13.21 -17.35
C GLY D 114 -26.31 -12.19 -18.11
N ALA D 115 -25.58 -11.36 -17.37
CA ALA D 115 -24.79 -10.27 -17.94
C ALA D 115 -23.34 -10.30 -17.45
N VAL D 116 -22.44 -9.76 -18.27
CA VAL D 116 -21.08 -9.54 -17.80
C VAL D 116 -21.07 -8.14 -17.27
N LEU D 117 -20.71 -7.97 -15.99
CA LEU D 117 -20.69 -6.65 -15.39
C LEU D 117 -19.41 -5.89 -15.73
N GLY D 118 -18.30 -6.62 -15.82
CA GLY D 118 -17.00 -6.00 -16.05
C GLY D 118 -15.95 -7.06 -16.35
N VAL D 119 -14.84 -6.64 -16.94
CA VAL D 119 -13.71 -7.49 -17.16
C VAL D 119 -12.46 -6.81 -16.63
N VAL D 120 -11.73 -7.50 -15.76
CA VAL D 120 -10.62 -6.94 -15.03
C VAL D 120 -9.33 -7.71 -15.27
N PRO D 121 -8.32 -7.05 -15.80
CA PRO D 121 -7.03 -7.64 -16.16
C PRO D 121 -6.02 -7.59 -15.02
N LYS D 122 -5.20 -8.64 -14.93
CA LYS D 122 -4.14 -8.68 -13.94
C LYS D 122 -3.27 -7.46 -14.19
N SER D 123 -2.83 -6.77 -13.14
CA SER D 123 -2.04 -5.56 -13.36
C SER D 123 -0.57 -5.88 -13.50
N TYR D 124 -0.05 -6.73 -12.63
CA TYR D 124 1.37 -7.00 -12.67
C TYR D 124 1.62 -8.50 -12.97
N LEU D 125 2.40 -8.72 -14.01
CA LEU D 125 2.64 -10.05 -14.55
C LEU D 125 4.06 -10.55 -14.30
N PRO D 126 4.22 -11.34 -13.24
CA PRO D 126 5.51 -11.93 -12.85
C PRO D 126 6.23 -12.68 -13.98
N THR D 127 7.49 -12.31 -14.13
CA THR D 127 8.35 -12.83 -15.14
C THR D 127 9.71 -12.96 -14.50
N TYR D 128 9.78 -13.96 -13.64
CA TYR D 128 10.98 -14.25 -12.86
C TYR D 128 10.73 -15.60 -12.21
N ARG D 129 11.83 -16.22 -11.75
CA ARG D 129 11.80 -17.57 -11.15
C ARG D 129 10.89 -18.49 -11.95
N GLU D 130 9.81 -18.99 -11.35
CA GLU D 130 8.96 -20.03 -12.01
C GLU D 130 7.88 -19.40 -12.88
N PHE D 131 7.91 -18.06 -12.99
CA PHE D 131 6.82 -17.30 -13.63
C PHE D 131 7.22 -16.69 -14.97
N TYR D 132 6.40 -16.91 -15.99
CA TYR D 132 6.73 -16.43 -17.36
C TYR D 132 5.58 -15.65 -17.98
N GLU D 133 4.72 -15.05 -17.16
CA GLU D 133 3.43 -14.50 -17.64
C GLU D 133 3.55 -13.39 -18.74
N ARG D 134 4.63 -12.60 -18.74
CA ARG D 134 4.74 -11.54 -19.76
C ARG D 134 5.04 -12.08 -21.16
N ARG D 135 5.43 -13.36 -21.25
CA ARG D 135 5.67 -13.97 -22.54
C ARG D 135 4.38 -14.17 -23.32
N GLN D 136 3.28 -14.49 -22.65
CA GLN D 136 2.02 -14.80 -23.32
C GLN D 136 1.00 -13.64 -23.22
N MET D 137 1.03 -12.92 -22.11
CA MET D 137 -0.06 -12.02 -21.78
C MET D 137 0.42 -10.60 -21.55
N ALA D 138 -0.51 -9.65 -21.72
CA ALA D 138 -0.23 -8.22 -21.50
C ALA D 138 -0.61 -7.68 -20.11
N PRO D 139 0.18 -6.72 -19.62
CA PRO D 139 -0.15 -6.05 -18.37
C PRO D 139 -1.45 -5.24 -18.54
N GLY D 140 -2.23 -5.15 -17.46
CA GLY D 140 -3.51 -4.44 -17.48
C GLY D 140 -3.47 -3.08 -16.79
N ASP D 141 -2.40 -2.78 -16.06
CA ASP D 141 -2.35 -1.56 -15.26
C ASP D 141 -2.51 -0.43 -16.22
N GLY D 142 -3.41 0.51 -15.95
CA GLY D 142 -3.56 1.61 -16.88
C GLY D 142 -4.55 1.39 -18.02
N GLU D 143 -4.97 0.16 -18.26
CA GLU D 143 -6.03 -0.05 -19.28
C GLU D 143 -7.38 0.38 -18.75
N ARG D 144 -8.12 1.08 -19.61
CA ARG D 144 -9.49 1.49 -19.32
C ARG D 144 -10.39 1.18 -20.49
N GLY D 145 -11.54 1.82 -20.55
CA GLY D 145 -12.41 1.62 -21.69
C GLY D 145 -13.31 0.41 -21.58
N THR D 146 -13.66 -0.16 -22.74
CA THR D 146 -14.55 -1.33 -22.79
C THR D 146 -13.95 -2.44 -23.60
N ILE D 147 -14.59 -3.60 -23.51
CA ILE D 147 -14.18 -4.82 -24.22
C ILE D 147 -15.43 -5.50 -24.73
N ARG D 148 -15.30 -6.15 -25.87
CA ARG D 148 -16.47 -6.66 -26.57
C ARG D 148 -16.57 -8.10 -26.20
N ILE D 149 -17.72 -8.50 -25.67
CA ILE D 149 -17.90 -9.83 -25.16
C ILE D 149 -19.30 -10.25 -25.44
N GLY D 150 -19.42 -11.31 -26.25
CA GLY D 150 -20.71 -11.78 -26.70
C GLY D 150 -21.58 -10.63 -27.16
N GLY D 151 -21.06 -9.86 -28.11
CA GLY D 151 -21.78 -8.71 -28.66
C GLY D 151 -22.32 -7.70 -27.66
N ALA D 152 -21.53 -7.39 -26.63
CA ALA D 152 -21.87 -6.29 -25.74
C ALA D 152 -20.61 -5.58 -25.33
N ASP D 153 -20.70 -4.27 -25.12
CA ASP D 153 -19.50 -3.58 -24.67
C ASP D 153 -19.55 -3.44 -23.18
N VAL D 154 -18.51 -3.92 -22.50
CA VAL D 154 -18.58 -3.96 -21.06
C VAL D 154 -17.32 -3.33 -20.51
N ALA D 155 -17.41 -2.80 -19.30
CA ALA D 155 -16.28 -2.07 -18.76
C ALA D 155 -15.03 -2.97 -18.71
N PHE D 156 -13.90 -2.38 -19.01
CA PHE D 156 -12.64 -3.07 -18.96
C PHE D 156 -11.63 -2.21 -18.18
N GLY D 157 -10.96 -2.83 -17.22
CA GLY D 157 -9.83 -2.18 -16.58
C GLY D 157 -9.62 -2.43 -15.10
N THR D 158 -8.66 -1.70 -14.55
CA THR D 158 -8.19 -1.97 -13.20
C THR D 158 -8.93 -1.13 -12.18
N ASP D 159 -9.69 -0.16 -12.69
CA ASP D 159 -10.44 0.84 -11.93
C ASP D 159 -11.95 0.55 -11.69
N LEU D 160 -12.35 -0.71 -11.58
CA LEU D 160 -13.77 -1.05 -11.50
C LEU D 160 -14.27 -1.37 -10.09
N LEU D 161 -15.49 -0.99 -9.80
CA LEU D 161 -16.14 -1.38 -8.54
C LEU D 161 -17.52 -1.88 -8.88
N PHE D 162 -17.88 -3.00 -8.33
CA PHE D 162 -19.23 -3.51 -8.54
C PHE D 162 -20.03 -3.35 -7.24
N ALA D 163 -21.00 -2.44 -7.27
CA ALA D 163 -21.77 -2.11 -6.09
C ALA D 163 -23.19 -2.66 -6.15
N ALA D 164 -23.56 -3.38 -5.09
CA ALA D 164 -24.91 -3.90 -4.96
C ALA D 164 -25.84 -2.78 -4.54
N SER D 165 -26.78 -2.47 -5.44
CA SER D 165 -27.70 -1.35 -5.28
C SER D 165 -28.60 -1.55 -4.07
N ASP D 166 -28.90 -2.82 -3.75
CA ASP D 166 -29.77 -3.17 -2.63
C ASP D 166 -29.03 -3.75 -1.44
N LEU D 167 -27.78 -3.34 -1.27
CA LEU D 167 -26.93 -3.90 -0.25
C LEU D 167 -25.62 -3.12 -0.26
N PRO D 168 -25.70 -1.83 0.11
CA PRO D 168 -24.65 -0.81 0.01
C PRO D 168 -23.37 -1.17 0.76
N GLY D 169 -23.47 -2.08 1.72
CA GLY D 169 -22.31 -2.50 2.47
C GLY D 169 -21.41 -3.40 1.63
N PHE D 170 -21.94 -3.87 0.51
CA PHE D 170 -21.24 -4.79 -0.39
C PHE D 170 -20.73 -4.09 -1.66
N VAL D 171 -19.45 -3.70 -1.67
CA VAL D 171 -18.86 -3.09 -2.85
C VAL D 171 -17.63 -3.90 -3.23
N LEU D 172 -17.70 -4.62 -4.36
CA LEU D 172 -16.69 -5.54 -4.85
C LEU D 172 -15.63 -4.88 -5.71
N HIS D 173 -14.39 -5.28 -5.45
CA HIS D 173 -13.27 -4.99 -6.31
C HIS D 173 -12.53 -6.28 -6.60
N VAL D 174 -11.98 -6.43 -7.80
CA VAL D 174 -11.25 -7.65 -8.18
C VAL D 174 -9.79 -7.36 -8.58
N GLU D 175 -8.85 -8.12 -8.04
CA GLU D 175 -7.44 -8.12 -8.54
C GLU D 175 -7.00 -9.55 -8.74
N ILE D 176 -5.77 -9.73 -9.22
CA ILE D 176 -5.35 -11.07 -9.57
C ILE D 176 -3.96 -11.43 -9.06
N ALA D 177 -3.90 -12.42 -8.17
CA ALA D 177 -2.64 -12.99 -7.73
C ALA D 177 -1.58 -11.95 -7.40
N GLU D 178 -0.49 -11.97 -8.14
CA GLU D 178 0.62 -10.97 -8.01
C GLU D 178 0.17 -9.57 -7.62
N ASP D 179 -0.98 -9.14 -8.12
CA ASP D 179 -1.48 -7.79 -7.80
C ASP D 179 -1.38 -7.41 -6.29
N MET D 180 -1.60 -8.35 -5.40
CA MET D 180 -1.59 -8.04 -3.97
C MET D 180 -0.22 -8.10 -3.29
N PHE D 181 0.83 -8.31 -4.09
CA PHE D 181 2.18 -8.61 -3.59
C PHE D 181 3.12 -7.43 -3.78
N VAL D 182 2.63 -6.41 -4.47
CA VAL D 182 3.48 -5.25 -4.82
C VAL D 182 3.30 -4.15 -3.81
N PRO D 183 4.29 -3.26 -3.68
CA PRO D 183 4.16 -2.21 -2.67
C PRO D 183 2.81 -1.44 -2.69
N MET D 184 2.29 -1.15 -3.87
CA MET D 184 1.01 -0.44 -3.95
C MET D 184 0.01 -1.19 -4.79
N PRO D 185 -0.71 -2.10 -4.16
CA PRO D 185 -1.64 -3.01 -4.81
C PRO D 185 -2.89 -2.26 -5.20
N PRO D 186 -3.46 -2.63 -6.35
CA PRO D 186 -4.72 -2.07 -6.87
C PRO D 186 -5.82 -2.15 -5.82
N SER D 187 -5.92 -3.25 -5.07
CA SER D 187 -6.95 -3.33 -4.03
C SER D 187 -6.89 -2.19 -2.97
N ALA D 188 -5.69 -1.67 -2.65
CA ALA D 188 -5.62 -0.57 -1.66
C ALA D 188 -6.26 0.73 -2.14
N GLU D 189 -5.93 1.13 -3.38
CA GLU D 189 -6.70 2.18 -4.08
C GLU D 189 -8.22 1.94 -4.08
N ALA D 190 -8.61 0.73 -4.46
CA ALA D 190 -10.02 0.35 -4.53
C ALA D 190 -10.72 0.51 -3.19
N ALA D 191 -10.08 0.08 -2.10
CA ALA D 191 -10.72 0.20 -0.79
C ALA D 191 -10.98 1.68 -0.42
N LEU D 192 -9.95 2.52 -0.56
CA LEU D 192 -10.07 3.98 -0.42
C LEU D 192 -11.20 4.53 -1.28
N ALA D 193 -11.47 3.88 -2.40
CA ALA D 193 -12.51 4.38 -3.29
C ALA D 193 -13.91 3.90 -2.88
N GLY D 194 -13.95 2.94 -1.96
CA GLY D 194 -15.23 2.43 -1.53
C GLY D 194 -15.40 0.92 -1.53
N ALA D 195 -14.45 0.19 -2.09
CA ALA D 195 -14.56 -1.27 -2.11
C ALA D 195 -14.49 -1.80 -0.70
N THR D 196 -15.40 -2.73 -0.37
CA THR D 196 -15.44 -3.36 0.95
C THR D 196 -15.10 -4.88 0.93
N VAL D 197 -15.30 -5.52 -0.22
CA VAL D 197 -14.94 -6.92 -0.40
C VAL D 197 -13.92 -7.05 -1.55
N LEU D 198 -12.68 -7.37 -1.22
CA LEU D 198 -11.65 -7.48 -2.23
C LEU D 198 -11.45 -8.95 -2.67
N ALA D 199 -11.60 -9.23 -3.96
CA ALA D 199 -11.38 -10.57 -4.49
C ALA D 199 -10.00 -10.75 -5.11
N ASN D 200 -9.45 -11.95 -5.01
CA ASN D 200 -8.20 -12.28 -5.64
C ASN D 200 -8.35 -13.64 -6.30
N LEU D 201 -8.23 -13.72 -7.63
CA LEU D 201 -8.10 -15.02 -8.27
C LEU D 201 -6.59 -15.30 -8.39
N SER D 202 -6.18 -16.51 -8.05
CA SER D 202 -4.75 -16.85 -7.99
C SER D 202 -4.51 -18.19 -8.65
N GLY D 203 -3.33 -18.33 -9.28
CA GLY D 203 -2.88 -19.63 -9.71
C GLY D 203 -1.98 -20.22 -8.65
N SER D 204 -0.87 -19.52 -8.43
CA SER D 204 -0.06 -19.70 -7.23
C SER D 204 0.45 -21.11 -7.03
N PRO D 205 1.37 -21.55 -7.91
CA PRO D 205 1.97 -22.87 -7.73
C PRO D 205 2.59 -22.90 -6.33
N ILE D 206 2.45 -24.03 -5.64
CA ILE D 206 2.81 -24.10 -4.24
C ILE D 206 4.25 -24.49 -3.98
N THR D 207 4.87 -23.80 -3.03
CA THR D 207 6.17 -24.23 -2.55
C THR D 207 6.22 -24.08 -1.05
N ILE D 208 7.30 -24.59 -0.47
CA ILE D 208 7.52 -24.47 0.95
C ILE D 208 7.47 -23.01 1.32
N GLY D 209 6.63 -22.70 2.29
CA GLY D 209 6.54 -21.35 2.82
C GLY D 209 5.63 -20.40 2.07
N ARG D 210 5.16 -20.80 0.89
CA ARG D 210 4.27 -19.95 0.12
C ARG D 210 2.88 -19.70 0.72
N ALA D 211 2.29 -20.69 1.37
CA ALA D 211 0.98 -20.49 1.97
C ALA D 211 1.05 -19.41 3.04
N GLU D 212 2.15 -19.41 3.79
CA GLU D 212 2.42 -18.32 4.78
C GLU D 212 2.51 -16.96 4.05
N ASP D 213 3.25 -16.87 2.95
CA ASP D 213 3.24 -15.64 2.15
C ASP D 213 1.82 -15.18 1.77
N ARG D 214 1.00 -16.10 1.26
CA ARG D 214 -0.37 -15.75 0.86
C ARG D 214 -1.15 -15.27 2.06
N ARG D 215 -1.06 -15.98 3.16
CA ARG D 215 -1.72 -15.52 4.40
C ARG D 215 -1.23 -14.15 4.88
N LEU D 216 0.09 -13.93 4.87
CA LEU D 216 0.61 -12.66 5.35
C LEU D 216 0.06 -11.51 4.51
N LEU D 217 0.01 -11.72 3.21
CA LEU D 217 -0.41 -10.63 2.32
C LEU D 217 -1.90 -10.45 2.24
N ALA D 218 -2.66 -11.54 2.28
CA ALA D 218 -4.11 -11.43 2.25
C ALA D 218 -4.61 -10.88 3.58
N ARG D 219 -4.03 -11.37 4.66
CA ARG D 219 -4.45 -10.97 5.99
C ARG D 219 -4.13 -9.49 6.18
N SER D 220 -2.89 -9.09 5.88
CA SER D 220 -2.52 -7.69 6.16
C SER D 220 -3.37 -6.76 5.28
N ALA D 221 -3.57 -7.16 4.03
CA ALA D 221 -4.49 -6.43 3.15
C ALA D 221 -5.86 -6.21 3.78
N SER D 222 -6.47 -7.28 4.29
CA SER D 222 -7.82 -7.17 4.86
C SER D 222 -7.84 -6.20 6.05
N ALA D 223 -6.74 -6.16 6.80
CA ALA D 223 -6.63 -5.34 8.01
C ALA D 223 -6.38 -3.84 7.71
N ARG D 224 -5.32 -3.55 6.95
CA ARG D 224 -4.99 -2.21 6.46
C ARG D 224 -6.12 -1.53 5.66
N CYS D 225 -7.00 -2.33 5.07
CA CYS D 225 -7.97 -1.84 4.11
C CYS D 225 -9.36 -2.00 4.69
N LEU D 226 -9.39 -2.42 5.95
CA LEU D 226 -10.65 -2.53 6.66
C LEU D 226 -11.67 -3.21 5.74
N ALA D 227 -11.37 -4.43 5.33
CA ALA D 227 -12.14 -5.09 4.29
C ALA D 227 -12.18 -6.60 4.45
N ALA D 228 -13.13 -7.23 3.77
CA ALA D 228 -13.06 -8.68 3.50
C ALA D 228 -12.08 -8.86 2.36
N TYR D 229 -11.29 -9.93 2.45
CA TYR D 229 -10.40 -10.31 1.36
C TYR D 229 -10.66 -11.77 1.00
N VAL D 230 -11.12 -12.03 -0.24
CA VAL D 230 -11.61 -13.35 -0.66
C VAL D 230 -10.68 -13.99 -1.68
N TYR D 231 -10.04 -15.11 -1.32
CA TYR D 231 -8.89 -15.67 -2.07
C TYR D 231 -9.02 -17.16 -2.47
N ALA D 232 -8.62 -17.47 -3.68
CA ALA D 232 -8.87 -18.78 -4.28
C ALA D 232 -7.69 -19.14 -5.17
N ALA D 233 -7.07 -20.29 -4.92
CA ALA D 233 -5.96 -20.69 -5.78
C ALA D 233 -6.22 -21.99 -6.57
N ALA D 234 -5.42 -22.19 -7.60
CA ALA D 234 -5.63 -23.32 -8.48
C ALA D 234 -5.32 -24.57 -7.71
N GLY D 235 -5.93 -25.70 -8.10
CA GLY D 235 -5.64 -26.97 -7.48
C GLY D 235 -5.40 -28.15 -8.40
N GLU D 236 -5.96 -29.30 -8.04
CA GLU D 236 -5.86 -30.55 -8.84
C GLU D 236 -6.21 -30.29 -10.27
N GLY D 237 -5.39 -30.80 -11.19
CA GLY D 237 -5.66 -30.66 -12.61
C GLY D 237 -4.72 -29.75 -13.37
N GLU D 238 -4.15 -28.73 -12.73
CA GLU D 238 -3.11 -27.88 -13.38
C GLU D 238 -1.91 -28.77 -13.70
N SER D 239 -1.11 -28.39 -14.69
CA SER D 239 -0.01 -29.22 -15.13
C SER D 239 1.07 -29.34 -14.06
N THR D 240 1.64 -30.54 -13.92
CA THR D 240 2.72 -30.72 -12.96
C THR D 240 4.04 -30.96 -13.67
N THR D 241 4.14 -30.38 -14.87
CA THR D 241 5.39 -30.31 -15.61
C THR D 241 6.58 -29.71 -14.82
N ASP D 242 6.37 -28.60 -14.11
CA ASP D 242 7.44 -28.09 -13.24
C ASP D 242 6.95 -27.67 -11.86
N LEU D 243 5.64 -27.80 -11.61
CA LEU D 243 5.07 -27.27 -10.39
C LEU D 243 3.95 -28.09 -9.78
N ALA D 244 3.74 -27.91 -8.47
CA ALA D 244 2.59 -28.51 -7.77
C ALA D 244 1.64 -27.43 -7.32
N TRP D 245 0.42 -27.84 -6.95
CA TRP D 245 -0.68 -26.91 -6.66
C TRP D 245 -1.44 -27.41 -5.45
N ASP D 246 -1.85 -26.47 -4.59
CA ASP D 246 -2.45 -26.89 -3.33
C ASP D 246 -3.94 -26.56 -3.16
N GLY D 247 -4.54 -25.83 -4.09
CA GLY D 247 -5.98 -25.57 -4.02
C GLY D 247 -6.49 -24.74 -2.84
N GLN D 248 -5.59 -24.01 -2.19
CA GLN D 248 -5.97 -23.27 -0.99
C GLN D 248 -7.06 -22.23 -1.23
N THR D 249 -8.05 -22.17 -0.35
CA THR D 249 -8.95 -21.03 -0.38
C THR D 249 -9.05 -20.43 1.01
N MET D 250 -9.29 -19.13 1.08
CA MET D 250 -9.46 -18.50 2.37
C MET D 250 -10.25 -17.20 2.27
N ILE D 251 -10.92 -16.83 3.35
CA ILE D 251 -11.71 -15.61 3.45
C ILE D 251 -11.30 -14.89 4.71
N TRP D 252 -10.82 -13.66 4.54
CA TRP D 252 -10.37 -12.81 5.65
C TRP D 252 -11.26 -11.59 5.87
N GLU D 253 -11.31 -11.10 7.09
CA GLU D 253 -12.12 -9.90 7.41
C GLU D 253 -11.38 -9.09 8.46
N ASN D 254 -10.83 -7.97 8.00
CA ASN D 254 -10.18 -7.03 8.91
C ASN D 254 -9.12 -7.66 9.80
N GLY D 255 -8.42 -8.65 9.28
CA GLY D 255 -7.28 -9.27 9.95
C GLY D 255 -7.60 -10.67 10.45
N ALA D 256 -8.88 -10.97 10.47
CA ALA D 256 -9.38 -12.18 11.10
C ALA D 256 -9.68 -13.19 10.02
N LEU D 257 -9.35 -14.44 10.26
CA LEU D 257 -9.66 -15.46 9.29
C LEU D 257 -11.08 -15.95 9.48
N LEU D 258 -11.94 -15.74 8.49
CA LEU D 258 -13.31 -16.22 8.61
C LEU D 258 -13.46 -17.72 8.27
N ALA D 259 -12.63 -18.20 7.35
CA ALA D 259 -12.80 -19.54 6.75
C ALA D 259 -11.61 -19.86 5.86
N GLU D 260 -11.33 -21.15 5.70
CA GLU D 260 -10.27 -21.64 4.78
C GLU D 260 -10.50 -23.11 4.53
N SER D 261 -9.94 -23.60 3.46
CA SER D 261 -10.33 -24.91 3.02
C SER D 261 -9.12 -25.79 3.10
N GLU D 262 -9.32 -27.06 2.81
CA GLU D 262 -8.25 -28.10 2.99
C GLU D 262 -7.16 -27.89 1.96
N ARG D 263 -5.90 -27.79 2.39
CA ARG D 263 -4.79 -27.76 1.41
C ARG D 263 -4.53 -29.15 0.68
N PHE D 264 -4.16 -29.14 -0.59
CA PHE D 264 -3.94 -30.36 -1.36
C PHE D 264 -5.13 -31.28 -1.27
N PRO D 265 -6.33 -30.78 -1.61
CA PRO D 265 -7.48 -31.65 -1.42
C PRO D 265 -7.57 -32.67 -2.55
N LYS D 266 -8.31 -33.75 -2.35
CA LYS D 266 -8.79 -34.57 -3.44
C LYS D 266 -10.22 -34.12 -3.68
N GLY D 267 -10.42 -33.39 -4.77
CA GLY D 267 -11.74 -32.90 -5.13
C GLY D 267 -11.80 -31.40 -4.97
N VAL D 268 -12.93 -30.84 -5.36
CA VAL D 268 -13.08 -29.40 -5.26
C VAL D 268 -13.44 -29.03 -3.84
N ARG D 269 -13.05 -27.82 -3.43
CA ARG D 269 -13.28 -27.30 -2.11
C ARG D 269 -13.81 -25.87 -2.21
N ARG D 270 -14.56 -25.44 -1.18
CA ARG D 270 -15.00 -24.05 -1.02
C ARG D 270 -14.75 -23.51 0.38
N SER D 271 -14.47 -22.23 0.45
CA SER D 271 -14.61 -21.52 1.71
C SER D 271 -15.90 -20.69 1.63
N VAL D 272 -16.80 -20.85 2.58
CA VAL D 272 -18.01 -20.06 2.58
C VAL D 272 -18.17 -19.40 3.97
N ALA D 273 -18.34 -18.09 4.00
CA ALA D 273 -18.41 -17.34 5.24
C ALA D 273 -19.38 -16.19 5.13
N ASP D 274 -19.97 -15.80 6.25
CA ASP D 274 -20.76 -14.58 6.24
C ASP D 274 -19.90 -13.40 6.68
N VAL D 275 -19.58 -12.51 5.73
CA VAL D 275 -18.88 -11.26 6.03
C VAL D 275 -19.84 -10.25 6.66
N ASP D 276 -19.38 -9.62 7.74
CA ASP D 276 -20.19 -8.60 8.42
C ASP D 276 -19.93 -7.18 7.84
N THR D 277 -20.80 -6.73 6.94
CA THR D 277 -20.50 -5.50 6.23
C THR D 277 -20.62 -4.35 7.19
N GLU D 278 -21.43 -4.54 8.22
CA GLU D 278 -21.62 -3.49 9.25
C GLU D 278 -20.36 -3.34 10.05
N LEU D 279 -19.63 -4.44 10.22
CA LEU D 279 -18.37 -4.39 10.94
C LEU D 279 -17.38 -3.50 10.19
N LEU D 280 -17.23 -3.78 8.90
CA LEU D 280 -16.38 -2.97 8.07
C LEU D 280 -16.88 -1.50 8.12
N ARG D 281 -18.18 -1.30 7.93
CA ARG D 281 -18.75 0.04 7.94
C ARG D 281 -18.34 0.74 9.24
N SER D 282 -18.39 0.00 10.35
CA SER D 282 -18.15 0.61 11.64
C SER D 282 -16.71 0.99 11.82
N GLU D 283 -15.84 0.12 11.36
CA GLU D 283 -14.40 0.33 11.53
C GLU D 283 -13.94 1.59 10.79
N ARG D 284 -14.40 1.70 9.54
CA ARG D 284 -14.14 2.86 8.68
C ARG D 284 -14.77 4.18 9.17
N LEU D 285 -15.99 4.12 9.69
CA LEU D 285 -16.65 5.32 10.22
C LEU D 285 -15.83 5.98 11.33
N ARG D 286 -15.06 5.15 12.06
CA ARG D 286 -14.33 5.54 13.27
C ARG D 286 -12.88 5.95 13.02
N MET D 287 -12.26 5.30 12.04
CA MET D 287 -10.86 5.57 11.75
C MET D 287 -10.68 6.66 10.68
N GLY D 288 -10.73 7.91 11.11
CA GLY D 288 -10.72 9.00 10.15
C GLY D 288 -9.49 9.01 9.26
N THR D 289 -8.39 8.46 9.75
CA THR D 289 -7.15 8.52 9.00
C THR D 289 -7.25 7.72 7.69
N PHE D 290 -8.17 6.76 7.64
CA PHE D 290 -8.51 6.02 6.44
C PHE D 290 -9.07 6.99 5.37
N ASP D 291 -10.03 7.83 5.74
CA ASP D 291 -10.56 8.83 4.80
C ASP D 291 -9.52 9.85 4.44
N ASP D 292 -8.70 10.24 5.42
CA ASP D 292 -7.62 11.19 5.19
C ASP D 292 -6.70 10.73 4.06
N ASN D 293 -6.35 9.44 4.12
CA ASN D 293 -5.54 8.75 3.12
C ASN D 293 -6.22 8.80 1.75
N ARG D 294 -7.52 8.47 1.70
CA ARG D 294 -8.30 8.69 0.49
C ARG D 294 -8.16 10.10 -0.04
N ARG D 295 -8.36 11.09 0.80
CA ARG D 295 -8.30 12.48 0.32
C ARG D 295 -6.92 12.84 -0.26
N HIS D 296 -5.88 12.28 0.34
CA HIS D 296 -4.53 12.58 -0.11
C HIS D 296 -4.30 12.02 -1.53
N HIS D 297 -4.93 10.89 -1.84
CA HIS D 297 -4.93 10.23 -3.15
C HIS D 297 -6.30 10.42 -3.85
N ARG D 298 -6.83 11.64 -3.79
CA ARG D 298 -8.16 11.93 -4.32
C ARG D 298 -8.27 11.63 -5.83
N GLU D 299 -7.29 12.12 -6.59
CA GLU D 299 -7.23 11.89 -8.05
C GLU D 299 -7.33 10.40 -8.32
N LEU D 300 -6.36 9.59 -7.86
CA LEU D 300 -6.47 8.11 -7.87
C LEU D 300 -7.85 7.51 -7.52
N THR D 301 -8.39 7.88 -6.38
CA THR D 301 -9.60 7.26 -5.82
C THR D 301 -10.93 7.72 -6.46
N GLU D 302 -10.98 8.91 -7.05
CA GLU D 302 -12.29 9.34 -7.63
C GLU D 302 -12.46 8.85 -9.09
N SER D 303 -11.37 8.34 -9.64
CA SER D 303 -11.39 7.89 -11.02
C SER D 303 -12.07 6.51 -11.19
N PHE D 304 -12.55 5.93 -10.10
CA PHE D 304 -13.09 4.59 -10.23
C PHE D 304 -14.47 4.68 -10.85
N ARG D 305 -14.81 3.64 -11.60
CA ARG D 305 -16.11 3.52 -12.23
C ARG D 305 -16.93 2.53 -11.42
N ARG D 306 -18.10 2.98 -10.98
CA ARG D 306 -18.93 2.18 -10.10
C ARG D 306 -20.02 1.54 -10.94
N ILE D 307 -20.05 0.21 -11.00
CA ILE D 307 -21.04 -0.53 -11.78
C ILE D 307 -22.10 -1.22 -10.91
N ASP D 308 -23.35 -0.87 -11.15
CA ASP D 308 -24.42 -1.31 -10.30
C ASP D 308 -25.06 -2.61 -10.71
N PHE D 309 -25.46 -3.37 -9.70
CA PHE D 309 -26.24 -4.58 -9.91
C PHE D 309 -27.14 -4.76 -8.69
N ALA D 310 -28.24 -5.49 -8.85
CA ALA D 310 -29.15 -5.74 -7.74
C ALA D 310 -29.03 -7.18 -7.37
N LEU D 311 -28.58 -7.42 -6.14
CA LEU D 311 -28.33 -8.77 -5.70
C LEU D 311 -29.63 -9.52 -5.46
N ASP D 312 -30.56 -8.82 -4.81
CA ASP D 312 -31.83 -9.41 -4.39
C ASP D 312 -31.64 -10.78 -3.69
N PRO D 313 -31.00 -10.77 -2.53
CA PRO D 313 -30.64 -11.98 -1.79
C PRO D 313 -31.82 -12.62 -1.09
N PRO D 314 -31.63 -13.83 -0.55
CA PRO D 314 -32.71 -14.55 0.11
C PRO D 314 -33.12 -13.79 1.38
N ALA D 315 -34.43 -13.66 1.57
CA ALA D 315 -34.97 -12.95 2.70
C ALA D 315 -35.06 -13.77 4.01
N GLY D 316 -34.98 -15.09 3.90
CA GLY D 316 -35.29 -15.97 5.02
C GLY D 316 -34.13 -16.49 5.84
N ASP D 317 -34.43 -17.47 6.68
CA ASP D 317 -33.41 -18.02 7.59
C ASP D 317 -32.48 -18.95 6.82
N ILE D 318 -31.21 -18.57 6.75
CA ILE D 318 -30.20 -19.39 6.09
C ILE D 318 -29.03 -19.49 7.03
N GLY D 319 -29.32 -19.40 8.31
CA GLY D 319 -28.31 -19.61 9.34
C GLY D 319 -27.26 -18.55 9.30
N LEU D 320 -26.13 -18.77 9.98
CA LEU D 320 -25.09 -17.78 10.02
C LEU D 320 -23.77 -18.47 9.91
N LEU D 321 -23.17 -18.40 8.73
CA LEU D 321 -21.89 -19.04 8.55
C LEU D 321 -20.74 -18.20 9.09
N ARG D 322 -20.68 -18.13 10.40
CA ARG D 322 -19.72 -17.26 11.05
C ARG D 322 -19.57 -17.71 12.50
N GLU D 323 -18.35 -17.66 13.00
CA GLU D 323 -18.08 -18.00 14.42
C GLU D 323 -18.30 -16.77 15.27
N VAL D 324 -19.29 -16.83 16.14
CA VAL D 324 -19.56 -15.75 17.07
C VAL D 324 -19.21 -16.18 18.50
N GLU D 325 -18.06 -15.74 18.99
CA GLU D 325 -17.64 -16.17 20.33
C GLU D 325 -18.53 -15.58 21.44
N ARG D 326 -18.79 -16.37 22.47
CA ARG D 326 -19.63 -15.97 23.60
C ARG D 326 -19.04 -14.80 24.36
N PHE D 327 -17.72 -14.75 24.46
CA PHE D 327 -17.08 -13.75 25.30
C PHE D 327 -16.14 -12.91 24.47
N PRO D 328 -16.65 -11.79 23.96
CA PRO D 328 -15.81 -10.95 23.12
C PRO D 328 -14.53 -10.53 23.86
N PHE D 329 -14.60 -10.44 25.18
CA PHE D 329 -13.44 -9.99 25.94
C PHE D 329 -12.55 -11.16 26.41
N VAL D 330 -13.06 -12.38 26.22
CA VAL D 330 -12.37 -13.60 26.67
C VAL D 330 -12.28 -14.68 25.59
N PRO D 331 -11.20 -14.64 24.79
CA PRO D 331 -11.03 -15.67 23.74
C PRO D 331 -11.10 -17.10 24.28
N ALA D 332 -11.84 -17.95 23.57
CA ALA D 332 -11.96 -19.38 23.90
C ALA D 332 -10.68 -20.20 23.66
N ASP D 333 -9.87 -19.78 22.68
CA ASP D 333 -8.59 -20.44 22.47
C ASP D 333 -7.60 -20.19 23.60
N PRO D 334 -7.06 -21.27 24.14
CA PRO D 334 -6.17 -21.12 25.29
C PRO D 334 -4.87 -20.38 24.99
N GLN D 335 -4.22 -20.59 23.86
CA GLN D 335 -2.98 -19.84 23.55
C GLN D 335 -3.28 -18.35 23.61
N ARG D 336 -4.38 -17.95 22.96
CA ARG D 336 -4.72 -16.56 22.81
C ARG D 336 -5.17 -15.97 24.15
N LEU D 337 -5.98 -16.70 24.91
CA LEU D 337 -6.42 -16.22 26.21
C LEU D 337 -5.24 -15.98 27.14
N GLN D 338 -4.32 -16.94 27.22
CA GLN D 338 -3.07 -16.76 27.97
C GLN D 338 -2.37 -15.45 27.57
N GLN D 339 -2.29 -15.16 26.27
CA GLN D 339 -1.63 -13.94 25.82
C GLN D 339 -2.37 -12.69 26.32
N ASP D 340 -3.70 -12.69 26.17
CA ASP D 340 -4.54 -11.56 26.54
C ASP D 340 -4.33 -11.26 28.04
N CYS D 341 -4.36 -12.33 28.83
CA CYS D 341 -4.20 -12.20 30.26
C CYS D 341 -2.85 -11.60 30.60
N TYR D 342 -1.78 -12.19 30.04
CA TYR D 342 -0.45 -11.62 30.17
C TYR D 342 -0.41 -10.12 29.88
N GLU D 343 -1.07 -9.72 28.79
CA GLU D 343 -1.08 -8.29 28.40
C GLU D 343 -1.91 -7.45 29.40
N ALA D 344 -3.14 -7.87 29.66
CA ALA D 344 -4.01 -7.14 30.59
C ALA D 344 -3.26 -6.90 31.91
N TYR D 345 -2.73 -7.94 32.50
CA TYR D 345 -2.01 -7.81 33.76
C TYR D 345 -0.89 -6.80 33.69
N ASN D 346 -0.09 -6.86 32.65
CA ASN D 346 1.05 -5.94 32.56
C ASN D 346 0.66 -4.51 32.31
N ILE D 347 -0.50 -4.34 31.68
CA ILE D 347 -1.08 -3.05 31.46
C ILE D 347 -1.43 -2.44 32.82
N GLN D 348 -2.26 -3.14 33.58
CA GLN D 348 -2.62 -2.74 34.94
C GLN D 348 -1.42 -2.38 35.80
N VAL D 349 -0.50 -3.33 35.93
CA VAL D 349 0.71 -3.11 36.73
C VAL D 349 1.54 -1.87 36.31
N SER D 350 1.91 -1.75 35.04
CA SER D 350 2.81 -0.69 34.66
C SER D 350 2.10 0.66 34.67
N GLY D 351 0.77 0.62 34.55
CA GLY D 351 -0.02 1.84 34.66
C GLY D 351 0.11 2.39 36.07
N LEU D 352 0.00 1.50 37.04
CA LEU D 352 0.13 1.84 38.45
C LEU D 352 1.57 2.17 38.80
N GLU D 353 2.52 1.39 38.29
CA GLU D 353 3.98 1.77 38.48
C GLU D 353 4.26 3.27 38.18
N GLN D 354 3.75 3.77 37.06
CA GLN D 354 4.04 5.15 36.69
C GLN D 354 3.37 6.13 37.65
N ARG D 355 2.13 5.86 38.05
CA ARG D 355 1.48 6.74 39.04
C ARG D 355 2.33 6.83 40.30
N LEU D 356 2.75 5.67 40.81
CA LEU D 356 3.58 5.61 42.00
C LEU D 356 4.90 6.35 41.85
N ARG D 357 5.59 6.18 40.71
CA ARG D 357 6.88 6.85 40.53
C ARG D 357 6.65 8.35 40.59
N ALA D 358 5.58 8.79 39.95
CA ALA D 358 5.30 10.23 39.84
C ALA D 358 4.98 10.83 41.20
N LEU D 359 4.36 10.04 42.08
CA LEU D 359 3.98 10.55 43.40
C LEU D 359 5.07 10.26 44.43
N ASP D 360 6.28 9.97 43.95
CA ASP D 360 7.41 9.63 44.81
C ASP D 360 7.09 8.52 45.82
N TYR D 361 6.38 7.49 45.37
CA TYR D 361 6.14 6.23 46.13
C TYR D 361 5.28 6.37 47.38
N PRO D 362 4.03 6.80 47.19
CA PRO D 362 3.09 6.91 48.29
C PRO D 362 2.76 5.53 48.75
N LYS D 363 2.11 5.40 49.90
CA LYS D 363 1.56 4.13 50.33
C LYS D 363 0.35 3.88 49.45
N VAL D 364 -0.01 2.61 49.30
CA VAL D 364 -1.17 2.25 48.52
C VAL D 364 -2.28 1.83 49.49
N VAL D 365 -3.40 2.55 49.47
CA VAL D 365 -4.52 2.25 50.34
C VAL D 365 -5.65 1.55 49.59
N ILE D 366 -6.11 0.41 50.09
CA ILE D 366 -7.09 -0.39 49.35
C ILE D 366 -8.08 -1.11 50.27
N GLY D 367 -9.36 -1.02 49.94
CA GLY D 367 -10.35 -1.79 50.68
C GLY D 367 -10.46 -3.19 50.08
N VAL D 368 -10.27 -4.23 50.91
CA VAL D 368 -10.26 -5.63 50.45
C VAL D 368 -11.43 -6.37 51.04
N SER D 369 -12.30 -6.92 50.20
CA SER D 369 -13.51 -7.52 50.74
C SER D 369 -13.52 -9.01 50.53
N GLY D 370 -12.52 -9.52 49.81
CA GLY D 370 -12.47 -10.94 49.54
C GLY D 370 -13.23 -11.34 48.29
N GLY D 371 -13.71 -10.34 47.58
CA GLY D 371 -14.36 -10.59 46.29
C GLY D 371 -13.38 -10.44 45.14
N LEU D 372 -13.89 -10.69 43.93
CA LEU D 372 -13.01 -10.82 42.76
C LEU D 372 -12.21 -9.56 42.42
N ASP D 373 -12.91 -8.43 42.24
CA ASP D 373 -12.23 -7.19 41.85
C ASP D 373 -11.13 -6.70 42.83
N SER D 374 -11.43 -6.65 44.13
CA SER D 374 -10.47 -6.12 45.08
C SER D 374 -9.30 -7.08 45.29
N THR D 375 -9.61 -8.39 45.25
CA THR D 375 -8.57 -9.40 45.33
C THR D 375 -7.58 -9.11 44.22
N HIS D 376 -8.08 -9.06 42.99
CA HIS D 376 -7.19 -8.92 41.85
C HIS D 376 -6.37 -7.63 41.94
N ALA D 377 -7.02 -6.53 42.28
CA ALA D 377 -6.31 -5.25 42.43
C ALA D 377 -5.19 -5.33 43.47
N LEU D 378 -5.45 -5.98 44.61
CA LEU D 378 -4.40 -6.13 45.62
C LEU D 378 -3.19 -6.84 45.00
N ILE D 379 -3.44 -7.86 44.18
CA ILE D 379 -2.38 -8.58 43.51
C ILE D 379 -1.57 -7.67 42.58
N VAL D 380 -2.30 -6.92 41.75
CA VAL D 380 -1.68 -5.95 40.86
C VAL D 380 -0.81 -4.96 41.63
N ALA D 381 -1.34 -4.45 42.73
CA ALA D 381 -0.61 -3.50 43.56
C ALA D 381 0.70 -4.08 44.08
N THR D 382 0.65 -5.33 44.51
CA THR D 382 1.79 -5.98 45.09
C THR D 382 2.87 -6.13 44.04
N HIS D 383 2.50 -6.61 42.86
CA HIS D 383 3.45 -6.74 41.77
C HIS D 383 4.10 -5.41 41.45
N ALA D 384 3.29 -4.36 41.29
CA ALA D 384 3.82 -3.02 40.98
C ALA D 384 4.86 -2.62 42.03
N MET D 385 4.47 -2.71 43.29
CA MET D 385 5.40 -2.42 44.38
C MET D 385 6.66 -3.27 44.30
N ASP D 386 6.52 -4.55 43.99
CA ASP D 386 7.70 -5.40 43.85
C ASP D 386 8.61 -4.85 42.74
N ARG D 387 8.08 -4.76 41.51
CA ARG D 387 8.87 -4.30 40.38
C ARG D 387 9.57 -2.96 40.66
N GLU D 388 8.97 -2.11 41.50
CA GLU D 388 9.61 -0.79 41.83
C GLU D 388 10.50 -0.86 43.07
N GLY D 389 10.76 -2.06 43.57
CA GLY D 389 11.60 -2.23 44.75
C GLY D 389 11.04 -1.53 45.99
N ARG D 390 9.71 -1.54 46.12
CA ARG D 390 9.01 -1.00 47.29
C ARG D 390 8.58 -2.10 48.27
N PRO D 391 8.74 -1.83 49.57
CA PRO D 391 8.32 -2.79 50.59
C PRO D 391 6.82 -3.04 50.56
N ARG D 392 6.40 -4.31 50.56
CA ARG D 392 4.98 -4.64 50.53
C ARG D 392 4.16 -4.08 51.70
N SER D 393 4.85 -3.76 52.80
CA SER D 393 4.21 -3.21 53.95
C SER D 393 3.78 -1.74 53.72
N ASP D 394 4.08 -1.19 52.55
CA ASP D 394 3.60 0.17 52.22
C ASP D 394 2.22 0.08 51.59
N ILE D 395 1.77 -1.15 51.34
CA ILE D 395 0.42 -1.40 50.88
C ILE D 395 -0.43 -1.56 52.13
N LEU D 396 -1.38 -0.65 52.31
CA LEU D 396 -2.24 -0.68 53.46
C LEU D 396 -3.62 -1.25 53.10
N ALA D 397 -3.82 -2.54 53.37
CA ALA D 397 -5.08 -3.22 53.08
C ALA D 397 -6.04 -3.08 54.26
N PHE D 398 -7.32 -2.89 53.95
CA PHE D 398 -8.34 -2.65 54.98
C PHE D 398 -9.60 -3.48 54.81
N ALA D 399 -9.99 -4.16 55.87
CA ALA D 399 -11.30 -4.76 55.92
C ALA D 399 -12.22 -3.78 56.64
N LEU D 400 -13.39 -3.55 56.05
CA LEU D 400 -14.29 -2.48 56.51
C LEU D 400 -15.69 -3.04 56.73
N PRO D 401 -15.83 -3.95 57.72
CA PRO D 401 -17.10 -4.62 58.00
C PRO D 401 -18.25 -3.61 58.25
N GLY D 402 -19.42 -3.90 57.69
CA GLY D 402 -20.58 -3.05 57.87
C GLY D 402 -21.64 -3.70 58.77
N PHE D 403 -22.78 -4.05 58.18
CA PHE D 403 -23.81 -4.78 58.92
C PHE D 403 -23.98 -6.14 58.23
N LYS D 410 -14.73 -13.24 52.32
CA LYS D 410 -14.86 -12.69 53.68
C LYS D 410 -13.55 -12.83 54.43
N ASN D 411 -13.33 -14.03 54.94
CA ASN D 411 -12.06 -14.40 55.53
C ASN D 411 -10.96 -14.58 54.49
N ASN D 412 -11.35 -14.64 53.24
CA ASN D 412 -10.37 -14.73 52.18
C ASN D 412 -9.49 -13.49 52.18
N ALA D 413 -10.10 -12.37 52.52
CA ALA D 413 -9.41 -11.10 52.48
C ALA D 413 -8.20 -11.05 53.42
N ILE D 414 -8.41 -11.36 54.70
CA ILE D 414 -7.27 -11.31 55.59
C ILE D 414 -6.23 -12.40 55.27
N LYS D 415 -6.70 -13.58 54.86
CA LYS D 415 -5.81 -14.68 54.47
C LYS D 415 -4.89 -14.24 53.33
N LEU D 416 -5.46 -13.62 52.31
CA LEU D 416 -4.67 -13.15 51.18
C LEU D 416 -3.63 -12.12 51.59
N ALA D 417 -4.08 -11.16 52.39
CA ALA D 417 -3.21 -10.07 52.81
C ALA D 417 -2.04 -10.61 53.65
N ARG D 418 -2.35 -11.46 54.63
CA ARG D 418 -1.30 -12.10 55.44
C ARG D 418 -0.31 -12.93 54.61
N ALA D 419 -0.82 -13.66 53.62
CA ALA D 419 0.02 -14.43 52.69
C ALA D 419 0.96 -13.59 51.82
N LEU D 420 0.50 -12.45 51.34
CA LEU D 420 1.31 -11.55 50.54
C LEU D 420 2.27 -10.77 51.42
N GLY D 421 1.86 -10.57 52.67
CA GLY D 421 2.64 -9.82 53.62
C GLY D 421 2.56 -8.32 53.48
N VAL D 422 1.40 -7.80 53.04
CA VAL D 422 1.05 -6.38 53.06
C VAL D 422 0.59 -6.01 54.47
N THR D 423 0.39 -4.74 54.75
CA THR D 423 -0.09 -4.32 56.08
C THR D 423 -1.62 -4.39 56.27
N PHE D 424 -2.09 -5.29 57.12
CA PHE D 424 -3.52 -5.50 57.22
C PHE D 424 -4.14 -4.84 58.42
N SER D 425 -5.39 -4.47 58.26
CA SER D 425 -6.08 -3.75 59.30
C SER D 425 -7.59 -3.77 59.15
N GLU D 426 -8.29 -3.84 60.27
CA GLU D 426 -9.77 -3.83 60.25
C GLU D 426 -10.31 -2.54 60.84
N ILE D 427 -11.31 -1.97 60.19
CA ILE D 427 -12.03 -0.84 60.75
C ILE D 427 -13.53 -1.03 60.55
N ASP D 428 -14.22 -1.22 61.67
CA ASP D 428 -15.67 -1.37 61.66
C ASP D 428 -16.34 -0.02 61.43
N ILE D 429 -17.12 0.08 60.37
CA ILE D 429 -17.73 1.34 60.04
C ILE D 429 -19.17 1.40 60.52
N GLY D 430 -19.65 0.30 61.09
CA GLY D 430 -21.02 0.21 61.55
C GLY D 430 -21.47 1.39 62.39
N ASP D 431 -20.65 1.77 63.38
CA ASP D 431 -21.03 2.86 64.29
C ASP D 431 -21.06 4.19 63.57
N THR D 432 -20.05 4.44 62.75
CA THR D 432 -20.04 5.67 61.98
C THR D 432 -21.29 5.68 61.10
N ALA D 433 -21.63 4.55 60.49
CA ALA D 433 -22.87 4.39 59.72
C ALA D 433 -24.14 4.69 60.55
N ARG D 434 -24.27 4.09 61.74
CA ARG D 434 -25.44 4.29 62.59
C ARG D 434 -25.59 5.76 62.91
N LEU D 435 -24.47 6.38 63.24
CA LEU D 435 -24.46 7.83 63.58
C LEU D 435 -24.98 8.64 62.40
N MET D 436 -24.43 8.37 61.23
CA MET D 436 -24.85 9.09 60.03
C MET D 436 -26.33 8.83 59.67
N LEU D 437 -26.75 7.57 59.64
CA LEU D 437 -28.16 7.23 59.41
C LEU D 437 -29.09 7.95 60.38
N HIS D 438 -28.72 8.00 61.66
CA HIS D 438 -29.57 8.70 62.62
C HIS D 438 -29.58 10.23 62.38
N THR D 439 -28.43 10.79 62.05
CA THR D 439 -28.29 12.24 61.89
C THR D 439 -29.12 12.78 60.72
N ILE D 440 -29.28 12.01 59.64
CA ILE D 440 -30.11 12.41 58.50
C ILE D 440 -31.54 11.87 58.63
N GLY D 441 -31.85 11.25 59.76
CA GLY D 441 -33.20 10.79 59.99
C GLY D 441 -33.72 9.58 59.22
N HIS D 442 -32.90 8.56 59.03
CA HIS D 442 -33.30 7.34 58.31
C HIS D 442 -34.01 6.28 59.19
N VAL D 453 -30.69 0.77 51.51
CA VAL D 453 -30.89 1.50 50.26
C VAL D 453 -30.06 2.83 50.15
N THR D 454 -30.53 3.93 50.75
CA THR D 454 -29.64 4.95 51.30
C THR D 454 -28.95 4.23 52.46
N PHE D 455 -29.64 3.24 52.99
CA PHE D 455 -28.99 2.32 53.89
C PHE D 455 -27.70 1.66 53.31
N GLU D 456 -27.82 1.03 52.14
CA GLU D 456 -26.65 0.38 51.48
C GLU D 456 -25.62 1.45 51.10
N ASN D 457 -26.11 2.63 50.68
CA ASN D 457 -25.24 3.72 50.24
C ASN D 457 -24.41 4.38 51.35
N VAL D 458 -25.03 4.64 52.50
CA VAL D 458 -24.32 5.28 53.60
C VAL D 458 -23.06 4.48 53.93
N GLN D 459 -23.20 3.16 54.00
CA GLN D 459 -22.07 2.26 54.23
C GLN D 459 -21.05 2.30 53.10
N ALA D 460 -21.53 2.20 51.87
CA ALA D 460 -20.62 2.17 50.72
C ALA D 460 -19.80 3.44 50.70
N GLY D 461 -20.49 4.56 50.86
CA GLY D 461 -19.83 5.84 50.94
C GLY D 461 -18.84 5.98 52.08
N LEU D 462 -19.25 5.57 53.29
CA LEU D 462 -18.35 5.65 54.44
C LEU D 462 -17.07 4.82 54.24
N ARG D 463 -17.14 3.72 53.50
CA ARG D 463 -15.90 3.02 53.21
C ARG D 463 -14.92 3.93 52.48
N THR D 464 -15.39 4.55 51.41
CA THR D 464 -14.52 5.39 50.59
C THR D 464 -14.08 6.62 51.38
N ASP D 465 -15.00 7.17 52.17
CA ASP D 465 -14.66 8.29 53.04
C ASP D 465 -13.46 7.92 53.92
N TYR D 466 -13.57 6.78 54.61
CA TYR D 466 -12.48 6.34 55.51
C TYR D 466 -11.18 6.13 54.75
N LEU D 467 -11.26 5.44 53.61
CA LEU D 467 -10.04 5.14 52.84
C LEU D 467 -9.33 6.44 52.48
N PHE D 468 -10.11 7.43 52.06
CA PHE D 468 -9.54 8.69 51.58
C PHE D 468 -8.87 9.40 52.73
N ARG D 469 -9.49 9.33 53.90
CA ARG D 469 -8.97 10.02 55.06
C ARG D 469 -7.71 9.36 55.55
N ILE D 470 -7.71 8.03 55.52
CA ILE D 470 -6.53 7.27 55.90
C ILE D 470 -5.40 7.63 54.95
N ALA D 471 -5.72 7.67 53.66
CA ALA D 471 -4.71 8.02 52.67
C ALA D 471 -4.13 9.42 52.90
N ASN D 472 -4.96 10.40 53.29
CA ASN D 472 -4.43 11.73 53.65
C ASN D 472 -3.49 11.61 54.83
N GLN D 473 -3.91 10.79 55.79
CA GLN D 473 -3.26 10.68 57.09
C GLN D 473 -1.94 9.93 56.97
N ARG D 474 -1.97 8.80 56.30
CA ARG D 474 -0.82 7.89 56.31
C ARG D 474 0.08 8.09 55.08
N GLY D 475 -0.21 9.10 54.26
CA GLY D 475 0.59 9.44 53.08
C GLY D 475 0.43 8.52 51.89
N GLY D 476 -0.81 8.14 51.57
CA GLY D 476 -1.09 7.25 50.47
C GLY D 476 -2.05 7.74 49.38
N ILE D 477 -2.33 6.89 48.41
CA ILE D 477 -3.39 7.13 47.44
C ILE D 477 -4.37 5.95 47.53
N VAL D 478 -5.65 6.21 47.30
CA VAL D 478 -6.62 5.12 47.34
C VAL D 478 -6.75 4.42 46.00
N LEU D 479 -6.55 3.10 45.98
CA LEU D 479 -6.72 2.32 44.74
C LEU D 479 -8.18 1.99 44.50
N GLY D 480 -8.69 2.33 43.33
CA GLY D 480 -10.03 1.93 42.99
C GLY D 480 -10.02 0.48 42.59
N THR D 481 -11.18 -0.15 42.64
CA THR D 481 -11.31 -1.56 42.31
C THR D 481 -12.45 -1.86 41.34
N GLY D 482 -13.30 -0.87 41.06
CA GLY D 482 -14.35 -1.00 40.06
C GLY D 482 -13.88 -1.47 38.67
N ASP D 483 -14.61 -2.42 38.10
CA ASP D 483 -14.28 -2.94 36.80
C ASP D 483 -15.10 -2.27 35.69
N LEU D 484 -14.76 -2.54 34.45
CA LEU D 484 -15.38 -1.90 33.30
C LEU D 484 -16.86 -2.21 33.18
N SER D 485 -17.26 -3.43 33.49
CA SER D 485 -18.66 -3.84 33.37
C SER D 485 -19.54 -3.07 34.34
N GLU D 486 -18.95 -2.77 35.48
CA GLU D 486 -19.60 -1.88 36.49
C GLU D 486 -19.65 -0.45 35.97
N LEU D 487 -18.59 0.00 35.30
CA LEU D 487 -18.61 1.32 34.69
C LEU D 487 -19.67 1.41 33.61
N ALA D 488 -19.78 0.34 32.84
CA ALA D 488 -20.71 0.31 31.73
C ALA D 488 -22.14 0.47 32.20
N LEU D 489 -22.50 -0.24 33.25
CA LEU D 489 -23.88 -0.33 33.70
C LEU D 489 -24.28 0.66 34.79
N GLY D 490 -23.31 1.43 35.27
CA GLY D 490 -23.56 2.35 36.38
C GLY D 490 -23.82 1.66 37.72
N TRP D 491 -23.15 0.53 37.94
CA TRP D 491 -23.26 -0.29 39.16
C TRP D 491 -22.08 0.10 40.06
N SER D 492 -22.23 1.26 40.69
CA SER D 492 -21.19 1.97 41.40
C SER D 492 -21.94 2.83 42.40
N THR D 493 -21.28 3.24 43.46
CA THR D 493 -21.88 4.28 44.28
C THR D 493 -21.14 5.57 43.98
N TYR D 494 -21.84 6.50 43.33
CA TYR D 494 -21.17 7.63 42.69
C TYR D 494 -20.70 8.72 43.63
N GLY D 495 -19.45 9.14 43.40
CA GLY D 495 -18.83 10.29 44.04
C GLY D 495 -18.21 10.04 45.40
N VAL D 496 -19.06 10.01 46.44
CA VAL D 496 -18.65 9.50 47.73
C VAL D 496 -19.11 8.04 47.76
N GLY D 497 -18.25 7.15 47.24
CA GLY D 497 -18.54 5.74 47.07
C GLY D 497 -17.42 5.08 46.28
N ASP D 498 -17.66 3.84 45.87
CA ASP D 498 -16.65 2.98 45.26
C ASP D 498 -16.27 3.37 43.82
N GLN D 499 -17.07 4.26 43.23
CA GLN D 499 -16.77 4.82 41.92
C GLN D 499 -15.51 5.69 41.98
N MET D 500 -15.22 6.25 43.17
CA MET D 500 -14.22 7.30 43.32
C MET D 500 -12.93 6.78 43.92
N SER D 501 -11.79 7.29 43.48
CA SER D 501 -10.48 6.80 43.92
C SER D 501 -9.39 7.70 43.37
N HIS D 502 -8.13 7.42 43.70
CA HIS D 502 -7.02 8.22 43.17
C HIS D 502 -6.43 7.65 41.91
N TYR D 503 -6.62 6.35 41.72
CA TYR D 503 -6.15 5.61 40.56
C TYR D 503 -6.88 4.26 40.52
N ASN D 504 -7.46 3.91 39.38
CA ASN D 504 -8.22 2.66 39.30
C ASN D 504 -7.63 1.61 38.33
N VAL D 505 -6.89 0.64 38.86
CA VAL D 505 -6.26 -0.34 37.99
C VAL D 505 -7.27 -1.23 37.25
N ASN D 506 -8.50 -1.33 37.76
CA ASN D 506 -9.50 -2.24 37.16
C ASN D 506 -10.46 -1.61 36.16
N ALA D 507 -10.37 -0.31 35.94
CA ALA D 507 -11.42 0.41 35.20
C ALA D 507 -11.66 -0.10 33.78
N GLY D 508 -10.58 -0.58 33.14
CA GLY D 508 -10.67 -1.09 31.79
C GLY D 508 -10.81 -2.58 31.63
N VAL D 509 -10.92 -3.32 32.72
CA VAL D 509 -11.06 -4.77 32.64
C VAL D 509 -12.50 -5.18 32.87
N PRO D 510 -13.13 -5.77 31.88
CA PRO D 510 -14.54 -6.15 32.08
C PRO D 510 -14.64 -7.30 33.08
N LYS D 511 -15.80 -7.47 33.72
CA LYS D 511 -15.96 -8.54 34.72
C LYS D 511 -15.67 -9.96 34.19
N THR D 512 -16.06 -10.27 32.96
CA THR D 512 -15.85 -11.60 32.40
C THR D 512 -14.37 -11.97 32.29
N LEU D 513 -13.50 -10.96 32.24
CA LEU D 513 -12.07 -11.22 32.11
C LEU D 513 -11.42 -11.30 33.48
N ILE D 514 -11.97 -10.60 34.46
CA ILE D 514 -11.35 -10.61 35.80
C ILE D 514 -11.04 -12.03 36.31
N GLN D 515 -12.04 -12.90 36.30
CA GLN D 515 -11.81 -14.25 36.81
C GLN D 515 -10.63 -14.94 36.09
N HIS D 516 -10.49 -14.72 34.78
CA HIS D 516 -9.39 -15.28 34.00
C HIS D 516 -8.02 -14.67 34.32
N LEU D 517 -7.99 -13.39 34.65
CA LEU D 517 -6.75 -12.77 35.08
C LEU D 517 -6.26 -13.40 36.37
N ILE D 518 -7.17 -13.64 37.31
CA ILE D 518 -6.81 -14.26 38.57
C ILE D 518 -6.28 -15.67 38.30
N ARG D 519 -7.07 -16.45 37.57
CA ARG D 519 -6.70 -17.81 37.18
C ARG D 519 -5.28 -17.79 36.64
N TRP D 520 -5.01 -16.83 35.76
CA TRP D 520 -3.70 -16.62 35.15
C TRP D 520 -2.57 -16.43 36.16
N VAL D 521 -2.82 -15.65 37.21
CA VAL D 521 -1.81 -15.29 38.21
C VAL D 521 -1.43 -16.51 39.08
N ILE D 522 -2.43 -17.36 39.29
CA ILE D 522 -2.24 -18.63 39.95
C ILE D 522 -1.34 -19.52 39.08
N SER D 523 -1.71 -19.61 37.80
CA SER D 523 -1.00 -20.49 36.90
C SER D 523 0.44 -20.04 36.68
N ALA D 524 0.69 -18.73 36.61
CA ALA D 524 2.07 -18.26 36.52
C ALA D 524 2.78 -18.77 37.77
N GLY D 525 2.01 -18.83 38.87
CA GLY D 525 2.51 -19.33 40.14
C GLY D 525 3.48 -18.39 40.81
N GLU D 526 3.44 -17.11 40.42
CA GLU D 526 4.51 -16.14 40.80
C GLU D 526 4.61 -15.79 42.30
N PHE D 527 3.47 -15.77 43.00
CA PHE D 527 3.46 -15.35 44.39
C PHE D 527 3.56 -16.53 45.37
N GLY D 528 3.84 -17.72 44.86
CA GLY D 528 4.00 -18.85 45.73
C GLY D 528 2.73 -19.67 45.95
N GLU D 529 2.92 -20.85 46.54
CA GLU D 529 1.79 -21.79 46.80
C GLU D 529 0.77 -21.24 47.81
N LYS D 530 1.23 -20.67 48.92
CA LYS D 530 0.27 -20.21 49.91
C LYS D 530 -0.65 -19.16 49.26
N VAL D 531 -0.08 -18.16 48.58
CA VAL D 531 -0.94 -17.17 47.90
C VAL D 531 -1.87 -17.77 46.85
N GLY D 532 -1.34 -18.63 45.98
CA GLY D 532 -2.14 -19.31 44.99
C GLY D 532 -3.36 -19.99 45.60
N GLU D 533 -3.16 -20.62 46.75
CA GLU D 533 -4.29 -21.31 47.46
C GLU D 533 -5.41 -20.35 47.87
N VAL D 534 -5.06 -19.20 48.47
CA VAL D 534 -6.08 -18.21 48.81
C VAL D 534 -6.78 -17.69 47.56
N LEU D 535 -5.97 -17.31 46.56
CA LEU D 535 -6.55 -16.82 45.32
C LEU D 535 -7.54 -17.84 44.78
N GLN D 536 -7.11 -19.11 44.72
CA GLN D 536 -7.98 -20.20 44.26
C GLN D 536 -9.28 -20.26 45.04
N SER D 537 -9.18 -20.12 46.36
CA SER D 537 -10.36 -20.08 47.20
C SER D 537 -11.26 -18.87 46.87
N VAL D 538 -10.68 -17.70 46.63
CA VAL D 538 -11.51 -16.56 46.22
C VAL D 538 -12.34 -16.95 45.00
N LEU D 539 -11.71 -17.60 44.01
CA LEU D 539 -12.44 -18.01 42.81
C LEU D 539 -13.60 -18.92 43.15
N ASP D 540 -13.29 -20.01 43.83
CA ASP D 540 -14.27 -21.05 44.19
C ASP D 540 -15.44 -20.47 45.00
N THR D 541 -15.11 -19.60 45.95
CA THR D 541 -16.10 -18.94 46.79
C THR D 541 -16.99 -17.95 46.03
N GLU D 542 -16.36 -17.07 45.26
CA GLU D 542 -17.12 -15.96 44.62
C GLU D 542 -17.81 -16.37 43.33
N ILE D 543 -17.66 -17.63 42.87
CA ILE D 543 -18.24 -17.96 41.58
C ILE D 543 -19.19 -19.13 41.70
N SER D 558 -26.74 -8.76 42.61
CA SER D 558 -26.07 -7.81 41.70
C SER D 558 -26.42 -8.08 40.23
N GLU D 559 -25.96 -9.22 39.72
CA GLU D 559 -26.47 -9.73 38.41
C GLU D 559 -28.00 -9.92 38.57
N ALA D 560 -28.44 -9.84 39.82
CA ALA D 560 -29.86 -9.85 40.14
C ALA D 560 -30.60 -8.70 39.40
N LYS D 561 -30.15 -7.47 39.63
CA LYS D 561 -30.81 -6.30 39.05
C LYS D 561 -30.40 -5.99 37.59
N VAL D 562 -29.14 -6.23 37.21
CA VAL D 562 -28.61 -5.83 35.89
C VAL D 562 -28.31 -6.96 34.88
N GLY D 563 -28.68 -8.20 35.20
CA GLY D 563 -28.51 -9.31 34.28
C GLY D 563 -27.17 -9.98 34.42
N PRO D 564 -27.02 -11.12 33.75
CA PRO D 564 -25.74 -11.86 33.73
C PRO D 564 -24.66 -11.03 33.07
N PHE D 565 -23.55 -10.79 33.76
CA PHE D 565 -22.47 -10.03 33.17
C PHE D 565 -21.96 -10.58 31.82
N ALA D 566 -22.16 -11.86 31.58
CA ALA D 566 -21.72 -12.47 30.36
C ALA D 566 -22.49 -11.86 29.20
N LEU D 567 -23.80 -11.72 29.35
CA LEU D 567 -24.61 -11.06 28.33
C LEU D 567 -24.34 -9.56 28.23
N GLN D 568 -24.22 -8.89 29.36
CA GLN D 568 -23.92 -7.46 29.35
C GLN D 568 -22.53 -7.13 28.85
N ASP D 569 -21.55 -8.01 29.05
CA ASP D 569 -20.22 -7.78 28.48
C ASP D 569 -20.22 -8.01 26.97
N PHE D 570 -21.15 -8.84 26.53
CA PHE D 570 -21.33 -9.09 25.10
C PHE D 570 -21.89 -7.83 24.43
N SER D 571 -22.99 -7.33 24.95
CA SER D 571 -23.57 -6.11 24.44
C SER D 571 -22.61 -4.92 24.55
N LEU D 572 -21.84 -4.85 25.63
CA LEU D 572 -20.90 -3.74 25.78
C LEU D 572 -19.88 -3.70 24.65
N PHE D 573 -19.28 -4.84 24.32
CA PHE D 573 -18.29 -4.89 23.24
C PHE D 573 -18.90 -4.43 21.93
N GLN D 574 -20.05 -5.00 21.55
CA GLN D 574 -20.79 -4.53 20.37
C GLN D 574 -20.98 -3.00 20.28
N VAL D 575 -21.51 -2.39 21.33
CA VAL D 575 -21.74 -0.94 21.38
C VAL D 575 -20.46 -0.11 21.39
N LEU D 576 -19.56 -0.41 22.31
CA LEU D 576 -18.36 0.37 22.47
C LEU D 576 -17.40 0.31 21.28
N ARG D 577 -17.40 -0.78 20.53
CA ARG D 577 -16.46 -0.91 19.41
C ARG D 577 -17.06 -0.56 18.07
N TYR D 578 -18.28 -1.04 17.82
CA TYR D 578 -18.92 -0.97 16.51
C TYR D 578 -20.18 -0.11 16.48
N GLY D 579 -20.78 0.12 17.65
CA GLY D 579 -21.97 0.95 17.73
C GLY D 579 -23.16 0.32 17.04
N PHE D 580 -23.20 -1.01 17.03
CA PHE D 580 -24.28 -1.76 16.36
C PHE D 580 -25.60 -1.44 17.01
N ARG D 581 -26.65 -1.48 16.22
CA ARG D 581 -28.00 -1.29 16.72
C ARG D 581 -28.43 -2.51 17.54
N PRO D 582 -29.43 -2.31 18.42
CA PRO D 582 -29.85 -3.38 19.32
C PRO D 582 -30.26 -4.68 18.61
N SER D 583 -31.13 -4.61 17.60
CA SER D 583 -31.53 -5.84 16.91
C SER D 583 -30.31 -6.64 16.43
N LYS D 584 -29.30 -5.96 15.89
CA LYS D 584 -28.06 -6.59 15.45
C LYS D 584 -27.31 -7.22 16.62
N ILE D 585 -27.31 -6.56 17.79
CA ILE D 585 -26.63 -7.14 18.96
C ILE D 585 -27.36 -8.41 19.42
N ALA D 586 -28.69 -8.35 19.49
CA ALA D 586 -29.52 -9.52 19.80
C ALA D 586 -29.30 -10.71 18.83
N PHE D 587 -29.21 -10.42 17.53
CA PHE D 587 -28.96 -11.47 16.57
C PHE D 587 -27.62 -12.13 16.87
N LEU D 588 -26.59 -11.32 17.06
CA LEU D 588 -25.29 -11.90 17.33
C LEU D 588 -25.27 -12.69 18.65
N ALA D 589 -25.83 -12.13 19.71
CA ALA D 589 -25.73 -12.75 20.99
C ALA D 589 -26.47 -14.08 20.96
N TRP D 590 -27.61 -14.10 20.28
CA TRP D 590 -28.40 -15.31 20.19
C TRP D 590 -27.62 -16.43 19.53
N HIS D 591 -27.06 -16.14 18.37
CA HIS D 591 -26.21 -17.13 17.67
C HIS D 591 -25.06 -17.61 18.57
N ALA D 592 -24.48 -16.74 19.39
CA ALA D 592 -23.43 -17.21 20.31
C ALA D 592 -23.94 -18.02 21.52
N TRP D 593 -25.07 -17.64 22.09
CA TRP D 593 -25.43 -18.17 23.42
C TRP D 593 -26.58 -19.16 23.48
N ASN D 594 -27.41 -19.24 22.45
CA ASN D 594 -28.68 -19.94 22.60
C ASN D 594 -28.55 -21.44 22.76
N ASP D 595 -27.41 -21.99 22.34
CA ASP D 595 -27.17 -23.43 22.40
C ASP D 595 -25.81 -23.74 23.04
N ALA D 596 -25.83 -24.36 24.22
CA ALA D 596 -24.59 -24.51 24.98
C ALA D 596 -23.63 -25.52 24.38
N GLU D 597 -24.16 -26.44 23.56
CA GLU D 597 -23.31 -27.45 22.88
C GLU D 597 -22.61 -26.89 21.63
N ARG D 598 -23.11 -25.78 21.09
CA ARG D 598 -22.49 -25.19 19.90
C ARG D 598 -21.36 -24.23 20.27
N GLY D 599 -20.43 -24.01 19.34
CA GLY D 599 -19.27 -23.16 19.57
C GLY D 599 -18.40 -23.57 20.75
N ASN D 600 -17.51 -22.67 21.18
CA ASN D 600 -16.54 -23.01 22.21
C ASN D 600 -16.59 -22.17 23.45
N TRP D 601 -16.27 -22.82 24.56
CA TRP D 601 -16.16 -22.17 25.87
C TRP D 601 -14.69 -21.96 26.18
N PRO D 602 -14.36 -20.81 26.79
CA PRO D 602 -12.97 -20.61 27.21
C PRO D 602 -12.68 -21.64 28.25
N PRO D 603 -11.41 -21.75 28.71
CA PRO D 603 -11.07 -22.67 29.81
C PRO D 603 -11.74 -22.23 31.13
N GLY D 604 -11.94 -23.16 32.07
CA GLY D 604 -12.43 -22.83 33.41
C GLY D 604 -13.95 -22.77 33.60
N PHE D 605 -14.69 -23.37 32.67
CA PHE D 605 -16.15 -23.44 32.75
C PHE D 605 -16.62 -24.89 32.88
N PRO D 606 -16.73 -25.37 34.14
CA PRO D 606 -17.24 -26.73 34.41
C PRO D 606 -18.64 -26.85 33.82
N LYS D 607 -19.00 -28.03 33.33
CA LYS D 607 -20.16 -28.13 32.46
C LYS D 607 -21.49 -27.76 33.15
N SER D 608 -21.43 -27.60 34.48
CA SER D 608 -22.59 -27.15 35.28
C SER D 608 -22.75 -25.61 35.29
N GLU D 609 -21.76 -24.92 34.77
CA GLU D 609 -21.79 -23.44 34.65
C GLU D 609 -21.69 -23.02 33.14
N ARG D 610 -22.47 -23.71 32.30
CA ARG D 610 -22.48 -23.49 30.87
C ARG D 610 -23.91 -23.30 30.37
N PRO D 611 -24.47 -22.13 30.68
CA PRO D 611 -25.86 -21.73 30.42
C PRO D 611 -26.18 -21.47 28.97
N SER D 612 -27.46 -21.68 28.63
CA SER D 612 -28.01 -21.25 27.37
C SER D 612 -29.01 -20.15 27.65
N TYR D 613 -28.97 -19.08 26.85
CA TYR D 613 -29.97 -18.04 27.00
C TYR D 613 -30.94 -18.07 25.82
N SER D 614 -32.21 -17.79 26.08
CA SER D 614 -33.19 -17.67 25.00
C SER D 614 -33.24 -16.26 24.37
N LEU D 615 -33.92 -16.12 23.24
CA LEU D 615 -34.10 -14.80 22.68
C LEU D 615 -34.76 -13.94 23.73
N ALA D 616 -35.83 -14.47 24.33
CA ALA D 616 -36.59 -13.70 25.32
C ALA D 616 -35.70 -13.09 26.41
N GLU D 617 -34.74 -13.88 26.89
CA GLU D 617 -33.77 -13.37 27.91
C GLU D 617 -32.78 -12.37 27.39
N ILE D 618 -32.23 -12.65 26.22
CA ILE D 618 -31.21 -11.81 25.60
C ILE D 618 -31.84 -10.44 25.31
N ARG D 619 -33.07 -10.47 24.80
CA ARG D 619 -33.91 -9.28 24.58
C ARG D 619 -34.09 -8.49 25.89
N HIS D 620 -34.46 -9.20 26.93
CA HIS D 620 -34.73 -8.58 28.22
C HIS D 620 -33.54 -7.81 28.77
N TRP D 621 -32.43 -8.51 28.89
CA TRP D 621 -31.19 -7.92 29.40
C TRP D 621 -30.67 -6.80 28.52
N LEU D 622 -30.99 -6.86 27.22
CA LEU D 622 -30.55 -5.85 26.31
C LEU D 622 -31.34 -4.56 26.49
N GLN D 623 -32.63 -4.67 26.79
CA GLN D 623 -33.43 -3.49 27.11
C GLN D 623 -32.82 -2.78 28.31
N ILE D 624 -32.55 -3.55 29.36
CA ILE D 624 -31.86 -3.04 30.53
C ILE D 624 -30.54 -2.40 30.10
N PHE D 625 -29.77 -3.11 29.29
CA PHE D 625 -28.46 -2.60 28.91
C PHE D 625 -28.50 -1.21 28.23
N VAL D 626 -29.38 -1.03 27.25
CA VAL D 626 -29.32 0.18 26.45
C VAL D 626 -29.77 1.34 27.30
N GLN D 627 -30.80 1.10 28.11
CA GLN D 627 -31.31 2.10 29.02
C GLN D 627 -30.19 2.55 29.97
N ARG D 628 -29.51 1.59 30.58
CA ARG D 628 -28.49 1.92 31.56
C ARG D 628 -27.23 2.50 30.93
N PHE D 629 -26.82 1.96 29.79
CA PHE D 629 -25.55 2.38 29.19
C PHE D 629 -25.61 3.73 28.52
N TYR D 630 -26.67 3.96 27.73
CA TYR D 630 -26.79 5.17 26.91
C TYR D 630 -27.30 6.37 27.67
N SER D 631 -28.11 6.11 28.70
CA SER D 631 -28.86 7.14 29.43
C SER D 631 -28.49 7.32 30.92
N PHE D 632 -28.81 6.33 31.73
CA PHE D 632 -28.62 6.46 33.17
C PHE D 632 -27.19 6.73 33.65
N SER D 633 -26.23 5.98 33.13
CA SER D 633 -24.98 5.74 33.83
C SER D 633 -23.84 6.63 33.40
N GLN D 634 -24.02 7.33 32.29
CA GLN D 634 -22.90 8.12 31.79
C GLN D 634 -22.33 9.07 32.86
N PHE D 635 -23.19 9.71 33.66
CA PHE D 635 -22.71 10.74 34.57
C PHE D 635 -21.65 10.19 35.54
N LYS D 636 -21.78 8.91 35.91
CA LYS D 636 -20.80 8.24 36.79
C LYS D 636 -19.45 8.07 36.13
N ARG D 637 -19.50 7.84 34.82
CA ARG D 637 -18.30 7.70 33.98
C ARG D 637 -17.64 9.05 33.70
N SER D 638 -18.46 10.09 33.74
CA SER D 638 -18.01 11.43 33.32
C SER D 638 -16.91 11.99 34.24
N ALA D 639 -17.01 11.67 35.54
CA ALA D 639 -16.01 12.09 36.52
C ALA D 639 -15.25 10.87 37.00
N LEU D 640 -14.40 10.34 36.12
CA LEU D 640 -13.74 9.08 36.37
C LEU D 640 -12.29 9.26 36.75
N PRO D 641 -11.83 8.55 37.78
CA PRO D 641 -10.43 8.66 38.16
C PRO D 641 -9.56 8.08 37.06
N ASN D 642 -8.26 8.40 37.07
CA ASN D 642 -7.30 7.82 36.11
C ASN D 642 -7.14 6.28 36.21
N GLY D 643 -6.54 5.70 35.17
CA GLY D 643 -6.29 4.27 35.07
C GLY D 643 -6.17 3.88 33.61
N PRO D 644 -5.47 2.78 33.31
CA PRO D 644 -5.14 2.35 31.94
C PRO D 644 -6.23 1.62 31.13
N LYS D 645 -6.36 1.99 29.85
CA LYS D 645 -7.13 1.22 28.87
C LYS D 645 -6.48 -0.17 28.70
N VAL D 646 -7.30 -1.22 28.55
CA VAL D 646 -6.79 -2.58 28.48
C VAL D 646 -7.22 -3.29 27.22
N SER D 647 -8.53 -3.38 26.99
CA SER D 647 -9.06 -4.15 25.87
C SER D 647 -9.06 -3.42 24.54
N HIS D 648 -8.75 -4.11 23.45
CA HIS D 648 -8.94 -3.51 22.13
C HIS D 648 -10.41 -3.13 21.93
N GLY D 649 -11.34 -3.80 22.62
CA GLY D 649 -12.74 -3.46 22.50
C GLY D 649 -13.04 -2.03 22.96
N GLY D 650 -12.13 -1.49 23.77
CA GLY D 650 -12.30 -0.16 24.32
C GLY D 650 -12.32 -0.09 25.85
N ALA D 651 -12.26 1.12 26.36
CA ALA D 651 -12.45 1.36 27.77
C ALA D 651 -13.49 2.47 27.86
N LEU D 652 -13.82 2.96 29.05
CA LEU D 652 -14.93 3.89 29.14
C LEU D 652 -14.57 5.27 29.68
N SER D 653 -13.31 5.64 29.59
CA SER D 653 -12.84 6.97 30.01
C SER D 653 -13.41 8.11 29.19
N PRO D 654 -13.97 9.11 29.85
CA PRO D 654 -14.56 10.21 29.09
C PRO D 654 -13.47 11.07 28.50
N ARG D 655 -12.24 10.77 28.90
CA ARG D 655 -11.05 11.40 28.33
C ARG D 655 -10.48 10.61 27.15
N GLY D 656 -10.94 9.37 26.96
CA GLY D 656 -10.49 8.49 25.88
C GLY D 656 -11.57 7.96 24.93
N ASP D 657 -11.97 6.68 25.05
CA ASP D 657 -12.80 6.00 24.04
C ASP D 657 -14.27 6.38 24.01
N TRP D 658 -14.79 6.93 25.09
CA TRP D 658 -16.23 7.19 25.12
C TRP D 658 -16.58 8.61 25.60
N ARG D 659 -16.84 9.50 24.65
CA ARG D 659 -17.28 10.87 24.93
C ARG D 659 -18.76 10.92 24.70
N ALA D 660 -19.54 11.16 25.75
CA ALA D 660 -20.99 11.11 25.58
C ALA D 660 -21.73 11.95 26.60
N PRO D 661 -22.98 12.34 26.24
CA PRO D 661 -23.80 13.23 27.08
C PRO D 661 -24.19 12.52 28.35
N SER D 662 -24.21 13.23 29.46
CA SER D 662 -24.66 12.71 30.75
C SER D 662 -26.18 12.87 30.92
N ASP D 663 -26.85 13.50 29.96
CA ASP D 663 -28.27 13.86 30.15
C ASP D 663 -29.11 13.48 28.95
N MET D 664 -28.88 12.28 28.43
CA MET D 664 -29.59 11.81 27.26
C MET D 664 -30.55 10.67 27.55
N SER D 665 -31.69 10.67 26.87
CA SER D 665 -32.62 9.57 26.97
C SER D 665 -32.17 8.43 26.08
N ALA D 666 -32.69 7.23 26.32
CA ALA D 666 -32.36 6.08 25.50
C ALA D 666 -33.57 5.64 24.69
N ARG D 667 -34.57 6.51 24.56
CA ARG D 667 -35.78 6.12 23.82
C ARG D 667 -35.54 5.40 22.49
N ILE D 668 -34.71 5.94 21.61
CA ILE D 668 -34.62 5.34 20.27
C ILE D 668 -34.10 3.91 20.29
N TRP D 669 -33.15 3.60 21.18
CA TRP D 669 -32.66 2.24 21.27
C TRP D 669 -33.74 1.29 21.78
N LEU D 670 -34.45 1.71 22.82
CA LEU D 670 -35.56 0.92 23.33
C LEU D 670 -36.63 0.72 22.27
N ASP D 671 -36.87 1.75 21.45
CA ASP D 671 -37.90 1.61 20.45
C ASP D 671 -37.44 0.63 19.34
N GLN D 672 -36.12 0.56 19.14
CA GLN D 672 -35.60 -0.25 18.05
C GLN D 672 -35.78 -1.70 18.47
N ILE D 673 -35.66 -1.95 19.77
CA ILE D 673 -35.89 -3.29 20.29
C ILE D 673 -37.35 -3.68 20.12
N ASP D 674 -38.27 -2.75 20.45
CA ASP D 674 -39.72 -3.01 20.34
C ASP D 674 -40.06 -3.45 18.94
N ARG D 675 -39.59 -2.66 17.97
CA ARG D 675 -39.92 -2.82 16.55
C ARG D 675 -39.22 -4.02 15.89
N GLU D 676 -37.96 -4.27 16.26
CA GLU D 676 -37.12 -5.22 15.46
C GLU D 676 -36.81 -6.59 16.11
N VAL D 677 -36.68 -6.65 17.43
CA VAL D 677 -36.40 -7.91 18.10
C VAL D 677 -37.70 -8.57 18.50
N PRO D 678 -37.91 -9.82 18.06
CA PRO D 678 -39.13 -10.56 18.43
C PRO D 678 -39.16 -10.86 19.94
N LYS D 679 -40.34 -11.12 20.48
CA LYS D 679 -40.47 -11.25 21.94
C LYS D 679 -39.92 -12.56 22.48
N GLY D 680 -39.87 -13.58 21.64
CA GLY D 680 -39.22 -14.86 21.99
C GLY D 680 -38.92 -15.64 20.71
#